data_2LKC
#
_entry.id   2LKC
#
_entity_poly.entity_id   1
_entity_poly.type   'polypeptide(L)'
_entity_poly.pdbx_seq_one_letter_code
;GSHMVERPPVVTIMGHVDHGKTTLLDAIRHSKVTEQEAGGITQHIGAYQVTVNDKKITFLDTPGHEAFTTMRARGAQVTD
IVILVVAADDGVMPQTVEAINHAKAANVPIIVAINKMDKPEANPDRVMQELMEYNLVPEEWGGDTIFCKLSAKTKEGLDH
LLEMILLVSEMEELKANP
;
_entity_poly.pdbx_strand_id   A
#
# COMPACT_ATOMS: atom_id res chain seq x y z
N GLY A 1 11.13 9.64 12.17
CA GLY A 1 11.78 10.97 12.14
C GLY A 1 13.22 10.90 11.67
N SER A 2 13.83 12.06 11.50
CA SER A 2 15.20 12.14 11.00
C SER A 2 16.21 12.09 12.16
N HIS A 3 15.71 12.18 13.38
CA HIS A 3 16.57 12.16 14.55
C HIS A 3 17.25 10.80 14.68
N MET A 4 16.51 9.74 14.37
CA MET A 4 17.06 8.40 14.34
C MET A 4 17.32 7.98 12.90
N VAL A 5 17.66 8.97 12.07
CA VAL A 5 17.91 8.77 10.64
C VAL A 5 16.61 8.51 9.89
N GLU A 6 16.26 9.44 9.01
CA GLU A 6 15.03 9.33 8.23
C GLU A 6 15.19 8.26 7.16
N ARG A 7 14.86 7.04 7.53
CA ARG A 7 14.88 5.92 6.61
C ARG A 7 13.80 6.09 5.55
N PRO A 8 14.17 5.99 4.27
CA PRO A 8 13.26 6.16 3.14
C PRO A 8 12.03 5.26 3.26
N PRO A 9 10.84 5.87 3.40
CA PRO A 9 9.59 5.13 3.53
C PRO A 9 9.18 4.47 2.21
N VAL A 10 9.69 3.28 1.97
CA VAL A 10 9.34 2.53 0.80
C VAL A 10 7.92 1.98 0.92
N VAL A 11 7.02 2.58 0.18
CA VAL A 11 5.63 2.18 0.22
C VAL A 11 5.41 1.00 -0.73
N THR A 12 5.67 -0.19 -0.23
CA THR A 12 5.59 -1.41 -1.00
C THR A 12 4.15 -1.77 -1.33
N ILE A 13 3.82 -1.80 -2.62
CA ILE A 13 2.48 -2.16 -3.04
C ILE A 13 2.35 -3.67 -3.20
N MET A 14 1.50 -4.25 -2.38
CA MET A 14 1.31 -5.69 -2.39
C MET A 14 -0.17 -6.02 -2.58
N GLY A 15 -0.43 -7.29 -2.76
CA GLY A 15 -1.78 -7.77 -2.90
C GLY A 15 -1.80 -8.97 -3.81
N HIS A 16 -2.09 -8.71 -5.07
CA HIS A 16 -2.05 -9.70 -6.13
C HIS A 16 -2.32 -9.01 -7.47
N VAL A 17 -2.02 -9.66 -8.57
CA VAL A 17 -2.17 -9.06 -9.89
C VAL A 17 -3.64 -8.70 -10.17
N ASP A 18 -4.51 -9.69 -10.00
CA ASP A 18 -5.93 -9.57 -10.38
C ASP A 18 -6.65 -8.46 -9.61
N HIS A 19 -6.21 -8.19 -8.39
CA HIS A 19 -6.82 -7.15 -7.57
C HIS A 19 -6.62 -5.77 -8.20
N GLY A 20 -5.63 -5.67 -9.09
CA GLY A 20 -5.41 -4.45 -9.80
C GLY A 20 -4.33 -3.58 -9.18
N LYS A 21 -3.22 -4.20 -8.80
CA LYS A 21 -2.12 -3.45 -8.22
C LYS A 21 -1.36 -2.75 -9.33
N THR A 22 -1.53 -3.29 -10.53
CA THR A 22 -0.97 -2.69 -11.72
C THR A 22 -1.78 -1.47 -12.11
N THR A 23 -3.08 -1.56 -11.88
CA THR A 23 -3.99 -0.46 -12.14
C THR A 23 -3.65 0.73 -11.25
N LEU A 24 -3.18 0.45 -10.05
CA LEU A 24 -2.78 1.51 -9.13
C LEU A 24 -1.61 2.30 -9.71
N LEU A 25 -0.53 1.60 -10.05
CA LEU A 25 0.65 2.21 -10.64
C LEU A 25 0.29 2.84 -11.99
N ASP A 26 -0.56 2.17 -12.74
CA ASP A 26 -1.00 2.67 -14.06
C ASP A 26 -1.78 3.98 -13.94
N ALA A 27 -2.77 4.01 -13.06
CA ALA A 27 -3.57 5.21 -12.85
C ALA A 27 -2.75 6.32 -12.22
N ILE A 28 -1.87 5.94 -11.33
CA ILE A 28 -0.99 6.87 -10.63
C ILE A 28 0.11 7.35 -11.58
N ARG A 29 0.34 6.57 -12.63
CA ARG A 29 1.27 6.90 -13.70
C ARG A 29 0.68 8.04 -14.54
N HIS A 30 -0.64 8.14 -14.52
CA HIS A 30 -1.35 9.17 -15.24
C HIS A 30 -1.48 10.43 -14.39
N SER A 31 -0.83 10.42 -13.24
CA SER A 31 -0.90 11.52 -12.30
C SER A 31 0.40 11.64 -11.50
N LYS A 32 1.51 11.64 -12.23
CA LYS A 32 2.84 11.65 -11.63
C LYS A 32 3.36 13.08 -11.47
N VAL A 33 4.35 13.25 -10.59
CA VAL A 33 4.86 14.60 -10.25
C VAL A 33 6.38 14.65 -10.13
N THR A 34 7.05 13.51 -10.29
CA THR A 34 8.49 13.46 -10.03
C THR A 34 9.12 12.23 -10.68
N GLU A 35 8.69 11.04 -10.23
CA GLU A 35 9.18 9.75 -10.68
C GLU A 35 10.70 9.65 -10.76
N GLN A 36 11.18 8.57 -11.35
CA GLN A 36 12.60 8.33 -11.50
C GLN A 36 13.06 8.66 -12.92
N GLU A 37 12.83 7.72 -13.83
CA GLU A 37 13.26 7.85 -15.21
C GLU A 37 12.18 7.33 -16.15
N ALA A 38 11.68 6.14 -15.83
CA ALA A 38 10.63 5.52 -16.61
C ALA A 38 9.67 4.76 -15.72
N GLY A 39 8.41 5.17 -15.74
CA GLY A 39 7.39 4.48 -14.97
C GLY A 39 6.61 3.52 -15.85
N GLY A 40 7.33 2.87 -16.76
CA GLY A 40 6.70 1.93 -17.67
C GLY A 40 6.94 0.50 -17.23
N ILE A 41 6.01 -0.38 -17.54
CA ILE A 41 6.10 -1.78 -17.12
C ILE A 41 7.12 -2.53 -17.97
N THR A 42 8.37 -2.49 -17.53
CA THR A 42 9.44 -3.25 -18.15
C THR A 42 10.40 -3.68 -17.04
N GLN A 43 10.89 -4.91 -17.10
CA GLN A 43 11.61 -5.53 -15.97
C GLN A 43 12.99 -4.93 -15.71
N HIS A 44 13.21 -3.69 -16.11
CA HIS A 44 14.43 -2.97 -15.75
C HIS A 44 14.07 -1.82 -14.81
N ILE A 45 12.76 -1.59 -14.69
CA ILE A 45 12.22 -0.47 -13.94
C ILE A 45 10.72 -0.68 -13.77
N GLY A 46 9.97 0.37 -13.55
CA GLY A 46 8.52 0.25 -13.51
C GLY A 46 7.90 1.20 -12.53
N ALA A 47 8.23 1.04 -11.26
CA ALA A 47 7.72 1.91 -10.23
C ALA A 47 8.48 3.22 -10.20
N TYR A 48 8.11 4.12 -9.31
CA TYR A 48 8.69 5.44 -9.30
C TYR A 48 8.54 6.06 -7.92
N GLN A 49 8.90 7.34 -7.82
CA GLN A 49 8.87 8.03 -6.55
C GLN A 49 7.98 9.25 -6.69
N VAL A 50 6.97 9.34 -5.84
CA VAL A 50 5.99 10.39 -5.98
C VAL A 50 6.16 11.43 -4.88
N THR A 51 6.12 12.68 -5.30
CA THR A 51 6.26 13.80 -4.40
C THR A 51 4.94 14.55 -4.28
N VAL A 52 4.09 14.03 -3.41
CA VAL A 52 2.84 14.69 -3.08
C VAL A 52 2.93 15.13 -1.64
N ASN A 53 2.73 16.44 -1.40
CA ASN A 53 2.95 17.05 -0.08
C ASN A 53 4.45 17.17 0.15
N ASP A 54 5.14 16.61 -0.80
CA ASP A 54 6.61 16.53 -0.85
C ASP A 54 7.13 15.47 0.09
N LYS A 55 6.28 14.50 0.39
CA LYS A 55 6.68 13.34 1.15
C LYS A 55 7.19 12.28 0.19
N LYS A 56 8.38 11.76 0.46
CA LYS A 56 9.04 10.84 -0.44
C LYS A 56 8.36 9.47 -0.45
N ILE A 57 7.41 9.29 -1.37
CA ILE A 57 6.76 8.00 -1.52
C ILE A 57 7.45 7.19 -2.62
N THR A 58 8.36 6.34 -2.20
CA THR A 58 9.02 5.43 -3.12
C THR A 58 8.22 4.14 -3.23
N PHE A 59 7.64 3.89 -4.40
CA PHE A 59 6.79 2.72 -4.57
C PHE A 59 7.59 1.51 -5.04
N LEU A 60 7.20 0.34 -4.52
CA LEU A 60 7.79 -0.95 -4.90
C LEU A 60 9.19 -1.15 -4.32
N ASP A 61 9.44 -2.34 -3.82
CA ASP A 61 10.71 -2.68 -3.19
C ASP A 61 11.61 -3.42 -4.16
N THR A 62 12.84 -3.68 -3.74
CA THR A 62 13.78 -4.45 -4.52
C THR A 62 14.02 -5.81 -3.89
N PRO A 63 13.38 -6.85 -4.42
CA PRO A 63 13.48 -8.22 -3.88
C PRO A 63 14.88 -8.81 -4.08
N GLY A 64 15.78 -8.51 -3.16
CA GLY A 64 17.10 -9.08 -3.22
C GLY A 64 17.13 -10.46 -2.58
N HIS A 65 16.56 -10.56 -1.39
CA HIS A 65 16.46 -11.84 -0.70
C HIS A 65 15.00 -12.13 -0.38
N GLU A 66 14.38 -11.24 0.37
CA GLU A 66 12.96 -11.31 0.68
C GLU A 66 12.23 -10.11 0.11
N ALA A 67 11.04 -10.33 -0.43
CA ALA A 67 10.16 -9.23 -0.81
C ALA A 67 9.55 -8.64 0.45
N PHE A 68 9.66 -7.33 0.60
CA PHE A 68 9.30 -6.63 1.83
C PHE A 68 10.28 -6.99 2.95
N THR A 69 11.38 -6.23 3.02
CA THR A 69 12.35 -6.35 4.11
C THR A 69 12.88 -7.78 4.30
N THR A 70 14.14 -7.99 3.93
CA THR A 70 14.79 -9.28 4.17
C THR A 70 14.66 -9.64 5.65
N MET A 71 14.23 -10.86 5.92
CA MET A 71 13.81 -11.24 7.27
C MET A 71 15.00 -11.61 8.15
N ARG A 72 15.85 -10.62 8.39
CA ARG A 72 16.99 -10.77 9.29
C ARG A 72 17.45 -9.39 9.78
N ALA A 73 16.67 -8.82 10.68
CA ALA A 73 16.97 -7.51 11.25
C ALA A 73 15.98 -7.16 12.36
N ARG A 74 16.47 -7.02 13.58
CA ARG A 74 15.62 -6.57 14.68
C ARG A 74 16.27 -5.40 15.41
N GLY A 75 17.41 -4.97 14.90
CA GLY A 75 18.07 -3.78 15.42
C GLY A 75 18.04 -2.65 14.42
N ALA A 76 17.12 -2.77 13.46
CA ALA A 76 16.97 -1.80 12.39
C ALA A 76 15.57 -1.89 11.80
N GLN A 77 14.60 -1.30 12.49
CA GLN A 77 13.22 -1.33 12.05
C GLN A 77 13.00 -0.30 10.94
N VAL A 78 12.96 -0.79 9.71
CA VAL A 78 12.82 0.08 8.55
C VAL A 78 11.40 0.58 8.39
N THR A 79 11.26 1.75 7.77
CA THR A 79 9.97 2.36 7.55
C THR A 79 9.30 1.82 6.30
N ASP A 80 9.10 0.52 6.27
CA ASP A 80 8.46 -0.14 5.13
C ASP A 80 6.95 0.01 5.24
N ILE A 81 6.28 0.14 4.11
CA ILE A 81 4.84 0.35 4.10
C ILE A 81 4.15 -0.77 3.34
N VAL A 82 3.15 -1.40 3.95
CA VAL A 82 2.45 -2.47 3.30
C VAL A 82 1.15 -2.00 2.69
N ILE A 83 1.18 -1.67 1.42
CA ILE A 83 -0.06 -1.41 0.71
C ILE A 83 -0.67 -2.74 0.32
N LEU A 84 -1.81 -3.03 0.87
CA LEU A 84 -2.46 -4.30 0.62
C LEU A 84 -3.66 -4.11 -0.33
N VAL A 85 -3.48 -4.44 -1.60
CA VAL A 85 -4.54 -4.23 -2.57
C VAL A 85 -5.59 -5.34 -2.51
N VAL A 86 -6.84 -4.95 -2.70
CA VAL A 86 -7.98 -5.83 -2.73
C VAL A 86 -8.86 -5.41 -3.90
N ALA A 87 -9.89 -6.17 -4.21
CA ALA A 87 -10.78 -5.81 -5.31
C ALA A 87 -12.21 -6.28 -5.05
N ALA A 88 -13.10 -5.30 -4.86
CA ALA A 88 -14.54 -5.50 -4.72
C ALA A 88 -14.91 -6.70 -3.84
N ASP A 89 -15.22 -7.82 -4.48
CA ASP A 89 -15.80 -8.97 -3.78
C ASP A 89 -14.79 -10.10 -3.59
N ASP A 90 -13.56 -9.89 -4.03
CA ASP A 90 -12.54 -10.95 -3.94
C ASP A 90 -12.11 -11.15 -2.51
N GLY A 91 -11.80 -10.05 -1.84
CA GLY A 91 -11.30 -10.12 -0.50
C GLY A 91 -9.79 -10.30 -0.48
N VAL A 92 -9.36 -11.49 -0.11
CA VAL A 92 -7.95 -11.78 0.05
C VAL A 92 -7.58 -13.04 -0.73
N MET A 93 -6.78 -12.88 -1.78
CA MET A 93 -6.25 -14.03 -2.52
C MET A 93 -5.00 -14.56 -1.82
N PRO A 94 -4.46 -15.72 -2.27
CA PRO A 94 -3.23 -16.31 -1.72
C PRO A 94 -2.12 -15.29 -1.49
N GLN A 95 -1.81 -14.52 -2.52
CA GLN A 95 -0.72 -13.55 -2.44
C GLN A 95 -1.05 -12.44 -1.44
N THR A 96 -2.35 -12.16 -1.27
CA THR A 96 -2.80 -11.17 -0.30
C THR A 96 -2.41 -11.60 1.13
N VAL A 97 -2.37 -12.91 1.35
CA VAL A 97 -2.05 -13.46 2.66
C VAL A 97 -0.56 -13.55 2.88
N GLU A 98 0.13 -14.19 1.94
CA GLU A 98 1.56 -14.45 2.06
C GLU A 98 2.35 -13.16 2.18
N ALA A 99 1.74 -12.07 1.76
CA ALA A 99 2.38 -10.77 1.83
C ALA A 99 2.09 -10.15 3.18
N ILE A 100 0.86 -10.31 3.64
CA ILE A 100 0.42 -9.76 4.93
C ILE A 100 1.06 -10.52 6.09
N ASN A 101 0.99 -11.84 6.04
CA ASN A 101 1.67 -12.70 6.99
C ASN A 101 3.14 -12.31 7.11
N HIS A 102 3.73 -11.96 5.99
CA HIS A 102 5.13 -11.53 5.96
C HIS A 102 5.25 -10.10 6.47
N ALA A 103 4.23 -9.29 6.20
CA ALA A 103 4.29 -7.87 6.48
C ALA A 103 4.00 -7.55 7.94
N LYS A 104 2.90 -8.10 8.44
CA LYS A 104 2.33 -7.71 9.72
C LYS A 104 3.29 -7.91 10.89
N ALA A 105 4.28 -8.77 10.70
CA ALA A 105 5.16 -9.16 11.80
C ALA A 105 6.41 -8.31 11.88
N ALA A 106 6.46 -7.21 11.12
CA ALA A 106 7.57 -6.29 11.23
C ALA A 106 7.15 -5.10 12.07
N ASN A 107 5.89 -5.16 12.52
CA ASN A 107 5.30 -4.16 13.41
C ASN A 107 4.98 -2.93 12.59
N VAL A 108 4.45 -3.20 11.42
CA VAL A 108 4.17 -2.19 10.43
C VAL A 108 2.71 -2.23 10.01
N PRO A 109 2.11 -1.06 9.77
CA PRO A 109 0.74 -0.96 9.28
C PRO A 109 0.56 -1.47 7.86
N ILE A 110 -0.66 -1.86 7.59
CA ILE A 110 -1.02 -2.43 6.29
C ILE A 110 -2.24 -1.68 5.74
N ILE A 111 -2.31 -1.52 4.42
CA ILE A 111 -3.28 -0.61 3.84
C ILE A 111 -4.07 -1.27 2.76
N VAL A 112 -5.28 -1.61 3.09
CA VAL A 112 -6.17 -2.21 2.14
C VAL A 112 -6.54 -1.23 1.06
N ALA A 113 -6.47 -1.67 -0.16
CA ALA A 113 -6.88 -0.87 -1.27
C ALA A 113 -7.96 -1.61 -2.00
N ILE A 114 -9.18 -1.40 -1.55
CA ILE A 114 -10.34 -2.00 -2.15
C ILE A 114 -10.57 -1.45 -3.55
N ASN A 115 -10.07 -2.15 -4.56
CA ASN A 115 -10.24 -1.72 -5.95
C ASN A 115 -11.61 -2.16 -6.43
N LYS A 116 -12.07 -1.57 -7.55
CA LYS A 116 -13.38 -1.91 -8.12
C LYS A 116 -14.52 -1.55 -7.17
N MET A 117 -14.23 -0.66 -6.23
CA MET A 117 -15.20 -0.23 -5.25
C MET A 117 -15.99 0.96 -5.79
N ASP A 118 -15.56 1.44 -6.95
CA ASP A 118 -16.23 2.53 -7.67
C ASP A 118 -17.67 2.16 -8.09
N LYS A 119 -18.06 0.93 -7.82
CA LYS A 119 -19.46 0.55 -7.93
C LYS A 119 -20.15 0.95 -6.62
N PRO A 120 -21.42 0.59 -6.36
CA PRO A 120 -22.03 0.83 -5.06
C PRO A 120 -21.14 0.28 -3.93
N GLU A 121 -20.86 -1.02 -4.02
CA GLU A 121 -20.02 -1.74 -3.09
C GLU A 121 -20.32 -3.22 -3.21
N ALA A 122 -19.29 -4.01 -3.39
CA ALA A 122 -19.42 -5.45 -3.29
C ALA A 122 -19.87 -5.85 -1.89
N ASN A 123 -18.90 -6.05 -0.99
CA ASN A 123 -19.19 -6.26 0.39
C ASN A 123 -17.99 -5.90 1.26
N PRO A 124 -17.75 -4.59 1.46
CA PRO A 124 -16.71 -4.07 2.38
C PRO A 124 -16.57 -4.89 3.66
N ASP A 125 -17.58 -4.87 4.52
CA ASP A 125 -17.53 -5.53 5.85
C ASP A 125 -17.03 -6.96 5.76
N ARG A 126 -17.60 -7.74 4.85
CA ARG A 126 -17.16 -9.10 4.63
C ARG A 126 -15.66 -9.11 4.31
N VAL A 127 -15.30 -8.37 3.29
CA VAL A 127 -13.90 -8.25 2.86
C VAL A 127 -13.01 -7.78 4.01
N MET A 128 -13.52 -6.82 4.76
CA MET A 128 -12.78 -6.25 5.87
C MET A 128 -12.56 -7.28 6.97
N GLN A 129 -13.53 -8.18 7.13
CA GLN A 129 -13.43 -9.25 8.10
C GLN A 129 -12.44 -10.31 7.65
N GLU A 130 -12.23 -10.41 6.34
CA GLU A 130 -11.18 -11.28 5.82
C GLU A 130 -9.84 -10.76 6.27
N LEU A 131 -9.72 -9.44 6.31
CA LEU A 131 -8.46 -8.83 6.71
C LEU A 131 -8.25 -9.04 8.19
N MET A 132 -9.28 -8.80 8.95
CA MET A 132 -9.20 -9.03 10.38
C MET A 132 -9.26 -10.51 10.68
N GLU A 133 -9.38 -11.32 9.63
CA GLU A 133 -9.28 -12.77 9.76
C GLU A 133 -7.80 -13.10 9.86
N TYR A 134 -6.98 -12.26 9.24
CA TYR A 134 -5.54 -12.33 9.44
C TYR A 134 -5.14 -11.40 10.58
N ASN A 135 -6.16 -11.00 11.35
CA ASN A 135 -6.04 -10.16 12.54
C ASN A 135 -5.66 -8.74 12.13
N LEU A 136 -5.97 -8.41 10.89
CA LEU A 136 -5.77 -7.07 10.40
C LEU A 136 -7.02 -6.26 10.60
N VAL A 137 -7.25 -5.92 11.85
CA VAL A 137 -8.39 -5.11 12.22
C VAL A 137 -8.27 -3.72 11.62
N PRO A 138 -9.25 -3.36 10.80
CA PRO A 138 -9.37 -2.00 10.24
C PRO A 138 -9.21 -0.90 11.25
N GLU A 139 -8.91 0.28 10.75
CA GLU A 139 -8.77 1.46 11.58
C GLU A 139 -10.14 1.97 11.98
N GLU A 140 -11.14 1.58 11.19
CA GLU A 140 -12.53 1.78 11.56
C GLU A 140 -12.78 1.04 12.87
N TRP A 141 -12.19 -0.15 12.97
CA TRP A 141 -12.48 -1.05 14.06
C TRP A 141 -11.43 -0.90 15.17
N GLY A 142 -10.27 -0.37 14.83
CA GLY A 142 -9.32 0.02 15.85
C GLY A 142 -8.17 -0.95 15.95
N GLY A 143 -7.82 -1.54 14.83
CA GLY A 143 -6.68 -2.44 14.81
C GLY A 143 -5.41 -1.77 14.33
N ASP A 144 -5.09 -1.96 13.06
CA ASP A 144 -3.93 -1.31 12.44
C ASP A 144 -3.98 -1.45 10.93
N THR A 145 -5.18 -1.58 10.39
CA THR A 145 -5.33 -1.79 8.96
C THR A 145 -6.17 -0.70 8.31
N ILE A 146 -5.50 0.09 7.48
CA ILE A 146 -6.13 1.23 6.82
C ILE A 146 -6.91 0.76 5.59
N PHE A 147 -8.23 0.81 5.68
CA PHE A 147 -9.09 0.37 4.58
C PHE A 147 -9.42 1.51 3.65
N CYS A 148 -8.89 1.44 2.44
CA CYS A 148 -9.17 2.42 1.42
C CYS A 148 -10.10 1.84 0.38
N LYS A 149 -11.37 2.15 0.49
CA LYS A 149 -12.34 1.76 -0.53
C LYS A 149 -12.25 2.76 -1.69
N LEU A 150 -11.42 2.45 -2.66
CA LEU A 150 -11.02 3.43 -3.66
C LEU A 150 -11.41 3.03 -5.07
N SER A 151 -10.90 3.81 -6.01
CA SER A 151 -10.98 3.50 -7.42
C SER A 151 -9.88 4.25 -8.16
N ALA A 152 -9.14 3.51 -8.98
CA ALA A 152 -8.07 4.10 -9.77
C ALA A 152 -8.59 4.58 -11.12
N LYS A 153 -9.69 3.98 -11.57
CA LYS A 153 -10.24 4.27 -12.88
C LYS A 153 -10.97 5.59 -12.86
N THR A 154 -11.89 5.68 -11.93
CA THR A 154 -12.65 6.91 -11.73
C THR A 154 -11.76 7.99 -11.11
N LYS A 155 -10.62 7.54 -10.57
CA LYS A 155 -9.59 8.44 -10.02
C LYS A 155 -10.08 9.08 -8.73
N GLU A 156 -11.12 8.52 -8.13
CA GLU A 156 -11.63 9.01 -6.86
C GLU A 156 -10.74 8.54 -5.72
N GLY A 157 -10.67 7.24 -5.58
CA GLY A 157 -9.93 6.65 -4.50
C GLY A 157 -8.42 6.70 -4.69
N LEU A 158 -7.99 6.94 -5.93
CA LEU A 158 -6.57 7.11 -6.21
C LEU A 158 -6.02 8.24 -5.33
N ASP A 159 -6.76 9.35 -5.31
CA ASP A 159 -6.47 10.46 -4.41
C ASP A 159 -6.49 9.98 -2.96
N HIS A 160 -7.60 9.34 -2.59
CA HIS A 160 -7.82 8.90 -1.21
C HIS A 160 -6.75 7.89 -0.77
N LEU A 161 -6.12 7.23 -1.72
CA LEU A 161 -5.10 6.24 -1.45
C LEU A 161 -3.84 6.92 -0.90
N LEU A 162 -3.34 7.91 -1.62
CA LEU A 162 -2.17 8.66 -1.18
C LEU A 162 -2.49 9.45 0.08
N GLU A 163 -3.75 9.87 0.21
CA GLU A 163 -4.23 10.56 1.40
C GLU A 163 -4.03 9.71 2.65
N MET A 164 -4.24 8.42 2.51
CA MET A 164 -4.09 7.50 3.63
C MET A 164 -2.62 7.13 3.84
N ILE A 165 -1.87 7.06 2.75
CA ILE A 165 -0.45 6.78 2.80
C ILE A 165 0.29 7.82 3.64
N LEU A 166 0.09 9.10 3.30
CA LEU A 166 0.77 10.18 4.01
C LEU A 166 0.28 10.31 5.43
N LEU A 167 -0.99 9.98 5.63
CA LEU A 167 -1.58 9.91 6.96
C LEU A 167 -0.78 8.98 7.86
N VAL A 168 -0.19 7.97 7.23
CA VAL A 168 0.62 7.01 7.94
C VAL A 168 1.95 7.64 8.34
N SER A 169 2.56 8.37 7.40
CA SER A 169 3.80 9.07 7.67
C SER A 169 3.60 10.15 8.75
N GLU A 170 2.35 10.47 9.01
CA GLU A 170 2.01 11.43 10.05
C GLU A 170 1.88 10.72 11.39
N MET A 171 0.93 9.79 11.49
CA MET A 171 0.57 9.19 12.77
C MET A 171 1.64 8.24 13.30
N GLU A 172 2.38 7.58 12.41
CA GLU A 172 3.42 6.64 12.83
C GLU A 172 4.55 7.38 13.56
N GLU A 173 4.67 8.68 13.33
CA GLU A 173 5.68 9.48 13.99
C GLU A 173 5.29 9.73 15.45
N LEU A 174 4.02 9.53 15.75
CA LEU A 174 3.53 9.76 17.10
C LEU A 174 3.31 8.45 17.83
N LYS A 175 2.21 7.78 17.53
CA LYS A 175 1.84 6.55 18.23
C LYS A 175 0.93 5.65 17.39
N ALA A 176 0.70 6.06 16.15
CA ALA A 176 -0.15 5.31 15.21
C ALA A 176 -1.62 5.37 15.63
N ASN A 177 -2.17 4.24 16.05
CA ASN A 177 -3.59 4.14 16.37
C ASN A 177 -3.86 4.49 17.85
N PRO A 178 -3.23 3.79 18.81
CA PRO A 178 -3.51 3.98 20.24
C PRO A 178 -2.85 5.23 20.81
N GLY A 1 23.28 22.11 11.13
CA GLY A 1 23.78 20.75 10.82
C GLY A 1 23.66 20.42 9.36
N SER A 2 23.15 19.24 9.06
CA SER A 2 22.95 18.84 7.68
C SER A 2 21.47 18.85 7.32
N HIS A 3 21.16 19.37 6.15
CA HIS A 3 19.79 19.39 5.65
C HIS A 3 19.60 18.26 4.63
N MET A 4 20.54 17.34 4.59
CA MET A 4 20.42 16.17 3.73
C MET A 4 19.40 15.21 4.31
N VAL A 5 18.16 15.31 3.83
CA VAL A 5 17.06 14.51 4.36
C VAL A 5 17.26 13.04 4.02
N GLU A 6 17.53 12.25 5.05
CA GLU A 6 17.70 10.81 4.89
C GLU A 6 16.40 10.10 5.20
N ARG A 7 16.33 8.82 4.83
CA ARG A 7 15.17 7.96 5.10
C ARG A 7 13.90 8.54 4.50
N PRO A 8 13.73 8.41 3.18
CA PRO A 8 12.51 8.83 2.49
C PRO A 8 11.36 7.85 2.75
N PRO A 9 10.11 8.34 2.76
CA PRO A 9 8.93 7.51 2.97
C PRO A 9 8.81 6.39 1.94
N VAL A 10 9.36 5.22 2.27
CA VAL A 10 9.27 4.06 1.39
C VAL A 10 7.98 3.28 1.66
N VAL A 11 7.16 3.18 0.63
CA VAL A 11 5.88 2.53 0.74
C VAL A 11 5.83 1.30 -0.17
N THR A 12 5.65 0.14 0.44
CA THR A 12 5.63 -1.13 -0.28
C THR A 12 4.23 -1.44 -0.82
N ILE A 13 4.14 -1.77 -2.10
CA ILE A 13 2.87 -2.13 -2.70
C ILE A 13 2.68 -3.64 -2.69
N MET A 14 1.59 -4.09 -2.09
CA MET A 14 1.31 -5.53 -1.99
C MET A 14 -0.15 -5.84 -2.24
N GLY A 15 -0.45 -7.12 -2.25
CA GLY A 15 -1.80 -7.60 -2.34
C GLY A 15 -1.88 -8.74 -3.32
N HIS A 16 -2.32 -8.41 -4.50
CA HIS A 16 -2.40 -9.33 -5.61
C HIS A 16 -2.48 -8.52 -6.91
N VAL A 17 -1.66 -8.91 -7.87
CA VAL A 17 -1.40 -8.10 -9.06
C VAL A 17 -2.66 -7.85 -9.89
N ASP A 18 -3.59 -8.80 -9.85
CA ASP A 18 -4.76 -8.74 -10.73
C ASP A 18 -5.92 -7.95 -10.12
N HIS A 19 -5.97 -7.90 -8.78
CA HIS A 19 -7.05 -7.18 -8.08
C HIS A 19 -7.09 -5.72 -8.51
N GLY A 20 -5.96 -5.07 -8.44
CA GLY A 20 -5.86 -3.68 -8.85
C GLY A 20 -4.47 -3.15 -8.61
N LYS A 21 -3.49 -4.02 -8.75
CA LYS A 21 -2.10 -3.67 -8.47
C LYS A 21 -1.44 -3.08 -9.71
N THR A 22 -1.47 -3.83 -10.79
CA THR A 22 -0.85 -3.39 -12.04
C THR A 22 -1.63 -2.21 -12.62
N THR A 23 -2.93 -2.20 -12.36
CA THR A 23 -3.77 -1.11 -12.82
C THR A 23 -3.58 0.12 -11.93
N LEU A 24 -3.22 -0.10 -10.67
CA LEU A 24 -2.95 1.01 -9.75
C LEU A 24 -1.72 1.77 -10.23
N LEU A 25 -0.64 1.04 -10.50
CA LEU A 25 0.61 1.63 -10.96
C LEU A 25 0.38 2.41 -12.25
N ASP A 26 -0.43 1.87 -13.13
CA ASP A 26 -0.73 2.54 -14.39
C ASP A 26 -1.60 3.79 -14.18
N ALA A 27 -2.69 3.62 -13.43
CA ALA A 27 -3.62 4.72 -13.17
C ALA A 27 -2.93 5.85 -12.41
N ILE A 28 -2.01 5.47 -11.54
CA ILE A 28 -1.29 6.41 -10.71
C ILE A 28 -0.32 7.26 -11.53
N ARG A 29 0.25 6.67 -12.58
CA ARG A 29 1.13 7.39 -13.49
C ARG A 29 0.33 8.36 -14.33
N HIS A 30 -0.89 7.96 -14.64
CA HIS A 30 -1.82 8.80 -15.38
C HIS A 30 -2.51 9.77 -14.43
N SER A 31 -1.96 9.89 -13.23
CA SER A 31 -2.51 10.79 -12.23
C SER A 31 -1.44 11.79 -11.77
N LYS A 32 -0.33 11.27 -11.24
CA LYS A 32 0.75 12.13 -10.76
C LYS A 32 1.97 12.00 -11.63
N VAL A 33 3.02 12.70 -11.23
CA VAL A 33 4.25 12.77 -11.99
C VAL A 33 5.45 12.55 -11.09
N THR A 34 6.40 11.77 -11.62
CA THR A 34 7.74 11.57 -11.06
C THR A 34 8.29 10.21 -11.47
N GLU A 35 7.38 9.29 -11.73
CA GLU A 35 7.75 7.92 -12.09
C GLU A 35 8.54 7.86 -13.40
N GLN A 36 9.45 6.90 -13.46
CA GLN A 36 10.28 6.69 -14.65
C GLN A 36 10.22 5.24 -15.09
N GLU A 37 10.92 4.37 -14.34
CA GLU A 37 10.91 2.94 -14.61
C GLU A 37 9.47 2.42 -14.59
N ALA A 38 8.87 2.42 -13.40
CA ALA A 38 7.43 2.18 -13.23
C ALA A 38 6.90 1.03 -14.09
N GLY A 39 7.11 -0.19 -13.62
CA GLY A 39 6.67 -1.35 -14.36
C GLY A 39 6.63 -2.57 -13.48
N GLY A 40 5.56 -2.68 -12.71
CA GLY A 40 5.44 -3.75 -11.74
C GLY A 40 5.08 -5.09 -12.36
N ILE A 41 5.67 -5.37 -13.51
CA ILE A 41 5.48 -6.64 -14.19
C ILE A 41 6.83 -7.29 -14.46
N THR A 42 7.85 -6.45 -14.64
CA THR A 42 9.19 -6.92 -14.94
C THR A 42 9.88 -7.44 -13.68
N GLN A 43 10.24 -8.72 -13.66
CA GLN A 43 10.81 -9.35 -12.48
C GLN A 43 12.30 -9.00 -12.34
N HIS A 44 12.57 -7.70 -12.29
CA HIS A 44 13.91 -7.17 -12.10
C HIS A 44 13.80 -5.90 -11.28
N ILE A 45 12.90 -5.04 -11.72
CA ILE A 45 12.58 -3.80 -11.04
C ILE A 45 11.46 -3.13 -11.81
N GLY A 46 11.07 -1.95 -11.39
CA GLY A 46 9.96 -1.28 -12.01
C GLY A 46 9.11 -0.53 -11.00
N ALA A 47 9.78 0.18 -10.11
CA ALA A 47 9.10 0.94 -9.09
C ALA A 47 9.03 2.39 -9.50
N TYR A 48 8.64 3.26 -8.60
CA TYR A 48 8.50 4.67 -8.93
C TYR A 48 8.27 5.52 -7.69
N GLN A 49 8.42 6.82 -7.85
CA GLN A 49 8.08 7.77 -6.81
C GLN A 49 6.93 8.62 -7.30
N VAL A 50 6.16 9.18 -6.40
CA VAL A 50 5.06 10.02 -6.78
C VAL A 50 5.16 11.39 -6.18
N THR A 51 5.01 12.40 -7.01
CA THR A 51 4.90 13.76 -6.52
C THR A 51 3.46 14.01 -6.06
N VAL A 52 3.25 13.83 -4.77
CA VAL A 52 1.99 14.15 -4.16
C VAL A 52 2.24 15.03 -2.97
N ASN A 53 1.77 16.27 -3.09
CA ASN A 53 2.10 17.34 -2.15
C ASN A 53 3.55 17.77 -2.33
N ASP A 54 4.40 16.78 -2.56
CA ASP A 54 5.84 17.03 -2.68
C ASP A 54 6.53 16.08 -3.67
N LYS A 55 6.94 14.90 -3.18
CA LYS A 55 7.67 13.90 -3.99
C LYS A 55 8.44 12.95 -3.08
N LYS A 56 7.84 12.53 -1.98
CA LYS A 56 8.55 11.76 -0.98
C LYS A 56 8.18 10.27 -1.00
N ILE A 57 6.99 9.95 -1.47
CA ILE A 57 6.53 8.56 -1.44
C ILE A 57 7.25 7.73 -2.49
N THR A 58 8.12 6.86 -2.03
CA THR A 58 8.81 5.93 -2.90
C THR A 58 8.12 4.57 -2.84
N PHE A 59 7.50 4.17 -3.94
CA PHE A 59 6.73 2.93 -3.96
C PHE A 59 7.63 1.74 -4.27
N LEU A 60 7.66 0.80 -3.35
CA LEU A 60 8.35 -0.47 -3.55
C LEU A 60 7.38 -1.46 -4.18
N ASP A 61 7.51 -1.67 -5.46
CA ASP A 61 6.59 -2.53 -6.20
C ASP A 61 6.95 -3.99 -6.03
N THR A 62 5.93 -4.86 -6.07
CA THR A 62 6.12 -6.29 -6.01
C THR A 62 5.95 -6.91 -7.40
N PRO A 63 7.05 -7.09 -8.14
CA PRO A 63 7.02 -7.59 -9.51
C PRO A 63 7.08 -9.10 -9.59
N GLY A 64 6.15 -9.75 -8.91
CA GLY A 64 6.10 -11.20 -8.92
C GLY A 64 5.16 -11.76 -7.89
N HIS A 65 5.65 -12.67 -7.06
CA HIS A 65 4.85 -13.32 -6.04
C HIS A 65 5.37 -13.00 -4.64
N GLU A 66 6.67 -13.14 -4.45
CA GLU A 66 7.27 -12.89 -3.15
C GLU A 66 8.24 -11.72 -3.22
N ALA A 67 8.10 -10.78 -2.29
CA ALA A 67 8.92 -9.59 -2.23
C ALA A 67 8.66 -8.85 -0.93
N PHE A 68 9.35 -7.74 -0.73
CA PHE A 68 9.22 -6.94 0.47
C PHE A 68 9.89 -5.59 0.25
N THR A 69 9.87 -4.73 1.27
CA THR A 69 10.42 -3.38 1.16
C THR A 69 11.84 -3.39 0.60
N THR A 70 12.69 -4.28 1.11
CA THR A 70 14.05 -4.40 0.63
C THR A 70 14.59 -5.82 0.79
N MET A 71 14.53 -6.58 -0.29
CA MET A 71 15.09 -7.92 -0.32
C MET A 71 16.56 -7.86 -0.68
N ARG A 72 17.41 -7.70 0.33
CA ARG A 72 18.84 -7.57 0.09
C ARG A 72 19.64 -8.01 1.33
N ALA A 73 19.41 -7.33 2.45
CA ALA A 73 20.19 -7.56 3.64
C ALA A 73 19.31 -7.91 4.83
N ARG A 74 19.91 -7.90 6.02
CA ARG A 74 19.23 -8.24 7.27
C ARG A 74 17.94 -7.44 7.44
N GLY A 75 18.04 -6.13 7.25
CA GLY A 75 16.88 -5.28 7.35
C GLY A 75 17.22 -3.94 7.99
N ALA A 76 17.23 -2.89 7.20
CA ALA A 76 17.51 -1.55 7.69
C ALA A 76 16.22 -0.78 7.92
N GLN A 77 15.14 -1.31 7.36
CA GLN A 77 13.85 -0.67 7.47
C GLN A 77 13.19 -1.05 8.79
N VAL A 78 13.09 -0.07 9.68
CA VAL A 78 12.43 -0.26 10.97
C VAL A 78 10.92 -0.01 10.85
N THR A 79 10.55 0.90 9.96
CA THR A 79 9.16 1.26 9.74
C THR A 79 8.92 1.61 8.27
N ASP A 80 7.99 0.93 7.64
CA ASP A 80 7.61 1.24 6.27
C ASP A 80 6.09 1.09 6.12
N ILE A 81 5.60 1.19 4.90
CA ILE A 81 4.15 1.23 4.66
C ILE A 81 3.72 0.12 3.72
N VAL A 82 2.89 -0.80 4.21
CA VAL A 82 2.41 -1.90 3.38
C VAL A 82 1.05 -1.61 2.81
N ILE A 83 0.99 -1.31 1.52
CA ILE A 83 -0.28 -1.10 0.87
C ILE A 83 -0.79 -2.41 0.33
N LEU A 84 -1.79 -2.94 0.97
CA LEU A 84 -2.39 -4.16 0.51
C LEU A 84 -3.58 -3.87 -0.42
N VAL A 85 -3.59 -4.44 -1.62
CA VAL A 85 -4.68 -4.21 -2.55
C VAL A 85 -5.66 -5.38 -2.60
N VAL A 86 -6.95 -5.05 -2.69
CA VAL A 86 -8.02 -6.03 -2.87
C VAL A 86 -8.98 -5.54 -3.95
N ALA A 87 -10.05 -6.28 -4.21
CA ALA A 87 -10.98 -5.87 -5.23
C ALA A 87 -12.41 -6.35 -4.97
N ALA A 88 -13.34 -5.39 -4.99
CA ALA A 88 -14.79 -5.64 -4.99
C ALA A 88 -15.24 -6.75 -4.02
N ASP A 89 -15.55 -7.92 -4.57
CA ASP A 89 -16.12 -9.02 -3.80
C ASP A 89 -15.14 -10.16 -3.69
N ASP A 90 -14.05 -10.07 -4.44
CA ASP A 90 -13.03 -11.10 -4.43
C ASP A 90 -12.43 -11.20 -3.05
N GLY A 91 -12.26 -10.03 -2.43
CA GLY A 91 -11.75 -9.97 -1.09
C GLY A 91 -10.26 -10.15 -1.02
N VAL A 92 -9.83 -10.75 0.06
CA VAL A 92 -8.44 -11.03 0.29
C VAL A 92 -8.07 -12.39 -0.33
N MET A 93 -7.45 -12.35 -1.50
CA MET A 93 -6.96 -13.56 -2.16
C MET A 93 -5.77 -14.14 -1.43
N PRO A 94 -5.36 -15.38 -1.76
CA PRO A 94 -4.16 -15.99 -1.20
C PRO A 94 -2.96 -15.06 -1.26
N GLN A 95 -2.81 -14.34 -2.38
CA GLN A 95 -1.72 -13.41 -2.53
C GLN A 95 -1.86 -12.27 -1.54
N THR A 96 -3.09 -11.79 -1.39
CA THR A 96 -3.39 -10.74 -0.45
C THR A 96 -3.07 -11.19 0.98
N VAL A 97 -3.20 -12.48 1.19
CA VAL A 97 -2.94 -13.10 2.47
C VAL A 97 -1.44 -13.27 2.72
N GLU A 98 -0.73 -13.90 1.77
CA GLU A 98 0.68 -14.19 1.94
C GLU A 98 1.52 -12.91 2.00
N ALA A 99 1.07 -11.90 1.31
CA ALA A 99 1.75 -10.60 1.31
C ALA A 99 1.65 -9.99 2.70
N ILE A 100 0.47 -10.11 3.27
CA ILE A 100 0.21 -9.63 4.62
C ILE A 100 0.96 -10.49 5.64
N ASN A 101 0.92 -11.79 5.44
CA ASN A 101 1.66 -12.73 6.28
C ASN A 101 3.15 -12.42 6.25
N HIS A 102 3.58 -11.81 5.16
CA HIS A 102 4.96 -11.37 5.04
C HIS A 102 5.13 -9.98 5.64
N ALA A 103 4.12 -9.15 5.49
CA ALA A 103 4.23 -7.75 5.87
C ALA A 103 3.97 -7.53 7.35
N LYS A 104 2.87 -8.08 7.83
CA LYS A 104 2.33 -7.76 9.15
C LYS A 104 3.29 -8.12 10.28
N ALA A 105 4.28 -8.94 9.99
CA ALA A 105 5.19 -9.43 11.01
C ALA A 105 6.48 -8.61 11.08
N ALA A 106 6.51 -7.47 10.39
CA ALA A 106 7.66 -6.60 10.49
C ALA A 106 7.35 -5.45 11.45
N ASN A 107 6.16 -5.53 12.07
CA ASN A 107 5.71 -4.60 13.13
C ASN A 107 5.07 -3.39 12.47
N VAL A 108 4.96 -3.51 11.16
CA VAL A 108 4.48 -2.44 10.31
C VAL A 108 2.97 -2.53 10.08
N PRO A 109 2.29 -1.36 10.02
CA PRO A 109 0.88 -1.28 9.66
C PRO A 109 0.60 -1.60 8.19
N ILE A 110 -0.64 -1.94 7.92
CA ILE A 110 -1.03 -2.38 6.59
C ILE A 110 -2.22 -1.57 6.07
N ILE A 111 -2.30 -1.41 4.76
CA ILE A 111 -3.32 -0.58 4.15
C ILE A 111 -4.12 -1.42 3.19
N VAL A 112 -5.35 -1.04 2.93
CA VAL A 112 -6.15 -1.74 1.99
C VAL A 112 -6.53 -0.83 0.84
N ALA A 113 -6.53 -1.39 -0.34
CA ALA A 113 -7.00 -0.69 -1.51
C ALA A 113 -8.08 -1.52 -2.16
N ILE A 114 -9.29 -1.28 -1.71
CA ILE A 114 -10.47 -1.95 -2.25
C ILE A 114 -10.82 -1.40 -3.63
N ASN A 115 -10.34 -2.07 -4.68
CA ASN A 115 -10.55 -1.60 -6.06
C ASN A 115 -11.93 -2.00 -6.57
N LYS A 116 -12.41 -1.25 -7.57
CA LYS A 116 -13.75 -1.45 -8.14
C LYS A 116 -14.81 -1.30 -7.06
N MET A 117 -14.53 -0.41 -6.12
CA MET A 117 -15.43 -0.16 -4.99
C MET A 117 -16.46 0.91 -5.34
N ASP A 118 -16.13 1.75 -6.34
CA ASP A 118 -17.08 2.73 -6.86
C ASP A 118 -18.38 2.03 -7.27
N LYS A 119 -18.23 0.78 -7.69
CA LYS A 119 -19.35 -0.03 -8.09
C LYS A 119 -19.78 -0.93 -6.92
N PRO A 120 -21.08 -1.26 -6.86
CA PRO A 120 -21.69 -2.10 -5.79
C PRO A 120 -21.03 -3.47 -5.62
N GLU A 121 -20.07 -3.77 -6.47
CA GLU A 121 -19.36 -5.03 -6.45
C GLU A 121 -18.63 -5.21 -5.13
N ALA A 122 -18.18 -4.11 -4.56
CA ALA A 122 -17.38 -4.16 -3.36
C ALA A 122 -18.23 -4.32 -2.11
N ASN A 123 -17.83 -5.23 -1.24
CA ASN A 123 -18.47 -5.41 0.07
C ASN A 123 -17.43 -5.45 1.16
N PRO A 124 -17.22 -4.25 1.72
CA PRO A 124 -16.45 -4.00 2.93
C PRO A 124 -16.40 -5.15 3.94
N ASP A 125 -17.51 -5.34 4.67
CA ASP A 125 -17.55 -6.28 5.82
C ASP A 125 -16.87 -7.59 5.52
N ARG A 126 -17.27 -8.22 4.42
CA ARG A 126 -16.68 -9.48 4.01
C ARG A 126 -15.16 -9.35 3.93
N VAL A 127 -14.74 -8.52 3.00
CA VAL A 127 -13.32 -8.31 2.70
C VAL A 127 -12.55 -7.90 3.96
N MET A 128 -13.16 -7.02 4.72
CA MET A 128 -12.51 -6.44 5.88
C MET A 128 -12.41 -7.44 7.03
N GLN A 129 -13.37 -8.36 7.12
CA GLN A 129 -13.37 -9.32 8.21
C GLN A 129 -12.44 -10.48 7.94
N GLU A 130 -12.22 -10.78 6.66
CA GLU A 130 -11.19 -11.75 6.30
C GLU A 130 -9.87 -11.21 6.76
N LEU A 131 -9.68 -9.92 6.58
CA LEU A 131 -8.43 -9.33 6.84
C LEU A 131 -8.14 -9.27 8.32
N MET A 132 -9.13 -8.83 9.08
CA MET A 132 -9.00 -8.77 10.51
C MET A 132 -8.93 -10.17 11.08
N GLU A 133 -9.16 -11.16 10.23
CA GLU A 133 -8.99 -12.54 10.62
C GLU A 133 -7.51 -12.87 10.60
N TYR A 134 -6.76 -12.17 9.75
CA TYR A 134 -5.30 -12.26 9.80
C TYR A 134 -4.80 -11.32 10.89
N ASN A 135 -5.78 -10.63 11.48
CA ASN A 135 -5.65 -9.92 12.75
C ASN A 135 -4.90 -8.62 12.58
N LEU A 136 -5.26 -7.94 11.53
CA LEU A 136 -4.89 -6.59 11.31
C LEU A 136 -6.18 -5.82 11.14
N VAL A 137 -6.70 -5.40 12.27
CA VAL A 137 -8.01 -4.81 12.35
C VAL A 137 -8.06 -3.48 11.63
N PRO A 138 -9.07 -3.29 10.80
CA PRO A 138 -9.32 -2.02 10.13
C PRO A 138 -9.27 -0.83 11.06
N GLU A 139 -8.93 0.29 10.48
CA GLU A 139 -8.79 1.55 11.20
C GLU A 139 -10.19 2.06 11.55
N GLU A 140 -11.13 1.71 10.67
CA GLU A 140 -12.55 1.92 10.92
C GLU A 140 -12.92 1.32 12.26
N TRP A 141 -12.42 0.12 12.49
CA TRP A 141 -12.82 -0.68 13.62
C TRP A 141 -11.95 -0.40 14.83
N GLY A 142 -10.75 0.13 14.58
CA GLY A 142 -9.93 0.62 15.66
C GLY A 142 -8.62 -0.11 15.79
N GLY A 143 -8.23 -0.80 14.74
CA GLY A 143 -7.00 -1.55 14.77
C GLY A 143 -5.85 -0.77 14.15
N ASP A 144 -5.33 -1.29 13.06
CA ASP A 144 -4.15 -0.72 12.43
C ASP A 144 -4.14 -0.96 10.92
N THR A 145 -5.32 -1.05 10.33
CA THR A 145 -5.40 -1.27 8.88
C THR A 145 -6.31 -0.26 8.20
N ILE A 146 -5.70 0.63 7.44
CA ILE A 146 -6.41 1.70 6.78
C ILE A 146 -7.07 1.21 5.50
N PHE A 147 -8.40 1.15 5.50
CA PHE A 147 -9.15 0.69 4.35
C PHE A 147 -9.46 1.81 3.39
N CYS A 148 -8.91 1.72 2.19
CA CYS A 148 -9.17 2.70 1.16
C CYS A 148 -10.12 2.10 0.14
N LYS A 149 -11.28 2.70 0.02
CA LYS A 149 -12.26 2.23 -0.93
C LYS A 149 -12.18 3.06 -2.21
N LEU A 150 -11.29 2.66 -3.10
CA LEU A 150 -10.94 3.45 -4.26
C LEU A 150 -11.44 2.82 -5.57
N SER A 151 -11.13 3.50 -6.65
CA SER A 151 -11.48 3.07 -7.98
C SER A 151 -10.37 3.45 -8.93
N ALA A 152 -9.93 2.50 -9.76
CA ALA A 152 -8.94 2.81 -10.79
C ALA A 152 -9.62 3.53 -11.95
N LYS A 153 -10.95 3.55 -11.92
CA LYS A 153 -11.73 4.25 -12.90
C LYS A 153 -12.02 5.66 -12.44
N THR A 154 -12.67 5.73 -11.30
CA THR A 154 -13.06 7.01 -10.70
C THR A 154 -11.83 7.77 -10.22
N LYS A 155 -10.81 7.00 -9.85
CA LYS A 155 -9.51 7.52 -9.41
C LYS A 155 -9.67 8.44 -8.20
N GLU A 156 -10.71 8.21 -7.42
CA GLU A 156 -11.03 9.04 -6.27
C GLU A 156 -10.22 8.59 -5.07
N GLY A 157 -10.19 7.29 -4.86
CA GLY A 157 -9.49 6.72 -3.75
C GLY A 157 -7.99 6.71 -3.95
N LEU A 158 -7.55 6.99 -5.16
CA LEU A 158 -6.13 7.03 -5.47
C LEU A 158 -5.45 8.15 -4.68
N ASP A 159 -6.12 9.29 -4.57
CA ASP A 159 -5.60 10.40 -3.79
C ASP A 159 -5.86 10.16 -2.31
N HIS A 160 -7.02 9.57 -2.01
CA HIS A 160 -7.34 9.21 -0.63
C HIS A 160 -6.29 8.24 -0.09
N LEU A 161 -5.84 7.34 -0.96
CA LEU A 161 -4.82 6.37 -0.60
C LEU A 161 -3.54 7.07 -0.18
N LEU A 162 -3.00 7.88 -1.09
CA LEU A 162 -1.77 8.62 -0.83
C LEU A 162 -1.86 9.44 0.45
N GLU A 163 -3.02 10.03 0.67
CA GLU A 163 -3.27 10.82 1.87
C GLU A 163 -3.21 9.96 3.13
N MET A 164 -3.79 8.76 3.05
CA MET A 164 -3.78 7.84 4.18
C MET A 164 -2.37 7.30 4.40
N ILE A 165 -1.67 7.05 3.31
CA ILE A 165 -0.27 6.64 3.34
C ILE A 165 0.55 7.65 4.14
N LEU A 166 0.47 8.91 3.73
CA LEU A 166 1.19 9.99 4.38
C LEU A 166 0.72 10.17 5.82
N LEU A 167 -0.57 10.01 6.03
CA LEU A 167 -1.15 10.12 7.36
C LEU A 167 -0.51 9.11 8.30
N VAL A 168 -0.32 7.89 7.81
CA VAL A 168 0.25 6.83 8.61
C VAL A 168 1.76 7.01 8.77
N SER A 169 2.41 7.52 7.73
CA SER A 169 3.83 7.84 7.80
C SER A 169 4.09 8.82 8.94
N GLU A 170 3.05 9.56 9.30
CA GLU A 170 3.10 10.49 10.41
C GLU A 170 2.54 9.85 11.68
N MET A 171 1.48 9.06 11.52
CA MET A 171 0.76 8.48 12.65
C MET A 171 1.36 7.14 13.09
N GLU A 172 2.50 6.78 12.49
CA GLU A 172 3.29 5.59 12.88
C GLU A 172 3.29 5.30 14.40
N GLU A 173 3.08 6.33 15.21
CA GLU A 173 2.99 6.18 16.66
C GLU A 173 1.84 5.23 17.05
N LEU A 174 0.94 4.98 16.10
CA LEU A 174 -0.21 4.09 16.31
C LEU A 174 0.22 2.78 16.98
N LYS A 175 1.23 2.15 16.42
CA LYS A 175 1.75 0.90 16.95
C LYS A 175 3.20 1.08 17.37
N ALA A 176 3.41 1.17 18.67
CA ALA A 176 4.72 1.52 19.20
C ALA A 176 5.58 0.28 19.45
N ASN A 177 6.84 0.37 19.06
CA ASN A 177 7.80 -0.69 19.34
C ASN A 177 8.89 -0.16 20.26
N PRO A 178 9.24 -0.91 21.30
CA PRO A 178 10.25 -0.50 22.28
C PRO A 178 11.68 -0.69 21.76
N GLY A 1 27.37 6.15 10.04
CA GLY A 1 26.40 5.09 9.65
C GLY A 1 25.78 5.38 8.30
N SER A 2 25.20 4.36 7.69
CA SER A 2 24.62 4.50 6.36
C SER A 2 23.23 5.10 6.41
N HIS A 3 22.65 5.11 7.62
CA HIS A 3 21.29 5.62 7.85
C HIS A 3 20.26 4.81 7.08
N MET A 4 20.47 3.50 7.01
CA MET A 4 19.52 2.61 6.35
C MET A 4 18.23 2.54 7.15
N VAL A 5 18.34 2.82 8.45
CA VAL A 5 17.19 2.87 9.34
C VAL A 5 16.36 4.12 9.08
N GLU A 6 16.92 5.02 8.28
CA GLU A 6 16.22 6.24 7.90
C GLU A 6 15.62 6.05 6.52
N ARG A 7 14.44 5.48 6.46
CA ARG A 7 13.79 5.21 5.19
C ARG A 7 12.30 5.53 5.26
N PRO A 8 11.95 6.79 5.58
CA PRO A 8 10.56 7.19 5.84
C PRO A 8 9.59 6.99 4.65
N PRO A 9 9.82 7.62 3.47
CA PRO A 9 8.86 7.62 2.38
C PRO A 9 9.06 6.49 1.37
N VAL A 10 9.49 5.33 1.84
CA VAL A 10 9.67 4.18 0.97
C VAL A 10 8.58 3.15 1.25
N VAL A 11 7.61 3.08 0.35
CA VAL A 11 6.44 2.27 0.54
C VAL A 11 6.39 1.10 -0.46
N THR A 12 6.03 -0.08 0.03
CA THR A 12 5.92 -1.26 -0.82
C THR A 12 4.45 -1.58 -1.12
N ILE A 13 4.16 -1.90 -2.38
CA ILE A 13 2.82 -2.25 -2.77
C ILE A 13 2.59 -3.75 -2.69
N MET A 14 1.58 -4.13 -1.93
CA MET A 14 1.21 -5.55 -1.78
C MET A 14 -0.10 -5.83 -2.50
N GLY A 15 -0.63 -7.05 -2.36
CA GLY A 15 -1.87 -7.38 -2.98
C GLY A 15 -1.69 -8.34 -4.14
N HIS A 16 -2.53 -9.35 -4.15
CA HIS A 16 -2.64 -10.28 -5.26
C HIS A 16 -2.64 -9.53 -6.61
N VAL A 17 -1.86 -10.07 -7.55
CA VAL A 17 -1.57 -9.41 -8.81
C VAL A 17 -2.82 -9.01 -9.61
N ASP A 18 -3.91 -9.74 -9.44
CA ASP A 18 -5.12 -9.50 -10.22
C ASP A 18 -6.01 -8.45 -9.57
N HIS A 19 -5.84 -8.23 -8.28
CA HIS A 19 -6.67 -7.28 -7.55
C HIS A 19 -6.51 -5.86 -8.10
N GLY A 20 -5.29 -5.53 -8.52
CA GLY A 20 -5.07 -4.24 -9.13
C GLY A 20 -3.65 -3.74 -8.94
N LYS A 21 -2.71 -4.36 -9.63
CA LYS A 21 -1.33 -3.90 -9.62
C LYS A 21 -1.08 -2.89 -10.72
N THR A 22 -1.04 -3.39 -11.96
CA THR A 22 -0.76 -2.56 -13.12
C THR A 22 -1.86 -1.51 -13.31
N THR A 23 -3.07 -1.86 -12.92
CA THR A 23 -4.19 -0.94 -13.01
C THR A 23 -4.09 0.15 -11.96
N LEU A 24 -3.41 -0.16 -10.86
CA LEU A 24 -3.23 0.82 -9.80
C LEU A 24 -2.10 1.75 -10.20
N LEU A 25 -0.99 1.14 -10.60
CA LEU A 25 0.20 1.86 -11.05
C LEU A 25 -0.15 2.81 -12.20
N ASP A 26 -1.03 2.37 -13.10
CA ASP A 26 -1.37 3.17 -14.27
C ASP A 26 -2.14 4.44 -13.89
N ALA A 27 -3.25 4.25 -13.19
CA ALA A 27 -4.08 5.37 -12.75
C ALA A 27 -3.29 6.30 -11.84
N ILE A 28 -2.50 5.70 -10.96
CA ILE A 28 -1.72 6.47 -10.02
C ILE A 28 -0.70 7.33 -10.76
N ARG A 29 -0.19 6.81 -11.89
CA ARG A 29 0.72 7.58 -12.75
C ARG A 29 -0.02 8.72 -13.43
N HIS A 30 -1.26 8.46 -13.77
CA HIS A 30 -2.10 9.46 -14.42
C HIS A 30 -2.60 10.48 -13.42
N SER A 31 -2.00 10.50 -12.24
CA SER A 31 -2.33 11.50 -11.24
C SER A 31 -1.44 12.72 -11.46
N LYS A 32 -0.41 12.51 -12.30
CA LYS A 32 0.36 13.57 -13.01
C LYS A 32 1.14 14.53 -12.13
N VAL A 33 0.86 14.57 -10.84
CA VAL A 33 1.54 15.48 -9.94
C VAL A 33 3.07 15.35 -10.00
N THR A 34 3.55 14.16 -10.35
CA THR A 34 5.01 13.90 -10.38
C THR A 34 5.33 12.57 -11.08
N GLU A 35 4.52 11.57 -10.81
CA GLU A 35 4.82 10.20 -11.14
C GLU A 35 5.03 9.97 -12.63
N GLN A 36 5.93 9.05 -12.91
CA GLN A 36 6.32 8.75 -14.28
C GLN A 36 6.46 7.24 -14.47
N GLU A 37 7.17 6.83 -15.51
CA GLU A 37 7.25 5.42 -15.88
C GLU A 37 8.33 4.69 -15.07
N ALA A 38 9.37 5.41 -14.67
CA ALA A 38 10.47 4.80 -13.94
C ALA A 38 10.97 5.73 -12.85
N GLY A 39 11.71 5.18 -11.88
CA GLY A 39 12.28 6.01 -10.83
C GLY A 39 11.98 5.49 -9.45
N GLY A 40 10.80 4.91 -9.29
CA GLY A 40 10.33 4.45 -7.98
C GLY A 40 11.06 3.22 -7.46
N ILE A 41 12.35 3.37 -7.23
CA ILE A 41 13.19 2.36 -6.59
C ILE A 41 14.28 3.06 -5.82
N THR A 42 15.00 3.92 -6.53
CA THR A 42 16.04 4.75 -5.95
C THR A 42 16.07 6.10 -6.66
N GLN A 43 16.75 6.15 -7.81
CA GLN A 43 16.73 7.35 -8.65
C GLN A 43 17.11 6.96 -10.09
N HIS A 44 16.76 5.73 -10.45
CA HIS A 44 17.03 5.22 -11.79
C HIS A 44 15.73 4.82 -12.51
N ILE A 45 15.40 3.55 -12.41
CA ILE A 45 14.18 3.02 -13.03
C ILE A 45 13.33 2.29 -12.00
N GLY A 46 12.13 1.90 -12.38
CA GLY A 46 11.31 1.09 -11.51
C GLY A 46 9.85 1.47 -11.56
N ALA A 47 9.47 2.45 -10.76
CA ALA A 47 8.09 2.88 -10.70
C ALA A 47 7.97 4.41 -10.74
N TYR A 48 7.77 5.04 -9.58
CA TYR A 48 7.51 6.47 -9.55
C TYR A 48 7.59 7.01 -8.11
N GLN A 49 7.39 8.32 -7.98
CA GLN A 49 7.24 8.96 -6.68
C GLN A 49 6.09 9.95 -6.75
N VAL A 50 5.20 9.92 -5.77
CA VAL A 50 4.06 10.81 -5.76
C VAL A 50 4.32 12.02 -4.88
N THR A 51 3.64 13.09 -5.21
CA THR A 51 3.80 14.34 -4.50
C THR A 51 2.44 14.93 -4.14
N VAL A 52 1.91 14.44 -3.04
CA VAL A 52 0.72 15.00 -2.42
C VAL A 52 1.12 15.52 -1.06
N ASN A 53 0.90 16.82 -0.83
CA ASN A 53 1.39 17.51 0.38
C ASN A 53 2.89 17.73 0.28
N ASP A 54 3.44 17.06 -0.72
CA ASP A 54 4.85 17.15 -1.10
C ASP A 54 5.71 16.31 -0.16
N LYS A 55 5.20 15.12 0.15
CA LYS A 55 5.91 14.17 0.99
C LYS A 55 6.94 13.41 0.17
N LYS A 56 6.71 13.37 -1.15
CA LYS A 56 7.57 12.63 -2.08
C LYS A 56 7.68 11.16 -1.68
N ILE A 57 6.61 10.43 -1.90
CA ILE A 57 6.52 9.03 -1.52
C ILE A 57 7.04 8.12 -2.63
N THR A 58 8.03 7.30 -2.31
CA THR A 58 8.57 6.34 -3.26
C THR A 58 7.72 5.07 -3.24
N PHE A 59 7.22 4.66 -4.39
CA PHE A 59 6.39 3.47 -4.47
C PHE A 59 7.14 2.33 -5.14
N LEU A 60 7.32 1.25 -4.40
CA LEU A 60 8.02 0.07 -4.92
C LEU A 60 7.06 -0.84 -5.65
N ASP A 61 7.32 -1.05 -6.93
CA ASP A 61 6.46 -1.88 -7.78
C ASP A 61 6.79 -3.36 -7.59
N THR A 62 5.77 -4.18 -7.48
CA THR A 62 5.96 -5.61 -7.27
C THR A 62 5.21 -6.43 -8.32
N PRO A 63 5.76 -6.53 -9.54
CA PRO A 63 5.14 -7.31 -10.62
C PRO A 63 5.24 -8.81 -10.39
N GLY A 64 6.22 -9.21 -9.59
CA GLY A 64 6.41 -10.62 -9.30
C GLY A 64 7.25 -10.84 -8.05
N HIS A 65 6.76 -10.37 -6.91
CA HIS A 65 7.44 -10.56 -5.63
C HIS A 65 6.43 -10.66 -4.49
N GLU A 66 6.67 -11.59 -3.59
CA GLU A 66 5.81 -11.77 -2.42
C GLU A 66 6.57 -11.44 -1.15
N ALA A 67 7.87 -11.68 -1.16
CA ALA A 67 8.73 -11.34 -0.04
C ALA A 67 9.05 -9.85 -0.05
N PHE A 68 8.00 -9.04 0.07
CA PHE A 68 8.10 -7.58 -0.02
C PHE A 68 8.61 -7.15 -1.39
N THR A 69 9.89 -6.85 -1.49
CA THR A 69 10.49 -6.44 -2.74
C THR A 69 11.81 -7.17 -2.98
N THR A 70 12.88 -6.65 -2.37
CA THR A 70 14.19 -7.26 -2.50
C THR A 70 14.61 -7.84 -1.15
N MET A 71 13.62 -8.11 -0.31
CA MET A 71 13.85 -8.64 1.02
C MET A 71 14.12 -10.14 0.95
N ARG A 72 15.25 -10.51 0.38
CA ARG A 72 15.61 -11.91 0.25
C ARG A 72 16.41 -12.38 1.46
N ALA A 73 17.43 -11.62 1.84
CA ALA A 73 18.25 -11.99 2.98
C ALA A 73 18.29 -10.88 4.02
N ARG A 74 19.07 -9.84 3.76
CA ARG A 74 19.28 -8.78 4.74
C ARG A 74 18.34 -7.61 4.49
N GLY A 75 17.19 -7.90 3.89
CA GLY A 75 16.20 -6.88 3.64
C GLY A 75 16.46 -6.09 2.37
N ALA A 76 17.66 -5.52 2.28
CA ALA A 76 18.10 -4.71 1.12
C ALA A 76 17.35 -3.38 1.03
N GLN A 77 16.03 -3.46 0.88
CA GLN A 77 15.22 -2.27 0.75
C GLN A 77 14.35 -2.10 1.99
N VAL A 78 14.77 -1.21 2.88
CA VAL A 78 14.05 -0.95 4.11
C VAL A 78 12.70 -0.30 3.82
N THR A 79 11.65 -0.88 4.38
CA THR A 79 10.30 -0.39 4.16
C THR A 79 9.35 -0.98 5.20
N ASP A 80 8.53 -0.13 5.80
CA ASP A 80 7.61 -0.56 6.85
C ASP A 80 6.18 -0.15 6.52
N ILE A 81 5.90 0.03 5.24
CA ILE A 81 4.57 0.39 4.79
C ILE A 81 4.10 -0.56 3.70
N VAL A 82 3.02 -1.29 3.98
CA VAL A 82 2.50 -2.27 3.05
C VAL A 82 1.14 -1.86 2.51
N ILE A 83 1.06 -1.56 1.22
CA ILE A 83 -0.23 -1.24 0.62
C ILE A 83 -0.84 -2.47 0.00
N LEU A 84 -1.75 -3.08 0.69
CA LEU A 84 -2.34 -4.30 0.21
C LEU A 84 -3.53 -4.02 -0.70
N VAL A 85 -3.41 -4.33 -1.98
CA VAL A 85 -4.50 -4.12 -2.91
C VAL A 85 -5.52 -5.26 -2.82
N VAL A 86 -6.79 -4.90 -2.93
CA VAL A 86 -7.90 -5.82 -2.90
C VAL A 86 -8.85 -5.44 -4.05
N ALA A 87 -9.89 -6.20 -4.28
CA ALA A 87 -10.81 -5.91 -5.37
C ALA A 87 -12.25 -6.32 -5.04
N ALA A 88 -13.12 -5.31 -4.95
CA ALA A 88 -14.57 -5.47 -4.81
C ALA A 88 -14.97 -6.61 -3.86
N ASP A 89 -15.26 -7.77 -4.43
CA ASP A 89 -15.85 -8.89 -3.70
C ASP A 89 -14.84 -10.01 -3.50
N ASP A 90 -13.65 -9.86 -4.05
CA ASP A 90 -12.66 -10.91 -3.98
C ASP A 90 -12.13 -11.06 -2.56
N GLY A 91 -11.83 -9.92 -1.95
CA GLY A 91 -11.30 -9.93 -0.60
C GLY A 91 -9.81 -10.21 -0.58
N VAL A 92 -9.45 -11.38 -0.09
CA VAL A 92 -8.06 -11.72 0.10
C VAL A 92 -7.71 -13.03 -0.62
N MET A 93 -6.93 -12.91 -1.69
CA MET A 93 -6.40 -14.08 -2.39
C MET A 93 -5.18 -14.64 -1.66
N PRO A 94 -4.69 -15.83 -2.04
CA PRO A 94 -3.48 -16.41 -1.43
C PRO A 94 -2.32 -15.41 -1.35
N GLN A 95 -2.03 -14.76 -2.48
CA GLN A 95 -0.97 -13.75 -2.54
C GLN A 95 -1.23 -12.64 -1.53
N THR A 96 -2.50 -12.28 -1.35
CA THR A 96 -2.88 -11.25 -0.41
C THR A 96 -2.54 -11.66 1.03
N VAL A 97 -2.48 -12.97 1.28
CA VAL A 97 -2.20 -13.49 2.60
C VAL A 97 -0.71 -13.60 2.88
N GLU A 98 0.02 -14.31 2.02
CA GLU A 98 1.45 -14.54 2.22
C GLU A 98 2.21 -13.22 2.26
N ALA A 99 1.61 -12.18 1.70
CA ALA A 99 2.23 -10.88 1.66
C ALA A 99 2.01 -10.15 2.98
N ILE A 100 0.86 -10.38 3.57
CA ILE A 100 0.50 -9.82 4.86
C ILE A 100 1.19 -10.57 5.99
N ASN A 101 1.16 -11.89 5.89
CA ASN A 101 1.91 -12.77 6.78
C ASN A 101 3.39 -12.41 6.78
N HIS A 102 3.90 -12.05 5.60
CA HIS A 102 5.29 -11.62 5.48
C HIS A 102 5.46 -10.18 5.92
N ALA A 103 4.38 -9.41 5.84
CA ALA A 103 4.46 -7.99 6.13
C ALA A 103 4.31 -7.69 7.62
N LYS A 104 3.18 -8.08 8.18
CA LYS A 104 2.77 -7.63 9.50
C LYS A 104 3.66 -8.21 10.60
N ALA A 105 4.40 -9.26 10.27
CA ALA A 105 5.24 -9.92 11.25
C ALA A 105 6.56 -9.19 11.47
N ALA A 106 6.71 -8.04 10.83
CA ALA A 106 7.87 -7.20 11.02
C ALA A 106 7.46 -5.99 11.85
N ASN A 107 6.23 -6.05 12.34
CA ASN A 107 5.65 -5.02 13.20
C ASN A 107 5.26 -3.80 12.37
N VAL A 108 4.91 -4.06 11.13
CA VAL A 108 4.49 -3.02 10.21
C VAL A 108 3.00 -3.09 9.96
N PRO A 109 2.37 -1.92 9.77
CA PRO A 109 0.96 -1.81 9.38
C PRO A 109 0.73 -2.12 7.91
N ILE A 110 -0.50 -2.48 7.60
CA ILE A 110 -0.88 -2.82 6.24
C ILE A 110 -2.04 -1.94 5.80
N ILE A 111 -2.16 -1.74 4.50
CA ILE A 111 -3.17 -0.90 3.94
C ILE A 111 -4.04 -1.74 3.04
N VAL A 112 -5.26 -1.32 2.81
CA VAL A 112 -6.10 -2.00 1.89
C VAL A 112 -6.52 -1.07 0.78
N ALA A 113 -6.43 -1.55 -0.42
CA ALA A 113 -6.88 -0.80 -1.56
C ALA A 113 -7.95 -1.60 -2.25
N ILE A 114 -9.17 -1.40 -1.80
CA ILE A 114 -10.32 -2.03 -2.41
C ILE A 114 -10.53 -1.49 -3.82
N ASN A 115 -10.00 -2.20 -4.81
CA ASN A 115 -10.07 -1.78 -6.20
C ASN A 115 -11.30 -2.39 -6.85
N LYS A 116 -11.65 -1.92 -8.06
CA LYS A 116 -12.84 -2.41 -8.76
C LYS A 116 -14.09 -2.16 -7.91
N MET A 117 -13.98 -1.15 -7.05
CA MET A 117 -15.04 -0.78 -6.14
C MET A 117 -15.90 0.34 -6.73
N ASP A 118 -15.56 0.73 -7.95
CA ASP A 118 -16.36 1.66 -8.76
C ASP A 118 -17.72 1.04 -9.14
N LYS A 119 -18.33 0.39 -8.18
CA LYS A 119 -19.63 -0.22 -8.28
C LYS A 119 -20.46 0.36 -7.14
N PRO A 120 -21.71 -0.10 -6.92
CA PRO A 120 -22.43 0.28 -5.69
C PRO A 120 -21.61 -0.11 -4.46
N GLU A 121 -21.21 -1.39 -4.45
CA GLU A 121 -20.37 -2.00 -3.44
C GLU A 121 -20.60 -3.49 -3.49
N ALA A 122 -19.53 -4.23 -3.48
CA ALA A 122 -19.62 -5.66 -3.27
C ALA A 122 -20.05 -5.92 -1.83
N ASN A 123 -19.12 -5.69 -0.92
CA ASN A 123 -19.42 -5.70 0.52
C ASN A 123 -18.13 -5.46 1.31
N PRO A 124 -17.72 -4.18 1.43
CA PRO A 124 -16.57 -3.78 2.24
C PRO A 124 -16.42 -4.54 3.56
N ASP A 125 -17.42 -4.43 4.44
CA ASP A 125 -17.38 -5.06 5.77
C ASP A 125 -16.95 -6.52 5.73
N ARG A 126 -17.56 -7.30 4.85
CA ARG A 126 -17.16 -8.70 4.68
C ARG A 126 -15.67 -8.77 4.39
N VAL A 127 -15.28 -8.06 3.35
CA VAL A 127 -13.88 -8.01 2.92
C VAL A 127 -12.98 -7.51 4.06
N MET A 128 -13.46 -6.51 4.77
CA MET A 128 -12.70 -5.91 5.87
C MET A 128 -12.53 -6.90 7.02
N GLN A 129 -13.53 -7.76 7.22
CA GLN A 129 -13.46 -8.76 8.27
C GLN A 129 -12.55 -9.90 7.87
N GLU A 130 -12.37 -10.10 6.57
CA GLU A 130 -11.36 -11.03 6.08
C GLU A 130 -9.99 -10.53 6.50
N LEU A 131 -9.81 -9.23 6.42
CA LEU A 131 -8.52 -8.64 6.75
C LEU A 131 -8.26 -8.77 8.22
N MET A 132 -9.25 -8.44 9.01
CA MET A 132 -9.13 -8.53 10.44
C MET A 132 -9.17 -9.99 10.88
N GLU A 133 -9.41 -10.89 9.92
CA GLU A 133 -9.30 -12.32 10.17
C GLU A 133 -7.82 -12.68 10.17
N TYR A 134 -7.01 -11.93 9.43
CA TYR A 134 -5.57 -12.04 9.53
C TYR A 134 -5.05 -11.07 10.59
N ASN A 135 -6.02 -10.54 11.36
CA ASN A 135 -5.77 -9.60 12.45
C ASN A 135 -5.30 -8.28 11.87
N LEU A 136 -5.89 -7.93 10.75
CA LEU A 136 -5.71 -6.63 10.18
C LEU A 136 -6.96 -5.81 10.40
N VAL A 137 -7.16 -5.42 11.65
CA VAL A 137 -8.31 -4.62 12.01
C VAL A 137 -8.19 -3.25 11.40
N PRO A 138 -9.16 -2.86 10.58
CA PRO A 138 -9.24 -1.54 9.99
C PRO A 138 -9.05 -0.43 11.01
N GLU A 139 -8.65 0.72 10.52
CA GLU A 139 -8.48 1.90 11.34
C GLU A 139 -9.84 2.52 11.58
N GLU A 140 -10.75 2.19 10.67
CA GLU A 140 -12.17 2.32 10.91
C GLU A 140 -12.52 1.76 12.26
N TRP A 141 -12.02 0.57 12.48
CA TRP A 141 -12.45 -0.25 13.58
C TRP A 141 -11.52 -0.10 14.79
N GLY A 142 -10.25 0.19 14.53
CA GLY A 142 -9.33 0.53 15.60
C GLY A 142 -8.16 -0.41 15.70
N GLY A 143 -7.86 -1.08 14.60
CA GLY A 143 -6.73 -1.98 14.58
C GLY A 143 -5.46 -1.33 14.05
N ASP A 144 -5.00 -1.81 12.91
CA ASP A 144 -3.78 -1.31 12.32
C ASP A 144 -3.79 -1.45 10.80
N THR A 145 -4.96 -1.33 10.21
CA THR A 145 -5.07 -1.49 8.76
C THR A 145 -5.94 -0.40 8.14
N ILE A 146 -5.38 0.33 7.18
CA ILE A 146 -6.08 1.45 6.57
C ILE A 146 -6.83 0.99 5.31
N PHE A 147 -8.15 0.94 5.40
CA PHE A 147 -8.97 0.52 4.27
C PHE A 147 -9.27 1.70 3.36
N CYS A 148 -9.13 1.46 2.07
CA CYS A 148 -9.46 2.45 1.06
C CYS A 148 -10.33 1.83 -0.02
N LYS A 149 -11.61 2.18 -0.04
CA LYS A 149 -12.50 1.70 -1.09
C LYS A 149 -12.40 2.62 -2.30
N LEU A 150 -11.45 2.34 -3.16
CA LEU A 150 -11.09 3.24 -4.23
C LEU A 150 -11.62 2.78 -5.57
N SER A 151 -11.11 3.41 -6.59
CA SER A 151 -11.44 3.10 -7.95
C SER A 151 -10.37 3.67 -8.88
N ALA A 152 -9.66 2.80 -9.58
CA ALA A 152 -8.62 3.24 -10.50
C ALA A 152 -9.21 3.84 -11.78
N LYS A 153 -10.54 3.85 -11.84
CA LYS A 153 -11.26 4.42 -12.96
C LYS A 153 -11.39 5.91 -12.76
N THR A 154 -11.96 6.27 -11.62
CA THR A 154 -12.26 7.65 -11.31
C THR A 154 -11.20 8.27 -10.41
N LYS A 155 -10.44 7.40 -9.73
CA LYS A 155 -9.32 7.77 -8.86
C LYS A 155 -9.79 8.42 -7.56
N GLU A 156 -11.06 8.21 -7.23
CA GLU A 156 -11.65 8.75 -6.00
C GLU A 156 -10.83 8.32 -4.78
N GLY A 157 -10.92 7.05 -4.46
CA GLY A 157 -10.20 6.51 -3.34
C GLY A 157 -8.72 6.34 -3.61
N LEU A 158 -8.30 6.55 -4.85
CA LEU A 158 -6.91 6.39 -5.22
C LEU A 158 -6.09 7.52 -4.64
N ASP A 159 -6.53 8.75 -4.89
CA ASP A 159 -5.89 9.91 -4.29
C ASP A 159 -6.10 9.90 -2.79
N HIS A 160 -7.24 9.32 -2.37
CA HIS A 160 -7.54 9.13 -0.95
C HIS A 160 -6.57 8.14 -0.32
N LEU A 161 -6.02 7.24 -1.14
CA LEU A 161 -5.05 6.27 -0.64
C LEU A 161 -3.76 6.98 -0.24
N LEU A 162 -3.29 7.86 -1.10
CA LEU A 162 -2.08 8.62 -0.88
C LEU A 162 -2.17 9.44 0.41
N GLU A 163 -3.34 10.02 0.66
CA GLU A 163 -3.53 10.85 1.84
C GLU A 163 -3.54 10.00 3.11
N MET A 164 -4.04 8.77 2.99
CA MET A 164 -4.05 7.84 4.12
C MET A 164 -2.62 7.39 4.42
N ILE A 165 -1.86 7.19 3.36
CA ILE A 165 -0.47 6.81 3.45
C ILE A 165 0.33 7.79 4.29
N LEU A 166 0.26 9.07 3.94
CA LEU A 166 0.99 10.10 4.66
C LEU A 166 0.40 10.35 6.03
N LEU A 167 -0.92 10.24 6.12
CA LEU A 167 -1.64 10.42 7.37
C LEU A 167 -1.05 9.53 8.47
N VAL A 168 -0.55 8.38 8.06
CA VAL A 168 0.00 7.42 8.99
C VAL A 168 1.40 7.86 9.43
N SER A 169 2.15 8.43 8.50
CA SER A 169 3.46 8.97 8.80
C SER A 169 3.33 10.16 9.76
N GLU A 170 2.24 10.90 9.63
CA GLU A 170 1.97 12.03 10.51
C GLU A 170 1.26 11.56 11.79
N MET A 171 0.86 10.30 11.79
CA MET A 171 0.12 9.74 12.91
C MET A 171 1.07 9.16 13.96
N GLU A 172 1.80 8.14 13.54
CA GLU A 172 2.64 7.31 14.44
C GLU A 172 3.34 8.11 15.54
N GLU A 173 4.22 9.03 15.17
CA GLU A 173 5.09 9.68 16.14
C GLU A 173 4.45 10.95 16.72
N LEU A 174 3.23 11.25 16.32
CA LEU A 174 2.49 12.39 16.86
C LEU A 174 1.45 11.89 17.85
N LYS A 175 0.51 11.12 17.32
CA LYS A 175 -0.62 10.55 18.07
C LYS A 175 -1.64 10.03 17.08
N ALA A 176 -2.19 10.98 16.32
CA ALA A 176 -3.14 10.70 15.26
C ALA A 176 -3.17 11.90 14.33
N ASN A 177 -4.13 11.96 13.43
CA ASN A 177 -4.27 13.12 12.55
C ASN A 177 -5.69 13.22 12.03
N PRO A 178 -6.54 13.97 12.75
CA PRO A 178 -7.91 14.21 12.36
C PRO A 178 -8.06 15.48 11.54
N GLY A 1 7.94 -14.20 -10.94
CA GLY A 1 8.28 -15.10 -9.82
C GLY A 1 8.70 -14.34 -8.58
N SER A 2 9.19 -15.05 -7.59
CA SER A 2 9.53 -14.44 -6.31
C SER A 2 10.99 -13.95 -6.30
N HIS A 3 11.72 -14.21 -7.37
CA HIS A 3 13.13 -13.82 -7.41
C HIS A 3 13.33 -12.45 -8.06
N MET A 4 12.25 -11.69 -8.18
CA MET A 4 12.32 -10.32 -8.65
C MET A 4 12.61 -9.40 -7.47
N VAL A 5 13.81 -8.85 -7.43
CA VAL A 5 14.22 -8.03 -6.30
C VAL A 5 13.84 -6.57 -6.47
N GLU A 6 13.30 -6.01 -5.41
CA GLU A 6 12.97 -4.59 -5.34
C GLU A 6 13.13 -4.14 -3.90
N ARG A 7 13.55 -2.90 -3.71
CA ARG A 7 13.87 -2.41 -2.38
C ARG A 7 12.74 -1.61 -1.79
N PRO A 8 12.36 -1.91 -0.54
CA PRO A 8 11.38 -1.14 0.22
C PRO A 8 11.96 0.17 0.75
N PRO A 9 11.52 1.31 0.21
CA PRO A 9 11.99 2.63 0.62
C PRO A 9 11.08 3.30 1.66
N VAL A 10 9.81 3.45 1.33
CA VAL A 10 8.85 4.08 2.22
C VAL A 10 7.57 3.26 2.28
N VAL A 11 6.94 3.05 1.14
CA VAL A 11 5.81 2.16 1.05
C VAL A 11 6.04 1.10 -0.04
N THR A 12 5.46 -0.08 0.14
CA THR A 12 5.64 -1.20 -0.77
C THR A 12 4.28 -1.79 -1.20
N ILE A 13 4.13 -2.06 -2.51
CA ILE A 13 2.88 -2.59 -3.06
C ILE A 13 2.78 -4.11 -2.86
N MET A 14 1.65 -4.56 -2.32
CA MET A 14 1.41 -5.98 -2.07
C MET A 14 -0.02 -6.38 -2.45
N GLY A 15 -0.22 -7.67 -2.72
CA GLY A 15 -1.56 -8.21 -2.85
C GLY A 15 -1.58 -9.39 -3.77
N HIS A 16 -2.19 -9.18 -4.91
CA HIS A 16 -2.31 -10.20 -5.93
C HIS A 16 -2.53 -9.54 -7.29
N VAL A 17 -1.85 -10.04 -8.32
CA VAL A 17 -1.82 -9.39 -9.62
C VAL A 17 -3.22 -9.02 -10.15
N ASP A 18 -4.16 -9.96 -10.10
CA ASP A 18 -5.46 -9.79 -10.76
C ASP A 18 -6.28 -8.65 -10.15
N HIS A 19 -6.06 -8.37 -8.87
CA HIS A 19 -6.78 -7.30 -8.20
C HIS A 19 -6.46 -5.95 -8.83
N GLY A 20 -5.32 -5.90 -9.51
CA GLY A 20 -4.93 -4.70 -10.21
C GLY A 20 -3.84 -3.94 -9.50
N LYS A 21 -2.85 -4.66 -8.99
CA LYS A 21 -1.76 -4.02 -8.28
C LYS A 21 -0.73 -3.48 -9.27
N THR A 22 -0.73 -4.04 -10.46
CA THR A 22 0.11 -3.55 -11.54
C THR A 22 -0.60 -2.36 -12.17
N THR A 23 -1.92 -2.51 -12.31
CA THR A 23 -2.78 -1.44 -12.78
C THR A 23 -2.74 -0.26 -11.81
N LEU A 24 -2.59 -0.57 -10.52
CA LEU A 24 -2.49 0.47 -9.50
C LEU A 24 -1.32 1.40 -9.80
N LEU A 25 -0.12 0.84 -9.95
CA LEU A 25 1.08 1.63 -10.23
C LEU A 25 0.95 2.31 -11.58
N ASP A 26 0.34 1.62 -12.53
CA ASP A 26 0.11 2.17 -13.87
C ASP A 26 -0.82 3.38 -13.82
N ALA A 27 -1.99 3.20 -13.22
CA ALA A 27 -2.99 4.25 -13.14
C ALA A 27 -2.53 5.37 -12.23
N ILE A 28 -1.75 5.03 -11.21
CA ILE A 28 -1.26 5.98 -10.24
C ILE A 28 -0.29 6.96 -10.89
N ARG A 29 0.49 6.48 -11.87
CA ARG A 29 1.42 7.35 -12.58
C ARG A 29 0.66 8.26 -13.53
N HIS A 30 -0.50 7.78 -13.98
CA HIS A 30 -1.36 8.58 -14.83
C HIS A 30 -2.25 9.47 -13.97
N SER A 31 -1.99 9.43 -12.68
CA SER A 31 -2.56 10.39 -11.74
C SER A 31 -1.40 11.18 -11.17
N LYS A 32 -0.46 11.46 -12.06
CA LYS A 32 0.87 11.95 -11.72
C LYS A 32 0.86 13.20 -10.86
N VAL A 33 1.90 13.32 -10.05
CA VAL A 33 2.13 14.50 -9.24
C VAL A 33 3.62 14.88 -9.28
N THR A 34 4.49 13.88 -9.49
CA THR A 34 5.94 14.11 -9.40
C THR A 34 6.77 13.03 -10.13
N GLU A 35 6.19 11.85 -10.34
CA GLU A 35 6.90 10.71 -10.91
C GLU A 35 7.67 11.05 -12.19
N GLN A 36 8.74 10.30 -12.42
CA GLN A 36 9.62 10.51 -13.55
C GLN A 36 9.77 9.23 -14.38
N GLU A 37 9.65 8.08 -13.71
CA GLU A 37 9.85 6.80 -14.35
C GLU A 37 8.57 5.96 -14.32
N ALA A 38 8.72 4.68 -14.61
CA ALA A 38 7.57 3.79 -14.71
C ALA A 38 7.89 2.45 -14.07
N GLY A 39 7.62 2.34 -12.77
CA GLY A 39 7.84 1.10 -12.06
C GLY A 39 6.89 0.01 -12.50
N GLY A 40 7.36 -1.22 -12.52
CA GLY A 40 6.53 -2.33 -12.93
C GLY A 40 7.33 -3.58 -13.21
N ILE A 41 7.31 -4.02 -14.47
CA ILE A 41 7.98 -5.24 -14.86
C ILE A 41 9.47 -4.99 -15.11
N THR A 42 9.81 -3.76 -15.48
CA THR A 42 11.18 -3.39 -15.76
C THR A 42 11.88 -2.91 -14.49
N GLN A 43 12.54 -3.82 -13.78
CA GLN A 43 13.23 -3.47 -12.54
C GLN A 43 14.56 -2.77 -12.83
N HIS A 44 14.46 -1.61 -13.47
CA HIS A 44 15.62 -0.75 -13.74
C HIS A 44 15.28 0.67 -13.36
N ILE A 45 14.27 0.80 -12.52
CA ILE A 45 13.69 2.10 -12.19
C ILE A 45 13.64 2.32 -10.70
N GLY A 46 13.15 3.49 -10.32
CA GLY A 46 12.85 3.75 -8.93
C GLY A 46 11.37 3.90 -8.73
N ALA A 47 10.62 3.17 -9.57
CA ALA A 47 9.16 3.24 -9.63
C ALA A 47 8.68 4.67 -9.75
N TYR A 48 8.38 5.32 -8.62
CA TYR A 48 8.04 6.71 -8.62
C TYR A 48 7.98 7.23 -7.19
N GLN A 49 8.16 8.53 -7.02
CA GLN A 49 8.10 9.14 -5.71
C GLN A 49 7.10 10.28 -5.74
N VAL A 50 6.07 10.14 -4.93
CA VAL A 50 4.94 11.05 -4.97
C VAL A 50 5.10 12.21 -4.01
N THR A 51 4.97 13.41 -4.53
CA THR A 51 4.91 14.58 -3.70
C THR A 51 3.49 14.77 -3.23
N VAL A 52 3.15 14.04 -2.20
CA VAL A 52 1.89 14.26 -1.52
C VAL A 52 2.18 15.13 -0.33
N ASN A 53 1.73 16.37 -0.42
CA ASN A 53 2.02 17.40 0.57
C ASN A 53 3.50 17.81 0.56
N ASP A 54 4.37 16.82 0.68
CA ASP A 54 5.79 17.05 0.85
C ASP A 54 6.69 16.22 -0.08
N LYS A 55 6.15 15.09 -0.52
CA LYS A 55 6.95 14.04 -1.22
C LYS A 55 7.71 13.22 -0.19
N LYS A 56 6.98 12.73 0.79
CA LYS A 56 7.57 11.92 1.85
C LYS A 56 7.28 10.44 1.62
N ILE A 57 6.64 10.15 0.49
CA ILE A 57 6.25 8.79 0.17
C ILE A 57 6.92 8.31 -1.12
N THR A 58 7.58 7.18 -1.04
CA THR A 58 8.17 6.54 -2.20
C THR A 58 7.56 5.16 -2.38
N PHE A 59 7.11 4.83 -3.60
CA PHE A 59 6.46 3.55 -3.82
C PHE A 59 7.43 2.62 -4.53
N LEU A 60 8.22 1.86 -3.74
CA LEU A 60 9.33 1.05 -4.28
C LEU A 60 10.39 1.95 -4.93
N ASP A 61 11.67 1.56 -4.81
CA ASP A 61 12.76 2.39 -5.35
C ASP A 61 14.11 1.69 -5.29
N THR A 62 14.64 1.41 -6.48
CA THR A 62 16.02 0.95 -6.66
C THR A 62 16.22 -0.48 -6.13
N PRO A 63 16.02 -1.47 -7.01
CA PRO A 63 16.17 -2.89 -6.67
C PRO A 63 17.54 -3.22 -6.09
N GLY A 64 17.58 -4.13 -5.13
CA GLY A 64 18.83 -4.53 -4.53
C GLY A 64 18.63 -5.42 -3.32
N HIS A 65 18.82 -4.85 -2.13
CA HIS A 65 18.64 -5.59 -0.89
C HIS A 65 17.16 -5.95 -0.70
N GLU A 66 16.88 -7.24 -0.61
CA GLU A 66 15.51 -7.72 -0.56
C GLU A 66 14.95 -7.68 0.86
N ALA A 67 13.68 -8.01 0.98
CA ALA A 67 12.99 -8.03 2.27
C ALA A 67 11.65 -8.75 2.17
N PHE A 68 10.93 -8.48 1.09
CA PHE A 68 9.60 -9.04 0.92
C PHE A 68 9.57 -10.10 -0.19
N THR A 69 10.72 -10.68 -0.47
CA THR A 69 10.81 -11.72 -1.48
C THR A 69 11.20 -13.06 -0.85
N THR A 70 10.30 -13.62 -0.05
CA THR A 70 10.53 -14.90 0.65
C THR A 70 11.54 -14.75 1.81
N MET A 71 12.34 -13.68 1.76
CA MET A 71 13.36 -13.41 2.78
C MET A 71 14.51 -14.40 2.67
N ARG A 72 15.15 -14.40 1.51
CA ARG A 72 16.32 -15.23 1.28
C ARG A 72 17.51 -14.61 1.97
N ALA A 73 17.45 -13.28 2.10
CA ALA A 73 18.41 -12.53 2.86
C ALA A 73 17.69 -11.79 3.97
N ARG A 74 17.58 -12.43 5.13
CA ARG A 74 16.86 -11.89 6.27
C ARG A 74 17.54 -10.62 6.81
N GLY A 75 17.10 -9.48 6.32
CA GLY A 75 17.61 -8.20 6.78
C GLY A 75 16.66 -7.07 6.49
N ALA A 76 15.40 -7.24 6.88
CA ALA A 76 14.36 -6.28 6.58
C ALA A 76 14.31 -5.18 7.65
N GLN A 77 15.39 -4.44 7.77
CA GLN A 77 15.46 -3.33 8.72
C GLN A 77 14.80 -2.09 8.15
N VAL A 78 13.49 -2.19 7.93
CA VAL A 78 12.73 -1.09 7.35
C VAL A 78 11.46 -0.83 8.17
N THR A 79 10.67 0.12 7.71
CA THR A 79 9.39 0.44 8.34
C THR A 79 8.38 0.80 7.26
N ASP A 80 8.46 0.05 6.16
CA ASP A 80 7.68 0.33 4.96
C ASP A 80 6.19 0.21 5.19
N ILE A 81 5.45 1.02 4.44
CA ILE A 81 4.00 0.96 4.44
C ILE A 81 3.53 -0.01 3.37
N VAL A 82 3.02 -1.14 3.80
CA VAL A 82 2.60 -2.18 2.88
C VAL A 82 1.21 -1.89 2.33
N ILE A 83 1.15 -1.53 1.06
CA ILE A 83 -0.12 -1.28 0.42
C ILE A 83 -0.67 -2.59 -0.10
N LEU A 84 -1.64 -3.12 0.62
CA LEU A 84 -2.19 -4.42 0.28
C LEU A 84 -3.45 -4.25 -0.59
N VAL A 85 -3.34 -4.65 -1.84
CA VAL A 85 -4.43 -4.47 -2.80
C VAL A 85 -5.42 -5.64 -2.75
N VAL A 86 -6.70 -5.30 -2.73
CA VAL A 86 -7.78 -6.26 -2.81
C VAL A 86 -8.82 -5.74 -3.79
N ALA A 87 -10.00 -6.34 -3.81
CA ALA A 87 -11.05 -5.87 -4.70
C ALA A 87 -12.41 -5.90 -4.03
N ALA A 88 -13.22 -4.89 -4.34
CA ALA A 88 -14.58 -4.70 -3.80
C ALA A 88 -15.30 -6.01 -3.55
N ASP A 89 -15.41 -6.84 -4.59
CA ASP A 89 -16.20 -8.04 -4.53
C ASP A 89 -15.34 -9.30 -4.52
N ASP A 90 -14.05 -9.15 -4.26
CA ASP A 90 -13.14 -10.30 -4.25
C ASP A 90 -12.65 -10.62 -2.85
N GLY A 91 -12.30 -9.56 -2.13
CA GLY A 91 -11.72 -9.73 -0.81
C GLY A 91 -10.27 -10.15 -0.88
N VAL A 92 -9.89 -11.06 0.00
CA VAL A 92 -8.53 -11.53 0.11
C VAL A 92 -8.32 -12.83 -0.67
N MET A 93 -7.51 -12.78 -1.71
CA MET A 93 -7.08 -13.98 -2.42
C MET A 93 -5.89 -14.61 -1.70
N PRO A 94 -5.50 -15.85 -2.09
CA PRO A 94 -4.34 -16.54 -1.49
C PRO A 94 -3.11 -15.65 -1.34
N GLN A 95 -2.74 -14.98 -2.42
CA GLN A 95 -1.53 -14.17 -2.42
C GLN A 95 -1.71 -12.89 -1.61
N THR A 96 -2.96 -12.48 -1.41
CA THR A 96 -3.27 -11.34 -0.57
C THR A 96 -2.79 -11.60 0.86
N VAL A 97 -2.76 -12.87 1.25
CA VAL A 97 -2.35 -13.27 2.58
C VAL A 97 -0.84 -13.41 2.68
N GLU A 98 -0.24 -14.07 1.70
CA GLU A 98 1.19 -14.36 1.71
C GLU A 98 2.00 -13.07 1.79
N ALA A 99 1.38 -11.98 1.36
CA ALA A 99 2.05 -10.70 1.33
C ALA A 99 1.90 -9.99 2.67
N ILE A 100 0.76 -10.26 3.31
CA ILE A 100 0.44 -9.65 4.59
C ILE A 100 1.14 -10.36 5.74
N ASN A 101 1.00 -11.67 5.79
CA ASN A 101 1.76 -12.51 6.71
C ASN A 101 3.24 -12.17 6.66
N HIS A 102 3.72 -11.92 5.44
CA HIS A 102 5.12 -11.58 5.23
C HIS A 102 5.39 -10.13 5.63
N ALA A 103 4.38 -9.28 5.48
CA ALA A 103 4.57 -7.85 5.70
C ALA A 103 4.52 -7.50 7.17
N LYS A 104 3.43 -7.85 7.83
CA LYS A 104 3.14 -7.37 9.16
C LYS A 104 4.05 -8.02 10.20
N ALA A 105 4.69 -9.12 9.83
CA ALA A 105 5.57 -9.83 10.75
C ALA A 105 6.94 -9.18 10.81
N ALA A 106 7.13 -8.12 10.03
CA ALA A 106 8.34 -7.34 10.07
C ALA A 106 8.10 -6.08 10.88
N ASN A 107 6.97 -6.10 11.60
CA ASN A 107 6.59 -5.01 12.51
C ASN A 107 6.13 -3.78 11.73
N VAL A 108 5.60 -4.00 10.53
CA VAL A 108 5.15 -2.91 9.71
C VAL A 108 3.62 -2.90 9.62
N PRO A 109 3.05 -1.71 9.39
CA PRO A 109 1.62 -1.54 9.09
C PRO A 109 1.23 -2.00 7.69
N ILE A 110 -0.06 -2.19 7.49
CA ILE A 110 -0.57 -2.68 6.21
C ILE A 110 -1.76 -1.84 5.75
N ILE A 111 -1.92 -1.69 4.43
CA ILE A 111 -3.03 -0.96 3.86
C ILE A 111 -3.91 -1.92 3.12
N VAL A 112 -5.10 -1.49 2.82
CA VAL A 112 -5.96 -2.19 1.95
C VAL A 112 -6.36 -1.28 0.83
N ALA A 113 -6.20 -1.76 -0.37
CA ALA A 113 -6.60 -1.04 -1.52
C ALA A 113 -7.69 -1.82 -2.19
N ILE A 114 -8.90 -1.56 -1.75
CA ILE A 114 -10.07 -2.15 -2.32
C ILE A 114 -10.31 -1.59 -3.72
N ASN A 115 -9.87 -2.32 -4.74
CA ASN A 115 -9.98 -1.85 -6.11
C ASN A 115 -11.22 -2.45 -6.74
N LYS A 116 -11.60 -1.99 -7.95
CA LYS A 116 -12.81 -2.45 -8.62
C LYS A 116 -14.03 -2.04 -7.79
N MET A 117 -13.79 -1.08 -6.90
CA MET A 117 -14.79 -0.58 -6.00
C MET A 117 -15.46 0.67 -6.60
N ASP A 118 -15.21 0.86 -7.88
CA ASP A 118 -15.88 1.88 -8.70
C ASP A 118 -17.39 1.64 -8.83
N LYS A 119 -18.00 1.40 -7.68
CA LYS A 119 -19.43 1.19 -7.52
C LYS A 119 -19.78 1.82 -6.17
N PRO A 120 -21.01 1.67 -5.65
CA PRO A 120 -21.28 2.05 -4.27
C PRO A 120 -20.36 1.31 -3.30
N GLU A 121 -20.38 -0.03 -3.39
CA GLU A 121 -19.60 -0.92 -2.56
C GLU A 121 -20.20 -2.33 -2.68
N ALA A 122 -19.37 -3.25 -3.11
CA ALA A 122 -19.76 -4.65 -3.13
C ALA A 122 -20.06 -5.14 -1.72
N ASN A 123 -19.06 -5.06 -0.85
CA ASN A 123 -19.22 -5.35 0.57
C ASN A 123 -17.89 -5.17 1.31
N PRO A 124 -17.50 -3.91 1.57
CA PRO A 124 -16.31 -3.58 2.37
C PRO A 124 -16.19 -4.42 3.64
N ASP A 125 -17.17 -4.32 4.53
CA ASP A 125 -17.16 -4.99 5.84
C ASP A 125 -16.76 -6.44 5.74
N ARG A 126 -17.40 -7.18 4.83
CA ARG A 126 -17.02 -8.56 4.57
C ARG A 126 -15.52 -8.65 4.38
N VAL A 127 -15.06 -7.98 3.34
CA VAL A 127 -13.65 -7.92 3.00
C VAL A 127 -12.81 -7.47 4.20
N MET A 128 -13.25 -6.40 4.83
CA MET A 128 -12.55 -5.80 5.96
C MET A 128 -12.40 -6.80 7.10
N GLN A 129 -13.40 -7.66 7.27
CA GLN A 129 -13.36 -8.65 8.33
C GLN A 129 -12.44 -9.80 7.98
N GLU A 130 -12.16 -9.97 6.69
CA GLU A 130 -11.19 -10.97 6.26
C GLU A 130 -9.79 -10.46 6.55
N LEU A 131 -9.63 -9.15 6.50
CA LEU A 131 -8.33 -8.57 6.78
C LEU A 131 -8.06 -8.66 8.26
N MET A 132 -9.06 -8.34 9.04
CA MET A 132 -8.93 -8.48 10.48
C MET A 132 -8.98 -9.95 10.86
N GLU A 133 -9.21 -10.82 9.87
CA GLU A 133 -9.10 -12.25 10.07
C GLU A 133 -7.62 -12.61 10.13
N TYR A 134 -6.80 -11.86 9.37
CA TYR A 134 -5.36 -12.03 9.49
C TYR A 134 -4.83 -11.07 10.55
N ASN A 135 -5.79 -10.48 11.26
CA ASN A 135 -5.57 -9.73 12.49
C ASN A 135 -4.90 -8.41 12.18
N LEU A 136 -5.13 -7.94 10.97
CA LEU A 136 -4.74 -6.61 10.60
C LEU A 136 -5.99 -5.75 10.58
N VAL A 137 -6.40 -5.41 11.79
CA VAL A 137 -7.61 -4.66 12.02
C VAL A 137 -7.52 -3.29 11.38
N PRO A 138 -8.56 -2.87 10.68
CA PRO A 138 -8.64 -1.51 10.14
C PRO A 138 -8.40 -0.47 11.18
N GLU A 139 -7.95 0.68 10.74
CA GLU A 139 -7.72 1.82 11.62
C GLU A 139 -9.04 2.51 11.88
N GLU A 140 -9.99 2.25 11.00
CA GLU A 140 -11.39 2.47 11.28
C GLU A 140 -11.70 1.89 12.63
N TRP A 141 -11.34 0.63 12.76
CA TRP A 141 -11.78 -0.20 13.85
C TRP A 141 -10.80 -0.10 15.02
N GLY A 142 -9.55 0.27 14.74
CA GLY A 142 -8.61 0.56 15.79
C GLY A 142 -7.46 -0.42 15.83
N GLY A 143 -7.21 -1.06 14.70
CA GLY A 143 -6.13 -2.03 14.63
C GLY A 143 -4.84 -1.44 14.14
N ASP A 144 -4.47 -1.79 12.92
CA ASP A 144 -3.20 -1.34 12.34
C ASP A 144 -3.25 -1.34 10.82
N THR A 145 -4.44 -1.18 10.25
CA THR A 145 -4.57 -1.29 8.80
C THR A 145 -5.37 -0.16 8.16
N ILE A 146 -4.81 0.38 7.08
CA ILE A 146 -5.43 1.48 6.33
C ILE A 146 -6.39 0.93 5.28
N PHE A 147 -7.69 1.07 5.48
CA PHE A 147 -8.65 0.57 4.51
C PHE A 147 -9.08 1.67 3.54
N CYS A 148 -8.75 1.48 2.28
CA CYS A 148 -9.15 2.41 1.25
C CYS A 148 -10.04 1.70 0.24
N LYS A 149 -11.20 2.28 -0.04
CA LYS A 149 -12.06 1.77 -1.08
C LYS A 149 -11.95 2.65 -2.32
N LEU A 150 -10.97 2.34 -3.15
CA LEU A 150 -10.64 3.17 -4.29
C LEU A 150 -11.11 2.57 -5.60
N SER A 151 -10.78 3.26 -6.68
CA SER A 151 -11.12 2.83 -8.00
C SER A 151 -10.16 3.43 -9.01
N ALA A 152 -9.51 2.59 -9.80
CA ALA A 152 -8.57 3.07 -10.80
C ALA A 152 -9.31 3.64 -12.01
N LYS A 153 -10.60 3.36 -12.07
CA LYS A 153 -11.42 3.74 -13.20
C LYS A 153 -11.73 5.23 -13.14
N THR A 154 -12.32 5.64 -12.03
CA THR A 154 -12.71 7.02 -11.84
C THR A 154 -11.67 7.77 -11.02
N LYS A 155 -10.80 7.00 -10.36
CA LYS A 155 -9.69 7.55 -9.58
C LYS A 155 -10.19 8.37 -8.39
N GLU A 156 -11.40 8.06 -7.94
CA GLU A 156 -11.96 8.69 -6.76
C GLU A 156 -11.11 8.36 -5.54
N GLY A 157 -11.10 7.08 -5.19
CA GLY A 157 -10.40 6.63 -4.02
C GLY A 157 -8.90 6.67 -4.16
N LEU A 158 -8.39 6.89 -5.36
CA LEU A 158 -6.95 6.96 -5.57
C LEU A 158 -6.40 8.24 -4.98
N ASP A 159 -7.10 9.34 -5.20
CA ASP A 159 -6.75 10.61 -4.57
C ASP A 159 -6.85 10.45 -3.07
N HIS A 160 -7.92 9.78 -2.63
CA HIS A 160 -8.17 9.50 -1.23
C HIS A 160 -7.12 8.54 -0.65
N LEU A 161 -6.51 7.74 -1.51
CA LEU A 161 -5.51 6.77 -1.08
C LEU A 161 -4.32 7.46 -0.47
N LEU A 162 -3.71 8.37 -1.23
CA LEU A 162 -2.56 9.15 -0.77
C LEU A 162 -2.92 9.90 0.52
N GLU A 163 -4.15 10.41 0.58
CA GLU A 163 -4.64 11.11 1.77
C GLU A 163 -4.71 10.16 2.96
N MET A 164 -5.27 8.99 2.74
CA MET A 164 -5.47 8.01 3.79
C MET A 164 -4.12 7.47 4.29
N ILE A 165 -3.21 7.28 3.35
CA ILE A 165 -1.87 6.78 3.63
C ILE A 165 -1.18 7.61 4.73
N LEU A 166 -1.19 8.93 4.59
CA LEU A 166 -0.53 9.78 5.56
C LEU A 166 -1.41 10.08 6.77
N LEU A 167 -2.71 10.22 6.55
CA LEU A 167 -3.64 10.53 7.62
C LEU A 167 -3.68 9.41 8.66
N VAL A 168 -3.28 8.22 8.25
CA VAL A 168 -3.22 7.10 9.17
C VAL A 168 -1.91 7.10 9.93
N SER A 169 -0.85 7.63 9.34
CA SER A 169 0.39 7.82 10.06
C SER A 169 0.16 8.79 11.22
N GLU A 170 -0.83 9.67 11.04
CA GLU A 170 -1.34 10.50 12.11
C GLU A 170 -2.16 9.65 13.07
N MET A 171 -3.09 8.86 12.51
CA MET A 171 -3.95 7.96 13.27
C MET A 171 -3.15 7.11 14.25
N GLU A 172 -2.08 6.49 13.75
CA GLU A 172 -1.19 5.66 14.57
C GLU A 172 -0.76 6.40 15.82
N GLU A 173 -0.05 7.50 15.59
CA GLU A 173 0.59 8.26 16.65
C GLU A 173 -0.44 8.95 17.55
N LEU A 174 -1.57 9.33 16.97
CA LEU A 174 -2.60 10.06 17.71
C LEU A 174 -3.46 9.09 18.54
N LYS A 175 -3.57 7.85 18.09
CA LYS A 175 -4.40 6.86 18.76
C LYS A 175 -3.59 6.02 19.74
N ALA A 176 -2.77 5.11 19.21
CA ALA A 176 -2.03 4.14 20.02
C ALA A 176 -1.26 3.19 19.13
N ASN A 177 -0.64 2.18 19.75
CA ASN A 177 0.14 1.16 19.03
C ASN A 177 1.36 1.78 18.35
N PRO A 178 2.34 2.27 19.13
CA PRO A 178 3.57 2.83 18.61
C PRO A 178 4.59 1.74 18.26
N GLY A 1 30.23 10.94 3.41
CA GLY A 1 29.89 12.02 4.37
C GLY A 1 28.45 12.00 4.78
N SER A 2 28.19 11.96 6.07
CA SER A 2 26.85 11.90 6.58
C SER A 2 26.29 13.32 6.75
N HIS A 3 25.43 13.72 5.82
CA HIS A 3 24.76 15.02 5.91
C HIS A 3 23.27 14.83 5.62
N MET A 4 22.84 13.58 5.62
CA MET A 4 21.45 13.25 5.33
C MET A 4 20.82 12.51 6.50
N VAL A 5 19.63 12.93 6.89
CA VAL A 5 18.92 12.29 7.98
C VAL A 5 17.53 11.86 7.54
N GLU A 6 16.82 12.78 6.88
CA GLU A 6 15.45 12.53 6.46
C GLU A 6 15.43 11.56 5.27
N ARG A 7 14.92 10.36 5.50
CA ARG A 7 14.79 9.39 4.43
C ARG A 7 13.31 9.17 4.09
N PRO A 8 12.93 9.48 2.84
CA PRO A 8 11.55 9.29 2.36
C PRO A 8 11.07 7.85 2.58
N PRO A 9 9.91 7.70 3.22
CA PRO A 9 9.31 6.37 3.48
C PRO A 9 9.01 5.60 2.20
N VAL A 10 9.64 4.45 2.06
CA VAL A 10 9.38 3.59 0.92
C VAL A 10 8.09 2.80 1.15
N VAL A 11 7.19 2.91 0.20
CA VAL A 11 5.91 2.25 0.29
C VAL A 11 5.86 1.07 -0.69
N THR A 12 5.76 -0.13 -0.14
CA THR A 12 5.77 -1.34 -0.94
C THR A 12 4.36 -1.77 -1.29
N ILE A 13 4.12 -1.99 -2.58
CA ILE A 13 2.79 -2.37 -3.04
C ILE A 13 2.57 -3.87 -2.91
N MET A 14 1.55 -4.24 -2.15
CA MET A 14 1.19 -5.63 -1.94
C MET A 14 -0.18 -5.90 -2.54
N GLY A 15 -0.66 -7.12 -2.46
CA GLY A 15 -1.94 -7.43 -3.03
C GLY A 15 -1.80 -8.40 -4.19
N HIS A 16 -2.62 -9.43 -4.15
CA HIS A 16 -2.72 -10.38 -5.27
C HIS A 16 -2.80 -9.62 -6.59
N VAL A 17 -1.98 -10.07 -7.54
CA VAL A 17 -1.75 -9.36 -8.80
C VAL A 17 -3.04 -9.07 -9.59
N ASP A 18 -4.04 -9.94 -9.45
CA ASP A 18 -5.27 -9.80 -10.22
C ASP A 18 -6.24 -8.84 -9.54
N HIS A 19 -6.01 -8.55 -8.26
CA HIS A 19 -6.84 -7.61 -7.55
C HIS A 19 -6.65 -6.21 -8.12
N GLY A 20 -5.40 -5.85 -8.39
CA GLY A 20 -5.14 -4.59 -9.05
C GLY A 20 -3.83 -3.95 -8.63
N LYS A 21 -2.71 -4.53 -9.02
CA LYS A 21 -1.42 -3.91 -8.78
C LYS A 21 -1.08 -2.98 -9.92
N THR A 22 -1.20 -3.50 -11.12
CA THR A 22 -0.88 -2.76 -12.32
C THR A 22 -1.83 -1.57 -12.48
N THR A 23 -3.05 -1.72 -11.99
CA THR A 23 -4.04 -0.66 -12.07
C THR A 23 -3.64 0.53 -11.19
N LEU A 24 -2.87 0.26 -10.13
CA LEU A 24 -2.38 1.33 -9.28
C LEU A 24 -1.30 2.09 -10.04
N LEU A 25 -0.29 1.37 -10.48
CA LEU A 25 0.79 1.98 -11.23
C LEU A 25 0.22 2.72 -12.45
N ASP A 26 -0.75 2.11 -13.11
CA ASP A 26 -1.41 2.72 -14.28
C ASP A 26 -2.16 4.00 -13.93
N ALA A 27 -3.17 3.89 -13.07
CA ALA A 27 -4.05 5.01 -12.77
C ALA A 27 -3.32 6.11 -12.01
N ILE A 28 -2.46 5.72 -11.09
CA ILE A 28 -1.70 6.67 -10.28
C ILE A 28 -0.77 7.50 -11.17
N ARG A 29 -0.29 6.88 -12.25
CA ARG A 29 0.49 7.61 -13.24
C ARG A 29 -0.34 8.68 -13.90
N HIS A 30 -1.59 8.33 -14.20
CA HIS A 30 -2.51 9.26 -14.81
C HIS A 30 -3.02 10.25 -13.77
N SER A 31 -2.40 10.21 -12.58
CA SER A 31 -2.70 11.17 -11.54
C SER A 31 -1.58 12.19 -11.41
N LYS A 32 -0.67 12.19 -12.41
CA LYS A 32 0.36 13.23 -12.59
C LYS A 32 1.50 13.16 -11.58
N VAL A 33 1.16 12.83 -10.35
CA VAL A 33 2.09 12.87 -9.21
C VAL A 33 3.15 11.75 -9.25
N THR A 34 3.49 11.30 -10.44
CA THR A 34 4.42 10.20 -10.59
C THR A 34 5.73 10.66 -11.22
N GLU A 35 6.81 10.46 -10.47
CA GLU A 35 8.16 10.80 -10.93
C GLU A 35 8.60 9.95 -12.11
N GLN A 36 8.63 8.64 -11.90
CA GLN A 36 9.16 7.72 -12.90
C GLN A 36 8.09 7.31 -13.89
N GLU A 37 8.48 7.29 -15.16
CA GLU A 37 7.54 7.19 -16.27
C GLU A 37 7.17 5.75 -16.62
N ALA A 38 8.17 4.92 -16.83
CA ALA A 38 7.94 3.60 -17.41
C ALA A 38 7.90 2.51 -16.36
N GLY A 39 6.99 2.65 -15.41
CA GLY A 39 6.87 1.64 -14.36
C GLY A 39 6.33 0.34 -14.90
N GLY A 40 7.23 -0.63 -15.09
CA GLY A 40 6.80 -1.92 -15.60
C GLY A 40 7.95 -2.90 -15.75
N ILE A 41 7.89 -3.71 -16.79
CA ILE A 41 8.84 -4.79 -17.01
C ILE A 41 10.02 -4.35 -17.87
N THR A 42 10.27 -3.04 -17.94
CA THR A 42 11.37 -2.52 -18.70
C THR A 42 12.62 -2.38 -17.84
N GLN A 43 13.79 -2.39 -18.48
CA GLN A 43 15.04 -2.21 -17.76
C GLN A 43 15.42 -0.73 -17.73
N HIS A 44 14.44 0.12 -17.94
CA HIS A 44 14.63 1.56 -17.83
C HIS A 44 14.05 2.04 -16.52
N ILE A 45 12.74 1.87 -16.39
CA ILE A 45 12.01 2.25 -15.20
C ILE A 45 11.20 1.06 -14.71
N GLY A 46 10.69 1.12 -13.49
CA GLY A 46 9.96 0.01 -12.93
C GLY A 46 9.09 0.46 -11.77
N ALA A 47 9.70 1.15 -10.83
CA ALA A 47 8.97 1.73 -9.72
C ALA A 47 8.66 3.19 -10.02
N TYR A 48 8.19 3.93 -9.03
CA TYR A 48 7.89 5.34 -9.21
C TYR A 48 7.75 6.04 -7.88
N GLN A 49 8.31 7.24 -7.78
CA GLN A 49 8.24 8.02 -6.56
C GLN A 49 7.13 9.06 -6.68
N VAL A 50 6.56 9.44 -5.54
CA VAL A 50 5.38 10.30 -5.53
C VAL A 50 5.71 11.71 -5.08
N THR A 51 4.93 12.62 -5.61
CA THR A 51 5.15 14.06 -5.42
C THR A 51 4.30 14.63 -4.29
N VAL A 52 4.87 14.68 -3.11
CA VAL A 52 4.27 15.40 -2.01
C VAL A 52 5.26 16.44 -1.52
N ASN A 53 4.89 17.71 -1.66
CA ASN A 53 5.82 18.84 -1.50
C ASN A 53 6.78 18.87 -2.69
N ASP A 54 7.26 17.69 -3.01
CA ASP A 54 8.18 17.48 -4.12
C ASP A 54 8.27 15.98 -4.40
N LYS A 55 8.67 15.25 -3.36
CA LYS A 55 8.79 13.80 -3.41
C LYS A 55 9.21 13.29 -2.05
N LYS A 56 8.31 12.61 -1.37
CA LYS A 56 8.60 12.03 -0.07
C LYS A 56 8.13 10.57 0.00
N ILE A 57 7.49 10.12 -1.07
CA ILE A 57 6.98 8.75 -1.11
C ILE A 57 7.67 7.97 -2.24
N THR A 58 8.01 6.72 -1.97
CA THR A 58 8.58 5.86 -3.00
C THR A 58 7.71 4.61 -3.18
N PHE A 59 7.09 4.48 -4.35
CA PHE A 59 6.19 3.36 -4.62
C PHE A 59 6.94 2.21 -5.29
N LEU A 60 7.00 1.08 -4.61
CA LEU A 60 7.62 -0.11 -5.17
C LEU A 60 6.57 -1.18 -5.46
N ASP A 61 6.05 -1.18 -6.68
CA ASP A 61 5.12 -2.23 -7.10
C ASP A 61 5.89 -3.51 -7.37
N THR A 62 7.10 -3.35 -7.91
CA THR A 62 8.02 -4.45 -8.11
C THR A 62 9.32 -4.17 -7.36
N PRO A 63 9.51 -4.78 -6.18
CA PRO A 63 10.69 -4.56 -5.35
C PRO A 63 11.93 -5.27 -5.91
N GLY A 64 11.70 -6.25 -6.78
CA GLY A 64 12.79 -7.01 -7.35
C GLY A 64 12.56 -8.49 -7.18
N HIS A 65 13.06 -9.03 -6.06
CA HIS A 65 12.79 -10.42 -5.71
C HIS A 65 12.73 -10.56 -4.20
N GLU A 66 13.44 -9.70 -3.50
CA GLU A 66 13.41 -9.66 -2.05
C GLU A 66 12.03 -9.18 -1.59
N ALA A 67 11.39 -9.97 -0.74
CA ALA A 67 10.03 -9.69 -0.32
C ALA A 67 10.02 -8.77 0.90
N PHE A 68 9.58 -7.54 0.68
CA PHE A 68 9.42 -6.56 1.77
C PHE A 68 10.76 -6.20 2.41
N THR A 69 11.67 -5.69 1.58
CA THR A 69 12.97 -5.17 2.01
C THR A 69 13.78 -6.20 2.80
N THR A 70 14.81 -5.72 3.48
CA THR A 70 15.61 -6.54 4.37
C THR A 70 15.55 -5.96 5.78
N MET A 71 14.37 -5.47 6.15
CA MET A 71 14.15 -4.85 7.46
C MET A 71 15.05 -3.64 7.64
N ARG A 72 15.08 -2.80 6.61
CA ARG A 72 15.90 -1.59 6.57
C ARG A 72 17.40 -1.92 6.56
N ALA A 73 17.94 -2.29 7.72
CA ALA A 73 19.36 -2.61 7.82
C ALA A 73 19.60 -3.75 8.80
N ARG A 74 18.57 -4.15 9.53
CA ARG A 74 18.68 -5.22 10.51
C ARG A 74 17.30 -5.63 11.00
N GLY A 75 16.57 -4.67 11.55
CA GLY A 75 15.25 -4.95 12.06
C GLY A 75 14.98 -4.23 13.37
N ALA A 76 14.83 -2.91 13.29
CA ALA A 76 14.59 -2.10 14.48
C ALA A 76 13.42 -1.16 14.26
N GLN A 77 13.70 -0.01 13.66
CA GLN A 77 12.64 0.93 13.31
C GLN A 77 12.15 0.65 11.90
N VAL A 78 10.85 0.62 11.73
CA VAL A 78 10.26 0.38 10.43
C VAL A 78 9.53 1.62 9.95
N THR A 79 9.54 1.85 8.66
CA THR A 79 8.79 2.95 8.06
C THR A 79 8.45 2.55 6.63
N ASP A 80 8.28 1.25 6.45
CA ASP A 80 8.06 0.65 5.15
C ASP A 80 6.59 0.33 4.97
N ILE A 81 5.89 1.25 4.34
CA ILE A 81 4.44 1.21 4.23
C ILE A 81 3.96 0.05 3.37
N VAL A 82 3.06 -0.77 3.91
CA VAL A 82 2.54 -1.89 3.16
C VAL A 82 1.16 -1.59 2.60
N ILE A 83 1.11 -1.20 1.34
CA ILE A 83 -0.17 -1.02 0.69
C ILE A 83 -0.65 -2.31 0.10
N LEU A 84 -1.61 -2.91 0.76
CA LEU A 84 -2.16 -4.18 0.31
C LEU A 84 -3.36 -3.93 -0.60
N VAL A 85 -3.25 -4.28 -1.87
CA VAL A 85 -4.38 -4.11 -2.77
C VAL A 85 -5.33 -5.30 -2.69
N VAL A 86 -6.61 -5.01 -2.79
CA VAL A 86 -7.65 -6.02 -2.83
C VAL A 86 -8.67 -5.61 -3.87
N ALA A 87 -9.78 -6.30 -3.94
CA ALA A 87 -10.79 -5.97 -4.92
C ALA A 87 -12.19 -6.16 -4.37
N ALA A 88 -13.06 -5.21 -4.72
CA ALA A 88 -14.43 -5.21 -4.25
C ALA A 88 -15.28 -6.19 -5.05
N ASP A 89 -14.86 -7.43 -5.00
CA ASP A 89 -15.57 -8.53 -5.63
C ASP A 89 -15.04 -9.85 -5.09
N ASP A 90 -13.74 -9.88 -4.79
CA ASP A 90 -13.13 -11.07 -4.23
C ASP A 90 -12.90 -10.91 -2.73
N GLY A 91 -12.07 -9.95 -2.39
CA GLY A 91 -11.64 -9.79 -1.03
C GLY A 91 -10.14 -9.98 -0.92
N VAL A 92 -9.74 -11.11 -0.36
CA VAL A 92 -8.35 -11.41 -0.15
C VAL A 92 -8.01 -12.80 -0.69
N MET A 93 -7.17 -12.84 -1.71
CA MET A 93 -6.72 -14.10 -2.28
C MET A 93 -5.42 -14.54 -1.60
N PRO A 94 -4.90 -15.76 -1.90
CA PRO A 94 -3.67 -16.29 -1.28
C PRO A 94 -2.57 -15.24 -1.11
N GLN A 95 -2.14 -14.65 -2.22
CA GLN A 95 -1.09 -13.63 -2.22
C GLN A 95 -1.42 -12.49 -1.26
N THR A 96 -2.70 -12.15 -1.17
CA THR A 96 -3.13 -11.03 -0.34
C THR A 96 -2.85 -11.29 1.16
N VAL A 97 -2.94 -12.54 1.60
CA VAL A 97 -2.70 -12.86 3.00
C VAL A 97 -1.22 -13.09 3.27
N GLU A 98 -0.53 -13.74 2.33
CA GLU A 98 0.88 -14.08 2.50
C GLU A 98 1.74 -12.83 2.56
N ALA A 99 1.29 -11.79 1.89
CA ALA A 99 2.02 -10.53 1.86
C ALA A 99 1.83 -9.78 3.16
N ILE A 100 0.80 -10.17 3.91
CA ILE A 100 0.45 -9.49 5.15
C ILE A 100 1.11 -10.18 6.34
N ASN A 101 1.05 -11.49 6.38
CA ASN A 101 1.81 -12.28 7.33
C ASN A 101 3.28 -11.92 7.26
N HIS A 102 3.74 -11.68 6.04
CA HIS A 102 5.12 -11.30 5.79
C HIS A 102 5.37 -9.85 6.18
N ALA A 103 4.33 -9.02 6.10
CA ALA A 103 4.51 -7.59 6.31
C ALA A 103 4.28 -7.16 7.75
N LYS A 104 3.12 -7.51 8.30
CA LYS A 104 2.65 -6.94 9.54
C LYS A 104 3.51 -7.35 10.74
N ALA A 105 4.30 -8.40 10.55
CA ALA A 105 5.10 -8.94 11.65
C ALA A 105 6.38 -8.14 11.89
N ALA A 106 6.48 -6.98 11.26
CA ALA A 106 7.58 -6.08 11.51
C ALA A 106 7.07 -4.89 12.29
N ASN A 107 5.78 -4.95 12.66
CA ASN A 107 5.12 -3.93 13.48
C ASN A 107 4.74 -2.76 12.60
N VAL A 108 4.69 -3.06 11.31
CA VAL A 108 4.32 -2.07 10.30
C VAL A 108 2.85 -2.18 9.97
N PRO A 109 2.19 -1.04 9.74
CA PRO A 109 0.81 -1.00 9.32
C PRO A 109 0.58 -1.42 7.87
N ILE A 110 -0.61 -1.92 7.67
CA ILE A 110 -1.04 -2.40 6.37
C ILE A 110 -2.17 -1.54 5.85
N ILE A 111 -2.17 -1.32 4.54
CA ILE A 111 -3.22 -0.56 3.91
C ILE A 111 -4.00 -1.48 3.01
N VAL A 112 -5.26 -1.24 2.86
CA VAL A 112 -6.06 -1.98 1.94
C VAL A 112 -6.45 -1.09 0.80
N ALA A 113 -6.39 -1.63 -0.39
CA ALA A 113 -6.83 -0.90 -1.54
C ALA A 113 -7.93 -1.69 -2.20
N ILE A 114 -9.13 -1.44 -1.75
CA ILE A 114 -10.31 -2.07 -2.29
C ILE A 114 -10.64 -1.50 -3.66
N ASN A 115 -10.19 -2.16 -4.72
CA ASN A 115 -10.36 -1.62 -6.06
C ASN A 115 -11.67 -2.11 -6.69
N LYS A 116 -12.17 -1.35 -7.66
CA LYS A 116 -13.36 -1.69 -8.43
C LYS A 116 -14.64 -1.57 -7.61
N MET A 117 -14.73 -0.58 -6.74
CA MET A 117 -15.94 -0.41 -5.94
C MET A 117 -16.71 0.84 -6.34
N ASP A 118 -16.42 1.35 -7.54
CA ASP A 118 -17.11 2.54 -8.07
C ASP A 118 -18.59 2.26 -8.31
N LYS A 119 -18.92 1.00 -8.60
CA LYS A 119 -20.32 0.62 -8.81
C LYS A 119 -20.74 -0.65 -8.05
N PRO A 120 -20.04 -1.75 -8.27
CA PRO A 120 -20.38 -3.04 -7.68
C PRO A 120 -20.04 -3.11 -6.19
N GLU A 121 -18.78 -2.78 -5.87
CA GLU A 121 -18.25 -2.59 -4.51
C GLU A 121 -18.37 -3.82 -3.62
N ALA A 122 -18.93 -4.90 -4.16
CA ALA A 122 -19.26 -6.11 -3.41
C ALA A 122 -19.89 -5.77 -2.06
N ASN A 123 -19.08 -5.79 -1.01
CA ASN A 123 -19.53 -5.39 0.32
C ASN A 123 -18.34 -5.12 1.23
N PRO A 124 -17.89 -3.85 1.32
CA PRO A 124 -16.77 -3.42 2.16
C PRO A 124 -16.56 -4.26 3.42
N ASP A 125 -17.48 -4.16 4.37
CA ASP A 125 -17.41 -4.88 5.67
C ASP A 125 -17.04 -6.34 5.50
N ARG A 126 -17.68 -7.00 4.55
CA ARG A 126 -17.39 -8.40 4.25
C ARG A 126 -15.91 -8.57 3.95
N VAL A 127 -15.45 -7.81 2.98
CA VAL A 127 -14.05 -7.82 2.57
C VAL A 127 -13.14 -7.43 3.74
N MET A 128 -13.60 -6.46 4.51
CA MET A 128 -12.85 -5.94 5.64
C MET A 128 -12.70 -6.99 6.73
N GLN A 129 -13.68 -7.88 6.84
CA GLN A 129 -13.64 -8.95 7.83
C GLN A 129 -12.68 -10.05 7.40
N GLU A 130 -12.40 -10.11 6.10
CA GLU A 130 -11.39 -11.02 5.59
C GLU A 130 -10.04 -10.57 6.09
N LEU A 131 -9.85 -9.27 6.12
CA LEU A 131 -8.57 -8.73 6.56
C LEU A 131 -8.38 -8.97 8.03
N MET A 132 -9.42 -8.70 8.79
CA MET A 132 -9.35 -8.92 10.22
C MET A 132 -9.40 -10.41 10.52
N GLU A 133 -9.60 -11.23 9.49
CA GLU A 133 -9.47 -12.67 9.60
C GLU A 133 -7.99 -12.98 9.73
N TYR A 134 -7.16 -12.23 9.00
CA TYR A 134 -5.71 -12.39 9.14
C TYR A 134 -5.23 -11.54 10.32
N ASN A 135 -6.21 -11.00 11.04
CA ASN A 135 -6.03 -10.34 12.32
C ASN A 135 -5.29 -9.05 12.12
N LEU A 136 -5.71 -8.35 11.09
CA LEU A 136 -5.30 -7.00 10.86
C LEU A 136 -6.56 -6.16 10.82
N VAL A 137 -7.01 -5.82 11.99
CA VAL A 137 -8.28 -5.15 12.15
C VAL A 137 -8.21 -3.77 11.54
N PRO A 138 -9.20 -3.44 10.71
CA PRO A 138 -9.38 -2.09 10.20
C PRO A 138 -9.22 -1.03 11.26
N GLU A 139 -8.86 0.14 10.81
CA GLU A 139 -8.61 1.27 11.69
C GLU A 139 -9.96 1.78 12.17
N GLU A 140 -10.97 1.59 11.32
CA GLU A 140 -12.36 1.80 11.69
C GLU A 140 -12.66 1.06 12.97
N TRP A 141 -12.14 -0.16 13.06
CA TRP A 141 -12.48 -1.06 14.15
C TRP A 141 -11.44 -1.01 15.26
N GLY A 142 -10.24 -0.53 14.93
CA GLY A 142 -9.27 -0.26 15.97
C GLY A 142 -8.15 -1.26 15.99
N GLY A 143 -7.84 -1.81 14.83
CA GLY A 143 -6.76 -2.77 14.74
C GLY A 143 -5.46 -2.12 14.33
N ASP A 144 -5.07 -2.38 13.08
CA ASP A 144 -3.82 -1.87 12.57
C ASP A 144 -3.86 -1.72 11.05
N THR A 145 -5.05 -1.51 10.49
CA THR A 145 -5.16 -1.53 9.03
C THR A 145 -5.97 -0.38 8.46
N ILE A 146 -5.39 0.29 7.47
CA ILE A 146 -6.01 1.43 6.81
C ILE A 146 -6.75 0.97 5.55
N PHE A 147 -8.07 1.02 5.59
CA PHE A 147 -8.88 0.55 4.46
C PHE A 147 -9.18 1.68 3.49
N CYS A 148 -8.74 1.52 2.25
CA CYS A 148 -9.05 2.46 1.20
C CYS A 148 -10.00 1.84 0.21
N LYS A 149 -11.20 2.35 0.18
CA LYS A 149 -12.21 1.89 -0.76
C LYS A 149 -12.17 2.76 -2.01
N LEU A 150 -11.53 2.26 -3.05
CA LEU A 150 -11.23 3.07 -4.22
C LEU A 150 -11.78 2.52 -5.52
N SER A 151 -11.53 3.27 -6.57
CA SER A 151 -11.78 2.88 -7.92
C SER A 151 -10.76 3.57 -8.82
N ALA A 152 -9.91 2.80 -9.49
CA ALA A 152 -8.83 3.36 -10.29
C ALA A 152 -9.36 4.21 -11.46
N LYS A 153 -10.64 4.05 -11.77
CA LYS A 153 -11.27 4.81 -12.84
C LYS A 153 -11.64 6.18 -12.31
N THR A 154 -12.44 6.17 -11.26
CA THR A 154 -12.99 7.37 -10.67
C THR A 154 -11.93 8.16 -9.90
N LYS A 155 -10.82 7.49 -9.58
CA LYS A 155 -9.70 8.10 -8.84
C LYS A 155 -10.05 8.36 -7.37
N GLU A 156 -11.27 8.01 -6.97
CA GLU A 156 -11.78 8.27 -5.63
C GLU A 156 -10.79 7.91 -4.53
N GLY A 157 -10.66 6.62 -4.29
CA GLY A 157 -9.82 6.15 -3.23
C GLY A 157 -8.34 6.30 -3.50
N LEU A 158 -7.99 6.71 -4.72
CA LEU A 158 -6.59 6.90 -5.07
C LEU A 158 -6.03 8.14 -4.40
N ASP A 159 -6.80 9.21 -4.43
CA ASP A 159 -6.43 10.42 -3.72
C ASP A 159 -6.46 10.17 -2.23
N HIS A 160 -7.48 9.42 -1.79
CA HIS A 160 -7.62 9.06 -0.39
C HIS A 160 -6.47 8.16 0.06
N LEU A 161 -5.96 7.36 -0.88
CA LEU A 161 -4.85 6.47 -0.61
C LEU A 161 -3.59 7.25 -0.23
N LEU A 162 -3.22 8.20 -1.08
CA LEU A 162 -2.07 9.05 -0.84
C LEU A 162 -2.19 9.74 0.51
N GLU A 163 -3.41 10.17 0.84
CA GLU A 163 -3.68 10.86 2.11
C GLU A 163 -3.35 9.95 3.29
N MET A 164 -3.85 8.72 3.21
CA MET A 164 -3.66 7.74 4.29
C MET A 164 -2.20 7.31 4.37
N ILE A 165 -1.59 7.11 3.21
CA ILE A 165 -0.20 6.75 3.12
C ILE A 165 0.67 7.84 3.77
N LEU A 166 0.40 9.10 3.42
CA LEU A 166 1.10 10.22 4.02
C LEU A 166 0.93 10.26 5.52
N LEU A 167 -0.31 10.09 5.96
CA LEU A 167 -0.64 10.09 7.38
C LEU A 167 0.20 9.05 8.13
N VAL A 168 0.28 7.86 7.56
CA VAL A 168 1.00 6.78 8.19
C VAL A 168 2.51 6.98 8.05
N SER A 169 2.96 7.42 6.88
CA SER A 169 4.39 7.67 6.67
C SER A 169 4.90 8.74 7.64
N GLU A 170 4.01 9.61 8.07
CA GLU A 170 4.33 10.65 9.02
C GLU A 170 4.26 10.12 10.46
N MET A 171 3.20 9.39 10.77
CA MET A 171 2.96 8.96 12.14
C MET A 171 3.64 7.64 12.47
N GLU A 172 4.14 6.94 11.46
CA GLU A 172 4.83 5.65 11.65
C GLU A 172 5.92 5.73 12.72
N GLU A 173 6.54 6.89 12.84
CA GLU A 173 7.61 7.09 13.80
C GLU A 173 7.07 7.14 15.23
N LEU A 174 5.79 7.48 15.36
CA LEU A 174 5.13 7.55 16.65
C LEU A 174 4.28 6.31 16.85
N LYS A 175 3.24 6.19 16.00
CA LYS A 175 2.37 5.02 15.93
C LYS A 175 1.65 4.75 17.26
N ALA A 176 0.39 5.17 17.30
CA ALA A 176 -0.44 4.97 18.48
C ALA A 176 -1.53 3.94 18.18
N ASN A 177 -1.17 2.68 18.26
CA ASN A 177 -2.12 1.60 18.01
C ASN A 177 -2.39 0.83 19.31
N PRO A 178 -3.55 0.16 19.40
CA PRO A 178 -3.90 -0.66 20.56
C PRO A 178 -3.27 -2.04 20.47
N GLY A 1 27.73 8.86 0.26
CA GLY A 1 28.59 10.02 -0.09
C GLY A 1 28.19 11.27 0.65
N SER A 2 28.58 12.42 0.12
CA SER A 2 28.30 13.70 0.76
C SER A 2 26.86 14.17 0.50
N HIS A 3 26.19 13.50 -0.42
CA HIS A 3 24.78 13.78 -0.68
C HIS A 3 23.93 12.65 -0.15
N MET A 4 23.34 12.87 1.02
CA MET A 4 22.57 11.84 1.70
C MET A 4 21.17 11.70 1.10
N VAL A 5 21.10 11.15 -0.09
CA VAL A 5 19.82 10.84 -0.73
C VAL A 5 19.33 9.47 -0.28
N GLU A 6 20.06 8.89 0.67
CA GLU A 6 19.80 7.54 1.14
C GLU A 6 18.74 7.53 2.24
N ARG A 7 17.73 8.38 2.08
CA ARG A 7 16.63 8.46 3.04
C ARG A 7 15.31 8.76 2.31
N PRO A 8 14.84 7.82 1.47
CA PRO A 8 13.59 7.97 0.75
C PRO A 8 12.43 7.30 1.48
N PRO A 9 11.26 7.96 1.50
CA PRO A 9 10.04 7.40 2.08
C PRO A 9 9.48 6.28 1.22
N VAL A 10 10.22 5.19 1.12
CA VAL A 10 9.83 4.04 0.33
C VAL A 10 8.70 3.26 1.01
N VAL A 11 7.61 3.09 0.29
CA VAL A 11 6.45 2.40 0.80
C VAL A 11 6.17 1.17 -0.06
N THR A 12 5.77 0.09 0.59
CA THR A 12 5.58 -1.20 -0.07
C THR A 12 4.13 -1.41 -0.50
N ILE A 13 3.92 -1.60 -1.79
CA ILE A 13 2.61 -1.93 -2.31
C ILE A 13 2.46 -3.43 -2.45
N MET A 14 1.49 -3.98 -1.76
CA MET A 14 1.27 -5.42 -1.76
C MET A 14 -0.19 -5.73 -2.07
N GLY A 15 -0.43 -6.89 -2.64
CA GLY A 15 -1.78 -7.35 -2.85
C GLY A 15 -1.79 -8.55 -3.75
N HIS A 16 -2.36 -8.36 -4.91
CA HIS A 16 -2.43 -9.40 -5.91
C HIS A 16 -2.73 -8.76 -7.27
N VAL A 17 -2.22 -9.34 -8.35
CA VAL A 17 -2.34 -8.72 -9.66
C VAL A 17 -3.79 -8.46 -10.07
N ASP A 18 -4.63 -9.49 -9.96
CA ASP A 18 -6.01 -9.45 -10.46
C ASP A 18 -6.86 -8.39 -9.78
N HIS A 19 -6.53 -8.05 -8.54
CA HIS A 19 -7.29 -7.05 -7.79
C HIS A 19 -7.14 -5.67 -8.42
N GLY A 20 -6.11 -5.51 -9.23
CA GLY A 20 -5.87 -4.24 -9.89
C GLY A 20 -4.58 -3.60 -9.44
N LYS A 21 -3.58 -4.43 -9.15
CA LYS A 21 -2.30 -3.94 -8.66
C LYS A 21 -1.52 -3.25 -9.77
N THR A 22 -1.42 -3.93 -10.90
CA THR A 22 -0.70 -3.41 -12.04
C THR A 22 -1.41 -2.17 -12.59
N THR A 23 -2.74 -2.20 -12.55
CA THR A 23 -3.54 -1.06 -12.98
C THR A 23 -3.42 0.07 -11.96
N LEU A 24 -3.18 -0.29 -10.69
CA LEU A 24 -2.99 0.71 -9.65
C LEU A 24 -1.75 1.52 -9.96
N LEU A 25 -0.66 0.82 -10.25
CA LEU A 25 0.61 1.44 -10.59
C LEU A 25 0.47 2.34 -11.82
N ASP A 26 -0.20 1.82 -12.83
CA ASP A 26 -0.37 2.58 -14.07
C ASP A 26 -1.24 3.81 -13.85
N ALA A 27 -2.39 3.64 -13.20
CA ALA A 27 -3.29 4.76 -12.92
C ALA A 27 -2.61 5.79 -12.03
N ILE A 28 -1.91 5.30 -11.03
CA ILE A 28 -1.25 6.14 -10.05
C ILE A 28 -0.12 6.95 -10.69
N ARG A 29 0.56 6.35 -11.67
CA ARG A 29 1.62 7.03 -12.39
C ARG A 29 1.00 7.97 -13.42
N HIS A 30 -0.09 7.51 -13.99
CA HIS A 30 -0.90 8.32 -14.91
C HIS A 30 -1.73 9.36 -14.16
N SER A 31 -1.42 9.58 -12.89
CA SER A 31 -2.10 10.57 -12.09
C SER A 31 -1.26 11.85 -12.05
N LYS A 32 -0.25 11.88 -12.94
CA LYS A 32 0.53 13.08 -13.32
C LYS A 32 1.22 13.80 -12.16
N VAL A 33 1.09 13.28 -10.95
CA VAL A 33 1.84 13.79 -9.81
C VAL A 33 3.01 12.86 -9.53
N THR A 34 3.12 11.83 -10.35
CA THR A 34 3.98 10.72 -10.06
C THR A 34 5.05 10.53 -11.13
N GLU A 35 6.17 10.00 -10.68
CA GLU A 35 7.23 9.56 -11.57
C GLU A 35 6.90 8.14 -12.04
N GLN A 36 7.90 7.43 -12.57
CA GLN A 36 7.66 6.09 -13.09
C GLN A 36 8.94 5.46 -13.60
N GLU A 37 8.80 4.22 -14.04
CA GLU A 37 9.87 3.46 -14.63
C GLU A 37 9.21 2.32 -15.42
N ALA A 38 10.01 1.45 -16.05
CA ALA A 38 9.46 0.31 -16.79
C ALA A 38 8.76 -0.66 -15.84
N GLY A 39 7.47 -0.46 -15.61
CA GLY A 39 6.73 -1.24 -14.65
C GLY A 39 5.54 -1.94 -15.28
N GLY A 40 5.40 -3.23 -14.97
CA GLY A 40 4.31 -4.02 -15.52
C GLY A 40 4.77 -5.42 -15.86
N ILE A 41 4.98 -5.67 -17.15
CA ILE A 41 5.61 -6.92 -17.58
C ILE A 41 7.03 -6.97 -17.04
N THR A 42 7.66 -5.81 -17.04
CA THR A 42 8.98 -5.66 -16.45
C THR A 42 8.85 -5.53 -14.94
N GLN A 43 9.19 -6.58 -14.23
CA GLN A 43 9.10 -6.57 -12.77
C GLN A 43 10.48 -6.72 -12.14
N HIS A 44 11.45 -6.07 -12.77
CA HIS A 44 12.78 -5.91 -12.20
C HIS A 44 12.90 -4.49 -11.67
N ILE A 45 12.16 -3.61 -12.33
CA ILE A 45 12.10 -2.19 -11.99
C ILE A 45 10.68 -1.71 -12.19
N GLY A 46 10.51 -0.41 -12.24
CA GLY A 46 9.19 0.14 -12.52
C GLY A 46 8.65 0.96 -11.38
N ALA A 47 9.47 1.20 -10.38
CA ALA A 47 9.05 1.97 -9.22
C ALA A 47 8.93 3.45 -9.56
N TYR A 48 8.35 4.20 -8.63
CA TYR A 48 7.95 5.57 -8.89
C TYR A 48 7.74 6.32 -7.57
N GLN A 49 7.79 7.64 -7.63
CA GLN A 49 7.54 8.47 -6.46
C GLN A 49 6.45 9.47 -6.74
N VAL A 50 5.54 9.65 -5.79
CA VAL A 50 4.46 10.60 -5.94
C VAL A 50 4.82 11.95 -5.35
N THR A 51 4.35 13.00 -5.97
CA THR A 51 4.51 14.34 -5.44
C THR A 51 3.19 14.84 -4.89
N VAL A 52 2.91 14.44 -3.66
CA VAL A 52 1.74 14.88 -2.94
C VAL A 52 2.16 15.30 -1.54
N ASN A 53 1.91 16.58 -1.21
CA ASN A 53 2.40 17.18 0.04
C ASN A 53 3.90 17.39 -0.04
N ASP A 54 4.44 16.81 -1.10
CA ASP A 54 5.88 16.76 -1.40
C ASP A 54 6.56 15.75 -0.49
N LYS A 55 5.77 14.76 -0.08
CA LYS A 55 6.31 13.61 0.62
C LYS A 55 6.57 12.54 -0.43
N LYS A 56 7.83 12.40 -0.81
CA LYS A 56 8.20 11.59 -1.97
C LYS A 56 8.09 10.10 -1.66
N ILE A 57 6.86 9.62 -1.65
CA ILE A 57 6.57 8.22 -1.39
C ILE A 57 7.12 7.35 -2.51
N THR A 58 8.21 6.64 -2.23
CA THR A 58 8.80 5.74 -3.19
C THR A 58 8.03 4.42 -3.19
N PHE A 59 7.17 4.24 -4.18
CA PHE A 59 6.32 3.05 -4.21
C PHE A 59 7.06 1.83 -4.75
N LEU A 60 7.15 0.82 -3.92
CA LEU A 60 7.75 -0.45 -4.30
C LEU A 60 6.66 -1.49 -4.51
N ASP A 61 6.77 -2.29 -5.56
CA ASP A 61 5.75 -3.28 -5.87
C ASP A 61 6.20 -4.67 -5.44
N THR A 62 5.31 -5.41 -4.79
CA THR A 62 5.60 -6.77 -4.37
C THR A 62 4.62 -7.77 -4.97
N PRO A 63 4.98 -8.38 -6.11
CA PRO A 63 4.17 -9.42 -6.75
C PRO A 63 4.60 -10.83 -6.33
N GLY A 64 5.42 -10.91 -5.30
CA GLY A 64 5.93 -12.19 -4.86
C GLY A 64 5.57 -12.50 -3.42
N HIS A 65 6.26 -13.47 -2.83
CA HIS A 65 5.98 -13.85 -1.46
C HIS A 65 6.97 -13.23 -0.48
N GLU A 66 8.16 -13.79 -0.39
CA GLU A 66 9.14 -13.35 0.59
C GLU A 66 9.99 -12.18 0.07
N ALA A 67 9.31 -11.10 -0.28
CA ALA A 67 9.99 -9.90 -0.75
C ALA A 67 9.63 -8.72 0.14
N PHE A 68 10.63 -8.18 0.83
CA PHE A 68 10.43 -7.02 1.69
C PHE A 68 11.75 -6.28 1.89
N THR A 69 12.76 -7.03 2.32
CA THR A 69 14.07 -6.46 2.61
C THR A 69 14.79 -6.03 1.34
N THR A 70 14.58 -4.79 0.94
CA THR A 70 15.24 -4.24 -0.23
C THR A 70 16.20 -3.13 0.18
N MET A 71 16.27 -2.86 1.47
CA MET A 71 17.11 -1.81 2.01
C MET A 71 18.55 -2.28 2.11
N ARG A 72 19.49 -1.38 1.84
CA ARG A 72 20.91 -1.70 1.91
C ARG A 72 21.44 -1.47 3.32
N ALA A 73 20.68 -1.94 4.30
CA ALA A 73 21.01 -1.80 5.71
C ALA A 73 19.94 -2.49 6.54
N ARG A 74 20.19 -2.65 7.83
CA ARG A 74 19.20 -3.20 8.74
C ARG A 74 18.75 -2.12 9.71
N GLY A 75 18.41 -0.97 9.14
CA GLY A 75 17.97 0.17 9.90
C GLY A 75 17.61 1.30 8.98
N ALA A 76 17.24 2.45 9.53
CA ALA A 76 16.80 3.59 8.73
C ALA A 76 15.63 3.20 7.85
N GLN A 77 14.78 2.35 8.41
CA GLN A 77 13.69 1.75 7.66
C GLN A 77 12.45 2.63 7.70
N VAL A 78 12.02 3.05 6.53
CA VAL A 78 10.77 3.79 6.39
C VAL A 78 9.82 2.94 5.54
N THR A 79 10.25 1.71 5.28
CA THR A 79 9.55 0.81 4.37
C THR A 79 8.45 0.05 5.10
N ASP A 80 8.20 0.40 6.36
CA ASP A 80 7.21 -0.28 7.19
C ASP A 80 5.80 0.21 6.88
N ILE A 81 5.54 0.47 5.61
CA ILE A 81 4.23 0.87 5.16
C ILE A 81 3.76 -0.06 4.07
N VAL A 82 2.83 -0.94 4.41
CA VAL A 82 2.35 -1.93 3.48
C VAL A 82 0.95 -1.61 3.00
N ILE A 83 0.84 -1.15 1.78
CA ILE A 83 -0.47 -0.92 1.19
C ILE A 83 -0.95 -2.19 0.55
N LEU A 84 -1.92 -2.80 1.19
CA LEU A 84 -2.44 -4.07 0.75
C LEU A 84 -3.70 -3.87 -0.11
N VAL A 85 -3.62 -4.21 -1.37
CA VAL A 85 -4.72 -3.98 -2.30
C VAL A 85 -5.70 -5.16 -2.30
N VAL A 86 -6.97 -4.82 -2.39
CA VAL A 86 -8.04 -5.81 -2.50
C VAL A 86 -9.04 -5.31 -3.52
N ALA A 87 -10.17 -5.99 -3.62
CA ALA A 87 -11.22 -5.55 -4.52
C ALA A 87 -12.59 -5.84 -3.93
N ALA A 88 -13.49 -4.87 -4.04
CA ALA A 88 -14.84 -5.01 -3.53
C ALA A 88 -15.70 -5.91 -4.41
N ASP A 89 -15.22 -7.13 -4.54
CA ASP A 89 -15.83 -8.15 -5.38
C ASP A 89 -15.13 -9.48 -5.17
N ASP A 90 -13.85 -9.43 -4.85
CA ASP A 90 -13.10 -10.65 -4.58
C ASP A 90 -12.75 -10.77 -3.11
N GLY A 91 -12.16 -9.72 -2.56
CA GLY A 91 -11.69 -9.74 -1.19
C GLY A 91 -10.19 -9.94 -1.13
N VAL A 92 -9.77 -11.08 -0.59
CA VAL A 92 -8.38 -11.36 -0.37
C VAL A 92 -7.96 -12.68 -1.04
N MET A 93 -7.13 -12.59 -2.06
CA MET A 93 -6.58 -13.77 -2.72
C MET A 93 -5.29 -14.22 -2.01
N PRO A 94 -4.72 -15.39 -2.38
CA PRO A 94 -3.49 -15.91 -1.75
C PRO A 94 -2.37 -14.88 -1.63
N GLN A 95 -2.08 -14.16 -2.71
CA GLN A 95 -1.04 -13.14 -2.68
C GLN A 95 -1.41 -12.03 -1.69
N THR A 96 -2.69 -11.68 -1.63
CA THR A 96 -3.17 -10.71 -0.68
C THR A 96 -2.87 -11.16 0.75
N VAL A 97 -2.91 -12.47 0.93
CA VAL A 97 -2.68 -13.11 2.21
C VAL A 97 -1.18 -13.15 2.54
N GLU A 98 -0.41 -13.77 1.66
CA GLU A 98 0.99 -14.08 1.94
C GLU A 98 1.89 -12.86 1.89
N ALA A 99 1.34 -11.74 1.45
CA ALA A 99 2.08 -10.49 1.45
C ALA A 99 1.95 -9.87 2.82
N ILE A 100 0.73 -9.90 3.32
CA ILE A 100 0.42 -9.48 4.67
C ILE A 100 1.11 -10.36 5.69
N ASN A 101 1.04 -11.66 5.49
CA ASN A 101 1.73 -12.63 6.34
C ASN A 101 3.22 -12.32 6.44
N HIS A 102 3.76 -11.71 5.39
CA HIS A 102 5.16 -11.31 5.38
C HIS A 102 5.32 -9.94 6.04
N ALA A 103 4.28 -9.13 5.96
CA ALA A 103 4.35 -7.76 6.48
C ALA A 103 4.05 -7.71 7.97
N LYS A 104 2.99 -8.41 8.36
CA LYS A 104 2.44 -8.33 9.69
C LYS A 104 3.47 -8.63 10.78
N ALA A 105 4.37 -9.56 10.51
CA ALA A 105 5.22 -10.11 11.55
C ALA A 105 6.59 -9.44 11.63
N ALA A 106 6.75 -8.33 10.95
CA ALA A 106 7.97 -7.58 11.09
C ALA A 106 7.77 -6.64 12.26
N ASN A 107 6.66 -5.91 12.18
CA ASN A 107 6.16 -4.98 13.21
C ASN A 107 5.40 -3.85 12.53
N VAL A 108 5.07 -4.07 11.27
CA VAL A 108 4.60 -2.98 10.41
C VAL A 108 3.08 -3.00 10.25
N PRO A 109 2.48 -1.80 10.19
CA PRO A 109 1.06 -1.63 9.88
C PRO A 109 0.74 -1.90 8.42
N ILE A 110 -0.52 -2.22 8.19
CA ILE A 110 -0.95 -2.63 6.86
C ILE A 110 -2.14 -1.78 6.42
N ILE A 111 -2.25 -1.57 5.12
CA ILE A 111 -3.30 -0.74 4.56
C ILE A 111 -4.12 -1.58 3.61
N VAL A 112 -5.32 -1.13 3.30
CA VAL A 112 -6.13 -1.79 2.34
C VAL A 112 -6.51 -0.85 1.23
N ALA A 113 -6.52 -1.36 0.03
CA ALA A 113 -6.97 -0.62 -1.10
C ALA A 113 -8.09 -1.39 -1.75
N ILE A 114 -9.29 -1.13 -1.28
CA ILE A 114 -10.48 -1.74 -1.83
C ILE A 114 -10.74 -1.17 -3.21
N ASN A 115 -10.28 -1.89 -4.23
CA ASN A 115 -10.33 -1.40 -5.60
C ASN A 115 -11.59 -1.87 -6.31
N LYS A 116 -11.89 -1.24 -7.44
CA LYS A 116 -13.04 -1.61 -8.29
C LYS A 116 -14.37 -1.39 -7.60
N MET A 117 -14.41 -0.66 -6.49
CA MET A 117 -15.65 -0.51 -5.76
C MET A 117 -16.50 0.63 -6.33
N ASP A 118 -16.09 1.15 -7.47
CA ASP A 118 -16.90 2.12 -8.22
C ASP A 118 -18.01 1.36 -8.97
N LYS A 119 -18.80 0.65 -8.19
CA LYS A 119 -19.87 -0.19 -8.67
C LYS A 119 -20.76 -0.54 -7.47
N PRO A 120 -21.76 -1.46 -7.59
CA PRO A 120 -22.59 -1.89 -6.44
C PRO A 120 -21.79 -2.21 -5.17
N GLU A 121 -20.50 -2.51 -5.33
CA GLU A 121 -19.55 -2.76 -4.23
C GLU A 121 -20.07 -3.85 -3.30
N ALA A 122 -19.52 -5.04 -3.50
CA ALA A 122 -19.98 -6.26 -2.83
C ALA A 122 -20.28 -6.00 -1.37
N ASN A 123 -19.23 -5.71 -0.60
CA ASN A 123 -19.34 -5.28 0.80
C ASN A 123 -17.95 -5.26 1.41
N PRO A 124 -17.38 -4.06 1.60
CA PRO A 124 -16.14 -3.86 2.34
C PRO A 124 -16.03 -4.75 3.59
N ASP A 125 -17.02 -4.67 4.49
CA ASP A 125 -17.00 -5.41 5.77
C ASP A 125 -16.63 -6.87 5.59
N ARG A 126 -17.29 -7.54 4.65
CA ARG A 126 -16.97 -8.93 4.33
C ARG A 126 -15.47 -9.07 4.15
N VAL A 127 -14.97 -8.33 3.18
CA VAL A 127 -13.55 -8.29 2.87
C VAL A 127 -12.74 -7.91 4.10
N MET A 128 -13.20 -6.88 4.81
CA MET A 128 -12.51 -6.35 5.97
C MET A 128 -12.37 -7.40 7.07
N GLN A 129 -13.37 -8.27 7.18
CA GLN A 129 -13.35 -9.32 8.19
C GLN A 129 -12.36 -10.41 7.79
N GLU A 130 -12.07 -10.49 6.51
CA GLU A 130 -11.05 -11.41 6.02
C GLU A 130 -9.68 -10.84 6.35
N LEU A 131 -9.57 -9.51 6.35
CA LEU A 131 -8.32 -8.88 6.70
C LEU A 131 -8.04 -9.09 8.17
N MET A 132 -9.06 -8.87 8.97
CA MET A 132 -8.94 -9.07 10.39
C MET A 132 -8.90 -10.56 10.70
N GLU A 133 -9.09 -11.39 9.68
CA GLU A 133 -8.90 -12.82 9.81
C GLU A 133 -7.42 -13.09 9.80
N TYR A 134 -6.66 -12.24 9.10
CA TYR A 134 -5.21 -12.31 9.16
C TYR A 134 -4.69 -11.37 10.25
N ASN A 135 -5.66 -10.81 10.99
CA ASN A 135 -5.43 -10.12 12.27
C ASN A 135 -4.91 -8.72 12.05
N LEU A 136 -5.20 -8.18 10.89
CA LEU A 136 -4.89 -6.80 10.62
C LEU A 136 -6.18 -6.02 10.67
N VAL A 137 -6.59 -5.75 11.89
CA VAL A 137 -7.85 -5.09 12.18
C VAL A 137 -7.85 -3.66 11.66
N PRO A 138 -8.90 -3.30 10.95
CA PRO A 138 -9.14 -1.93 10.49
C PRO A 138 -9.00 -0.90 11.58
N GLU A 139 -8.74 0.32 11.15
CA GLU A 139 -8.64 1.46 12.04
C GLU A 139 -10.02 1.84 12.53
N GLU A 140 -11.03 1.51 11.73
CA GLU A 140 -12.43 1.65 12.12
C GLU A 140 -12.66 0.82 13.37
N TRP A 141 -12.10 -0.38 13.33
CA TRP A 141 -12.39 -1.39 14.33
C TRP A 141 -11.44 -1.26 15.50
N GLY A 142 -10.27 -0.67 15.27
CA GLY A 142 -9.41 -0.33 16.37
C GLY A 142 -8.13 -1.12 16.35
N GLY A 143 -7.74 -1.55 15.17
CA GLY A 143 -6.49 -2.27 15.03
C GLY A 143 -5.39 -1.40 14.48
N ASP A 144 -4.93 -1.74 13.30
CA ASP A 144 -3.84 -1.01 12.66
C ASP A 144 -3.91 -1.11 11.15
N THR A 145 -5.11 -1.18 10.61
CA THR A 145 -5.24 -1.30 9.16
C THR A 145 -6.17 -0.25 8.57
N ILE A 146 -5.62 0.56 7.66
CA ILE A 146 -6.38 1.63 7.03
C ILE A 146 -7.08 1.11 5.78
N PHE A 147 -8.40 1.01 5.84
CA PHE A 147 -9.18 0.53 4.70
C PHE A 147 -9.57 1.68 3.79
N CYS A 148 -8.95 1.73 2.63
CA CYS A 148 -9.28 2.73 1.64
C CYS A 148 -10.21 2.13 0.60
N LYS A 149 -11.41 2.67 0.49
CA LYS A 149 -12.31 2.25 -0.57
C LYS A 149 -12.11 3.16 -1.77
N LEU A 150 -11.42 2.65 -2.78
CA LEU A 150 -11.03 3.47 -3.91
C LEU A 150 -11.37 2.85 -5.25
N SER A 151 -10.84 3.46 -6.29
CA SER A 151 -10.97 3.00 -7.66
C SER A 151 -9.95 3.73 -8.54
N ALA A 152 -9.09 2.96 -9.19
CA ALA A 152 -8.03 3.52 -10.03
C ALA A 152 -8.52 3.81 -11.44
N LYS A 153 -9.70 3.29 -11.78
CA LYS A 153 -10.28 3.56 -13.07
C LYS A 153 -10.95 4.91 -13.05
N THR A 154 -11.72 5.12 -12.01
CA THR A 154 -12.38 6.39 -11.76
C THR A 154 -11.38 7.39 -11.15
N LYS A 155 -10.33 6.81 -10.56
CA LYS A 155 -9.22 7.57 -9.96
C LYS A 155 -9.64 8.44 -8.77
N GLU A 156 -10.90 8.35 -8.37
CA GLU A 156 -11.41 9.08 -7.21
C GLU A 156 -10.63 8.67 -5.96
N GLY A 157 -10.66 7.38 -5.70
CA GLY A 157 -10.02 6.84 -4.53
C GLY A 157 -8.52 6.92 -4.55
N LEU A 158 -7.94 7.24 -5.72
CA LEU A 158 -6.50 7.38 -5.82
C LEU A 158 -6.03 8.61 -5.07
N ASP A 159 -6.77 9.70 -5.22
CA ASP A 159 -6.49 10.93 -4.48
C ASP A 159 -6.65 10.67 -2.99
N HIS A 160 -7.74 10.00 -2.63
CA HIS A 160 -8.01 9.66 -1.24
C HIS A 160 -6.94 8.70 -0.70
N LEU A 161 -6.39 7.88 -1.58
CA LEU A 161 -5.39 6.88 -1.20
C LEU A 161 -4.10 7.55 -0.75
N LEU A 162 -3.49 8.33 -1.64
CA LEU A 162 -2.23 9.01 -1.35
C LEU A 162 -2.36 9.86 -0.07
N GLU A 163 -3.51 10.50 0.08
CA GLU A 163 -3.77 11.34 1.25
C GLU A 163 -3.79 10.51 2.53
N MET A 164 -4.33 9.31 2.45
CA MET A 164 -4.33 8.41 3.60
C MET A 164 -2.93 7.87 3.85
N ILE A 165 -2.23 7.56 2.76
CA ILE A 165 -0.89 7.03 2.83
C ILE A 165 0.06 7.99 3.55
N LEU A 166 0.03 9.26 3.16
CA LEU A 166 0.89 10.25 3.80
C LEU A 166 0.43 10.54 5.22
N LEU A 167 -0.87 10.52 5.42
CA LEU A 167 -1.44 10.69 6.75
C LEU A 167 -0.88 9.63 7.69
N VAL A 168 -0.60 8.45 7.13
CA VAL A 168 -0.08 7.35 7.91
C VAL A 168 1.40 7.55 8.18
N SER A 169 2.10 8.10 7.18
CA SER A 169 3.50 8.42 7.31
C SER A 169 3.73 9.34 8.52
N GLU A 170 2.78 10.23 8.77
CA GLU A 170 2.87 11.15 9.89
C GLU A 170 2.21 10.57 11.14
N MET A 171 1.01 10.02 10.98
CA MET A 171 0.24 9.50 12.11
C MET A 171 0.93 8.33 12.78
N GLU A 172 1.85 7.68 12.07
CA GLU A 172 2.68 6.63 12.64
C GLU A 172 3.33 7.09 13.95
N GLU A 173 3.62 8.38 14.05
CA GLU A 173 4.24 8.93 15.24
C GLU A 173 3.20 9.52 16.19
N LEU A 174 2.01 9.82 15.66
CA LEU A 174 0.99 10.53 16.43
C LEU A 174 -0.18 9.63 16.85
N LYS A 175 -0.20 8.39 16.37
CA LYS A 175 -1.32 7.49 16.64
C LYS A 175 -1.55 7.33 18.15
N ALA A 176 -2.72 7.75 18.60
CA ALA A 176 -3.07 7.70 20.01
C ALA A 176 -4.17 6.69 20.27
N ASN A 177 -4.37 5.80 19.32
CA ASN A 177 -5.35 4.73 19.47
C ASN A 177 -4.62 3.39 19.65
N PRO A 178 -4.97 2.66 20.72
CA PRO A 178 -4.40 1.33 20.98
C PRO A 178 -4.91 0.30 19.98
N GLY A 1 7.40 20.44 3.91
CA GLY A 1 8.48 19.44 4.09
C GLY A 1 9.79 20.08 4.47
N SER A 2 9.79 20.84 5.57
CA SER A 2 10.97 21.56 6.01
C SER A 2 11.82 20.69 6.95
N HIS A 3 12.01 19.44 6.56
CA HIS A 3 12.81 18.51 7.35
C HIS A 3 13.17 17.30 6.51
N MET A 4 14.45 17.02 6.40
CA MET A 4 14.93 15.89 5.64
C MET A 4 15.56 14.86 6.57
N VAL A 5 14.78 13.85 6.92
CA VAL A 5 15.28 12.76 7.74
C VAL A 5 15.43 11.51 6.89
N GLU A 6 16.51 10.77 7.11
CA GLU A 6 16.78 9.58 6.31
C GLU A 6 16.00 8.39 6.83
N ARG A 7 14.68 8.53 6.84
CA ARG A 7 13.79 7.45 7.22
C ARG A 7 12.89 7.11 6.04
N PRO A 8 13.38 6.27 5.12
CA PRO A 8 12.66 5.92 3.89
C PRO A 8 11.54 4.92 4.15
N PRO A 9 10.28 5.36 3.95
CA PRO A 9 9.12 4.49 4.04
C PRO A 9 8.78 3.90 2.67
N VAL A 10 9.32 2.72 2.39
CA VAL A 10 9.12 2.10 1.09
C VAL A 10 7.71 1.55 0.98
N VAL A 11 6.91 2.20 0.15
CA VAL A 11 5.55 1.80 -0.06
C VAL A 11 5.47 0.69 -1.11
N THR A 12 5.57 -0.53 -0.64
CA THR A 12 5.50 -1.69 -1.51
C THR A 12 4.05 -2.12 -1.71
N ILE A 13 3.56 -1.96 -2.93
CA ILE A 13 2.21 -2.41 -3.25
C ILE A 13 2.18 -3.93 -3.36
N MET A 14 1.42 -4.52 -2.47
CA MET A 14 1.27 -5.97 -2.41
C MET A 14 -0.17 -6.37 -2.66
N GLY A 15 -0.43 -7.66 -2.65
CA GLY A 15 -1.78 -8.15 -2.77
C GLY A 15 -1.80 -9.42 -3.60
N HIS A 16 -2.10 -9.22 -4.87
CA HIS A 16 -2.05 -10.26 -5.88
C HIS A 16 -2.28 -9.60 -7.24
N VAL A 17 -1.59 -10.11 -8.25
CA VAL A 17 -1.51 -9.47 -9.57
C VAL A 17 -2.87 -9.29 -10.24
N ASP A 18 -3.85 -10.13 -9.87
CA ASP A 18 -5.16 -10.10 -10.52
C ASP A 18 -5.98 -8.88 -10.08
N HIS A 19 -5.82 -8.49 -8.83
CA HIS A 19 -6.64 -7.45 -8.23
C HIS A 19 -6.50 -6.10 -8.92
N GLY A 20 -5.37 -5.90 -9.59
CA GLY A 20 -5.16 -4.67 -10.32
C GLY A 20 -4.22 -3.72 -9.61
N LYS A 21 -2.97 -4.14 -9.48
CA LYS A 21 -1.96 -3.31 -8.84
C LYS A 21 -1.33 -2.38 -9.88
N THR A 22 -1.55 -2.71 -11.14
CA THR A 22 -0.99 -1.93 -12.23
C THR A 22 -1.81 -0.66 -12.45
N THR A 23 -3.10 -0.73 -12.14
CA THR A 23 -3.96 0.45 -12.20
C THR A 23 -3.52 1.50 -11.19
N LEU A 24 -2.91 1.06 -10.10
CA LEU A 24 -2.32 1.98 -9.12
C LEU A 24 -1.07 2.61 -9.71
N LEU A 25 -0.19 1.79 -10.24
CA LEU A 25 1.05 2.30 -10.84
C LEU A 25 0.72 3.24 -12.01
N ASP A 26 -0.47 3.09 -12.58
CA ASP A 26 -0.90 3.93 -13.69
C ASP A 26 -1.68 5.16 -13.21
N ALA A 27 -2.76 4.95 -12.47
CA ALA A 27 -3.61 6.04 -12.03
C ALA A 27 -2.87 6.97 -11.07
N ILE A 28 -1.91 6.43 -10.36
CA ILE A 28 -1.08 7.23 -9.47
C ILE A 28 -0.14 8.12 -10.29
N ARG A 29 0.28 7.63 -11.45
CA ARG A 29 1.02 8.45 -12.41
C ARG A 29 0.09 9.51 -12.98
N HIS A 30 -1.18 9.14 -13.10
CA HIS A 30 -2.22 10.04 -13.54
C HIS A 30 -2.61 11.00 -12.40
N SER A 31 -1.83 10.97 -11.34
CA SER A 31 -2.02 11.87 -10.21
C SER A 31 -0.77 12.73 -10.04
N LYS A 32 -0.06 12.94 -11.16
CA LYS A 32 1.17 13.76 -11.23
C LYS A 32 2.17 13.39 -10.14
N VAL A 33 3.12 14.30 -9.89
CA VAL A 33 4.15 14.20 -8.83
C VAL A 33 5.04 12.97 -8.95
N THR A 34 4.83 12.17 -9.98
CA THR A 34 5.56 10.92 -10.14
C THR A 34 6.88 11.14 -10.86
N GLU A 35 7.80 10.23 -10.64
CA GLU A 35 9.11 10.27 -11.27
C GLU A 35 9.04 9.80 -12.72
N GLN A 36 9.29 8.51 -12.98
CA GLN A 36 9.31 8.01 -14.36
C GLN A 36 9.21 6.48 -14.45
N GLU A 37 9.24 6.01 -15.70
CA GLU A 37 9.30 4.59 -16.05
C GLU A 37 8.09 3.77 -15.59
N ALA A 38 8.22 3.06 -14.46
CA ALA A 38 7.21 2.10 -14.02
C ALA A 38 5.79 2.67 -14.07
N GLY A 39 4.95 2.00 -14.84
CA GLY A 39 3.56 2.40 -14.95
C GLY A 39 3.06 2.41 -16.37
N GLY A 40 3.55 1.46 -17.17
CA GLY A 40 3.17 1.39 -18.56
C GLY A 40 3.32 -0.01 -19.12
N ILE A 41 3.31 -0.11 -20.44
CA ILE A 41 3.43 -1.40 -21.11
C ILE A 41 4.89 -1.70 -21.43
N THR A 42 5.49 -0.84 -22.23
CA THR A 42 6.88 -1.01 -22.61
C THR A 42 7.80 -0.53 -21.48
N GLN A 43 7.24 0.29 -20.59
CA GLN A 43 7.98 0.75 -19.41
C GLN A 43 8.05 -0.37 -18.39
N HIS A 44 9.03 -1.23 -18.52
CA HIS A 44 9.15 -2.41 -17.67
C HIS A 44 10.04 -2.11 -16.47
N ILE A 45 9.42 -2.24 -15.29
CA ILE A 45 10.03 -1.95 -13.98
C ILE A 45 10.70 -0.57 -13.91
N GLY A 46 11.33 -0.30 -12.78
CA GLY A 46 12.01 0.95 -12.56
C GLY A 46 11.49 1.62 -11.31
N ALA A 47 10.21 1.38 -11.02
CA ALA A 47 9.51 1.98 -9.89
C ALA A 47 9.45 3.49 -10.02
N TYR A 48 8.84 4.16 -9.04
CA TYR A 48 8.71 5.60 -9.09
C TYR A 48 8.47 6.17 -7.71
N GLN A 49 8.85 7.42 -7.52
CA GLN A 49 8.62 8.12 -6.27
C GLN A 49 7.68 9.29 -6.50
N VAL A 50 6.74 9.47 -5.60
CA VAL A 50 5.77 10.54 -5.74
C VAL A 50 6.06 11.67 -4.77
N THR A 51 6.10 12.87 -5.32
CA THR A 51 6.36 14.04 -4.52
C THR A 51 5.05 14.75 -4.19
N VAL A 52 4.39 14.25 -3.16
CA VAL A 52 3.17 14.84 -2.64
C VAL A 52 3.39 15.14 -1.17
N ASN A 53 3.20 16.41 -0.78
CA ASN A 53 3.55 16.89 0.57
C ASN A 53 5.06 16.99 0.71
N ASP A 54 5.71 16.31 -0.22
CA ASP A 54 7.16 16.24 -0.34
C ASP A 54 7.73 15.31 0.70
N LYS A 55 7.03 14.21 0.92
CA LYS A 55 7.49 13.19 1.86
C LYS A 55 8.25 12.10 1.10
N LYS A 56 8.28 12.26 -0.22
CA LYS A 56 9.08 11.45 -1.13
C LYS A 56 8.72 9.96 -1.05
N ILE A 57 7.43 9.68 -1.19
CA ILE A 57 6.94 8.31 -1.15
C ILE A 57 7.54 7.47 -2.27
N THR A 58 8.12 6.34 -1.91
CA THR A 58 8.69 5.43 -2.90
C THR A 58 7.71 4.29 -3.18
N PHE A 59 7.25 4.20 -4.42
CA PHE A 59 6.33 3.13 -4.80
C PHE A 59 7.10 1.98 -5.45
N LEU A 60 7.16 0.87 -4.72
CA LEU A 60 7.81 -0.36 -5.20
C LEU A 60 9.32 -0.20 -5.35
N ASP A 61 9.97 -1.32 -5.63
CA ASP A 61 11.41 -1.37 -5.84
C ASP A 61 11.75 -2.74 -6.42
N THR A 62 13.01 -3.14 -6.30
CA THR A 62 13.43 -4.45 -6.78
C THR A 62 12.81 -5.59 -5.95
N PRO A 63 12.97 -5.57 -4.61
CA PRO A 63 12.46 -6.62 -3.73
C PRO A 63 10.94 -6.56 -3.54
N GLY A 64 10.20 -6.58 -4.63
CA GLY A 64 8.76 -6.53 -4.55
C GLY A 64 8.14 -7.90 -4.39
N HIS A 65 6.80 -7.94 -4.37
CA HIS A 65 6.04 -9.18 -4.25
C HIS A 65 6.18 -9.82 -2.87
N GLU A 66 7.34 -10.40 -2.59
CA GLU A 66 7.51 -11.21 -1.39
C GLU A 66 8.64 -10.68 -0.50
N ALA A 67 9.60 -9.97 -1.09
CA ALA A 67 10.82 -9.59 -0.36
C ALA A 67 10.61 -8.38 0.54
N PHE A 68 9.37 -7.91 0.62
CA PHE A 68 8.99 -6.81 1.49
C PHE A 68 9.65 -5.50 1.04
N THR A 69 10.79 -5.15 1.63
CA THR A 69 11.49 -3.91 1.29
C THR A 69 13.01 -4.09 1.42
N THR A 70 13.59 -3.57 2.50
CA THR A 70 15.01 -3.61 2.71
C THR A 70 15.46 -4.98 3.20
N MET A 71 16.09 -5.76 2.34
CA MET A 71 16.62 -7.06 2.73
C MET A 71 18.14 -7.09 2.58
N ARG A 72 18.72 -5.91 2.45
CA ARG A 72 20.16 -5.75 2.44
C ARG A 72 20.53 -4.55 3.29
N ALA A 73 21.33 -4.77 4.33
CA ALA A 73 21.61 -3.76 5.33
C ALA A 73 20.30 -3.33 5.98
N ARG A 74 19.62 -4.29 6.59
CA ARG A 74 18.27 -4.07 7.11
C ARG A 74 18.30 -3.74 8.59
N GLY A 75 17.67 -2.64 8.96
CA GLY A 75 17.51 -2.29 10.35
C GLY A 75 16.60 -3.28 11.07
N ALA A 76 16.78 -3.41 12.37
CA ALA A 76 15.98 -4.31 13.17
C ALA A 76 14.53 -3.85 13.25
N GLN A 77 14.34 -2.54 13.37
CA GLN A 77 13.01 -1.98 13.50
C GLN A 77 12.62 -1.25 12.22
N VAL A 78 12.12 -2.01 11.25
CA VAL A 78 11.62 -1.43 10.02
C VAL A 78 10.13 -1.12 10.17
N THR A 79 9.65 -0.15 9.42
CA THR A 79 8.26 0.25 9.50
C THR A 79 7.81 0.88 8.19
N ASP A 80 7.94 0.10 7.12
CA ASP A 80 7.57 0.56 5.79
C ASP A 80 6.06 0.52 5.60
N ILE A 81 5.62 0.79 4.37
CA ILE A 81 4.20 0.89 4.08
C ILE A 81 3.75 -0.26 3.19
N VAL A 82 2.96 -1.17 3.75
CA VAL A 82 2.48 -2.30 3.00
C VAL A 82 1.09 -2.03 2.44
N ILE A 83 1.03 -1.73 1.15
CA ILE A 83 -0.25 -1.51 0.51
C ILE A 83 -0.80 -2.83 0.03
N LEU A 84 -1.70 -3.39 0.79
CA LEU A 84 -2.29 -4.66 0.42
C LEU A 84 -3.47 -4.46 -0.52
N VAL A 85 -3.30 -4.78 -1.78
CA VAL A 85 -4.36 -4.61 -2.75
C VAL A 85 -5.36 -5.76 -2.68
N VAL A 86 -6.62 -5.42 -2.82
CA VAL A 86 -7.70 -6.38 -2.85
C VAL A 86 -8.71 -5.92 -3.90
N ALA A 87 -9.85 -6.56 -3.96
CA ALA A 87 -10.88 -6.14 -4.89
C ALA A 87 -12.24 -6.19 -4.24
N ALA A 88 -13.10 -5.27 -4.64
CA ALA A 88 -14.46 -5.13 -4.11
C ALA A 88 -15.10 -6.48 -3.78
N ASP A 89 -15.12 -7.37 -4.77
CA ASP A 89 -15.83 -8.64 -4.65
C ASP A 89 -14.89 -9.81 -4.33
N ASP A 90 -13.58 -9.59 -4.40
CA ASP A 90 -12.64 -10.70 -4.23
C ASP A 90 -12.22 -10.84 -2.78
N GLY A 91 -11.99 -9.72 -2.13
CA GLY A 91 -11.45 -9.76 -0.78
C GLY A 91 -9.96 -10.08 -0.81
N VAL A 92 -9.54 -10.92 0.12
CA VAL A 92 -8.17 -11.35 0.21
C VAL A 92 -7.99 -12.74 -0.40
N MET A 93 -7.26 -12.82 -1.50
CA MET A 93 -6.95 -14.10 -2.10
C MET A 93 -5.72 -14.68 -1.42
N PRO A 94 -5.41 -15.98 -1.64
CA PRO A 94 -4.26 -16.65 -1.03
C PRO A 94 -3.00 -15.77 -0.84
N GLN A 95 -2.56 -15.11 -1.91
CA GLN A 95 -1.33 -14.36 -1.85
C GLN A 95 -1.50 -13.03 -1.13
N THR A 96 -2.75 -12.59 -1.00
CA THR A 96 -3.06 -11.39 -0.25
C THR A 96 -2.78 -11.63 1.24
N VAL A 97 -2.71 -12.90 1.65
CA VAL A 97 -2.38 -13.26 3.01
C VAL A 97 -0.90 -13.46 3.17
N GLU A 98 -0.29 -14.16 2.22
CA GLU A 98 1.13 -14.49 2.29
C GLU A 98 1.98 -13.23 2.32
N ALA A 99 1.47 -12.16 1.73
CA ALA A 99 2.15 -10.87 1.76
C ALA A 99 1.98 -10.24 3.14
N ILE A 100 0.80 -10.41 3.73
CA ILE A 100 0.48 -9.83 5.03
C ILE A 100 1.19 -10.57 6.16
N ASN A 101 1.15 -11.90 6.10
CA ASN A 101 1.95 -12.73 6.98
C ASN A 101 3.40 -12.30 6.98
N HIS A 102 3.87 -11.88 5.82
CA HIS A 102 5.25 -11.44 5.67
C HIS A 102 5.39 -9.98 6.08
N ALA A 103 4.30 -9.23 5.96
CA ALA A 103 4.35 -7.80 6.18
C ALA A 103 4.13 -7.41 7.64
N LYS A 104 3.07 -7.96 8.23
CA LYS A 104 2.65 -7.54 9.56
C LYS A 104 3.65 -7.98 10.62
N ALA A 105 4.44 -9.00 10.29
CA ALA A 105 5.32 -9.63 11.27
C ALA A 105 6.63 -8.88 11.41
N ALA A 106 6.73 -7.74 10.78
CA ALA A 106 7.89 -6.87 10.92
C ALA A 106 7.52 -5.72 11.84
N ASN A 107 6.25 -5.72 12.25
CA ASN A 107 5.67 -4.69 13.11
C ASN A 107 5.35 -3.50 12.25
N VAL A 108 4.61 -3.80 11.18
CA VAL A 108 4.33 -2.87 10.14
C VAL A 108 2.84 -2.71 9.92
N PRO A 109 2.37 -1.48 9.60
CA PRO A 109 0.99 -1.24 9.22
C PRO A 109 0.67 -1.69 7.81
N ILE A 110 -0.60 -2.01 7.62
CA ILE A 110 -1.07 -2.56 6.35
C ILE A 110 -2.19 -1.70 5.77
N ILE A 111 -2.20 -1.57 4.47
CA ILE A 111 -3.24 -0.82 3.78
C ILE A 111 -4.02 -1.77 2.94
N VAL A 112 -5.29 -1.51 2.77
CA VAL A 112 -6.09 -2.27 1.88
C VAL A 112 -6.47 -1.41 0.71
N ALA A 113 -6.28 -1.93 -0.48
CA ALA A 113 -6.65 -1.22 -1.66
C ALA A 113 -7.74 -2.01 -2.34
N ILE A 114 -8.96 -1.71 -1.93
CA ILE A 114 -10.13 -2.32 -2.50
C ILE A 114 -10.36 -1.79 -3.92
N ASN A 115 -9.87 -2.52 -4.91
CA ASN A 115 -9.94 -2.05 -6.30
C ASN A 115 -11.17 -2.62 -6.98
N LYS A 116 -11.53 -2.04 -8.13
CA LYS A 116 -12.70 -2.45 -8.91
C LYS A 116 -13.97 -2.24 -8.08
N MET A 117 -13.85 -1.34 -7.11
CA MET A 117 -14.93 -0.97 -6.21
C MET A 117 -15.83 0.07 -6.89
N ASP A 118 -15.46 0.40 -8.14
CA ASP A 118 -16.24 1.27 -9.02
C ASP A 118 -17.70 0.82 -9.17
N LYS A 119 -18.03 -0.34 -8.62
CA LYS A 119 -19.41 -0.78 -8.49
C LYS A 119 -20.06 0.07 -7.40
N PRO A 120 -21.31 -0.21 -6.98
CA PRO A 120 -21.83 0.39 -5.76
C PRO A 120 -20.89 0.08 -4.58
N GLU A 121 -20.63 -1.22 -4.44
CA GLU A 121 -19.73 -1.80 -3.44
C GLU A 121 -20.19 -3.23 -3.20
N ALA A 122 -19.31 -4.18 -3.49
CA ALA A 122 -19.66 -5.59 -3.32
C ALA A 122 -19.98 -5.89 -1.87
N ASN A 123 -18.98 -5.79 -1.00
CA ASN A 123 -19.18 -5.88 0.44
C ASN A 123 -17.86 -5.71 1.18
N PRO A 124 -17.40 -4.46 1.35
CA PRO A 124 -16.23 -4.14 2.17
C PRO A 124 -16.17 -4.91 3.49
N ASP A 125 -17.22 -4.81 4.31
CA ASP A 125 -17.25 -5.41 5.66
C ASP A 125 -16.78 -6.85 5.68
N ARG A 126 -17.29 -7.68 4.77
CA ARG A 126 -16.84 -9.06 4.65
C ARG A 126 -15.34 -9.10 4.49
N VAL A 127 -14.88 -8.41 3.45
CA VAL A 127 -13.46 -8.28 3.16
C VAL A 127 -12.72 -7.76 4.40
N MET A 128 -13.27 -6.73 5.00
CA MET A 128 -12.66 -6.07 6.16
C MET A 128 -12.56 -7.02 7.35
N GLN A 129 -13.58 -7.85 7.55
CA GLN A 129 -13.57 -8.79 8.65
C GLN A 129 -12.62 -9.93 8.35
N GLU A 130 -12.39 -10.17 7.07
CA GLU A 130 -11.43 -11.17 6.67
C GLU A 130 -10.01 -10.64 6.89
N LEU A 131 -9.82 -9.33 6.80
CA LEU A 131 -8.51 -8.75 7.10
C LEU A 131 -8.25 -8.85 8.57
N MET A 132 -9.24 -8.52 9.34
CA MET A 132 -9.15 -8.60 10.77
C MET A 132 -9.21 -10.05 11.20
N GLU A 133 -9.48 -10.94 10.24
CA GLU A 133 -9.41 -12.37 10.49
C GLU A 133 -7.96 -12.79 10.52
N TYR A 134 -7.12 -12.05 9.78
CA TYR A 134 -5.67 -12.22 9.91
C TYR A 134 -5.16 -11.28 10.98
N ASN A 135 -6.12 -10.72 11.72
CA ASN A 135 -5.86 -9.83 12.85
C ASN A 135 -5.29 -8.52 12.35
N LEU A 136 -5.87 -8.03 11.28
CA LEU A 136 -5.58 -6.72 10.78
C LEU A 136 -6.85 -5.89 10.83
N VAL A 137 -7.16 -5.44 12.03
CA VAL A 137 -8.35 -4.66 12.26
C VAL A 137 -8.27 -3.30 11.58
N PRO A 138 -9.28 -3.00 10.76
CA PRO A 138 -9.43 -1.68 10.14
C PRO A 138 -9.31 -0.55 11.14
N GLU A 139 -9.01 0.61 10.63
CA GLU A 139 -8.88 1.80 11.46
C GLU A 139 -10.26 2.37 11.74
N GLU A 140 -11.22 2.01 10.89
CA GLU A 140 -12.63 2.27 11.17
C GLU A 140 -12.98 1.65 12.51
N TRP A 141 -12.42 0.47 12.71
CA TRP A 141 -12.73 -0.34 13.86
C TRP A 141 -11.73 -0.06 14.97
N GLY A 142 -10.51 0.29 14.59
CA GLY A 142 -9.57 0.82 15.57
C GLY A 142 -8.32 -0.01 15.69
N GLY A 143 -8.04 -0.78 14.66
CA GLY A 143 -6.84 -1.58 14.66
C GLY A 143 -5.66 -0.88 14.03
N ASP A 144 -5.19 -1.42 12.92
CA ASP A 144 -3.99 -0.91 12.27
C ASP A 144 -4.04 -1.16 10.77
N THR A 145 -5.25 -1.19 10.22
CA THR A 145 -5.40 -1.48 8.79
C THR A 145 -6.25 -0.42 8.08
N ILE A 146 -5.66 0.20 7.07
CA ILE A 146 -6.29 1.29 6.33
C ILE A 146 -7.06 0.77 5.13
N PHE A 147 -8.39 0.77 5.21
CA PHE A 147 -9.20 0.28 4.10
C PHE A 147 -9.52 1.39 3.11
N CYS A 148 -8.90 1.30 1.95
CA CYS A 148 -9.14 2.24 0.88
C CYS A 148 -10.00 1.61 -0.19
N LYS A 149 -11.29 1.91 -0.17
CA LYS A 149 -12.20 1.45 -1.20
C LYS A 149 -12.10 2.39 -2.41
N LEU A 150 -11.27 1.99 -3.37
CA LEU A 150 -10.89 2.89 -4.46
C LEU A 150 -11.43 2.44 -5.80
N SER A 151 -11.05 3.19 -6.83
CA SER A 151 -11.41 2.90 -8.19
C SER A 151 -10.56 3.73 -9.13
N ALA A 152 -9.82 3.06 -10.01
CA ALA A 152 -8.98 3.75 -11.00
C ALA A 152 -9.84 4.49 -12.02
N LYS A 153 -11.15 4.24 -11.99
CA LYS A 153 -12.08 4.89 -12.89
C LYS A 153 -12.47 6.24 -12.33
N THR A 154 -12.98 6.21 -11.12
CA THR A 154 -13.52 7.39 -10.46
C THR A 154 -12.40 8.24 -9.85
N LYS A 155 -11.25 7.60 -9.63
CA LYS A 155 -10.06 8.26 -9.05
C LYS A 155 -10.25 8.54 -7.55
N GLU A 156 -11.44 8.21 -7.04
CA GLU A 156 -11.81 8.48 -5.65
C GLU A 156 -10.74 8.03 -4.67
N GLY A 157 -10.61 6.71 -4.53
CA GLY A 157 -9.71 6.13 -3.58
C GLY A 157 -8.25 6.29 -3.94
N LEU A 158 -7.96 6.74 -5.15
CA LEU A 158 -6.57 6.93 -5.58
C LEU A 158 -5.93 8.08 -4.82
N ASP A 159 -6.62 9.20 -4.80
CA ASP A 159 -6.13 10.37 -4.09
C ASP A 159 -6.16 10.12 -2.59
N HIS A 160 -7.20 9.43 -2.14
CA HIS A 160 -7.36 9.09 -0.73
C HIS A 160 -6.32 8.06 -0.30
N LEU A 161 -5.88 7.21 -1.23
CA LEU A 161 -4.85 6.22 -0.96
C LEU A 161 -3.56 6.91 -0.58
N LEU A 162 -3.05 7.75 -1.47
CA LEU A 162 -1.83 8.51 -1.24
C LEU A 162 -1.96 9.32 0.05
N GLU A 163 -3.17 9.82 0.27
CA GLU A 163 -3.49 10.61 1.43
C GLU A 163 -3.36 9.78 2.71
N MET A 164 -3.95 8.59 2.72
CA MET A 164 -3.86 7.70 3.88
C MET A 164 -2.42 7.28 4.12
N ILE A 165 -1.72 6.97 3.03
CA ILE A 165 -0.31 6.63 3.08
C ILE A 165 0.48 7.74 3.79
N LEU A 166 0.30 8.98 3.31
CA LEU A 166 0.94 10.16 3.89
C LEU A 166 0.54 10.36 5.34
N LEU A 167 -0.76 10.29 5.61
CA LEU A 167 -1.29 10.50 6.95
C LEU A 167 -0.63 9.58 7.95
N VAL A 168 -0.54 8.31 7.60
CA VAL A 168 0.07 7.32 8.49
C VAL A 168 1.56 7.57 8.65
N SER A 169 2.22 7.96 7.56
CA SER A 169 3.65 8.26 7.60
C SER A 169 3.92 9.42 8.58
N GLU A 170 2.93 10.25 8.79
CA GLU A 170 3.05 11.35 9.74
C GLU A 170 2.41 10.98 11.08
N MET A 171 1.50 10.03 11.05
CA MET A 171 0.77 9.61 12.25
C MET A 171 1.63 8.71 13.12
N GLU A 172 2.72 8.20 12.54
CA GLU A 172 3.72 7.43 13.29
C GLU A 172 4.27 8.22 14.48
N GLU A 173 4.13 9.55 14.43
CA GLU A 173 4.48 10.40 15.55
C GLU A 173 3.61 10.07 16.77
N LEU A 174 2.41 9.57 16.48
CA LEU A 174 1.46 9.18 17.51
C LEU A 174 1.40 7.65 17.61
N LYS A 175 0.79 7.04 16.59
CA LYS A 175 0.74 5.59 16.42
C LYS A 175 -0.14 4.91 17.48
N ALA A 176 -0.30 3.59 17.33
CA ALA A 176 -1.09 2.75 18.24
C ALA A 176 -2.59 2.95 18.08
N ASN A 177 -3.13 3.98 18.72
CA ASN A 177 -4.58 4.22 18.70
C ASN A 177 -4.92 5.65 19.14
N PRO A 178 -4.51 6.09 20.35
CA PRO A 178 -4.86 7.40 20.88
C PRO A 178 -3.91 8.50 20.41
N GLY A 1 27.42 10.53 17.13
CA GLY A 1 26.75 9.94 15.94
C GLY A 1 25.25 9.91 16.08
N SER A 2 24.57 10.80 15.38
CA SER A 2 23.11 10.85 15.39
C SER A 2 22.54 9.57 14.78
N HIS A 3 21.58 8.97 15.46
CA HIS A 3 20.97 7.73 14.96
C HIS A 3 19.58 7.99 14.40
N MET A 4 19.23 9.27 14.26
CA MET A 4 17.96 9.65 13.69
C MET A 4 18.03 9.60 12.16
N VAL A 5 17.60 8.49 11.60
CA VAL A 5 17.56 8.33 10.15
C VAL A 5 16.28 8.94 9.57
N GLU A 6 16.38 10.20 9.16
CA GLU A 6 15.25 10.91 8.59
C GLU A 6 15.06 10.50 7.14
N ARG A 7 14.45 9.34 6.94
CA ARG A 7 14.19 8.82 5.61
C ARG A 7 12.71 8.94 5.28
N PRO A 8 12.38 9.36 4.05
CA PRO A 8 11.00 9.40 3.57
C PRO A 8 10.42 7.99 3.45
N PRO A 9 9.21 7.77 4.01
CA PRO A 9 8.53 6.47 4.01
C PRO A 9 8.42 5.87 2.61
N VAL A 10 8.60 4.55 2.53
CA VAL A 10 8.57 3.86 1.26
C VAL A 10 7.37 2.95 1.18
N VAL A 11 6.43 3.32 0.33
CA VAL A 11 5.20 2.60 0.18
C VAL A 11 5.38 1.39 -0.75
N THR A 12 5.44 0.22 -0.14
CA THR A 12 5.59 -1.04 -0.88
C THR A 12 4.24 -1.57 -1.33
N ILE A 13 4.12 -1.87 -2.63
CA ILE A 13 2.84 -2.27 -3.20
C ILE A 13 2.66 -3.78 -3.16
N MET A 14 1.58 -4.21 -2.53
CA MET A 14 1.27 -5.64 -2.45
C MET A 14 -0.21 -5.88 -2.68
N GLY A 15 -0.59 -7.14 -2.79
CA GLY A 15 -1.97 -7.52 -2.90
C GLY A 15 -2.09 -8.80 -3.71
N HIS A 16 -2.51 -8.64 -4.94
CA HIS A 16 -2.64 -9.74 -5.87
C HIS A 16 -2.84 -9.20 -7.29
N VAL A 17 -2.54 -10.01 -8.30
CA VAL A 17 -2.61 -9.56 -9.69
C VAL A 17 -4.02 -9.07 -10.06
N ASP A 18 -5.00 -9.96 -9.94
CA ASP A 18 -6.37 -9.66 -10.35
C ASP A 18 -6.99 -8.51 -9.57
N HIS A 19 -6.45 -8.23 -8.39
CA HIS A 19 -6.94 -7.13 -7.58
C HIS A 19 -6.57 -5.79 -8.20
N GLY A 20 -5.59 -5.82 -9.09
CA GLY A 20 -5.24 -4.64 -9.85
C GLY A 20 -4.09 -3.87 -9.27
N LYS A 21 -3.06 -4.57 -8.78
CA LYS A 21 -1.90 -3.88 -8.21
C LYS A 21 -1.01 -3.32 -9.31
N THR A 22 -1.04 -3.96 -10.47
CA THR A 22 -0.22 -3.51 -11.59
C THR A 22 -0.92 -2.35 -12.31
N THR A 23 -2.24 -2.37 -12.29
CA THR A 23 -3.02 -1.28 -12.87
C THR A 23 -3.10 -0.12 -11.88
N LEU A 24 -2.79 -0.40 -10.62
CA LEU A 24 -2.73 0.64 -9.60
C LEU A 24 -1.59 1.58 -9.95
N LEU A 25 -0.41 1.01 -10.16
CA LEU A 25 0.79 1.77 -10.52
C LEU A 25 0.57 2.51 -11.85
N ASP A 26 -0.09 1.85 -12.79
CA ASP A 26 -0.37 2.46 -14.09
C ASP A 26 -1.37 3.60 -13.96
N ALA A 27 -2.46 3.38 -13.24
CA ALA A 27 -3.48 4.40 -13.02
C ALA A 27 -2.90 5.56 -12.23
N ILE A 28 -2.12 5.23 -11.21
CA ILE A 28 -1.47 6.22 -10.37
C ILE A 28 -0.43 6.99 -11.18
N ARG A 29 0.12 6.30 -12.19
CA ARG A 29 1.07 6.92 -13.12
C ARG A 29 0.33 7.93 -14.01
N HIS A 30 -0.93 7.64 -14.30
CA HIS A 30 -1.75 8.53 -15.10
C HIS A 30 -2.37 9.63 -14.24
N SER A 31 -1.85 9.80 -13.03
CA SER A 31 -2.38 10.79 -12.11
C SER A 31 -1.51 12.04 -12.10
N LYS A 32 -0.63 12.15 -13.10
CA LYS A 32 0.23 13.34 -13.31
C LYS A 32 1.33 13.49 -12.26
N VAL A 33 1.00 13.23 -11.01
CA VAL A 33 1.90 13.46 -9.89
C VAL A 33 3.01 12.41 -9.78
N THR A 34 3.23 11.65 -10.84
CA THR A 34 4.26 10.63 -10.83
C THR A 34 5.54 11.16 -11.47
N GLU A 35 6.60 11.13 -10.67
CA GLU A 35 7.92 11.59 -11.10
C GLU A 35 8.38 10.93 -12.38
N GLN A 36 8.57 9.62 -12.34
CA GLN A 36 9.11 8.89 -13.50
C GLN A 36 8.84 7.40 -13.39
N GLU A 37 9.06 6.70 -14.51
CA GLU A 37 8.94 5.25 -14.58
C GLU A 37 7.50 4.77 -14.39
N ALA A 38 7.31 3.46 -14.56
CA ALA A 38 6.00 2.85 -14.45
C ALA A 38 6.15 1.35 -14.20
N GLY A 39 5.09 0.72 -13.72
CA GLY A 39 5.14 -0.68 -13.37
C GLY A 39 3.89 -1.42 -13.79
N GLY A 40 3.54 -1.29 -15.07
CA GLY A 40 2.35 -1.93 -15.58
C GLY A 40 2.61 -2.65 -16.89
N ILE A 41 2.30 -1.99 -18.00
CA ILE A 41 2.43 -2.58 -19.32
C ILE A 41 3.76 -2.22 -19.98
N THR A 42 4.54 -1.38 -19.31
CA THR A 42 5.80 -0.93 -19.82
C THR A 42 6.93 -1.89 -19.44
N GLN A 43 7.72 -2.32 -20.42
CA GLN A 43 8.81 -3.24 -20.17
C GLN A 43 10.05 -2.46 -19.72
N HIS A 44 10.00 -2.00 -18.49
CA HIS A 44 11.11 -1.31 -17.85
C HIS A 44 11.16 -1.71 -16.39
N ILE A 45 10.14 -1.27 -15.66
CA ILE A 45 9.95 -1.62 -14.25
C ILE A 45 11.01 -0.97 -13.36
N GLY A 46 10.60 -0.68 -12.16
CA GLY A 46 11.46 -0.04 -11.20
C GLY A 46 10.67 0.50 -10.03
N ALA A 47 10.41 1.80 -10.07
CA ALA A 47 9.66 2.46 -9.01
C ALA A 47 9.34 3.89 -9.39
N TYR A 48 8.57 4.55 -8.56
CA TYR A 48 8.12 5.90 -8.85
C TYR A 48 7.89 6.68 -7.57
N GLN A 49 8.02 7.99 -7.66
CA GLN A 49 7.77 8.87 -6.53
C GLN A 49 6.57 9.76 -6.84
N VAL A 50 5.82 10.12 -5.81
CA VAL A 50 4.65 10.95 -6.00
C VAL A 50 4.88 12.34 -5.44
N THR A 51 4.24 13.27 -6.08
CA THR A 51 4.42 14.69 -5.78
C THR A 51 3.54 15.13 -4.61
N VAL A 52 4.05 14.93 -3.41
CA VAL A 52 3.43 15.51 -2.24
C VAL A 52 4.29 16.65 -1.77
N ASN A 53 3.79 17.87 -1.92
CA ASN A 53 4.58 19.10 -1.78
C ASN A 53 5.59 19.20 -2.91
N ASP A 54 6.33 18.13 -3.08
CA ASP A 54 7.33 17.99 -4.13
C ASP A 54 7.47 16.52 -4.52
N LYS A 55 7.77 15.69 -3.51
CA LYS A 55 7.86 14.24 -3.65
C LYS A 55 8.31 13.63 -2.32
N LYS A 56 7.45 13.73 -1.32
CA LYS A 56 7.77 13.27 0.02
C LYS A 56 7.31 11.83 0.25
N ILE A 57 6.82 11.18 -0.80
CA ILE A 57 6.40 9.79 -0.72
C ILE A 57 7.02 9.00 -1.88
N THR A 58 7.66 7.88 -1.56
CA THR A 58 8.24 7.01 -2.57
C THR A 58 7.48 5.68 -2.60
N PHE A 59 7.22 5.18 -3.80
CA PHE A 59 6.50 3.91 -3.96
C PHE A 59 7.43 2.86 -4.55
N LEU A 60 7.66 1.79 -3.79
CA LEU A 60 8.57 0.72 -4.22
C LEU A 60 8.58 -0.42 -3.21
N ASP A 61 8.76 -1.64 -3.72
CA ASP A 61 8.98 -2.81 -2.90
C ASP A 61 10.40 -2.76 -2.35
N THR A 62 10.57 -2.07 -1.23
CA THR A 62 11.90 -1.77 -0.72
C THR A 62 12.41 -2.85 0.24
N PRO A 63 13.69 -3.20 0.13
CA PRO A 63 14.38 -4.10 1.04
C PRO A 63 15.20 -3.34 2.09
N GLY A 64 14.53 -2.82 3.10
CA GLY A 64 15.20 -2.04 4.13
C GLY A 64 16.02 -2.90 5.08
N HIS A 65 15.88 -4.21 4.95
CA HIS A 65 16.59 -5.15 5.80
C HIS A 65 16.25 -6.57 5.37
N GLU A 66 14.97 -6.84 5.24
CA GLU A 66 14.48 -8.15 4.84
C GLU A 66 13.76 -8.07 3.50
N ALA A 67 13.74 -9.17 2.77
CA ALA A 67 13.08 -9.22 1.48
C ALA A 67 11.61 -9.55 1.65
N PHE A 68 10.74 -8.77 1.05
CA PHE A 68 9.30 -8.93 1.22
C PHE A 68 8.64 -9.64 0.04
N THR A 69 9.32 -9.68 -1.10
CA THR A 69 8.82 -10.43 -2.24
C THR A 69 9.97 -10.93 -3.13
N THR A 70 10.64 -10.02 -3.82
CA THR A 70 11.77 -10.39 -4.65
C THR A 70 12.83 -9.30 -4.62
N MET A 71 13.67 -9.34 -3.61
CA MET A 71 14.74 -8.37 -3.47
C MET A 71 16.10 -9.05 -3.48
N ARG A 72 17.05 -8.45 -4.17
CA ARG A 72 18.40 -8.99 -4.27
C ARG A 72 19.38 -8.05 -3.57
N ALA A 73 19.06 -6.77 -3.58
CA ALA A 73 19.89 -5.77 -2.91
C ALA A 73 19.27 -5.38 -1.58
N ARG A 74 20.00 -4.57 -0.81
CA ARG A 74 19.52 -4.08 0.48
C ARG A 74 19.75 -2.58 0.60
N GLY A 75 18.80 -1.87 1.18
CA GLY A 75 18.93 -0.44 1.30
C GLY A 75 18.59 0.05 2.70
N ALA A 76 18.66 1.36 2.90
CA ALA A 76 18.36 1.96 4.19
C ALA A 76 16.91 2.39 4.25
N GLN A 77 16.24 2.31 3.11
CA GLN A 77 14.83 2.64 3.02
C GLN A 77 13.99 1.52 3.60
N VAL A 78 13.53 1.71 4.83
CA VAL A 78 12.75 0.71 5.54
C VAL A 78 11.40 0.48 4.88
N THR A 79 10.88 -0.73 5.06
CA THR A 79 9.58 -1.09 4.53
C THR A 79 8.50 -0.81 5.57
N ASP A 80 8.19 0.47 5.74
CA ASP A 80 7.27 0.90 6.80
C ASP A 80 5.82 0.93 6.32
N ILE A 81 5.64 1.11 5.03
CA ILE A 81 4.29 1.20 4.48
C ILE A 81 4.01 0.06 3.51
N VAL A 82 3.09 -0.82 3.88
CA VAL A 82 2.65 -1.88 3.00
C VAL A 82 1.25 -1.62 2.50
N ILE A 83 1.10 -1.28 1.24
CA ILE A 83 -0.23 -1.17 0.67
C ILE A 83 -0.66 -2.51 0.14
N LEU A 84 -1.66 -3.06 0.77
CA LEU A 84 -2.23 -4.32 0.33
C LEU A 84 -3.47 -4.06 -0.51
N VAL A 85 -3.41 -4.35 -1.79
CA VAL A 85 -4.55 -4.13 -2.67
C VAL A 85 -5.52 -5.31 -2.62
N VAL A 86 -6.80 -5.00 -2.69
CA VAL A 86 -7.85 -5.99 -2.79
C VAL A 86 -8.83 -5.53 -3.86
N ALA A 87 -9.88 -6.28 -4.11
CA ALA A 87 -10.81 -5.88 -5.15
C ALA A 87 -12.23 -6.36 -4.91
N ALA A 88 -13.16 -5.43 -5.08
CA ALA A 88 -14.60 -5.74 -5.10
C ALA A 88 -15.05 -6.60 -3.93
N ASP A 89 -15.51 -7.81 -4.22
CA ASP A 89 -15.99 -8.72 -3.19
C ASP A 89 -15.11 -9.95 -3.12
N ASP A 90 -13.99 -9.90 -3.83
CA ASP A 90 -13.03 -11.00 -3.83
C ASP A 90 -12.46 -11.16 -2.43
N GLY A 91 -12.25 -10.03 -1.79
CA GLY A 91 -11.67 -10.02 -0.47
C GLY A 91 -10.17 -10.16 -0.53
N VAL A 92 -9.67 -11.30 -0.11
CA VAL A 92 -8.26 -11.54 -0.02
C VAL A 92 -7.87 -12.83 -0.74
N MET A 93 -7.16 -12.70 -1.86
CA MET A 93 -6.63 -13.84 -2.59
C MET A 93 -5.42 -14.43 -1.85
N PRO A 94 -4.92 -15.60 -2.27
CA PRO A 94 -3.71 -16.19 -1.70
C PRO A 94 -2.58 -15.17 -1.52
N GLN A 95 -2.26 -14.45 -2.59
CA GLN A 95 -1.21 -13.46 -2.56
C GLN A 95 -1.50 -12.36 -1.56
N THR A 96 -2.78 -12.02 -1.42
CA THR A 96 -3.20 -10.97 -0.51
C THR A 96 -2.90 -11.37 0.94
N VAL A 97 -2.85 -12.67 1.21
CA VAL A 97 -2.49 -13.18 2.52
C VAL A 97 -0.99 -13.29 2.65
N GLU A 98 -0.36 -13.90 1.64
CA GLU A 98 1.09 -14.13 1.66
C GLU A 98 1.85 -12.82 1.76
N ALA A 99 1.22 -11.74 1.33
CA ALA A 99 1.84 -10.43 1.37
C ALA A 99 1.76 -9.90 2.78
N ILE A 100 0.63 -10.11 3.41
CA ILE A 100 0.41 -9.72 4.78
C ILE A 100 1.20 -10.61 5.72
N ASN A 101 0.98 -11.91 5.63
CA ASN A 101 1.73 -12.91 6.36
C ASN A 101 3.22 -12.62 6.33
N HIS A 102 3.68 -12.09 5.21
CA HIS A 102 5.08 -11.77 5.05
C HIS A 102 5.40 -10.40 5.64
N ALA A 103 4.48 -9.46 5.54
CA ALA A 103 4.77 -8.09 5.92
C ALA A 103 4.42 -7.79 7.37
N LYS A 104 3.43 -8.50 7.90
CA LYS A 104 2.86 -8.16 9.19
C LYS A 104 3.77 -8.61 10.33
N ALA A 105 4.77 -9.41 9.99
CA ALA A 105 5.63 -9.99 11.02
C ALA A 105 6.85 -9.13 11.29
N ALA A 106 6.97 -8.03 10.56
CA ALA A 106 7.97 -7.04 10.88
C ALA A 106 7.32 -5.96 11.72
N ASN A 107 6.08 -6.27 12.12
CA ASN A 107 5.26 -5.40 12.96
C ASN A 107 4.97 -4.09 12.24
N VAL A 108 4.84 -4.17 10.94
CA VAL A 108 4.55 -3.00 10.13
C VAL A 108 3.05 -2.83 9.95
N PRO A 109 2.61 -1.61 9.64
CA PRO A 109 1.24 -1.36 9.25
C PRO A 109 0.91 -1.86 7.85
N ILE A 110 -0.31 -2.27 7.70
CA ILE A 110 -0.81 -2.82 6.45
C ILE A 110 -1.96 -1.97 5.96
N ILE A 111 -2.03 -1.77 4.65
CA ILE A 111 -3.07 -0.96 4.06
C ILE A 111 -3.92 -1.80 3.16
N VAL A 112 -5.13 -1.39 2.95
CA VAL A 112 -6.00 -2.06 2.05
C VAL A 112 -6.44 -1.13 0.97
N ALA A 113 -6.48 -1.62 -0.24
CA ALA A 113 -6.99 -0.85 -1.33
C ALA A 113 -8.09 -1.65 -1.97
N ILE A 114 -9.29 -1.45 -1.44
CA ILE A 114 -10.48 -2.08 -1.98
C ILE A 114 -10.81 -1.52 -3.35
N ASN A 115 -10.28 -2.14 -4.39
CA ASN A 115 -10.39 -1.61 -5.75
C ASN A 115 -11.76 -1.96 -6.34
N LYS A 116 -12.20 -1.14 -7.31
CA LYS A 116 -13.51 -1.29 -7.94
C LYS A 116 -14.63 -1.07 -6.94
N MET A 117 -14.38 -0.19 -5.98
CA MET A 117 -15.36 0.12 -4.95
C MET A 117 -16.31 1.21 -5.43
N ASP A 118 -15.98 1.83 -6.55
CA ASP A 118 -16.88 2.78 -7.20
C ASP A 118 -18.06 2.01 -7.81
N LYS A 119 -17.93 0.69 -7.83
CA LYS A 119 -18.97 -0.18 -8.34
C LYS A 119 -19.54 -1.03 -7.20
N PRO A 120 -20.79 -1.49 -7.35
CA PRO A 120 -21.53 -2.27 -6.33
C PRO A 120 -20.87 -3.59 -5.94
N GLU A 121 -19.83 -3.98 -6.67
CA GLU A 121 -19.15 -5.23 -6.42
C GLU A 121 -18.53 -5.25 -5.05
N ALA A 122 -17.99 -4.11 -4.64
CA ALA A 122 -17.30 -4.03 -3.38
C ALA A 122 -18.26 -4.15 -2.20
N ASN A 123 -17.89 -4.98 -1.23
CA ASN A 123 -18.67 -5.14 -0.01
C ASN A 123 -17.79 -4.92 1.20
N PRO A 124 -17.72 -3.64 1.60
CA PRO A 124 -17.03 -3.14 2.77
C PRO A 124 -16.74 -4.17 3.86
N ASP A 125 -17.73 -4.45 4.70
CA ASP A 125 -17.56 -5.29 5.90
C ASP A 125 -16.97 -6.65 5.57
N ARG A 126 -17.52 -7.28 4.54
CA ARG A 126 -17.02 -8.58 4.11
C ARG A 126 -15.52 -8.52 3.92
N VAL A 127 -15.13 -7.65 3.03
CA VAL A 127 -13.73 -7.45 2.68
C VAL A 127 -12.93 -7.02 3.92
N MET A 128 -13.48 -6.09 4.67
CA MET A 128 -12.79 -5.56 5.83
C MET A 128 -12.64 -6.61 6.92
N GLN A 129 -13.53 -7.59 6.95
CA GLN A 129 -13.45 -8.66 7.94
C GLN A 129 -12.51 -9.77 7.47
N GLU A 130 -12.25 -9.81 6.17
CA GLU A 130 -11.21 -10.71 5.65
C GLU A 130 -9.90 -10.35 6.28
N LEU A 131 -9.66 -9.06 6.36
CA LEU A 131 -8.37 -8.57 6.81
C LEU A 131 -8.22 -8.77 8.30
N MET A 132 -9.30 -8.52 9.02
CA MET A 132 -9.28 -8.74 10.45
C MET A 132 -9.47 -10.23 10.74
N GLU A 133 -9.68 -11.01 9.68
CA GLU A 133 -9.70 -12.46 9.80
C GLU A 133 -8.27 -12.91 9.99
N TYR A 134 -7.34 -12.19 9.37
CA TYR A 134 -5.93 -12.43 9.59
C TYR A 134 -5.44 -11.61 10.78
N ASN A 135 -6.41 -10.98 11.47
CA ASN A 135 -6.18 -10.21 12.68
C ASN A 135 -5.49 -8.89 12.34
N LEU A 136 -5.84 -8.35 11.19
CA LEU A 136 -5.40 -7.04 10.80
C LEU A 136 -6.61 -6.14 10.79
N VAL A 137 -6.95 -5.69 11.97
CA VAL A 137 -8.12 -4.85 12.19
C VAL A 137 -7.94 -3.50 11.54
N PRO A 138 -8.93 -3.09 10.75
CA PRO A 138 -8.97 -1.76 10.14
C PRO A 138 -8.73 -0.63 11.13
N GLU A 139 -8.31 0.48 10.58
CA GLU A 139 -8.09 1.70 11.36
C GLU A 139 -9.44 2.26 11.77
N GLU A 140 -10.42 2.02 10.92
CA GLU A 140 -11.82 2.20 11.27
C GLU A 140 -12.11 1.59 12.62
N TRP A 141 -11.75 0.32 12.73
CA TRP A 141 -12.20 -0.52 13.81
C TRP A 141 -11.24 -0.44 14.99
N GLY A 142 -10.02 0.02 14.73
CA GLY A 142 -9.12 0.33 15.83
C GLY A 142 -7.96 -0.62 15.91
N GLY A 143 -7.61 -1.19 14.78
CA GLY A 143 -6.48 -2.10 14.73
C GLY A 143 -5.22 -1.43 14.24
N ASP A 144 -4.79 -1.81 13.05
CA ASP A 144 -3.63 -1.19 12.42
C ASP A 144 -3.65 -1.42 10.91
N THR A 145 -4.84 -1.45 10.34
CA THR A 145 -4.96 -1.71 8.91
C THR A 145 -5.77 -0.61 8.21
N ILE A 146 -5.09 0.14 7.37
CA ILE A 146 -5.68 1.28 6.70
C ILE A 146 -6.54 0.85 5.52
N PHE A 147 -7.86 0.88 5.68
CA PHE A 147 -8.76 0.47 4.61
C PHE A 147 -9.10 1.61 3.69
N CYS A 148 -8.65 1.50 2.45
CA CYS A 148 -8.99 2.46 1.42
C CYS A 148 -10.02 1.87 0.49
N LYS A 149 -11.27 2.23 0.67
CA LYS A 149 -12.31 1.83 -0.25
C LYS A 149 -12.28 2.75 -1.45
N LEU A 150 -11.42 2.42 -2.41
CA LEU A 150 -11.05 3.34 -3.47
C LEU A 150 -11.33 2.77 -4.86
N SER A 151 -10.93 3.53 -5.85
CA SER A 151 -11.03 3.12 -7.24
C SER A 151 -10.03 3.90 -8.07
N ALA A 152 -9.18 3.18 -8.79
CA ALA A 152 -8.20 3.81 -9.68
C ALA A 152 -8.82 4.10 -11.03
N LYS A 153 -9.99 3.51 -11.26
CA LYS A 153 -10.70 3.66 -12.50
C LYS A 153 -11.29 5.05 -12.57
N THR A 154 -12.08 5.36 -11.56
CA THR A 154 -12.60 6.71 -11.40
C THR A 154 -11.52 7.59 -10.79
N LYS A 155 -10.57 6.89 -10.15
CA LYS A 155 -9.35 7.49 -9.61
C LYS A 155 -9.62 8.38 -8.40
N GLU A 156 -10.87 8.37 -7.94
CA GLU A 156 -11.27 9.16 -6.78
C GLU A 156 -10.60 8.65 -5.51
N GLY A 157 -10.69 7.35 -5.32
CA GLY A 157 -10.13 6.72 -4.16
C GLY A 157 -8.63 6.87 -4.07
N LEU A 158 -7.98 7.10 -5.21
CA LEU A 158 -6.54 7.32 -5.23
C LEU A 158 -6.20 8.61 -4.51
N ASP A 159 -7.10 9.59 -4.56
CA ASP A 159 -6.95 10.80 -3.78
C ASP A 159 -6.93 10.45 -2.31
N HIS A 160 -7.95 9.71 -1.89
CA HIS A 160 -8.07 9.27 -0.50
C HIS A 160 -6.87 8.42 -0.09
N LEU A 161 -6.35 7.65 -1.02
CA LEU A 161 -5.21 6.78 -0.76
C LEU A 161 -3.98 7.58 -0.33
N LEU A 162 -3.52 8.48 -1.20
CA LEU A 162 -2.37 9.32 -0.90
C LEU A 162 -2.59 10.08 0.41
N GLU A 163 -3.82 10.56 0.61
CA GLU A 163 -4.16 11.29 1.83
C GLU A 163 -3.99 10.40 3.05
N MET A 164 -4.55 9.20 2.99
CA MET A 164 -4.54 8.29 4.13
C MET A 164 -3.12 7.79 4.39
N ILE A 165 -2.37 7.59 3.31
CA ILE A 165 -0.99 7.18 3.40
C ILE A 165 -0.17 8.16 4.25
N LEU A 166 -0.25 9.45 3.92
CA LEU A 166 0.54 10.45 4.61
C LEU A 166 -0.04 10.79 5.98
N LEU A 167 -1.36 10.82 6.08
CA LEU A 167 -2.02 11.12 7.35
C LEU A 167 -1.66 10.07 8.38
N VAL A 168 -1.30 8.88 7.92
CA VAL A 168 -0.91 7.81 8.80
C VAL A 168 0.57 7.93 9.13
N SER A 169 1.36 8.33 8.15
CA SER A 169 2.78 8.53 8.34
C SER A 169 3.03 9.54 9.47
N GLU A 170 2.25 10.61 9.47
CA GLU A 170 2.37 11.62 10.51
C GLU A 170 1.67 11.16 11.79
N MET A 171 0.65 10.32 11.65
CA MET A 171 -0.08 9.80 12.79
C MET A 171 0.81 8.91 13.64
N GLU A 172 1.71 8.18 12.97
CA GLU A 172 2.70 7.35 13.66
C GLU A 172 3.49 8.17 14.69
N GLU A 173 3.74 9.43 14.37
CA GLU A 173 4.54 10.31 15.25
C GLU A 173 3.78 10.59 16.55
N LEU A 174 2.45 10.49 16.50
CA LEU A 174 1.64 10.68 17.69
C LEU A 174 1.27 9.33 18.29
N LYS A 175 0.29 8.66 17.67
CA LYS A 175 -0.18 7.37 18.14
C LYS A 175 -1.16 6.79 17.12
N ALA A 176 -1.12 5.48 16.94
CA ALA A 176 -1.99 4.81 15.99
C ALA A 176 -2.59 3.54 16.58
N ASN A 177 -3.82 3.65 17.06
CA ASN A 177 -4.56 2.53 17.65
C ASN A 177 -5.95 2.97 18.14
N PRO A 178 -6.03 4.04 18.98
CA PRO A 178 -7.32 4.57 19.45
C PRO A 178 -8.23 5.02 18.30
N GLY A 1 25.82 3.40 14.35
CA GLY A 1 24.83 4.16 13.54
C GLY A 1 23.60 3.34 13.30
N SER A 2 22.59 3.95 12.68
CA SER A 2 21.34 3.25 12.40
C SER A 2 21.47 2.39 11.15
N HIS A 3 22.33 1.39 11.24
CA HIS A 3 22.52 0.45 10.15
C HIS A 3 22.54 -0.96 10.71
N MET A 4 21.35 -1.56 10.80
CA MET A 4 21.18 -2.85 11.43
C MET A 4 19.72 -3.29 11.30
N VAL A 5 18.81 -2.35 11.48
CA VAL A 5 17.38 -2.63 11.39
C VAL A 5 16.94 -2.62 9.93
N GLU A 6 17.54 -1.73 9.13
CA GLU A 6 17.35 -1.68 7.69
C GLU A 6 15.87 -1.60 7.32
N ARG A 7 15.26 -0.45 7.59
CA ARG A 7 13.86 -0.21 7.25
C ARG A 7 13.73 1.06 6.42
N PRO A 8 13.65 0.90 5.09
CA PRO A 8 13.55 2.02 4.15
C PRO A 8 12.15 2.64 4.14
N PRO A 9 12.07 3.98 4.01
CA PRO A 9 10.80 4.70 3.96
C PRO A 9 10.13 4.64 2.59
N VAL A 10 9.97 3.44 2.07
CA VAL A 10 9.37 3.25 0.76
C VAL A 10 8.05 2.50 0.87
N VAL A 11 7.00 3.06 0.28
CA VAL A 11 5.71 2.43 0.26
C VAL A 11 5.70 1.25 -0.71
N THR A 12 5.61 0.05 -0.17
CA THR A 12 5.64 -1.15 -0.97
C THR A 12 4.24 -1.64 -1.28
N ILE A 13 3.97 -1.91 -2.55
CA ILE A 13 2.67 -2.39 -2.96
C ILE A 13 2.67 -3.90 -3.11
N MET A 14 1.73 -4.55 -2.44
CA MET A 14 1.60 -6.01 -2.50
C MET A 14 0.13 -6.42 -2.46
N GLY A 15 -0.13 -7.72 -2.46
CA GLY A 15 -1.49 -8.21 -2.41
C GLY A 15 -1.95 -8.79 -3.73
N HIS A 16 -1.23 -9.80 -4.19
CA HIS A 16 -1.55 -10.48 -5.44
C HIS A 16 -1.45 -9.54 -6.66
N VAL A 17 -1.37 -10.13 -7.84
CA VAL A 17 -1.17 -9.36 -9.06
C VAL A 17 -2.48 -9.16 -9.83
N ASP A 18 -3.38 -10.14 -9.73
CA ASP A 18 -4.61 -10.11 -10.53
C ASP A 18 -5.59 -9.08 -9.99
N HIS A 19 -5.49 -8.74 -8.71
CA HIS A 19 -6.32 -7.71 -8.11
C HIS A 19 -6.09 -6.37 -8.79
N GLY A 20 -4.94 -6.25 -9.44
CA GLY A 20 -4.64 -5.07 -10.22
C GLY A 20 -3.72 -4.11 -9.53
N LYS A 21 -2.58 -4.60 -9.03
CA LYS A 21 -1.61 -3.70 -8.40
C LYS A 21 -1.01 -2.80 -9.47
N THR A 22 -0.99 -3.32 -10.69
CA THR A 22 -0.47 -2.62 -11.83
C THR A 22 -1.36 -1.42 -12.18
N THR A 23 -2.66 -1.60 -12.03
CA THR A 23 -3.60 -0.52 -12.34
C THR A 23 -3.55 0.58 -11.29
N LEU A 24 -3.05 0.25 -10.10
CA LEU A 24 -2.86 1.25 -9.06
C LEU A 24 -1.70 2.17 -9.42
N LEU A 25 -0.59 1.55 -9.81
CA LEU A 25 0.60 2.31 -10.20
C LEU A 25 0.35 3.04 -11.52
N ASP A 26 -0.40 2.40 -12.41
CA ASP A 26 -0.76 3.03 -13.69
C ASP A 26 -1.58 4.29 -13.49
N ALA A 27 -2.72 4.14 -12.82
CA ALA A 27 -3.64 5.26 -12.61
C ALA A 27 -2.98 6.37 -11.81
N ILE A 28 -2.05 5.99 -10.95
CA ILE A 28 -1.40 6.92 -10.05
C ILE A 28 -0.38 7.78 -10.80
N ARG A 29 0.14 7.26 -11.92
CA ARG A 29 1.08 8.02 -12.74
C ARG A 29 0.34 9.01 -13.61
N HIS A 30 -0.94 8.73 -13.81
CA HIS A 30 -1.80 9.64 -14.54
C HIS A 30 -2.41 10.66 -13.59
N SER A 31 -2.07 10.54 -12.32
CA SER A 31 -2.57 11.42 -11.28
C SER A 31 -1.46 11.74 -10.28
N LYS A 32 -0.29 12.05 -10.82
CA LYS A 32 0.89 12.31 -10.00
C LYS A 32 1.32 13.76 -10.10
N VAL A 33 2.10 14.21 -9.12
CA VAL A 33 2.80 15.46 -9.22
C VAL A 33 4.18 15.20 -9.78
N THR A 34 4.91 14.35 -9.08
CA THR A 34 6.28 14.05 -9.43
C THR A 34 6.44 12.56 -9.63
N GLU A 35 7.35 12.22 -10.51
CA GLU A 35 7.79 10.86 -10.68
C GLU A 35 9.27 10.82 -11.01
N GLN A 36 9.91 9.74 -10.61
CA GLN A 36 11.32 9.53 -10.86
C GLN A 36 11.50 8.28 -11.69
N GLU A 37 12.73 8.00 -12.08
CA GLU A 37 13.03 6.87 -12.94
C GLU A 37 13.16 5.58 -12.13
N ALA A 38 12.37 5.52 -11.05
CA ALA A 38 12.38 4.42 -10.10
C ALA A 38 11.42 4.73 -8.96
N GLY A 39 10.95 3.69 -8.27
CA GLY A 39 10.09 3.89 -7.11
C GLY A 39 10.84 3.63 -5.83
N GLY A 40 12.13 3.92 -5.87
CA GLY A 40 13.00 3.66 -4.75
C GLY A 40 14.45 3.87 -5.13
N ILE A 41 15.36 3.48 -4.25
CA ILE A 41 16.79 3.64 -4.50
C ILE A 41 17.36 2.46 -5.28
N THR A 42 16.51 1.83 -6.07
CA THR A 42 16.93 0.78 -6.97
C THR A 42 16.84 1.28 -8.41
N GLN A 43 17.93 1.15 -9.16
CA GLN A 43 18.02 1.75 -10.49
C GLN A 43 17.28 0.93 -11.54
N HIS A 44 15.97 0.84 -11.38
CA HIS A 44 15.11 0.19 -12.37
C HIS A 44 13.76 0.89 -12.38
N ILE A 45 13.32 1.31 -13.55
CA ILE A 45 12.08 2.05 -13.68
C ILE A 45 10.89 1.10 -13.76
N GLY A 46 9.71 1.67 -13.69
CA GLY A 46 8.49 0.90 -13.60
C GLY A 46 7.65 1.39 -12.45
N ALA A 47 8.34 1.80 -11.40
CA ALA A 47 7.72 2.47 -10.26
C ALA A 47 8.11 3.94 -10.29
N TYR A 48 7.75 4.71 -9.26
CA TYR A 48 8.01 6.14 -9.31
C TYR A 48 8.17 6.71 -7.90
N GLN A 49 8.42 8.01 -7.85
CA GLN A 49 8.60 8.72 -6.60
C GLN A 49 7.97 10.08 -6.74
N VAL A 50 6.97 10.33 -5.93
CA VAL A 50 6.28 11.60 -5.96
C VAL A 50 7.11 12.60 -5.17
N THR A 51 6.68 13.85 -5.12
CA THR A 51 7.48 14.92 -4.57
C THR A 51 7.94 14.58 -3.15
N VAL A 52 9.14 15.02 -2.82
CA VAL A 52 9.86 14.57 -1.64
C VAL A 52 9.96 15.70 -0.64
N ASN A 53 9.75 15.38 0.64
CA ASN A 53 9.66 16.38 1.70
C ASN A 53 8.33 17.12 1.55
N ASP A 54 8.01 17.47 0.32
CA ASP A 54 6.72 18.00 -0.04
C ASP A 54 5.66 16.92 0.15
N LYS A 55 5.93 15.70 -0.32
CA LYS A 55 5.07 14.56 0.02
C LYS A 55 5.87 13.44 0.68
N LYS A 56 7.09 13.21 0.19
CA LYS A 56 8.05 12.30 0.83
C LYS A 56 7.71 10.83 0.56
N ILE A 57 6.62 10.59 -0.15
CA ILE A 57 6.19 9.22 -0.44
C ILE A 57 6.87 8.68 -1.69
N THR A 58 6.95 7.36 -1.77
CA THR A 58 7.53 6.67 -2.90
C THR A 58 6.86 5.30 -3.03
N PHE A 59 6.65 4.83 -4.26
CA PHE A 59 5.93 3.57 -4.45
C PHE A 59 6.82 2.56 -5.15
N LEU A 60 7.04 1.43 -4.49
CA LEU A 60 7.96 0.43 -5.01
C LEU A 60 7.23 -0.83 -5.44
N ASP A 61 7.39 -1.19 -6.70
CA ASP A 61 6.93 -2.46 -7.23
C ASP A 61 7.95 -2.99 -8.23
N THR A 62 8.59 -4.10 -7.89
CA THR A 62 9.62 -4.69 -8.72
C THR A 62 9.71 -6.19 -8.47
N PRO A 63 9.62 -7.01 -9.53
CA PRO A 63 9.73 -8.47 -9.43
C PRO A 63 11.07 -8.90 -8.86
N GLY A 64 11.02 -9.64 -7.76
CA GLY A 64 12.22 -10.10 -7.10
C GLY A 64 11.91 -11.14 -6.05
N HIS A 65 12.93 -11.59 -5.34
CA HIS A 65 12.74 -12.61 -4.31
C HIS A 65 12.64 -12.01 -2.92
N GLU A 66 12.54 -10.69 -2.86
CA GLU A 66 12.40 -9.99 -1.59
C GLU A 66 11.41 -8.84 -1.71
N ALA A 67 10.13 -9.18 -1.75
CA ALA A 67 9.07 -8.20 -1.87
C ALA A 67 8.76 -7.57 -0.52
N PHE A 68 9.60 -6.62 -0.13
CA PHE A 68 9.42 -5.89 1.12
C PHE A 68 10.45 -4.77 1.19
N THR A 69 10.02 -3.57 0.80
CA THR A 69 10.90 -2.40 0.68
C THR A 69 12.12 -2.71 -0.19
N THR A 70 13.16 -1.90 -0.10
CA THR A 70 14.39 -2.18 -0.83
C THR A 70 15.31 -3.06 0.01
N MET A 71 15.11 -2.99 1.33
CA MET A 71 15.97 -3.66 2.32
C MET A 71 17.36 -3.03 2.35
N ARG A 72 17.94 -2.84 1.16
CA ARG A 72 19.17 -2.08 1.00
C ARG A 72 18.91 -0.63 1.40
N ALA A 73 19.27 -0.27 2.62
CA ALA A 73 19.00 1.07 3.15
C ALA A 73 19.58 1.22 4.54
N ARG A 74 19.12 2.24 5.25
CA ARG A 74 19.56 2.52 6.61
C ARG A 74 18.35 2.94 7.44
N GLY A 75 18.52 3.02 8.74
CA GLY A 75 17.48 3.55 9.60
C GLY A 75 16.45 2.53 10.00
N ALA A 76 15.73 2.84 11.07
CA ALA A 76 14.61 2.02 11.51
C ALA A 76 13.31 2.81 11.36
N GLN A 77 12.70 2.73 10.18
CA GLN A 77 11.48 3.47 9.91
C GLN A 77 10.33 2.97 10.78
N VAL A 78 10.08 1.66 10.71
CA VAL A 78 9.04 0.99 11.51
C VAL A 78 7.63 1.31 10.97
N THR A 79 7.51 2.44 10.30
CA THR A 79 6.30 2.79 9.58
C THR A 79 6.02 1.75 8.50
N ASP A 80 7.12 1.34 7.83
CA ASP A 80 7.14 0.25 6.85
C ASP A 80 5.79 0.06 6.15
N ILE A 81 5.46 1.02 5.31
CA ILE A 81 4.15 1.08 4.67
C ILE A 81 3.96 -0.03 3.65
N VAL A 82 3.05 -0.95 3.95
CA VAL A 82 2.67 -1.97 3.00
C VAL A 82 1.29 -1.71 2.46
N ILE A 83 1.19 -1.55 1.16
CA ILE A 83 -0.10 -1.47 0.53
C ILE A 83 -0.56 -2.87 0.20
N LEU A 84 -1.72 -3.21 0.71
CA LEU A 84 -2.30 -4.50 0.43
C LEU A 84 -3.50 -4.32 -0.51
N VAL A 85 -3.39 -4.84 -1.72
CA VAL A 85 -4.42 -4.65 -2.74
C VAL A 85 -5.47 -5.77 -2.69
N VAL A 86 -6.73 -5.37 -2.86
CA VAL A 86 -7.86 -6.30 -2.96
C VAL A 86 -8.80 -5.81 -4.04
N ALA A 87 -9.97 -6.42 -4.17
CA ALA A 87 -10.91 -6.01 -5.21
C ALA A 87 -12.37 -6.26 -4.83
N ALA A 88 -13.09 -5.17 -4.58
CA ALA A 88 -14.55 -5.17 -4.39
C ALA A 88 -15.05 -6.30 -3.47
N ASP A 89 -15.44 -7.41 -4.09
CA ASP A 89 -16.13 -8.49 -3.38
C ASP A 89 -15.24 -9.72 -3.19
N ASP A 90 -14.02 -9.68 -3.73
CA ASP A 90 -13.13 -10.84 -3.68
C ASP A 90 -12.74 -11.17 -2.25
N GLY A 91 -12.42 -10.15 -1.50
CA GLY A 91 -11.92 -10.34 -0.16
C GLY A 91 -10.42 -10.49 -0.16
N VAL A 92 -9.95 -11.67 0.19
CA VAL A 92 -8.54 -11.94 0.27
C VAL A 92 -8.19 -13.21 -0.51
N MET A 93 -7.34 -13.08 -1.52
CA MET A 93 -6.77 -14.24 -2.19
C MET A 93 -5.52 -14.71 -1.44
N PRO A 94 -4.98 -15.90 -1.78
CA PRO A 94 -3.75 -16.42 -1.16
C PRO A 94 -2.68 -15.34 -0.99
N GLN A 95 -2.26 -14.75 -2.11
CA GLN A 95 -1.23 -13.74 -2.10
C GLN A 95 -1.60 -12.52 -1.26
N THR A 96 -2.90 -12.27 -1.08
CA THR A 96 -3.36 -11.15 -0.28
C THR A 96 -2.86 -11.28 1.17
N VAL A 97 -2.98 -12.47 1.77
CA VAL A 97 -2.49 -12.67 3.13
C VAL A 97 -1.03 -13.09 3.14
N GLU A 98 -0.58 -13.80 2.11
CA GLU A 98 0.81 -14.22 2.02
C GLU A 98 1.75 -13.00 1.98
N ALA A 99 1.23 -11.89 1.49
CA ALA A 99 1.98 -10.64 1.45
C ALA A 99 1.78 -9.88 2.75
N ILE A 100 0.69 -10.19 3.42
CA ILE A 100 0.34 -9.56 4.69
C ILE A 100 1.12 -10.20 5.84
N ASN A 101 1.13 -11.53 5.89
CA ASN A 101 1.98 -12.25 6.81
C ASN A 101 3.44 -11.89 6.57
N HIS A 102 3.75 -11.59 5.31
CA HIS A 102 5.07 -11.11 4.93
C HIS A 102 5.34 -9.75 5.57
N ALA A 103 4.28 -9.00 5.80
CA ALA A 103 4.42 -7.65 6.34
C ALA A 103 4.25 -7.60 7.86
N LYS A 104 3.11 -8.11 8.34
CA LYS A 104 2.79 -8.08 9.77
C LYS A 104 3.88 -8.72 10.58
N ALA A 105 4.32 -9.84 10.09
CA ALA A 105 5.36 -10.60 10.79
C ALA A 105 6.74 -9.99 10.59
N ALA A 106 6.79 -8.81 10.02
CA ALA A 106 8.00 -8.01 10.01
C ALA A 106 7.77 -6.79 10.91
N ASN A 107 6.64 -6.82 11.61
CA ASN A 107 6.23 -5.78 12.56
C ASN A 107 5.87 -4.49 11.83
N VAL A 108 5.03 -4.61 10.81
CA VAL A 108 4.61 -3.44 10.05
C VAL A 108 3.08 -3.32 9.94
N PRO A 109 2.63 -2.08 9.70
CA PRO A 109 1.24 -1.76 9.33
C PRO A 109 0.87 -2.09 7.88
N ILE A 110 -0.42 -2.22 7.64
CA ILE A 110 -0.95 -2.67 6.35
C ILE A 110 -2.03 -1.73 5.83
N ILE A 111 -2.14 -1.59 4.51
CA ILE A 111 -3.20 -0.79 3.92
C ILE A 111 -4.00 -1.65 2.99
N VAL A 112 -5.26 -1.35 2.81
CA VAL A 112 -6.06 -2.05 1.86
C VAL A 112 -6.42 -1.14 0.70
N ALA A 113 -6.31 -1.68 -0.48
CA ALA A 113 -6.72 -1.00 -1.67
C ALA A 113 -7.75 -1.82 -2.36
N ILE A 114 -8.99 -1.59 -1.97
CA ILE A 114 -10.13 -2.24 -2.58
C ILE A 114 -10.32 -1.72 -4.01
N ASN A 115 -9.71 -2.40 -4.97
CA ASN A 115 -9.64 -1.92 -6.35
C ASN A 115 -10.84 -2.39 -7.14
N LYS A 116 -11.21 -1.60 -8.14
CA LYS A 116 -12.28 -1.94 -9.08
C LYS A 116 -13.58 -2.26 -8.34
N MET A 117 -13.81 -1.52 -7.26
CA MET A 117 -15.02 -1.67 -6.48
C MET A 117 -16.04 -0.61 -6.90
N ASP A 118 -15.93 -0.21 -8.17
CA ASP A 118 -16.76 0.84 -8.79
C ASP A 118 -18.24 0.47 -8.82
N LYS A 119 -18.78 0.41 -7.63
CA LYS A 119 -20.19 0.27 -7.35
C LYS A 119 -20.42 0.96 -6.02
N PRO A 120 -21.65 1.01 -5.47
CA PRO A 120 -21.87 1.51 -4.12
C PRO A 120 -20.90 0.85 -3.14
N GLU A 121 -20.79 -0.48 -3.26
CA GLU A 121 -19.92 -1.31 -2.45
C GLU A 121 -20.33 -2.76 -2.67
N ALA A 122 -19.38 -3.55 -3.11
CA ALA A 122 -19.56 -5.00 -3.19
C ALA A 122 -19.89 -5.55 -1.81
N ASN A 123 -18.90 -5.49 -0.92
CA ASN A 123 -19.11 -5.77 0.49
C ASN A 123 -17.82 -5.54 1.27
N PRO A 124 -17.41 -4.25 1.42
CA PRO A 124 -16.26 -3.86 2.23
C PRO A 124 -16.19 -4.61 3.56
N ASP A 125 -17.21 -4.47 4.39
CA ASP A 125 -17.24 -5.07 5.74
C ASP A 125 -16.81 -6.52 5.75
N ARG A 126 -17.36 -7.32 4.84
CA ARG A 126 -16.97 -8.71 4.76
C ARG A 126 -15.48 -8.80 4.49
N VAL A 127 -15.08 -8.14 3.43
CA VAL A 127 -13.67 -8.07 3.04
C VAL A 127 -12.82 -7.57 4.21
N MET A 128 -13.32 -6.57 4.91
CA MET A 128 -12.62 -6.00 6.06
C MET A 128 -12.51 -7.03 7.18
N GLN A 129 -13.53 -7.88 7.29
CA GLN A 129 -13.52 -8.97 8.26
C GLN A 129 -12.57 -10.08 7.83
N GLU A 130 -12.31 -10.18 6.53
CA GLU A 130 -11.30 -11.09 6.01
C GLU A 130 -9.94 -10.61 6.44
N LEU A 131 -9.78 -9.29 6.46
CA LEU A 131 -8.51 -8.71 6.83
C LEU A 131 -8.28 -8.87 8.30
N MET A 132 -9.31 -8.62 9.06
CA MET A 132 -9.24 -8.81 10.49
C MET A 132 -9.35 -10.29 10.83
N GLU A 133 -9.49 -11.11 9.78
CA GLU A 133 -9.44 -12.55 9.94
C GLU A 133 -7.98 -12.96 10.00
N TYR A 134 -7.11 -12.16 9.36
CA TYR A 134 -5.69 -12.31 9.55
C TYR A 134 -5.22 -11.41 10.69
N ASN A 135 -6.23 -10.85 11.39
CA ASN A 135 -6.05 -9.97 12.55
C ASN A 135 -5.53 -8.62 12.12
N LEU A 136 -5.94 -8.20 10.94
CA LEU A 136 -5.63 -6.89 10.44
C LEU A 136 -6.86 -6.03 10.48
N VAL A 137 -7.13 -5.55 11.66
CA VAL A 137 -8.28 -4.73 11.94
C VAL A 137 -8.18 -3.37 11.25
N PRO A 138 -9.22 -3.03 10.48
CA PRO A 138 -9.40 -1.70 9.90
C PRO A 138 -9.19 -0.57 10.90
N GLU A 139 -8.95 0.61 10.36
CA GLU A 139 -8.74 1.80 11.17
C GLU A 139 -10.08 2.38 11.58
N GLU A 140 -11.12 2.00 10.86
CA GLU A 140 -12.49 2.27 11.28
C GLU A 140 -12.71 1.62 12.63
N TRP A 141 -12.16 0.42 12.74
CA TRP A 141 -12.43 -0.45 13.86
C TRP A 141 -11.41 -0.24 14.97
N GLY A 142 -10.18 0.10 14.60
CA GLY A 142 -9.19 0.46 15.60
C GLY A 142 -8.06 -0.53 15.66
N GLY A 143 -7.78 -1.16 14.54
CA GLY A 143 -6.68 -2.09 14.46
C GLY A 143 -5.43 -1.44 13.97
N ASP A 144 -5.09 -1.71 12.73
CA ASP A 144 -3.95 -1.06 12.10
C ASP A 144 -3.96 -1.24 10.60
N THR A 145 -5.16 -1.28 10.02
CA THR A 145 -5.27 -1.53 8.58
C THR A 145 -6.18 -0.50 7.90
N ILE A 146 -5.60 0.33 7.04
CA ILE A 146 -6.33 1.39 6.38
C ILE A 146 -7.10 0.88 5.16
N PHE A 147 -8.42 0.84 5.26
CA PHE A 147 -9.25 0.37 4.15
C PHE A 147 -9.62 1.50 3.20
N CYS A 148 -9.14 1.40 1.98
CA CYS A 148 -9.51 2.34 0.94
C CYS A 148 -10.31 1.60 -0.13
N LYS A 149 -11.39 2.21 -0.58
CA LYS A 149 -12.21 1.63 -1.63
C LYS A 149 -12.08 2.45 -2.91
N LEU A 150 -11.05 2.16 -3.69
CA LEU A 150 -10.74 2.96 -4.85
C LEU A 150 -11.16 2.28 -6.17
N SER A 151 -11.11 3.07 -7.22
CA SER A 151 -11.35 2.60 -8.56
C SER A 151 -10.43 3.38 -9.50
N ALA A 152 -9.53 2.66 -10.16
CA ALA A 152 -8.46 3.27 -10.95
C ALA A 152 -8.97 4.22 -12.04
N LYS A 153 -10.19 4.00 -12.52
CA LYS A 153 -10.72 4.81 -13.60
C LYS A 153 -11.33 6.09 -13.05
N THR A 154 -12.26 5.91 -12.14
CA THR A 154 -12.94 7.04 -11.51
C THR A 154 -11.95 7.88 -10.70
N LYS A 155 -10.87 7.21 -10.28
CA LYS A 155 -9.73 7.87 -9.63
C LYS A 155 -10.11 8.44 -8.26
N GLU A 156 -11.25 7.99 -7.72
CA GLU A 156 -11.76 8.49 -6.44
C GLU A 156 -10.83 8.10 -5.29
N GLY A 157 -10.86 6.81 -4.96
CA GLY A 157 -10.11 6.29 -3.84
C GLY A 157 -8.61 6.48 -3.99
N LEU A 158 -8.16 6.74 -5.21
CA LEU A 158 -6.74 6.95 -5.48
C LEU A 158 -6.20 8.14 -4.70
N ASP A 159 -6.96 9.23 -4.74
CA ASP A 159 -6.56 10.44 -4.03
C ASP A 159 -6.72 10.24 -2.53
N HIS A 160 -7.84 9.62 -2.15
CA HIS A 160 -8.12 9.36 -0.74
C HIS A 160 -7.12 8.36 -0.16
N LEU A 161 -6.48 7.59 -1.03
CA LEU A 161 -5.46 6.64 -0.60
C LEU A 161 -4.20 7.38 -0.19
N LEU A 162 -3.74 8.26 -1.08
CA LEU A 162 -2.53 9.03 -0.83
C LEU A 162 -2.64 9.82 0.47
N GLU A 163 -3.82 10.37 0.73
CA GLU A 163 -4.01 11.21 1.91
C GLU A 163 -3.97 10.36 3.19
N MET A 164 -4.42 9.11 3.10
CA MET A 164 -4.36 8.20 4.22
C MET A 164 -2.93 7.74 4.45
N ILE A 165 -2.24 7.46 3.36
CA ILE A 165 -0.86 7.04 3.37
C ILE A 165 0.02 8.05 4.14
N LEU A 166 -0.10 9.33 3.79
CA LEU A 166 0.72 10.37 4.41
C LEU A 166 0.22 10.71 5.81
N LEU A 167 -1.10 10.72 5.99
CA LEU A 167 -1.71 11.03 7.28
C LEU A 167 -1.10 10.17 8.37
N VAL A 168 -0.74 8.95 8.02
CA VAL A 168 -0.22 7.99 8.96
C VAL A 168 1.25 8.29 9.27
N SER A 169 1.98 8.67 8.23
CA SER A 169 3.40 8.94 8.36
C SER A 169 3.64 10.09 9.35
N GLU A 170 2.67 11.00 9.45
CA GLU A 170 2.77 12.10 10.40
C GLU A 170 2.01 11.81 11.68
N MET A 171 0.93 11.02 11.61
CA MET A 171 0.12 10.74 12.78
C MET A 171 0.89 9.89 13.78
N GLU A 172 1.80 9.05 13.28
CA GLU A 172 2.69 8.28 14.14
C GLU A 172 3.56 9.21 14.99
N GLU A 173 3.92 10.35 14.42
CA GLU A 173 4.73 11.33 15.11
C GLU A 173 3.87 12.17 16.04
N LEU A 174 2.64 12.46 15.59
CA LEU A 174 1.66 13.14 16.41
C LEU A 174 1.40 12.34 17.67
N LYS A 175 0.95 11.12 17.49
CA LYS A 175 0.73 10.19 18.60
C LYS A 175 0.49 8.78 18.05
N ALA A 176 -0.77 8.49 17.76
CA ALA A 176 -1.16 7.20 17.21
C ALA A 176 -2.58 7.28 16.66
N ASN A 177 -3.50 7.65 17.53
CA ASN A 177 -4.90 7.84 17.13
C ASN A 177 -5.27 9.33 17.22
N PRO A 178 -4.99 10.00 18.37
CA PRO A 178 -5.20 11.42 18.52
C PRO A 178 -3.95 12.23 18.18
N GLY A 1 31.05 7.33 -3.50
CA GLY A 1 30.42 6.84 -4.75
C GLY A 1 28.91 6.99 -4.75
N SER A 2 28.23 6.01 -4.16
CA SER A 2 26.77 6.02 -4.10
C SER A 2 26.24 7.25 -3.36
N HIS A 3 25.29 7.93 -3.98
CA HIS A 3 24.63 9.07 -3.36
C HIS A 3 23.17 8.74 -3.07
N MET A 4 22.96 7.61 -2.43
CA MET A 4 21.61 7.14 -2.17
C MET A 4 20.97 7.95 -1.06
N VAL A 5 19.86 8.60 -1.37
CA VAL A 5 19.12 9.36 -0.39
C VAL A 5 18.15 8.45 0.34
N GLU A 6 18.65 7.79 1.37
CA GLU A 6 17.86 6.82 2.11
C GLU A 6 17.05 7.51 3.19
N ARG A 7 15.87 7.99 2.80
CA ARG A 7 14.96 8.68 3.71
C ARG A 7 13.50 8.50 3.28
N PRO A 8 13.15 8.78 2.00
CA PRO A 8 11.77 8.61 1.53
C PRO A 8 11.27 7.18 1.73
N PRO A 9 10.08 7.05 2.34
CA PRO A 9 9.48 5.73 2.60
C PRO A 9 9.22 4.96 1.32
N VAL A 10 9.87 3.80 1.20
CA VAL A 10 9.68 2.95 0.04
C VAL A 10 8.43 2.11 0.23
N VAL A 11 7.30 2.69 -0.13
CA VAL A 11 6.02 2.06 0.04
C VAL A 11 5.85 0.92 -0.96
N THR A 12 5.60 -0.27 -0.44
CA THR A 12 5.47 -1.46 -1.27
C THR A 12 4.00 -1.76 -1.54
N ILE A 13 3.66 -1.91 -2.80
CA ILE A 13 2.30 -2.26 -3.19
C ILE A 13 2.10 -3.77 -3.12
N MET A 14 1.22 -4.17 -2.23
CA MET A 14 0.91 -5.58 -2.03
C MET A 14 -0.47 -5.88 -2.59
N GLY A 15 -0.95 -7.10 -2.41
CA GLY A 15 -2.22 -7.47 -2.93
C GLY A 15 -2.07 -8.38 -4.10
N HIS A 16 -2.87 -9.42 -4.10
CA HIS A 16 -2.96 -10.37 -5.21
C HIS A 16 -2.82 -9.67 -6.56
N VAL A 17 -1.92 -10.19 -7.39
CA VAL A 17 -1.50 -9.54 -8.63
C VAL A 17 -2.68 -9.24 -9.57
N ASP A 18 -3.79 -9.93 -9.39
CA ASP A 18 -4.93 -9.79 -10.28
C ASP A 18 -5.93 -8.76 -9.75
N HIS A 19 -5.72 -8.28 -8.53
CA HIS A 19 -6.67 -7.36 -7.90
C HIS A 19 -6.55 -5.94 -8.43
N GLY A 20 -5.55 -5.68 -9.25
CA GLY A 20 -5.42 -4.38 -9.88
C GLY A 20 -4.35 -3.53 -9.23
N LYS A 21 -3.18 -4.12 -9.01
CA LYS A 21 -2.06 -3.38 -8.44
C LYS A 21 -1.26 -2.70 -9.54
N THR A 22 -1.36 -3.24 -10.75
CA THR A 22 -0.67 -2.65 -11.89
C THR A 22 -1.36 -1.36 -12.31
N THR A 23 -2.67 -1.30 -12.08
CA THR A 23 -3.44 -0.13 -12.45
C THR A 23 -3.20 1.01 -11.47
N LEU A 24 -2.81 0.68 -10.24
CA LEU A 24 -2.43 1.70 -9.28
C LEU A 24 -1.14 2.34 -9.73
N LEU A 25 -0.13 1.51 -9.97
CA LEU A 25 1.17 1.99 -10.41
C LEU A 25 1.02 2.91 -11.62
N ASP A 26 0.14 2.53 -12.54
CA ASP A 26 -0.06 3.29 -13.76
C ASP A 26 -0.92 4.54 -13.55
N ALA A 27 -2.08 4.37 -12.92
CA ALA A 27 -3.02 5.46 -12.78
C ALA A 27 -2.56 6.48 -11.74
N ILE A 28 -1.88 6.02 -10.70
CA ILE A 28 -1.36 6.93 -9.68
C ILE A 28 -0.22 7.76 -10.25
N ARG A 29 0.61 7.13 -11.06
CA ARG A 29 1.74 7.82 -11.69
C ARG A 29 1.24 8.87 -12.67
N HIS A 30 0.11 8.56 -13.30
CA HIS A 30 -0.57 9.50 -14.18
C HIS A 30 -1.46 10.47 -13.39
N SER A 31 -1.55 10.26 -12.09
CA SER A 31 -2.40 11.08 -11.25
C SER A 31 -1.59 12.18 -10.57
N LYS A 32 -0.39 11.84 -10.11
CA LYS A 32 0.45 12.79 -9.41
C LYS A 32 1.52 13.38 -10.32
N VAL A 33 2.52 14.03 -9.72
CA VAL A 33 3.49 14.78 -10.48
C VAL A 33 4.77 14.00 -10.73
N THR A 34 5.51 13.74 -9.68
CA THR A 34 6.89 13.27 -9.79
C THR A 34 7.02 11.77 -10.09
N GLU A 35 8.14 11.43 -10.72
CA GLU A 35 8.53 10.07 -10.97
C GLU A 35 10.04 9.99 -11.18
N GLN A 36 10.59 8.78 -11.23
CA GLN A 36 12.03 8.60 -11.33
C GLN A 36 12.38 7.35 -12.13
N GLU A 37 13.68 7.10 -12.31
CA GLU A 37 14.14 5.94 -13.05
C GLU A 37 14.03 4.66 -12.21
N ALA A 38 12.83 4.12 -12.14
CA ALA A 38 12.61 2.87 -11.45
C ALA A 38 11.59 2.04 -12.22
N GLY A 39 11.66 0.72 -12.07
CA GLY A 39 10.79 -0.16 -12.84
C GLY A 39 9.39 -0.21 -12.30
N GLY A 40 9.24 -0.70 -11.07
CA GLY A 40 7.92 -0.89 -10.50
C GLY A 40 7.27 -2.16 -11.01
N ILE A 41 6.94 -2.17 -12.29
CA ILE A 41 6.34 -3.33 -12.95
C ILE A 41 6.89 -3.50 -14.35
N THR A 42 7.00 -2.40 -15.07
CA THR A 42 7.50 -2.40 -16.44
C THR A 42 9.00 -2.69 -16.49
N GLN A 43 9.45 -3.33 -17.56
CA GLN A 43 10.85 -3.69 -17.73
C GLN A 43 11.66 -2.52 -18.31
N HIS A 44 11.16 -1.31 -18.11
CA HIS A 44 11.88 -0.11 -18.52
C HIS A 44 11.83 0.89 -17.37
N ILE A 45 10.86 1.80 -17.46
CA ILE A 45 10.58 2.75 -16.39
C ILE A 45 9.09 2.71 -16.11
N GLY A 46 8.70 3.15 -14.94
CA GLY A 46 7.30 3.13 -14.57
C GLY A 46 7.07 3.61 -13.16
N ALA A 47 7.96 3.21 -12.27
CA ALA A 47 7.85 3.61 -10.87
C ALA A 47 8.10 5.10 -10.70
N TYR A 48 7.79 5.63 -9.53
CA TYR A 48 7.71 7.07 -9.34
C TYR A 48 7.77 7.44 -7.88
N GLN A 49 7.67 8.74 -7.62
CA GLN A 49 7.69 9.27 -6.26
C GLN A 49 6.67 10.39 -6.13
N VAL A 50 5.90 10.35 -5.06
CA VAL A 50 4.94 11.41 -4.79
C VAL A 50 5.63 12.54 -4.06
N THR A 51 5.14 13.72 -4.33
CA THR A 51 5.77 14.94 -3.89
C THR A 51 4.73 15.93 -3.38
N VAL A 52 4.58 15.95 -2.07
CA VAL A 52 3.77 16.96 -1.42
C VAL A 52 4.71 17.81 -0.58
N ASN A 53 4.76 19.10 -0.90
CA ASN A 53 5.71 20.03 -0.30
C ASN A 53 7.12 19.77 -0.80
N ASP A 54 7.57 18.55 -0.60
CA ASP A 54 8.93 18.14 -0.97
C ASP A 54 8.92 16.81 -1.73
N LYS A 55 8.49 15.77 -1.02
CA LYS A 55 8.40 14.41 -1.55
C LYS A 55 8.15 13.47 -0.38
N LYS A 56 7.49 12.35 -0.66
CA LYS A 56 7.16 11.40 0.40
C LYS A 56 7.10 9.97 -0.11
N ILE A 57 5.98 9.62 -0.73
CA ILE A 57 5.70 8.23 -1.07
C ILE A 57 6.49 7.77 -2.28
N THR A 58 7.41 6.85 -2.05
CA THR A 58 8.16 6.26 -3.13
C THR A 58 7.57 4.90 -3.49
N PHE A 59 6.99 4.80 -4.68
CA PHE A 59 6.33 3.56 -5.10
C PHE A 59 7.32 2.65 -5.80
N LEU A 60 7.94 1.76 -5.02
CA LEU A 60 8.90 0.78 -5.52
C LEU A 60 10.04 1.44 -6.29
N ASP A 61 11.07 1.88 -5.57
CA ASP A 61 12.22 2.54 -6.19
C ASP A 61 13.20 1.49 -6.76
N THR A 62 12.66 0.33 -7.09
CA THR A 62 13.43 -0.79 -7.57
C THR A 62 12.94 -1.24 -8.95
N PRO A 63 13.87 -1.66 -9.81
CA PRO A 63 13.54 -2.21 -11.13
C PRO A 63 13.11 -3.67 -11.04
N GLY A 64 13.16 -4.22 -9.84
CA GLY A 64 12.81 -5.61 -9.64
C GLY A 64 11.39 -5.78 -9.12
N HIS A 65 10.79 -6.91 -9.40
CA HIS A 65 9.43 -7.20 -8.95
C HIS A 65 9.46 -7.80 -7.54
N GLU A 66 9.92 -6.98 -6.59
CA GLU A 66 10.09 -7.44 -5.22
C GLU A 66 8.79 -7.34 -4.43
N ALA A 67 8.80 -7.93 -3.24
CA ALA A 67 7.63 -7.91 -2.37
C ALA A 67 8.07 -7.84 -0.91
N PHE A 68 8.26 -6.62 -0.43
CA PHE A 68 8.67 -6.36 0.95
C PHE A 68 9.98 -7.09 1.27
N THR A 69 11.07 -6.58 0.73
CA THR A 69 12.38 -7.14 1.02
C THR A 69 12.93 -6.52 2.31
N THR A 70 12.45 -5.34 2.63
CA THR A 70 12.88 -4.61 3.81
C THR A 70 12.24 -5.19 5.07
N MET A 71 12.81 -6.26 5.58
CA MET A 71 12.38 -6.81 6.85
C MET A 71 13.42 -6.49 7.92
N ARG A 72 13.64 -5.21 8.13
CA ARG A 72 14.61 -4.74 9.10
C ARG A 72 14.00 -4.72 10.48
N ALA A 73 14.19 -5.81 11.22
CA ALA A 73 13.54 -5.99 12.51
C ALA A 73 14.28 -5.26 13.63
N ARG A 74 14.44 -3.96 13.46
CA ARG A 74 15.01 -3.10 14.49
C ARG A 74 14.03 -2.00 14.83
N GLY A 75 13.48 -2.06 16.04
CA GLY A 75 12.47 -1.09 16.47
C GLY A 75 13.00 0.33 16.48
N ALA A 76 12.77 1.05 15.38
CA ALA A 76 13.22 2.42 15.24
C ALA A 76 12.37 3.16 14.22
N GLN A 77 11.06 3.11 14.41
CA GLN A 77 10.09 3.77 13.52
C GLN A 77 10.10 3.13 12.14
N VAL A 78 10.10 1.80 12.12
CA VAL A 78 10.03 1.05 10.87
C VAL A 78 8.63 1.12 10.29
N THR A 79 8.43 2.04 9.37
CA THR A 79 7.12 2.25 8.78
C THR A 79 7.17 2.06 7.26
N ASP A 80 7.67 0.90 6.85
CA ASP A 80 7.67 0.54 5.43
C ASP A 80 6.26 0.18 5.01
N ILE A 81 5.56 1.20 4.54
CA ILE A 81 4.13 1.13 4.22
C ILE A 81 3.78 -0.04 3.30
N VAL A 82 2.88 -0.90 3.76
CA VAL A 82 2.36 -1.97 2.95
C VAL A 82 0.93 -1.69 2.52
N ILE A 83 0.73 -1.36 1.26
CA ILE A 83 -0.63 -1.18 0.75
C ILE A 83 -1.10 -2.47 0.15
N LEU A 84 -2.05 -3.09 0.80
CA LEU A 84 -2.56 -4.36 0.34
C LEU A 84 -3.75 -4.16 -0.59
N VAL A 85 -3.55 -4.41 -1.88
CA VAL A 85 -4.60 -4.22 -2.86
C VAL A 85 -5.56 -5.42 -2.90
N VAL A 86 -6.84 -5.11 -2.90
CA VAL A 86 -7.89 -6.10 -3.09
C VAL A 86 -8.89 -5.54 -4.08
N ALA A 87 -9.95 -6.26 -4.39
CA ALA A 87 -10.90 -5.76 -5.36
C ALA A 87 -12.33 -6.12 -4.99
N ALA A 88 -13.14 -5.07 -4.85
CA ALA A 88 -14.57 -5.18 -4.54
C ALA A 88 -14.87 -6.21 -3.45
N ASP A 89 -15.47 -7.32 -3.84
CA ASP A 89 -15.93 -8.31 -2.88
C ASP A 89 -15.19 -9.62 -3.08
N ASP A 90 -14.05 -9.54 -3.76
CA ASP A 90 -13.20 -10.71 -3.95
C ASP A 90 -12.58 -11.10 -2.61
N GLY A 91 -12.33 -10.08 -1.82
CA GLY A 91 -11.73 -10.28 -0.52
C GLY A 91 -10.26 -10.56 -0.62
N VAL A 92 -9.79 -11.45 0.23
CA VAL A 92 -8.39 -11.76 0.32
C VAL A 92 -8.06 -13.03 -0.46
N MET A 93 -7.35 -12.88 -1.57
CA MET A 93 -6.83 -14.02 -2.32
C MET A 93 -5.56 -14.54 -1.66
N PRO A 94 -5.02 -15.70 -2.10
CA PRO A 94 -3.78 -16.28 -1.56
C PRO A 94 -2.67 -15.25 -1.38
N GLN A 95 -2.34 -14.55 -2.45
CA GLN A 95 -1.29 -13.54 -2.42
C GLN A 95 -1.61 -12.43 -1.43
N THR A 96 -2.89 -12.15 -1.23
CA THR A 96 -3.31 -11.12 -0.30
C THR A 96 -2.93 -11.50 1.15
N VAL A 97 -2.75 -12.80 1.41
CA VAL A 97 -2.32 -13.28 2.71
C VAL A 97 -0.81 -13.33 2.81
N GLU A 98 -0.17 -13.89 1.78
CA GLU A 98 1.28 -14.06 1.76
C GLU A 98 1.99 -12.72 1.77
N ALA A 99 1.25 -11.66 1.53
CA ALA A 99 1.83 -10.33 1.49
C ALA A 99 1.64 -9.65 2.84
N ILE A 100 0.72 -10.18 3.62
CA ILE A 100 0.42 -9.62 4.94
C ILE A 100 1.22 -10.35 6.00
N ASN A 101 1.12 -11.67 6.00
CA ASN A 101 1.96 -12.52 6.83
C ASN A 101 3.43 -12.16 6.67
N HIS A 102 3.79 -11.84 5.44
CA HIS A 102 5.15 -11.46 5.09
C HIS A 102 5.46 -10.03 5.57
N ALA A 103 4.44 -9.18 5.57
CA ALA A 103 4.63 -7.76 5.87
C ALA A 103 4.63 -7.49 7.36
N LYS A 104 3.56 -7.90 8.02
CA LYS A 104 3.31 -7.49 9.38
C LYS A 104 4.28 -8.16 10.37
N ALA A 105 5.00 -9.17 9.89
CA ALA A 105 5.92 -9.91 10.73
C ALA A 105 7.20 -9.13 11.01
N ALA A 106 7.28 -7.93 10.47
CA ALA A 106 8.39 -7.03 10.78
C ALA A 106 7.90 -5.92 11.68
N ASN A 107 6.62 -6.02 12.05
CA ASN A 107 5.94 -5.07 12.94
C ASN A 107 5.51 -3.88 12.11
N VAL A 108 5.09 -4.21 10.92
CA VAL A 108 4.77 -3.23 9.91
C VAL A 108 3.26 -3.04 9.79
N PRO A 109 2.81 -1.80 9.57
CA PRO A 109 1.42 -1.50 9.29
C PRO A 109 0.99 -1.90 7.88
N ILE A 110 -0.26 -2.24 7.78
CA ILE A 110 -0.83 -2.76 6.53
C ILE A 110 -2.03 -1.90 6.11
N ILE A 111 -2.25 -1.82 4.81
CA ILE A 111 -3.37 -1.06 4.28
C ILE A 111 -4.19 -1.94 3.39
N VAL A 112 -5.42 -1.58 3.20
CA VAL A 112 -6.25 -2.24 2.25
C VAL A 112 -6.62 -1.27 1.15
N ALA A 113 -6.51 -1.72 -0.05
CA ALA A 113 -6.94 -0.94 -1.18
C ALA A 113 -7.98 -1.74 -1.92
N ILE A 114 -9.20 -1.57 -1.49
CA ILE A 114 -10.33 -2.23 -2.12
C ILE A 114 -10.63 -1.56 -3.45
N ASN A 115 -10.07 -2.10 -4.53
CA ASN A 115 -10.16 -1.49 -5.84
C ASN A 115 -11.38 -2.02 -6.59
N LYS A 116 -11.75 -1.36 -7.68
CA LYS A 116 -12.86 -1.80 -8.51
C LYS A 116 -14.17 -1.77 -7.73
N MET A 117 -14.39 -0.65 -7.05
CA MET A 117 -15.66 -0.42 -6.39
C MET A 117 -16.64 0.17 -7.39
N ASP A 118 -16.11 1.15 -8.14
CA ASP A 118 -16.83 1.89 -9.20
C ASP A 118 -18.12 2.52 -8.72
N LYS A 119 -19.08 1.67 -8.42
CA LYS A 119 -20.43 2.11 -8.07
C LYS A 119 -21.11 1.21 -7.01
N PRO A 120 -21.17 -0.09 -7.24
CA PRO A 120 -21.83 -1.04 -6.34
C PRO A 120 -20.99 -1.27 -5.09
N GLU A 121 -19.68 -1.10 -5.27
CA GLU A 121 -18.67 -1.07 -4.21
C GLU A 121 -18.78 -2.25 -3.25
N ALA A 122 -19.18 -3.39 -3.79
CA ALA A 122 -19.22 -4.65 -3.05
C ALA A 122 -19.92 -4.48 -1.70
N ASN A 123 -19.26 -4.93 -0.65
CA ASN A 123 -19.74 -4.76 0.71
C ASN A 123 -18.57 -4.94 1.68
N PRO A 124 -17.83 -3.83 1.89
CA PRO A 124 -16.71 -3.71 2.82
C PRO A 124 -16.64 -4.75 3.94
N ASP A 125 -17.61 -4.73 4.86
CA ASP A 125 -17.59 -5.55 6.09
C ASP A 125 -17.07 -6.95 5.85
N ARG A 126 -17.63 -7.66 4.87
CA ARG A 126 -17.20 -9.03 4.59
C ARG A 126 -15.71 -9.07 4.34
N VAL A 127 -15.28 -8.28 3.37
CA VAL A 127 -13.87 -8.18 3.00
C VAL A 127 -13.04 -7.75 4.21
N MET A 128 -13.54 -6.75 4.90
CA MET A 128 -12.85 -6.16 6.04
C MET A 128 -12.69 -7.18 7.17
N GLN A 129 -13.62 -8.11 7.28
CA GLN A 129 -13.57 -9.12 8.33
C GLN A 129 -12.57 -10.21 7.99
N GLU A 130 -12.32 -10.39 6.69
CA GLU A 130 -11.29 -11.34 6.27
C GLU A 130 -9.95 -10.84 6.76
N LEU A 131 -9.76 -9.54 6.72
CA LEU A 131 -8.48 -8.95 7.08
C LEU A 131 -8.27 -9.07 8.56
N MET A 132 -9.30 -8.80 9.31
CA MET A 132 -9.22 -8.90 10.74
C MET A 132 -9.17 -10.37 11.16
N GLU A 133 -9.38 -11.27 10.21
CA GLU A 133 -9.23 -12.68 10.47
C GLU A 133 -7.75 -13.05 10.39
N TYR A 134 -6.96 -12.26 9.64
CA TYR A 134 -5.52 -12.40 9.72
C TYR A 134 -5.02 -11.48 10.83
N ASN A 135 -6.01 -10.90 11.52
CA ASN A 135 -5.84 -10.16 12.77
C ASN A 135 -5.17 -8.84 12.52
N LEU A 136 -5.37 -8.35 11.31
CA LEU A 136 -4.98 -7.00 10.98
C LEU A 136 -6.25 -6.17 10.94
N VAL A 137 -6.74 -5.93 12.14
CA VAL A 137 -8.03 -5.27 12.33
C VAL A 137 -8.01 -3.90 11.67
N PRO A 138 -9.07 -3.59 10.91
CA PRO A 138 -9.25 -2.27 10.33
C PRO A 138 -9.03 -1.15 11.34
N GLU A 139 -8.61 -0.03 10.80
CA GLU A 139 -8.32 1.15 11.60
C GLU A 139 -9.63 1.79 11.99
N GLU A 140 -10.64 1.53 11.15
CA GLU A 140 -12.02 1.87 11.46
C GLU A 140 -12.41 1.23 12.78
N TRP A 141 -11.93 0.01 12.97
CA TRP A 141 -12.33 -0.80 14.10
C TRP A 141 -11.33 -0.67 15.24
N GLY A 142 -10.08 -0.32 14.91
CA GLY A 142 -9.13 0.00 15.96
C GLY A 142 -7.97 -0.97 15.99
N GLY A 143 -7.72 -1.60 14.87
CA GLY A 143 -6.63 -2.54 14.79
C GLY A 143 -5.36 -1.92 14.26
N ASP A 144 -4.93 -2.41 13.11
CA ASP A 144 -3.65 -2.02 12.54
C ASP A 144 -3.69 -1.96 11.01
N THR A 145 -4.88 -1.73 10.44
CA THR A 145 -4.98 -1.73 8.98
C THR A 145 -5.97 -0.68 8.44
N ILE A 146 -5.47 0.20 7.58
CA ILE A 146 -6.29 1.25 7.01
C ILE A 146 -7.04 0.73 5.78
N PHE A 147 -8.37 0.75 5.84
CA PHE A 147 -9.20 0.26 4.74
C PHE A 147 -9.58 1.38 3.79
N CYS A 148 -9.13 1.26 2.55
CA CYS A 148 -9.42 2.25 1.52
C CYS A 148 -10.28 1.65 0.43
N LYS A 149 -11.52 2.06 0.34
CA LYS A 149 -12.38 1.67 -0.76
C LYS A 149 -12.16 2.62 -1.94
N LEU A 150 -11.16 2.30 -2.75
CA LEU A 150 -10.72 3.20 -3.80
C LEU A 150 -10.97 2.61 -5.19
N SER A 151 -10.52 3.32 -6.19
CA SER A 151 -10.73 2.94 -7.58
C SER A 151 -9.70 3.63 -8.47
N ALA A 152 -8.91 2.83 -9.17
CA ALA A 152 -7.79 3.34 -9.96
C ALA A 152 -8.26 4.01 -11.25
N LYS A 153 -9.05 3.30 -12.04
CA LYS A 153 -9.50 3.83 -13.32
C LYS A 153 -10.56 4.88 -13.11
N THR A 154 -11.46 4.56 -12.20
CA THR A 154 -12.46 5.50 -11.72
C THR A 154 -11.78 6.73 -11.13
N LYS A 155 -10.51 6.54 -10.73
CA LYS A 155 -9.59 7.62 -10.32
C LYS A 155 -9.89 8.19 -8.94
N GLU A 156 -11.17 8.36 -8.61
CA GLU A 156 -11.59 8.98 -7.34
C GLU A 156 -10.85 8.38 -6.14
N GLY A 157 -10.80 7.06 -6.11
CA GLY A 157 -10.24 6.37 -5.00
C GLY A 157 -8.76 6.63 -4.80
N LEU A 158 -8.03 6.85 -5.89
CA LEU A 158 -6.59 7.04 -5.83
C LEU A 158 -6.24 8.24 -4.98
N ASP A 159 -6.93 9.35 -5.22
CA ASP A 159 -6.71 10.57 -4.46
C ASP A 159 -6.96 10.33 -2.98
N HIS A 160 -8.06 9.64 -2.67
CA HIS A 160 -8.38 9.31 -1.29
C HIS A 160 -7.34 8.37 -0.69
N LEU A 161 -6.88 7.41 -1.49
CA LEU A 161 -5.88 6.44 -1.04
C LEU A 161 -4.59 7.14 -0.60
N LEU A 162 -4.07 8.00 -1.46
CA LEU A 162 -2.84 8.72 -1.17
C LEU A 162 -2.98 9.57 0.09
N GLU A 163 -4.17 10.10 0.31
CA GLU A 163 -4.46 10.88 1.50
C GLU A 163 -4.29 10.02 2.76
N MET A 164 -4.82 8.80 2.72
CA MET A 164 -4.70 7.89 3.86
C MET A 164 -3.24 7.47 4.04
N ILE A 165 -2.54 7.28 2.93
CA ILE A 165 -1.14 6.94 2.95
C ILE A 165 -0.32 8.04 3.64
N LEU A 166 -0.56 9.28 3.22
CA LEU A 166 0.10 10.44 3.81
C LEU A 166 -0.32 10.60 5.27
N LEU A 167 -1.59 10.33 5.54
CA LEU A 167 -2.15 10.41 6.89
C LEU A 167 -1.32 9.56 7.83
N VAL A 168 -1.01 8.35 7.41
CA VAL A 168 -0.26 7.41 8.22
C VAL A 168 1.18 7.87 8.40
N SER A 169 1.79 8.34 7.31
CA SER A 169 3.17 8.80 7.34
C SER A 169 3.36 9.90 8.38
N GLU A 170 2.42 10.84 8.43
CA GLU A 170 2.51 11.94 9.39
C GLU A 170 2.02 11.51 10.77
N MET A 171 1.10 10.55 10.80
CA MET A 171 0.52 10.09 12.05
C MET A 171 1.55 9.38 12.90
N GLU A 172 2.13 8.32 12.36
CA GLU A 172 3.05 7.48 13.13
C GLU A 172 4.28 8.24 13.63
N GLU A 173 4.75 9.18 12.82
CA GLU A 173 5.96 9.92 13.18
C GLU A 173 5.65 10.97 14.26
N LEU A 174 4.37 11.23 14.48
CA LEU A 174 3.96 12.18 15.52
C LEU A 174 3.38 11.44 16.72
N LYS A 175 2.28 10.72 16.48
CA LYS A 175 1.58 10.01 17.53
C LYS A 175 0.91 8.77 16.96
N ALA A 176 1.47 7.60 17.28
CA ALA A 176 0.88 6.33 16.85
C ALA A 176 0.95 5.32 17.98
N ASN A 177 0.50 5.74 19.15
CA ASN A 177 0.59 4.91 20.35
C ASN A 177 -0.63 5.14 21.22
N PRO A 178 -1.42 4.08 21.48
CA PRO A 178 -2.61 4.16 22.33
C PRO A 178 -2.27 4.45 23.79
N GLY A 1 25.49 23.03 0.19
CA GLY A 1 25.13 22.54 1.56
C GLY A 1 24.25 21.30 1.51
N SER A 2 24.86 20.14 1.70
CA SER A 2 24.13 18.88 1.66
C SER A 2 24.18 18.18 3.02
N HIS A 3 24.35 18.95 4.09
CA HIS A 3 24.40 18.39 5.44
C HIS A 3 22.99 18.31 6.02
N MET A 4 22.20 17.36 5.53
CA MET A 4 20.83 17.20 5.99
C MET A 4 20.47 15.73 6.08
N VAL A 5 19.80 15.35 7.15
CA VAL A 5 19.39 13.97 7.36
C VAL A 5 18.08 13.69 6.63
N GLU A 6 18.11 12.75 5.71
CA GLU A 6 16.92 12.40 4.95
C GLU A 6 16.34 11.08 5.43
N ARG A 7 15.02 10.97 5.43
CA ARG A 7 14.36 9.71 5.73
C ARG A 7 12.94 9.70 5.17
N PRO A 8 12.80 9.48 3.86
CA PRO A 8 11.51 9.28 3.23
C PRO A 8 11.02 7.85 3.41
N PRO A 9 9.72 7.67 3.75
CA PRO A 9 9.15 6.36 4.09
C PRO A 9 9.58 5.23 3.14
N VAL A 10 9.40 5.46 1.84
CA VAL A 10 9.61 4.42 0.84
C VAL A 10 8.62 3.29 1.05
N VAL A 11 7.49 3.39 0.36
CA VAL A 11 6.36 2.51 0.57
C VAL A 11 6.45 1.25 -0.29
N THR A 12 6.24 0.09 0.34
CA THR A 12 6.20 -1.18 -0.38
C THR A 12 4.76 -1.59 -0.68
N ILE A 13 4.36 -1.53 -1.95
CA ILE A 13 3.01 -1.89 -2.34
C ILE A 13 2.86 -3.40 -2.50
N MET A 14 1.69 -3.91 -2.13
CA MET A 14 1.43 -5.36 -2.17
C MET A 14 0.00 -5.62 -2.66
N GLY A 15 -0.43 -6.88 -2.60
CA GLY A 15 -1.73 -7.23 -3.10
C GLY A 15 -1.63 -8.01 -4.38
N HIS A 16 -2.33 -9.14 -4.44
CA HIS A 16 -2.39 -9.95 -5.65
C HIS A 16 -2.74 -9.09 -6.87
N VAL A 17 -2.03 -9.35 -7.97
CA VAL A 17 -2.08 -8.49 -9.15
C VAL A 17 -3.44 -8.45 -9.82
N ASP A 18 -4.18 -9.56 -9.78
CA ASP A 18 -5.46 -9.65 -10.48
C ASP A 18 -6.50 -8.73 -9.85
N HIS A 19 -6.26 -8.33 -8.61
CA HIS A 19 -7.17 -7.42 -7.92
C HIS A 19 -7.11 -6.03 -8.54
N GLY A 20 -6.08 -5.79 -9.33
CA GLY A 20 -5.95 -4.53 -10.03
C GLY A 20 -4.78 -3.71 -9.55
N LYS A 21 -3.62 -4.35 -9.44
CA LYS A 21 -2.43 -3.66 -9.00
C LYS A 21 -1.73 -3.03 -10.19
N THR A 22 -1.81 -3.71 -11.32
CA THR A 22 -1.18 -3.24 -12.55
C THR A 22 -1.89 -1.99 -13.04
N THR A 23 -3.21 -2.04 -13.07
CA THR A 23 -4.02 -0.91 -13.46
C THR A 23 -3.95 0.19 -12.39
N LEU A 24 -3.57 -0.19 -11.17
CA LEU A 24 -3.37 0.77 -10.11
C LEU A 24 -2.09 1.54 -10.38
N LEU A 25 -1.02 0.79 -10.63
CA LEU A 25 0.30 1.35 -10.92
C LEU A 25 0.24 2.27 -12.14
N ASP A 26 -0.56 1.88 -13.12
CA ASP A 26 -0.74 2.67 -14.34
C ASP A 26 -1.46 3.98 -14.03
N ALA A 27 -2.65 3.87 -13.43
CA ALA A 27 -3.46 5.02 -13.11
C ALA A 27 -2.73 5.96 -12.15
N ILE A 28 -2.09 5.37 -11.16
CA ILE A 28 -1.42 6.11 -10.11
C ILE A 28 -0.26 6.95 -10.65
N ARG A 29 0.37 6.45 -11.71
CA ARG A 29 1.48 7.14 -12.33
C ARG A 29 0.93 8.23 -13.25
N HIS A 30 -0.26 7.99 -13.74
CA HIS A 30 -0.96 8.94 -14.61
C HIS A 30 -1.63 10.04 -13.79
N SER A 31 -1.66 9.87 -12.48
CA SER A 31 -2.32 10.83 -11.58
C SER A 31 -1.46 12.07 -11.37
N LYS A 32 -0.47 12.27 -12.24
CA LYS A 32 0.33 13.49 -12.29
C LYS A 32 1.22 13.67 -11.06
N VAL A 33 2.01 14.75 -11.09
CA VAL A 33 2.96 15.12 -10.03
C VAL A 33 4.02 14.02 -9.80
N THR A 34 4.01 13.02 -10.67
CA THR A 34 4.93 11.91 -10.58
C THR A 34 6.26 12.27 -11.24
N GLU A 35 7.32 12.21 -10.43
CA GLU A 35 8.66 12.50 -10.89
C GLU A 35 9.14 11.38 -11.81
N GLN A 36 8.92 10.16 -11.37
CA GLN A 36 9.19 8.99 -12.17
C GLN A 36 7.87 8.28 -12.41
N GLU A 37 7.70 7.72 -13.59
CA GLU A 37 6.48 6.99 -13.91
C GLU A 37 6.81 5.72 -14.68
N ALA A 38 7.92 5.10 -14.31
CA ALA A 38 8.36 3.87 -14.95
C ALA A 38 7.68 2.67 -14.30
N GLY A 39 6.36 2.69 -14.30
CA GLY A 39 5.61 1.60 -13.72
C GLY A 39 4.61 1.02 -14.70
N GLY A 40 4.99 -0.09 -15.31
CA GLY A 40 4.12 -0.71 -16.30
C GLY A 40 4.40 -0.20 -17.69
N ILE A 41 5.66 -0.27 -18.11
CA ILE A 41 6.05 0.15 -19.45
C ILE A 41 6.31 -1.07 -20.33
N THR A 42 7.41 -1.73 -20.09
CA THR A 42 7.77 -2.94 -20.81
C THR A 42 8.18 -4.03 -19.82
N GLN A 43 7.27 -4.31 -18.88
CA GLN A 43 7.47 -5.29 -17.81
C GLN A 43 8.51 -4.81 -16.79
N HIS A 44 9.70 -4.47 -17.26
CA HIS A 44 10.72 -3.89 -16.39
C HIS A 44 10.23 -2.54 -15.89
N ILE A 45 10.35 -2.31 -14.58
CA ILE A 45 9.87 -1.09 -14.00
C ILE A 45 10.96 -0.36 -13.23
N GLY A 46 10.61 0.81 -12.74
CA GLY A 46 11.54 1.61 -11.96
C GLY A 46 10.81 2.44 -10.93
N ALA A 47 9.59 2.00 -10.59
CA ALA A 47 8.77 2.62 -9.56
C ALA A 47 8.36 4.05 -9.95
N TYR A 48 7.81 4.79 -9.00
CA TYR A 48 7.32 6.13 -9.26
C TYR A 48 7.35 6.95 -7.98
N GLN A 49 8.07 8.05 -8.02
CA GLN A 49 8.16 8.93 -6.87
C GLN A 49 7.21 10.10 -7.06
N VAL A 50 6.22 10.18 -6.21
CA VAL A 50 5.18 11.18 -6.36
C VAL A 50 5.50 12.43 -5.57
N THR A 51 5.07 13.55 -6.12
CA THR A 51 5.16 14.80 -5.40
C THR A 51 3.90 14.98 -4.57
N VAL A 52 3.89 14.32 -3.43
CA VAL A 52 2.81 14.48 -2.48
C VAL A 52 3.37 15.17 -1.26
N ASN A 53 2.84 16.36 -0.99
CA ASN A 53 3.46 17.30 -0.06
C ASN A 53 4.76 17.83 -0.67
N ASP A 54 5.61 16.87 -1.10
CA ASP A 54 6.94 17.10 -1.68
C ASP A 54 7.87 15.94 -1.34
N LYS A 55 8.03 15.02 -2.29
CA LYS A 55 9.05 13.97 -2.22
C LYS A 55 8.82 12.94 -1.10
N LYS A 56 7.77 13.14 -0.30
CA LYS A 56 7.54 12.29 0.86
C LYS A 56 7.36 10.82 0.50
N ILE A 57 6.31 10.50 -0.23
CA ILE A 57 6.00 9.11 -0.51
C ILE A 57 6.67 8.63 -1.80
N THR A 58 7.66 7.78 -1.62
CA THR A 58 8.26 7.07 -2.74
C THR A 58 7.61 5.70 -2.85
N PHE A 59 7.08 5.34 -4.01
CA PHE A 59 6.40 4.07 -4.16
C PHE A 59 7.38 3.06 -4.73
N LEU A 60 8.05 2.32 -3.85
CA LEU A 60 9.16 1.46 -4.22
C LEU A 60 10.34 2.28 -4.73
N ASP A 61 11.52 1.68 -4.71
CA ASP A 61 12.72 2.37 -5.15
C ASP A 61 13.59 1.42 -5.96
N THR A 62 13.99 0.33 -5.34
CA THR A 62 14.72 -0.73 -6.02
C THR A 62 13.79 -1.92 -6.24
N PRO A 63 13.28 -2.08 -7.47
CA PRO A 63 12.36 -3.16 -7.81
C PRO A 63 13.06 -4.50 -7.94
N GLY A 64 12.27 -5.54 -8.19
CA GLY A 64 12.85 -6.86 -8.38
C GLY A 64 12.25 -7.89 -7.45
N HIS A 65 13.11 -8.57 -6.70
CA HIS A 65 12.68 -9.66 -5.83
C HIS A 65 13.03 -9.35 -4.38
N GLU A 66 12.90 -8.09 -4.01
CA GLU A 66 13.19 -7.66 -2.65
C GLU A 66 12.18 -8.26 -1.67
N ALA A 67 10.91 -8.33 -2.11
CA ALA A 67 9.84 -8.94 -1.33
C ALA A 67 9.82 -8.44 0.11
N PHE A 68 9.55 -7.14 0.26
CA PHE A 68 9.53 -6.52 1.58
C PHE A 68 10.87 -6.71 2.28
N THR A 69 11.88 -6.03 1.80
CA THR A 69 13.24 -6.22 2.27
C THR A 69 13.60 -5.16 3.31
N THR A 70 12.57 -4.47 3.80
CA THR A 70 12.74 -3.42 4.80
C THR A 70 13.27 -3.98 6.12
N MET A 71 13.25 -5.31 6.23
CA MET A 71 13.72 -6.01 7.43
C MET A 71 15.24 -5.95 7.56
N ARG A 72 15.90 -5.19 6.69
CA ARG A 72 17.33 -4.94 6.82
C ARG A 72 17.55 -3.77 7.78
N ALA A 73 16.54 -2.92 7.92
CA ALA A 73 16.64 -1.74 8.75
C ALA A 73 16.10 -2.03 10.15
N ARG A 74 16.85 -2.81 10.90
CA ARG A 74 16.44 -3.22 12.23
C ARG A 74 16.91 -2.22 13.26
N GLY A 75 16.22 -2.15 14.38
CA GLY A 75 16.62 -1.27 15.46
C GLY A 75 15.65 -0.13 15.68
N ALA A 76 15.77 0.91 14.87
CA ALA A 76 14.96 2.11 15.06
C ALA A 76 13.63 2.02 14.33
N GLN A 77 12.83 1.01 14.68
CA GLN A 77 11.49 0.80 14.12
C GLN A 77 11.54 0.46 12.63
N VAL A 78 11.19 -0.79 12.33
CA VAL A 78 11.07 -1.23 10.94
C VAL A 78 9.72 -0.77 10.39
N THR A 79 9.61 0.53 10.16
CA THR A 79 8.36 1.12 9.70
C THR A 79 8.32 1.22 8.18
N ASP A 80 7.46 0.42 7.58
CA ASP A 80 7.20 0.47 6.15
C ASP A 80 5.71 0.71 5.94
N ILE A 81 5.29 0.86 4.71
CA ILE A 81 3.89 1.06 4.40
C ILE A 81 3.41 -0.01 3.43
N VAL A 82 2.70 -0.99 3.94
CA VAL A 82 2.28 -2.10 3.13
C VAL A 82 0.91 -1.85 2.53
N ILE A 83 0.88 -1.37 1.30
CA ILE A 83 -0.39 -1.15 0.63
C ILE A 83 -0.89 -2.44 0.05
N LEU A 84 -1.77 -3.07 0.77
CA LEU A 84 -2.33 -4.34 0.34
C LEU A 84 -3.55 -4.12 -0.56
N VAL A 85 -3.43 -4.39 -1.85
CA VAL A 85 -4.53 -4.18 -2.77
C VAL A 85 -5.48 -5.40 -2.79
N VAL A 86 -6.77 -5.12 -2.90
CA VAL A 86 -7.80 -6.12 -3.05
C VAL A 86 -8.81 -5.65 -4.08
N ALA A 87 -9.86 -6.41 -4.32
CA ALA A 87 -10.83 -6.01 -5.33
C ALA A 87 -12.26 -6.40 -4.95
N ALA A 88 -12.97 -5.42 -4.41
CA ALA A 88 -14.42 -5.49 -4.19
C ALA A 88 -14.89 -6.79 -3.54
N ASP A 89 -15.33 -7.73 -4.38
CA ASP A 89 -16.00 -8.93 -3.91
C ASP A 89 -15.07 -10.12 -3.81
N ASP A 90 -13.84 -9.97 -4.31
CA ASP A 90 -12.89 -11.07 -4.28
C ASP A 90 -12.26 -11.18 -2.89
N GLY A 91 -12.10 -10.03 -2.25
CA GLY A 91 -11.51 -9.99 -0.94
C GLY A 91 -10.02 -10.26 -0.97
N VAL A 92 -9.57 -11.03 0.00
CA VAL A 92 -8.18 -11.34 0.17
C VAL A 92 -7.81 -12.69 -0.46
N MET A 93 -7.12 -12.65 -1.59
CA MET A 93 -6.59 -13.86 -2.22
C MET A 93 -5.35 -14.37 -1.47
N PRO A 94 -4.86 -15.58 -1.81
CA PRO A 94 -3.64 -16.13 -1.22
C PRO A 94 -2.51 -15.10 -1.13
N GLN A 95 -2.12 -14.53 -2.27
CA GLN A 95 -1.10 -13.50 -2.31
C GLN A 95 -1.42 -12.31 -1.41
N THR A 96 -2.70 -11.99 -1.26
CA THR A 96 -3.11 -10.90 -0.40
C THR A 96 -2.81 -11.22 1.07
N VAL A 97 -2.72 -12.52 1.38
CA VAL A 97 -2.34 -12.97 2.71
C VAL A 97 -0.84 -13.17 2.81
N GLU A 98 -0.27 -13.81 1.79
CA GLU A 98 1.16 -14.14 1.75
C GLU A 98 2.00 -12.87 1.80
N ALA A 99 1.38 -11.76 1.48
CA ALA A 99 2.06 -10.48 1.52
C ALA A 99 1.97 -9.91 2.92
N ILE A 100 0.81 -10.06 3.53
CA ILE A 100 0.58 -9.61 4.90
C ILE A 100 1.37 -10.47 5.87
N ASN A 101 1.18 -11.78 5.82
CA ASN A 101 1.96 -12.72 6.62
C ASN A 101 3.45 -12.40 6.57
N HIS A 102 3.90 -11.95 5.40
CA HIS A 102 5.30 -11.59 5.21
C HIS A 102 5.58 -10.20 5.78
N ALA A 103 4.58 -9.33 5.80
CA ALA A 103 4.79 -7.93 6.17
C ALA A 103 4.41 -7.63 7.61
N LYS A 104 3.28 -8.17 8.05
CA LYS A 104 2.64 -7.75 9.27
C LYS A 104 3.48 -8.13 10.49
N ALA A 105 4.43 -9.04 10.29
CA ALA A 105 5.25 -9.55 11.37
C ALA A 105 6.48 -8.68 11.58
N ALA A 106 6.57 -7.58 10.86
CA ALA A 106 7.64 -6.62 11.08
C ALA A 106 7.14 -5.50 11.98
N ASN A 107 5.88 -5.64 12.40
CA ASN A 107 5.24 -4.71 13.34
C ASN A 107 4.90 -3.44 12.61
N VAL A 108 4.47 -3.63 11.38
CA VAL A 108 4.17 -2.54 10.47
C VAL A 108 2.70 -2.58 10.08
N PRO A 109 2.09 -1.40 9.92
CA PRO A 109 0.71 -1.28 9.46
C PRO A 109 0.51 -1.67 8.01
N ILE A 110 -0.71 -2.08 7.72
CA ILE A 110 -1.09 -2.55 6.39
C ILE A 110 -2.25 -1.71 5.86
N ILE A 111 -2.27 -1.51 4.56
CA ILE A 111 -3.30 -0.71 3.92
C ILE A 111 -4.10 -1.62 3.04
N VAL A 112 -5.36 -1.34 2.88
CA VAL A 112 -6.16 -2.09 1.97
C VAL A 112 -6.63 -1.19 0.86
N ALA A 113 -6.45 -1.64 -0.35
CA ALA A 113 -6.91 -0.92 -1.48
C ALA A 113 -7.94 -1.75 -2.18
N ILE A 114 -9.16 -1.60 -1.72
CA ILE A 114 -10.29 -2.28 -2.30
C ILE A 114 -10.66 -1.66 -3.65
N ASN A 115 -10.17 -2.26 -4.73
CA ASN A 115 -10.31 -1.67 -6.05
C ASN A 115 -11.63 -2.10 -6.71
N LYS A 116 -12.18 -1.19 -7.53
CA LYS A 116 -13.42 -1.43 -8.28
C LYS A 116 -14.65 -1.32 -7.40
N MET A 117 -14.85 -0.13 -6.86
CA MET A 117 -16.04 0.18 -6.07
C MET A 117 -16.80 1.29 -6.77
N ASP A 118 -16.27 1.65 -7.93
CA ASP A 118 -16.93 2.61 -8.83
C ASP A 118 -18.21 2.03 -9.40
N LYS A 119 -18.35 0.70 -9.31
CA LYS A 119 -19.63 0.04 -9.52
C LYS A 119 -20.46 0.24 -8.24
N PRO A 120 -21.51 -0.56 -7.94
CA PRO A 120 -22.09 -0.53 -6.60
C PRO A 120 -20.98 -0.61 -5.55
N GLU A 121 -20.30 -1.75 -5.58
CA GLU A 121 -19.03 -2.04 -4.89
C GLU A 121 -18.95 -3.54 -4.63
N ALA A 122 -19.42 -3.96 -3.47
CA ALA A 122 -19.56 -5.38 -3.11
C ALA A 122 -19.99 -5.51 -1.66
N ASN A 123 -19.01 -5.55 -0.77
CA ASN A 123 -19.24 -5.57 0.66
C ASN A 123 -17.91 -5.53 1.40
N PRO A 124 -17.38 -4.32 1.62
CA PRO A 124 -16.15 -4.08 2.40
C PRO A 124 -16.07 -4.93 3.66
N ASP A 125 -17.11 -4.88 4.51
CA ASP A 125 -17.11 -5.56 5.82
C ASP A 125 -16.62 -7.00 5.73
N ARG A 126 -17.16 -7.76 4.77
CA ARG A 126 -16.70 -9.12 4.54
C ARG A 126 -15.20 -9.14 4.37
N VAL A 127 -14.75 -8.44 3.36
CA VAL A 127 -13.33 -8.32 3.06
C VAL A 127 -12.55 -7.84 4.28
N MET A 128 -13.08 -6.83 4.95
CA MET A 128 -12.45 -6.25 6.12
C MET A 128 -12.32 -7.27 7.24
N GLN A 129 -13.29 -8.17 7.33
CA GLN A 129 -13.26 -9.22 8.35
C GLN A 129 -12.21 -10.26 8.02
N GLU A 130 -11.84 -10.36 6.76
CA GLU A 130 -10.76 -11.28 6.37
C GLU A 130 -9.44 -10.71 6.84
N LEU A 131 -9.35 -9.39 6.85
CA LEU A 131 -8.11 -8.74 7.28
C LEU A 131 -7.97 -8.89 8.77
N MET A 132 -9.07 -8.65 9.45
CA MET A 132 -9.10 -8.81 10.88
C MET A 132 -9.16 -10.29 11.23
N GLU A 133 -9.21 -11.14 10.21
CA GLU A 133 -9.13 -12.57 10.42
C GLU A 133 -7.67 -12.91 10.62
N TYR A 134 -6.80 -12.13 9.98
CA TYR A 134 -5.38 -12.24 10.25
C TYR A 134 -5.00 -11.29 11.38
N ASN A 135 -6.07 -10.74 12.00
CA ASN A 135 -5.98 -9.87 13.18
C ASN A 135 -5.49 -8.48 12.79
N LEU A 136 -5.57 -8.20 11.50
CA LEU A 136 -5.26 -6.89 11.01
C LEU A 136 -6.54 -6.09 10.97
N VAL A 137 -6.99 -5.73 12.16
CA VAL A 137 -8.20 -4.97 12.36
C VAL A 137 -8.07 -3.60 11.70
N PRO A 138 -9.07 -3.24 10.90
CA PRO A 138 -9.17 -1.92 10.31
C PRO A 138 -9.01 -0.80 11.32
N GLU A 139 -8.64 0.36 10.83
CA GLU A 139 -8.55 1.56 11.65
C GLU A 139 -9.94 2.04 11.97
N GLU A 140 -10.84 1.75 11.04
CA GLU A 140 -12.27 1.80 11.29
C GLU A 140 -12.59 1.19 12.63
N TRP A 141 -12.14 -0.04 12.78
CA TRP A 141 -12.58 -0.88 13.86
C TRP A 141 -11.67 -0.72 15.08
N GLY A 142 -10.44 -0.28 14.87
CA GLY A 142 -9.60 0.06 15.99
C GLY A 142 -8.36 -0.79 16.07
N GLY A 143 -7.94 -1.30 14.94
CA GLY A 143 -6.73 -2.09 14.89
C GLY A 143 -5.56 -1.33 14.32
N ASP A 144 -5.09 -1.76 13.17
CA ASP A 144 -3.93 -1.14 12.53
C ASP A 144 -3.94 -1.33 11.01
N THR A 145 -5.13 -1.43 10.44
CA THR A 145 -5.23 -1.63 8.99
C THR A 145 -6.10 -0.56 8.32
N ILE A 146 -5.53 0.13 7.33
CA ILE A 146 -6.20 1.25 6.68
C ILE A 146 -6.98 0.79 5.45
N PHE A 147 -8.29 0.69 5.58
CA PHE A 147 -9.14 0.25 4.46
C PHE A 147 -9.52 1.42 3.56
N CYS A 148 -9.25 1.26 2.28
CA CYS A 148 -9.61 2.24 1.27
C CYS A 148 -10.41 1.57 0.16
N LYS A 149 -11.59 2.09 -0.13
CA LYS A 149 -12.37 1.58 -1.25
C LYS A 149 -12.19 2.51 -2.45
N LEU A 150 -11.15 2.25 -3.23
CA LEU A 150 -10.77 3.15 -4.30
C LEU A 150 -11.11 2.57 -5.68
N SER A 151 -10.90 3.39 -6.69
CA SER A 151 -11.16 3.02 -8.06
C SER A 151 -10.36 3.91 -9.01
N ALA A 152 -9.61 3.29 -9.92
CA ALA A 152 -8.77 4.02 -10.86
C ALA A 152 -9.60 4.54 -12.02
N LYS A 153 -10.88 4.19 -12.00
CA LYS A 153 -11.81 4.59 -13.04
C LYS A 153 -12.17 6.06 -12.89
N THR A 154 -12.47 6.41 -11.65
CA THR A 154 -12.80 7.78 -11.31
C THR A 154 -11.66 8.45 -10.54
N LYS A 155 -10.69 7.63 -10.13
CA LYS A 155 -9.52 8.09 -9.38
C LYS A 155 -9.88 8.70 -8.02
N GLU A 156 -11.10 8.45 -7.56
CA GLU A 156 -11.57 8.96 -6.27
C GLU A 156 -10.66 8.51 -5.14
N GLY A 157 -10.64 7.20 -4.93
CA GLY A 157 -9.85 6.62 -3.88
C GLY A 157 -8.37 6.75 -4.10
N LEU A 158 -7.96 7.15 -5.29
CA LEU A 158 -6.54 7.35 -5.59
C LEU A 158 -5.99 8.48 -4.75
N ASP A 159 -6.75 9.56 -4.67
CA ASP A 159 -6.38 10.69 -3.82
C ASP A 159 -6.45 10.30 -2.36
N HIS A 160 -7.56 9.66 -1.98
CA HIS A 160 -7.78 9.27 -0.60
C HIS A 160 -6.72 8.27 -0.13
N LEU A 161 -6.28 7.40 -1.02
CA LEU A 161 -5.30 6.38 -0.70
C LEU A 161 -3.99 6.99 -0.24
N LEU A 162 -3.39 7.82 -1.09
CA LEU A 162 -2.10 8.42 -0.78
C LEU A 162 -2.22 9.32 0.44
N GLU A 163 -3.39 9.91 0.64
CA GLU A 163 -3.65 10.73 1.82
C GLU A 163 -3.56 9.90 3.09
N MET A 164 -4.10 8.69 3.05
CA MET A 164 -4.06 7.79 4.20
C MET A 164 -2.65 7.24 4.40
N ILE A 165 -1.98 6.93 3.29
CA ILE A 165 -0.62 6.41 3.32
C ILE A 165 0.30 7.36 4.09
N LEU A 166 0.31 8.64 3.71
CA LEU A 166 1.16 9.62 4.36
C LEU A 166 0.68 9.93 5.76
N LEU A 167 -0.64 9.94 5.93
CA LEU A 167 -1.25 10.22 7.23
C LEU A 167 -0.65 9.32 8.29
N VAL A 168 -0.27 8.12 7.89
CA VAL A 168 0.31 7.16 8.80
C VAL A 168 1.73 7.57 9.15
N SER A 169 2.54 7.81 8.13
CA SER A 169 3.93 8.19 8.34
C SER A 169 4.01 9.47 9.16
N GLU A 170 3.04 10.34 8.97
CA GLU A 170 2.95 11.58 9.73
C GLU A 170 2.46 11.32 11.15
N MET A 171 1.37 10.56 11.28
CA MET A 171 0.77 10.35 12.60
C MET A 171 1.62 9.45 13.47
N GLU A 172 2.46 8.60 12.85
CA GLU A 172 3.44 7.82 13.60
C GLU A 172 4.20 8.68 14.61
N GLU A 173 4.79 9.77 14.11
CA GLU A 173 5.60 10.65 14.94
C GLU A 173 4.75 11.73 15.61
N LEU A 174 3.49 11.81 15.21
CA LEU A 174 2.58 12.82 15.76
C LEU A 174 1.83 12.24 16.97
N LYS A 175 1.28 11.06 16.82
CA LYS A 175 0.52 10.41 17.88
C LYS A 175 0.52 8.89 17.69
N ALA A 176 -0.28 8.43 16.73
CA ALA A 176 -0.39 7.01 16.40
C ALA A 176 -0.85 6.17 17.58
N ASN A 177 -2.14 6.24 17.87
CA ASN A 177 -2.74 5.44 18.93
C ASN A 177 -3.70 4.42 18.34
N PRO A 178 -3.23 3.18 18.13
CA PRO A 178 -4.06 2.11 17.61
C PRO A 178 -4.77 1.35 18.72
N GLY A 1 16.18 20.79 4.84
CA GLY A 1 16.28 21.75 5.97
C GLY A 1 17.22 21.26 7.05
N SER A 2 16.91 21.58 8.31
CA SER A 2 17.76 21.20 9.43
C SER A 2 17.62 19.71 9.73
N HIS A 3 18.76 19.01 9.69
CA HIS A 3 18.79 17.55 9.88
C HIS A 3 17.84 16.84 8.92
N MET A 4 18.05 17.08 7.64
CA MET A 4 17.26 16.44 6.61
C MET A 4 17.83 15.06 6.27
N VAL A 5 17.57 14.10 7.16
CA VAL A 5 18.03 12.74 6.97
C VAL A 5 17.37 12.10 5.75
N GLU A 6 18.17 11.41 4.96
CA GLU A 6 17.70 10.79 3.73
C GLU A 6 17.01 9.48 4.04
N ARG A 7 15.89 9.57 4.75
CA ARG A 7 15.09 8.43 5.08
C ARG A 7 13.79 8.45 4.28
N PRO A 8 13.78 7.78 3.12
CA PRO A 8 12.63 7.75 2.24
C PRO A 8 11.65 6.64 2.61
N PRO A 9 10.43 7.02 3.03
CA PRO A 9 9.38 6.08 3.37
C PRO A 9 8.93 5.27 2.15
N VAL A 10 9.36 4.03 2.08
CA VAL A 10 9.03 3.18 0.95
C VAL A 10 7.60 2.67 1.07
N VAL A 11 6.66 3.40 0.48
CA VAL A 11 5.27 2.99 0.48
C VAL A 11 5.09 1.88 -0.55
N THR A 12 5.40 0.66 -0.13
CA THR A 12 5.40 -0.48 -1.01
C THR A 12 3.98 -0.98 -1.27
N ILE A 13 3.61 -1.02 -2.53
CA ILE A 13 2.29 -1.49 -2.90
C ILE A 13 2.31 -3.01 -3.03
N MET A 14 1.31 -3.64 -2.47
CA MET A 14 1.21 -5.10 -2.47
C MET A 14 -0.22 -5.55 -2.70
N GLY A 15 -0.44 -6.86 -2.63
CA GLY A 15 -1.76 -7.41 -2.72
C GLY A 15 -1.74 -8.71 -3.47
N HIS A 16 -2.09 -8.62 -4.73
CA HIS A 16 -2.05 -9.76 -5.63
C HIS A 16 -1.93 -9.25 -7.06
N VAL A 17 -1.42 -10.07 -7.95
CA VAL A 17 -1.14 -9.64 -9.32
C VAL A 17 -2.42 -9.24 -10.05
N ASP A 18 -3.38 -10.18 -10.11
CA ASP A 18 -4.57 -10.00 -10.93
C ASP A 18 -5.57 -9.03 -10.31
N HIS A 19 -5.45 -8.77 -9.01
CA HIS A 19 -6.34 -7.83 -8.32
C HIS A 19 -6.29 -6.46 -8.96
N GLY A 20 -5.10 -6.06 -9.41
CA GLY A 20 -4.98 -4.83 -10.14
C GLY A 20 -3.91 -3.90 -9.59
N LYS A 21 -2.67 -4.36 -9.54
CA LYS A 21 -1.58 -3.50 -9.11
C LYS A 21 -1.04 -2.76 -10.31
N THR A 22 -1.00 -3.43 -11.44
CA THR A 22 -0.46 -2.86 -12.66
C THR A 22 -1.39 -1.75 -13.16
N THR A 23 -2.69 -2.04 -13.15
CA THR A 23 -3.67 -1.06 -13.57
C THR A 23 -3.78 0.06 -12.54
N LEU A 24 -3.28 -0.19 -11.33
CA LEU A 24 -3.28 0.83 -10.30
C LEU A 24 -2.12 1.78 -10.51
N LEU A 25 -0.91 1.21 -10.62
CA LEU A 25 0.29 2.00 -10.84
C LEU A 25 0.22 2.70 -12.19
N ASP A 26 -0.36 2.04 -13.19
CA ASP A 26 -0.52 2.64 -14.51
C ASP A 26 -1.40 3.89 -14.46
N ALA A 27 -2.60 3.73 -13.91
CA ALA A 27 -3.55 4.82 -13.83
C ALA A 27 -3.05 5.91 -12.89
N ILE A 28 -2.36 5.50 -11.85
CA ILE A 28 -1.80 6.42 -10.87
C ILE A 28 -0.60 7.16 -11.47
N ARG A 29 0.10 6.49 -12.39
CA ARG A 29 1.19 7.09 -13.15
C ARG A 29 0.64 8.05 -14.19
N HIS A 30 -0.53 7.73 -14.72
CA HIS A 30 -1.20 8.59 -15.69
C HIS A 30 -1.77 9.81 -15.00
N SER A 31 -1.80 9.76 -13.68
CA SER A 31 -2.19 10.91 -12.88
C SER A 31 -0.94 11.71 -12.51
N LYS A 32 -0.03 11.04 -11.77
CA LYS A 32 1.29 11.57 -11.36
C LYS A 32 1.24 12.95 -10.67
N VAL A 33 2.22 13.20 -9.81
CA VAL A 33 2.28 14.45 -9.07
C VAL A 33 3.64 15.13 -9.24
N THR A 34 4.70 14.34 -9.37
CA THR A 34 6.04 14.89 -9.47
C THR A 34 6.98 13.94 -10.21
N GLU A 35 7.36 12.86 -9.56
CA GLU A 35 8.25 11.88 -10.18
C GLU A 35 7.45 10.94 -11.07
N GLN A 36 8.14 10.21 -11.93
CA GLN A 36 7.51 9.32 -12.90
C GLN A 36 8.56 8.56 -13.72
N GLU A 37 9.30 7.71 -13.03
CA GLU A 37 10.38 6.95 -13.65
C GLU A 37 9.83 5.87 -14.56
N ALA A 38 9.29 4.82 -13.93
CA ALA A 38 8.74 3.68 -14.64
C ALA A 38 7.79 2.92 -13.73
N GLY A 39 6.59 2.63 -14.22
CA GLY A 39 5.54 2.09 -13.37
C GLY A 39 5.70 0.61 -13.05
N GLY A 40 6.72 0.26 -12.29
CA GLY A 40 6.84 -1.09 -11.75
C GLY A 40 7.40 -2.11 -12.73
N ILE A 41 7.04 -1.98 -13.99
CA ILE A 41 7.40 -2.96 -15.03
C ILE A 41 8.92 -3.19 -15.11
N THR A 42 9.69 -2.16 -14.83
CA THR A 42 11.14 -2.25 -14.92
C THR A 42 11.73 -2.96 -13.69
N GLN A 43 10.85 -3.28 -12.74
CA GLN A 43 11.21 -4.01 -11.51
C GLN A 43 12.09 -3.18 -10.56
N HIS A 44 13.32 -2.90 -10.98
CA HIS A 44 14.30 -2.24 -10.10
C HIS A 44 14.09 -0.72 -10.07
N ILE A 45 12.85 -0.29 -10.23
CA ILE A 45 12.53 1.14 -10.23
C ILE A 45 11.52 1.43 -9.13
N GLY A 46 11.52 2.67 -8.68
CA GLY A 46 10.65 3.06 -7.59
C GLY A 46 9.36 3.67 -8.09
N ALA A 47 9.03 3.37 -9.35
CA ALA A 47 7.83 3.84 -10.03
C ALA A 47 7.80 5.36 -10.14
N TYR A 48 7.46 6.00 -9.04
CA TYR A 48 7.36 7.44 -8.96
C TYR A 48 7.26 7.84 -7.50
N GLN A 49 7.61 9.06 -7.19
CA GLN A 49 7.56 9.53 -5.81
C GLN A 49 6.59 10.71 -5.69
N VAL A 50 5.81 10.68 -4.62
CA VAL A 50 4.81 11.71 -4.39
C VAL A 50 5.38 12.84 -3.55
N THR A 51 4.82 14.00 -3.79
CA THR A 51 5.30 15.24 -3.20
C THR A 51 4.25 15.83 -2.28
N VAL A 52 4.49 15.67 -1.00
CA VAL A 52 3.72 16.36 0.01
C VAL A 52 4.71 17.06 0.92
N ASN A 53 4.60 18.39 1.00
CA ASN A 53 5.56 19.23 1.71
C ASN A 53 6.86 19.34 0.92
N ASP A 54 7.36 18.19 0.51
CA ASP A 54 8.59 18.12 -0.28
C ASP A 54 8.55 16.98 -1.30
N LYS A 55 8.57 15.75 -0.77
CA LYS A 55 8.60 14.52 -1.57
C LYS A 55 9.08 13.38 -0.68
N LYS A 56 8.16 12.50 -0.28
CA LYS A 56 8.47 11.46 0.68
C LYS A 56 7.95 10.10 0.26
N ILE A 57 6.90 10.07 -0.55
CA ILE A 57 6.22 8.82 -0.86
C ILE A 57 6.86 8.11 -2.04
N THR A 58 7.62 7.07 -1.76
CA THR A 58 8.19 6.24 -2.81
C THR A 58 7.29 5.03 -3.07
N PHE A 59 6.59 5.03 -4.20
CA PHE A 59 5.69 3.92 -4.55
C PHE A 59 6.47 2.75 -5.16
N LEU A 60 6.85 1.80 -4.32
CA LEU A 60 7.59 0.65 -4.79
C LEU A 60 6.67 -0.55 -4.99
N ASP A 61 6.80 -1.21 -6.12
CA ASP A 61 6.09 -2.45 -6.39
C ASP A 61 7.10 -3.58 -6.51
N THR A 62 6.75 -4.76 -6.03
CA THR A 62 7.67 -5.88 -6.02
C THR A 62 7.19 -7.02 -6.93
N PRO A 63 7.65 -7.03 -8.19
CA PRO A 63 7.33 -8.08 -9.13
C PRO A 63 8.41 -9.17 -9.18
N GLY A 64 8.90 -9.57 -8.01
CA GLY A 64 9.94 -10.57 -7.95
C GLY A 64 10.38 -10.88 -6.53
N HIS A 65 11.68 -10.93 -6.32
CA HIS A 65 12.24 -11.26 -5.02
C HIS A 65 12.41 -10.01 -4.16
N GLU A 66 12.82 -10.24 -2.90
CA GLU A 66 13.03 -9.18 -1.93
C GLU A 66 11.74 -8.42 -1.65
N ALA A 67 10.64 -9.15 -1.62
CA ALA A 67 9.34 -8.57 -1.31
C ALA A 67 9.32 -8.08 0.14
N PHE A 68 9.41 -6.76 0.28
CA PHE A 68 9.38 -6.10 1.59
C PHE A 68 10.53 -6.59 2.48
N THR A 69 11.76 -6.27 2.03
CA THR A 69 13.00 -6.55 2.76
C THR A 69 13.27 -8.04 2.98
N THR A 70 14.56 -8.40 2.93
CA THR A 70 14.98 -9.77 3.16
C THR A 70 15.03 -10.06 4.66
N MET A 71 13.85 -10.30 5.24
CA MET A 71 13.72 -10.56 6.67
C MET A 71 14.47 -11.81 7.11
N ARG A 72 14.80 -12.66 6.14
CA ARG A 72 15.56 -13.88 6.43
C ARG A 72 17.03 -13.55 6.70
N ALA A 73 17.40 -12.30 6.47
CA ALA A 73 18.73 -11.83 6.76
C ALA A 73 18.68 -10.68 7.76
N ARG A 74 17.96 -9.62 7.40
CA ARG A 74 17.78 -8.48 8.27
C ARG A 74 16.36 -7.95 8.18
N GLY A 75 15.71 -7.81 9.33
CA GLY A 75 14.36 -7.32 9.37
C GLY A 75 13.81 -7.33 10.78
N ALA A 76 14.40 -6.52 11.65
CA ALA A 76 13.97 -6.45 13.04
C ALA A 76 12.85 -5.43 13.20
N GLN A 77 13.09 -4.23 12.73
CA GLN A 77 12.08 -3.16 12.79
C GLN A 77 12.12 -2.32 11.52
N VAL A 78 12.31 -3.00 10.38
CA VAL A 78 12.29 -2.34 9.09
C VAL A 78 10.83 -2.07 8.69
N THR A 79 10.22 -1.12 9.37
CA THR A 79 8.81 -0.84 9.18
C THR A 79 8.60 0.16 8.04
N ASP A 80 8.42 -0.36 6.83
CA ASP A 80 8.00 0.46 5.72
C ASP A 80 6.50 0.30 5.53
N ILE A 81 5.96 0.81 4.43
CA ILE A 81 4.52 0.83 4.22
C ILE A 81 4.06 -0.31 3.33
N VAL A 82 3.01 -1.00 3.75
CA VAL A 82 2.43 -2.06 2.95
C VAL A 82 1.03 -1.68 2.49
N ILE A 83 0.88 -1.37 1.21
CA ILE A 83 -0.45 -1.09 0.67
C ILE A 83 -1.01 -2.34 0.05
N LEU A 84 -1.86 -3.00 0.78
CA LEU A 84 -2.38 -4.29 0.34
C LEU A 84 -3.62 -4.12 -0.54
N VAL A 85 -3.46 -4.35 -1.83
CA VAL A 85 -4.57 -4.23 -2.76
C VAL A 85 -5.46 -5.46 -2.70
N VAL A 86 -6.76 -5.21 -2.81
CA VAL A 86 -7.77 -6.25 -2.88
C VAL A 86 -8.82 -5.81 -3.88
N ALA A 87 -10.01 -6.37 -3.83
CA ALA A 87 -11.06 -5.95 -4.73
C ALA A 87 -12.43 -5.98 -4.06
N ALA A 88 -13.29 -5.05 -4.50
CA ALA A 88 -14.66 -4.89 -3.99
C ALA A 88 -15.31 -6.23 -3.64
N ASP A 89 -15.42 -7.11 -4.63
CA ASP A 89 -16.16 -8.35 -4.48
C ASP A 89 -15.23 -9.55 -4.25
N ASP A 90 -13.93 -9.36 -4.43
CA ASP A 90 -12.98 -10.48 -4.31
C ASP A 90 -12.54 -10.67 -2.86
N GLY A 91 -12.09 -9.59 -2.26
CA GLY A 91 -11.47 -9.67 -0.95
C GLY A 91 -9.99 -9.99 -1.05
N VAL A 92 -9.54 -10.88 -0.20
CA VAL A 92 -8.15 -11.26 -0.11
C VAL A 92 -7.89 -12.58 -0.82
N MET A 93 -7.13 -12.54 -1.90
CA MET A 93 -6.67 -13.76 -2.56
C MET A 93 -5.46 -14.33 -1.85
N PRO A 94 -5.03 -15.56 -2.18
CA PRO A 94 -3.87 -16.21 -1.56
C PRO A 94 -2.67 -15.28 -1.41
N GLN A 95 -2.32 -14.57 -2.48
CA GLN A 95 -1.15 -13.71 -2.47
C GLN A 95 -1.40 -12.49 -1.60
N THR A 96 -2.66 -12.10 -1.45
CA THR A 96 -3.02 -10.97 -0.62
C THR A 96 -2.68 -11.28 0.85
N VAL A 97 -2.59 -12.56 1.19
CA VAL A 97 -2.22 -12.97 2.52
C VAL A 97 -0.70 -13.08 2.64
N GLU A 98 -0.06 -13.58 1.60
CA GLU A 98 1.39 -13.79 1.60
C GLU A 98 2.15 -12.50 1.88
N ALA A 99 1.56 -11.38 1.50
CA ALA A 99 2.20 -10.09 1.68
C ALA A 99 2.01 -9.64 3.12
N ILE A 100 0.84 -9.94 3.66
CA ILE A 100 0.53 -9.60 5.04
C ILE A 100 1.30 -10.50 6.00
N ASN A 101 1.22 -11.81 5.75
CA ASN A 101 2.02 -12.80 6.46
C ASN A 101 3.48 -12.35 6.58
N HIS A 102 3.96 -11.68 5.53
CA HIS A 102 5.33 -11.18 5.51
C HIS A 102 5.43 -9.84 6.24
N ALA A 103 4.39 -9.03 6.14
CA ALA A 103 4.48 -7.65 6.61
C ALA A 103 4.03 -7.49 8.05
N LYS A 104 3.06 -8.29 8.48
CA LYS A 104 2.38 -8.06 9.73
C LYS A 104 3.29 -8.46 10.90
N ALA A 105 4.33 -9.23 10.60
CA ALA A 105 5.17 -9.80 11.64
C ALA A 105 6.39 -8.93 11.92
N ALA A 106 6.43 -7.76 11.32
CA ALA A 106 7.46 -6.78 11.64
C ALA A 106 6.85 -5.64 12.43
N ASN A 107 5.55 -5.78 12.70
CA ASN A 107 4.78 -4.80 13.47
C ASN A 107 4.55 -3.62 12.55
N VAL A 108 4.39 -3.98 11.30
CA VAL A 108 4.23 -3.04 10.22
C VAL A 108 2.76 -2.77 9.96
N PRO A 109 2.42 -1.52 9.62
CA PRO A 109 1.07 -1.20 9.18
C PRO A 109 0.75 -1.68 7.79
N ILE A 110 -0.48 -2.10 7.65
CA ILE A 110 -0.99 -2.66 6.42
C ILE A 110 -2.17 -1.84 5.94
N ILE A 111 -2.29 -1.68 4.64
CA ILE A 111 -3.35 -0.91 4.04
C ILE A 111 -4.17 -1.81 3.17
N VAL A 112 -5.40 -1.47 2.94
CA VAL A 112 -6.21 -2.20 2.02
C VAL A 112 -6.64 -1.32 0.90
N ALA A 113 -6.56 -1.83 -0.30
CA ALA A 113 -7.02 -1.12 -1.45
C ALA A 113 -8.10 -1.95 -2.11
N ILE A 114 -9.31 -1.73 -1.64
CA ILE A 114 -10.49 -2.35 -2.21
C ILE A 114 -10.72 -1.84 -3.62
N ASN A 115 -10.12 -2.51 -4.60
CA ASN A 115 -10.10 -2.00 -5.98
C ASN A 115 -11.37 -2.43 -6.72
N LYS A 116 -11.68 -1.74 -7.82
CA LYS A 116 -12.86 -2.05 -8.63
C LYS A 116 -14.12 -1.85 -7.79
N MET A 117 -14.01 -0.91 -6.85
CA MET A 117 -15.05 -0.66 -5.87
C MET A 117 -15.74 0.69 -6.12
N ASP A 118 -15.45 1.29 -7.27
CA ASP A 118 -16.08 2.55 -7.71
C ASP A 118 -17.59 2.41 -7.97
N LYS A 119 -18.23 1.72 -7.05
CA LYS A 119 -19.66 1.66 -6.91
C LYS A 119 -19.96 2.16 -5.50
N PRO A 120 -21.15 1.94 -4.93
CA PRO A 120 -21.34 2.10 -3.49
C PRO A 120 -20.42 1.16 -2.71
N GLU A 121 -20.49 -0.13 -3.03
CA GLU A 121 -19.80 -1.18 -2.30
C GLU A 121 -20.32 -2.54 -2.75
N ALA A 122 -19.40 -3.39 -3.12
CA ALA A 122 -19.72 -4.81 -3.31
C ALA A 122 -20.09 -5.42 -1.97
N ASN A 123 -19.12 -5.42 -1.04
CA ASN A 123 -19.37 -5.75 0.36
C ASN A 123 -18.09 -5.60 1.18
N PRO A 124 -17.77 -4.34 1.56
CA PRO A 124 -16.60 -4.01 2.40
C PRO A 124 -16.45 -4.90 3.63
N ASP A 125 -17.45 -4.90 4.50
CA ASP A 125 -17.40 -5.63 5.78
C ASP A 125 -16.88 -7.05 5.63
N ARG A 126 -17.34 -7.75 4.61
CA ARG A 126 -16.86 -9.10 4.34
C ARG A 126 -15.35 -9.08 4.18
N VAL A 127 -14.91 -8.24 3.28
CA VAL A 127 -13.49 -8.08 3.00
C VAL A 127 -12.78 -7.62 4.28
N MET A 128 -13.38 -6.64 4.93
CA MET A 128 -12.79 -6.03 6.12
C MET A 128 -12.66 -7.04 7.26
N GLN A 129 -13.59 -7.99 7.34
CA GLN A 129 -13.56 -8.96 8.43
C GLN A 129 -12.60 -10.09 8.10
N GLU A 130 -12.32 -10.25 6.83
CA GLU A 130 -11.38 -11.28 6.40
C GLU A 130 -9.97 -10.78 6.64
N LEU A 131 -9.79 -9.46 6.61
CA LEU A 131 -8.50 -8.87 6.93
C LEU A 131 -8.24 -9.00 8.41
N MET A 132 -9.28 -8.73 9.17
CA MET A 132 -9.20 -8.87 10.60
C MET A 132 -9.29 -10.36 10.96
N GLU A 133 -9.47 -11.20 9.96
CA GLU A 133 -9.44 -12.63 10.17
C GLU A 133 -7.99 -13.06 10.21
N TYR A 134 -7.15 -12.29 9.52
CA TYR A 134 -5.72 -12.45 9.65
C TYR A 134 -5.24 -11.61 10.85
N ASN A 135 -6.24 -11.03 11.54
CA ASN A 135 -6.05 -10.28 12.78
C ASN A 135 -5.45 -8.92 12.53
N LEU A 136 -5.56 -8.48 11.28
CA LEU A 136 -5.17 -7.14 10.92
C LEU A 136 -6.42 -6.30 10.90
N VAL A 137 -6.83 -5.95 12.10
CA VAL A 137 -8.06 -5.21 12.31
C VAL A 137 -7.99 -3.85 11.63
N PRO A 138 -9.02 -3.52 10.86
CA PRO A 138 -9.16 -2.20 10.27
C PRO A 138 -8.95 -1.08 11.27
N GLU A 139 -8.52 0.03 10.73
CA GLU A 139 -8.22 1.21 11.52
C GLU A 139 -9.56 1.82 11.96
N GLU A 140 -10.56 1.61 11.12
CA GLU A 140 -11.95 1.89 11.47
C GLU A 140 -12.27 1.28 12.82
N TRP A 141 -11.89 0.02 12.97
CA TRP A 141 -12.30 -0.78 14.11
C TRP A 141 -11.27 -0.69 15.24
N GLY A 142 -10.05 -0.26 14.92
CA GLY A 142 -9.11 0.06 15.97
C GLY A 142 -7.90 -0.84 15.97
N GLY A 143 -7.66 -1.49 14.85
CA GLY A 143 -6.51 -2.35 14.75
C GLY A 143 -5.32 -1.63 14.18
N ASP A 144 -4.91 -2.05 12.99
CA ASP A 144 -3.72 -1.50 12.38
C ASP A 144 -3.81 -1.51 10.86
N THR A 145 -5.03 -1.60 10.31
CA THR A 145 -5.17 -1.76 8.87
C THR A 145 -6.07 -0.70 8.24
N ILE A 146 -5.48 0.15 7.39
CA ILE A 146 -6.22 1.24 6.78
C ILE A 146 -6.98 0.78 5.54
N PHE A 147 -8.30 0.74 5.62
CA PHE A 147 -9.12 0.28 4.50
C PHE A 147 -9.46 1.42 3.55
N CYS A 148 -9.07 1.25 2.30
CA CYS A 148 -9.39 2.19 1.25
C CYS A 148 -10.29 1.53 0.22
N LYS A 149 -11.56 1.82 0.24
CA LYS A 149 -12.45 1.37 -0.82
C LYS A 149 -12.32 2.31 -2.00
N LEU A 150 -11.31 2.05 -2.83
CA LEU A 150 -10.90 2.99 -3.86
C LEU A 150 -11.13 2.46 -5.27
N SER A 151 -10.68 3.23 -6.23
CA SER A 151 -10.77 2.86 -7.63
C SER A 151 -9.61 3.46 -8.39
N ALA A 152 -8.78 2.62 -8.97
CA ALA A 152 -7.63 3.08 -9.74
C ALA A 152 -8.08 3.64 -11.09
N LYS A 153 -9.18 3.12 -11.60
CA LYS A 153 -9.68 3.50 -12.90
C LYS A 153 -10.37 4.85 -12.85
N THR A 154 -11.26 4.96 -11.89
CA THR A 154 -12.03 6.17 -11.68
C THR A 154 -11.20 7.25 -10.97
N LYS A 155 -10.03 6.84 -10.44
CA LYS A 155 -9.08 7.76 -9.77
C LYS A 155 -9.59 8.25 -8.41
N GLU A 156 -10.90 8.17 -8.20
CA GLU A 156 -11.55 8.61 -6.96
C GLU A 156 -10.76 8.17 -5.72
N GLY A 157 -10.66 6.86 -5.55
CA GLY A 157 -9.99 6.32 -4.41
C GLY A 157 -8.49 6.52 -4.41
N LEU A 158 -7.92 6.83 -5.58
CA LEU A 158 -6.48 7.04 -5.68
C LEU A 158 -6.07 8.28 -4.91
N ASP A 159 -6.82 9.36 -5.11
CA ASP A 159 -6.58 10.60 -4.38
C ASP A 159 -6.79 10.39 -2.89
N HIS A 160 -7.79 9.60 -2.55
CA HIS A 160 -8.10 9.29 -1.16
C HIS A 160 -7.06 8.35 -0.56
N LEU A 161 -6.43 7.55 -1.42
CA LEU A 161 -5.41 6.59 -0.98
C LEU A 161 -4.22 7.36 -0.45
N LEU A 162 -3.77 8.36 -1.21
CA LEU A 162 -2.69 9.24 -0.78
C LEU A 162 -3.01 9.84 0.59
N GLU A 163 -4.25 10.28 0.79
CA GLU A 163 -4.68 10.84 2.06
C GLU A 163 -4.42 9.86 3.20
N MET A 164 -4.73 8.60 2.96
CA MET A 164 -4.55 7.55 3.97
C MET A 164 -3.06 7.27 4.19
N ILE A 165 -2.29 7.43 3.13
CA ILE A 165 -0.85 7.26 3.19
C ILE A 165 -0.23 8.30 4.12
N LEU A 166 -0.53 9.58 3.85
CA LEU A 166 -0.11 10.68 4.71
C LEU A 166 -0.60 10.52 6.14
N LEU A 167 -1.80 9.96 6.29
CA LEU A 167 -2.34 9.68 7.62
C LEU A 167 -1.37 8.80 8.39
N VAL A 168 -0.80 7.82 7.70
CA VAL A 168 0.14 6.91 8.31
C VAL A 168 1.51 7.56 8.43
N SER A 169 1.83 8.46 7.50
CA SER A 169 3.11 9.16 7.53
C SER A 169 3.29 9.91 8.85
N GLU A 170 2.19 10.38 9.42
CA GLU A 170 2.22 11.02 10.73
C GLU A 170 1.89 10.02 11.83
N MET A 171 1.11 9.00 11.49
CA MET A 171 0.75 7.95 12.45
C MET A 171 1.97 7.08 12.77
N GLU A 172 3.00 7.22 11.96
CA GLU A 172 4.30 6.60 12.23
C GLU A 172 4.76 6.84 13.67
N GLU A 173 4.48 8.02 14.20
CA GLU A 173 4.86 8.35 15.58
C GLU A 173 3.91 7.67 16.57
N LEU A 174 2.72 7.35 16.10
CA LEU A 174 1.72 6.69 16.93
C LEU A 174 1.78 5.17 16.72
N LYS A 175 2.67 4.76 15.83
CA LYS A 175 2.87 3.36 15.54
C LYS A 175 3.30 2.61 16.79
N ALA A 176 2.37 1.85 17.35
CA ALA A 176 2.59 1.17 18.61
C ALA A 176 3.08 -0.25 18.40
N ASN A 177 4.25 -0.54 18.95
CA ASN A 177 4.77 -1.90 18.96
C ASN A 177 4.22 -2.66 20.17
N PRO A 178 4.33 -2.10 21.39
CA PRO A 178 3.73 -2.68 22.59
C PRO A 178 2.26 -2.32 22.72
N GLY A 1 26.51 8.39 2.73
CA GLY A 1 25.55 9.51 2.71
C GLY A 1 25.98 10.63 3.66
N SER A 2 26.01 11.85 3.15
CA SER A 2 26.38 13.00 3.96
C SER A 2 25.17 13.47 4.75
N HIS A 3 25.10 13.06 6.02
CA HIS A 3 23.94 13.30 6.89
C HIS A 3 22.77 12.42 6.45
N MET A 4 22.21 11.70 7.42
CA MET A 4 21.12 10.78 7.14
C MET A 4 19.80 11.52 7.00
N VAL A 5 19.55 12.05 5.81
CA VAL A 5 18.31 12.75 5.53
C VAL A 5 17.38 11.87 4.71
N GLU A 6 17.96 10.95 3.94
CA GLU A 6 17.17 10.05 3.11
C GLU A 6 17.21 8.65 3.72
N ARG A 7 16.62 8.51 4.90
CA ARG A 7 16.66 7.25 5.65
C ARG A 7 15.51 6.30 5.25
N PRO A 8 14.23 6.69 5.49
CA PRO A 8 13.09 5.79 5.28
C PRO A 8 12.90 5.46 3.80
N PRO A 9 13.05 4.18 3.43
CA PRO A 9 13.14 3.73 2.02
C PRO A 9 11.84 3.86 1.26
N VAL A 10 11.82 3.36 0.02
CA VAL A 10 10.65 3.44 -0.87
C VAL A 10 9.42 2.79 -0.23
N VAL A 11 8.28 2.79 -0.90
CA VAL A 11 7.08 2.17 -0.35
C VAL A 11 6.73 0.88 -1.12
N THR A 12 6.45 -0.17 -0.36
CA THR A 12 6.11 -1.47 -0.93
C THR A 12 4.59 -1.62 -1.10
N ILE A 13 4.16 -1.88 -2.32
CA ILE A 13 2.77 -2.19 -2.59
C ILE A 13 2.62 -3.68 -2.86
N MET A 14 1.78 -4.33 -2.08
CA MET A 14 1.53 -5.76 -2.25
C MET A 14 0.03 -6.01 -2.35
N GLY A 15 -0.33 -7.19 -2.79
CA GLY A 15 -1.71 -7.57 -2.88
C GLY A 15 -1.87 -8.80 -3.72
N HIS A 16 -2.39 -8.62 -4.91
CA HIS A 16 -2.58 -9.70 -5.87
C HIS A 16 -2.71 -9.08 -7.25
N VAL A 17 -2.04 -9.72 -8.22
CA VAL A 17 -1.85 -9.15 -9.56
C VAL A 17 -3.18 -8.88 -10.28
N ASP A 18 -4.19 -9.68 -10.00
CA ASP A 18 -5.48 -9.55 -10.69
C ASP A 18 -6.29 -8.39 -10.13
N HIS A 19 -5.97 -7.96 -8.90
CA HIS A 19 -6.71 -6.90 -8.25
C HIS A 19 -6.45 -5.55 -8.91
N GLY A 20 -5.58 -5.56 -9.91
CA GLY A 20 -5.32 -4.36 -10.68
C GLY A 20 -4.15 -3.57 -10.17
N LYS A 21 -3.06 -4.25 -9.83
CA LYS A 21 -1.85 -3.59 -9.36
C LYS A 21 -1.25 -2.76 -10.48
N THR A 22 -1.29 -3.32 -11.68
CA THR A 22 -0.81 -2.62 -12.87
C THR A 22 -1.73 -1.44 -13.16
N THR A 23 -3.02 -1.62 -12.92
CA THR A 23 -4.00 -0.56 -13.07
C THR A 23 -3.77 0.52 -12.02
N LEU A 24 -3.37 0.10 -10.84
CA LEU A 24 -3.13 1.03 -9.73
C LEU A 24 -1.97 1.94 -10.06
N LEU A 25 -0.86 1.35 -10.50
CA LEU A 25 0.32 2.12 -10.87
C LEU A 25 0.03 2.96 -12.12
N ASP A 26 -0.81 2.47 -12.99
CA ASP A 26 -1.17 3.20 -14.21
C ASP A 26 -1.93 4.48 -13.88
N ALA A 27 -3.05 4.34 -13.17
CA ALA A 27 -3.88 5.49 -12.78
C ALA A 27 -3.09 6.45 -11.89
N ILE A 28 -2.16 5.89 -11.13
CA ILE A 28 -1.37 6.68 -10.22
C ILE A 28 -0.31 7.50 -10.99
N ARG A 29 0.11 6.99 -12.15
CA ARG A 29 0.98 7.74 -13.04
C ARG A 29 0.17 8.73 -13.84
N HIS A 30 -1.07 8.35 -14.14
CA HIS A 30 -2.01 9.18 -14.86
C HIS A 30 -2.35 10.42 -14.04
N SER A 31 -1.91 10.42 -12.79
CA SER A 31 -2.10 11.55 -11.90
C SER A 31 -1.02 12.60 -12.18
N LYS A 32 0.22 12.13 -12.37
CA LYS A 32 1.39 12.99 -12.62
C LYS A 32 1.67 13.95 -11.47
N VAL A 33 2.92 13.96 -11.02
CA VAL A 33 3.30 14.74 -9.86
C VAL A 33 4.72 15.28 -9.95
N THR A 34 5.68 14.39 -10.13
CA THR A 34 7.07 14.78 -9.97
C THR A 34 8.02 13.94 -10.83
N GLU A 35 8.32 12.74 -10.38
CA GLU A 35 9.30 11.89 -11.04
C GLU A 35 8.70 10.59 -11.55
N GLN A 36 9.55 9.76 -12.14
CA GLN A 36 9.17 8.48 -12.70
C GLN A 36 10.37 7.55 -12.62
N GLU A 37 10.16 6.24 -12.75
CA GLU A 37 11.21 5.28 -12.46
C GLU A 37 10.95 3.96 -13.18
N ALA A 38 11.92 3.04 -13.10
CA ALA A 38 11.78 1.70 -13.64
C ALA A 38 11.31 0.73 -12.56
N GLY A 39 10.12 0.19 -12.72
CA GLY A 39 9.55 -0.67 -11.71
C GLY A 39 8.03 -0.56 -11.68
N GLY A 40 7.45 -0.70 -10.49
CA GLY A 40 6.01 -0.60 -10.34
C GLY A 40 5.28 -1.83 -10.87
N ILE A 41 5.35 -2.01 -12.18
CA ILE A 41 4.69 -3.14 -12.83
C ILE A 41 5.71 -4.21 -13.19
N THR A 42 6.81 -3.77 -13.77
CA THR A 42 7.89 -4.66 -14.19
C THR A 42 9.18 -3.84 -14.26
N GLN A 43 10.33 -4.50 -14.39
CA GLN A 43 11.62 -3.80 -14.33
C GLN A 43 11.94 -3.03 -15.62
N HIS A 44 10.90 -2.64 -16.33
CA HIS A 44 11.02 -1.64 -17.37
C HIS A 44 10.63 -0.30 -16.77
N ILE A 45 10.52 0.75 -17.55
CA ILE A 45 9.98 1.98 -17.00
C ILE A 45 8.49 1.82 -16.78
N GLY A 46 7.98 2.55 -15.84
CA GLY A 46 6.59 2.40 -15.45
C GLY A 46 6.33 2.78 -14.01
N ALA A 47 7.40 2.94 -13.25
CA ALA A 47 7.28 3.41 -11.87
C ALA A 47 7.39 4.93 -11.84
N TYR A 48 7.46 5.49 -10.66
CA TYR A 48 7.50 6.93 -10.49
C TYR A 48 7.85 7.28 -9.05
N GLN A 49 7.97 8.57 -8.79
CA GLN A 49 8.27 9.07 -7.45
C GLN A 49 7.41 10.30 -7.21
N VAL A 50 6.48 10.18 -6.28
CA VAL A 50 5.45 11.18 -6.10
C VAL A 50 5.81 12.17 -4.99
N THR A 51 5.23 13.34 -5.11
CA THR A 51 5.44 14.40 -4.16
C THR A 51 4.11 14.98 -3.70
N VAL A 52 3.53 14.32 -2.72
CA VAL A 52 2.35 14.80 -2.03
C VAL A 52 2.70 14.88 -0.56
N ASN A 53 2.56 16.07 0.05
CA ASN A 53 3.00 16.33 1.42
C ASN A 53 4.51 16.47 1.46
N ASP A 54 5.11 15.82 0.48
CA ASP A 54 6.53 15.86 0.16
C ASP A 54 7.32 14.86 0.99
N LYS A 55 7.06 13.60 0.74
CA LYS A 55 7.89 12.53 1.28
C LYS A 55 8.58 11.80 0.15
N LYS A 56 8.37 12.32 -1.06
CA LYS A 56 9.02 11.84 -2.28
C LYS A 56 8.87 10.33 -2.44
N ILE A 57 7.64 9.86 -2.23
CA ILE A 57 7.35 8.43 -2.17
C ILE A 57 7.74 7.73 -3.46
N THR A 58 8.71 6.84 -3.37
CA THR A 58 9.11 6.02 -4.50
C THR A 58 8.33 4.71 -4.46
N PHE A 59 7.63 4.38 -5.54
CA PHE A 59 6.76 3.22 -5.54
C PHE A 59 7.39 2.01 -6.22
N LEU A 60 7.58 0.96 -5.42
CA LEU A 60 7.99 -0.35 -5.91
C LEU A 60 9.31 -0.33 -6.67
N ASP A 61 10.35 0.17 -6.02
CA ASP A 61 11.71 0.05 -6.55
C ASP A 61 12.16 -1.40 -6.43
N THR A 62 11.96 -2.17 -7.49
CA THR A 62 12.16 -3.60 -7.44
C THR A 62 13.11 -4.11 -8.53
N PRO A 63 14.40 -3.71 -8.46
CA PRO A 63 15.45 -4.26 -9.31
C PRO A 63 16.30 -5.26 -8.54
N GLY A 64 15.65 -6.05 -7.70
CA GLY A 64 16.38 -6.97 -6.84
C GLY A 64 15.96 -6.83 -5.39
N HIS A 65 14.68 -6.56 -5.17
CA HIS A 65 14.12 -6.42 -3.84
C HIS A 65 12.91 -7.34 -3.72
N GLU A 66 11.81 -6.89 -4.31
CA GLU A 66 10.59 -7.67 -4.45
C GLU A 66 9.99 -8.06 -3.09
N ALA A 67 8.85 -8.76 -3.16
CA ALA A 67 8.11 -9.19 -1.98
C ALA A 67 7.79 -8.03 -1.05
N PHE A 68 8.51 -7.96 0.07
CA PHE A 68 8.28 -6.93 1.08
C PHE A 68 9.60 -6.40 1.60
N THR A 69 10.18 -5.46 0.89
CA THR A 69 11.44 -4.85 1.28
C THR A 69 11.41 -3.35 1.00
N THR A 70 12.06 -2.57 1.86
CA THR A 70 12.14 -1.11 1.74
C THR A 70 10.74 -0.46 1.65
N MET A 71 10.24 0.02 2.78
CA MET A 71 8.87 0.57 2.84
C MET A 71 8.73 1.71 3.86
N ARG A 72 8.59 2.95 3.34
CA ARG A 72 8.20 4.10 4.17
C ARG A 72 7.96 5.36 3.32
N ALA A 73 8.95 5.75 2.52
CA ALA A 73 8.84 6.94 1.66
C ALA A 73 9.89 6.92 0.52
N ARG A 74 11.14 7.24 0.86
CA ARG A 74 12.23 7.31 -0.11
C ARG A 74 13.59 7.27 0.60
N GLY A 75 14.35 6.20 0.38
CA GLY A 75 15.62 6.03 1.05
C GLY A 75 16.05 4.59 1.14
N ALA A 76 16.55 4.18 2.31
CA ALA A 76 17.03 2.82 2.53
C ALA A 76 17.14 2.52 4.03
N GLN A 77 16.22 1.71 4.55
CA GLN A 77 16.16 1.41 5.98
C GLN A 77 15.08 0.36 6.26
N VAL A 78 15.24 -0.39 7.35
CA VAL A 78 14.19 -1.30 7.78
C VAL A 78 13.11 -0.53 8.52
N THR A 79 12.00 -0.30 7.85
CA THR A 79 10.90 0.47 8.42
C THR A 79 9.60 -0.33 8.33
N ASP A 80 8.46 0.35 8.15
CA ASP A 80 7.18 -0.34 8.14
C ASP A 80 6.12 0.39 7.31
N ILE A 81 5.85 -0.12 6.11
CA ILE A 81 4.73 0.33 5.28
C ILE A 81 4.25 -0.82 4.38
N VAL A 82 3.05 -1.31 4.61
CA VAL A 82 2.51 -2.35 3.78
C VAL A 82 1.25 -1.88 3.07
N ILE A 83 1.36 -1.54 1.80
CA ILE A 83 0.17 -1.29 1.02
C ILE A 83 -0.39 -2.64 0.61
N LEU A 84 -1.61 -2.88 0.99
CA LEU A 84 -2.25 -4.17 0.73
C LEU A 84 -3.49 -4.00 -0.15
N VAL A 85 -3.37 -4.33 -1.43
CA VAL A 85 -4.47 -4.12 -2.37
C VAL A 85 -5.42 -5.32 -2.42
N VAL A 86 -6.69 -5.02 -2.63
CA VAL A 86 -7.73 -6.02 -2.87
C VAL A 86 -8.69 -5.47 -3.91
N ALA A 87 -9.75 -6.19 -4.21
CA ALA A 87 -10.71 -5.72 -5.20
C ALA A 87 -12.10 -6.30 -4.97
N ALA A 88 -13.10 -5.43 -5.04
CA ALA A 88 -14.52 -5.84 -5.01
C ALA A 88 -14.83 -6.77 -3.82
N ASP A 89 -15.39 -7.94 -4.11
CA ASP A 89 -15.73 -8.89 -3.06
C ASP A 89 -14.74 -10.05 -3.06
N ASP A 90 -13.72 -9.93 -3.90
CA ASP A 90 -12.69 -10.96 -4.02
C ASP A 90 -12.00 -11.13 -2.69
N GLY A 91 -11.89 -10.03 -1.97
CA GLY A 91 -11.26 -10.03 -0.67
C GLY A 91 -9.79 -10.28 -0.77
N VAL A 92 -9.28 -11.15 0.07
CA VAL A 92 -7.87 -11.40 0.17
C VAL A 92 -7.51 -12.70 -0.54
N MET A 93 -6.93 -12.57 -1.74
CA MET A 93 -6.48 -13.73 -2.51
C MET A 93 -5.23 -14.34 -1.88
N PRO A 94 -4.80 -15.52 -2.36
CA PRO A 94 -3.56 -16.16 -1.91
C PRO A 94 -2.41 -15.18 -1.75
N GLN A 95 -2.14 -14.40 -2.79
CA GLN A 95 -1.05 -13.45 -2.76
C GLN A 95 -1.30 -12.38 -1.70
N THR A 96 -2.55 -11.98 -1.56
CA THR A 96 -2.92 -10.97 -0.59
C THR A 96 -2.60 -11.45 0.83
N VAL A 97 -2.78 -12.75 1.06
CA VAL A 97 -2.45 -13.35 2.33
C VAL A 97 -0.94 -13.47 2.49
N GLU A 98 -0.28 -14.05 1.49
CA GLU A 98 1.15 -14.27 1.51
C GLU A 98 1.92 -12.99 1.83
N ALA A 99 1.36 -11.87 1.42
CA ALA A 99 2.00 -10.59 1.60
C ALA A 99 1.78 -10.10 3.01
N ILE A 100 0.59 -10.34 3.52
CA ILE A 100 0.23 -9.97 4.88
C ILE A 100 0.87 -10.91 5.88
N ASN A 101 0.92 -12.18 5.52
CA ASN A 101 1.61 -13.20 6.29
C ASN A 101 3.06 -12.81 6.48
N HIS A 102 3.61 -12.17 5.46
CA HIS A 102 4.98 -11.71 5.47
C HIS A 102 5.08 -10.33 6.15
N ALA A 103 4.01 -9.55 6.02
CA ALA A 103 4.03 -8.17 6.49
C ALA A 103 3.74 -8.07 7.97
N LYS A 104 2.69 -8.75 8.40
CA LYS A 104 2.09 -8.55 9.72
C LYS A 104 3.09 -8.67 10.87
N ALA A 105 4.16 -9.43 10.67
CA ALA A 105 5.08 -9.71 11.77
C ALA A 105 6.29 -8.78 11.77
N ALA A 106 6.26 -7.72 10.97
CA ALA A 106 7.34 -6.76 10.96
C ALA A 106 6.97 -5.59 11.84
N ASN A 107 5.79 -5.69 12.46
CA ASN A 107 5.30 -4.71 13.43
C ASN A 107 4.95 -3.46 12.66
N VAL A 108 4.23 -3.71 11.59
CA VAL A 108 3.96 -2.71 10.59
C VAL A 108 2.47 -2.64 10.26
N PRO A 109 1.97 -1.42 10.01
CA PRO A 109 0.60 -1.23 9.53
C PRO A 109 0.38 -1.77 8.13
N ILE A 110 -0.86 -2.07 7.84
CA ILE A 110 -1.26 -2.63 6.56
C ILE A 110 -2.34 -1.74 5.94
N ILE A 111 -2.29 -1.56 4.62
CA ILE A 111 -3.18 -0.60 3.99
C ILE A 111 -3.96 -1.24 2.89
N VAL A 112 -5.16 -1.63 3.22
CA VAL A 112 -6.04 -2.23 2.26
C VAL A 112 -6.44 -1.23 1.20
N ALA A 113 -6.49 -1.68 -0.02
CA ALA A 113 -6.97 -0.87 -1.10
C ALA A 113 -8.10 -1.61 -1.76
N ILE A 114 -9.29 -1.37 -1.26
CA ILE A 114 -10.51 -1.93 -1.81
C ILE A 114 -10.76 -1.37 -3.20
N ASN A 115 -10.18 -2.00 -4.22
CA ASN A 115 -10.21 -1.44 -5.56
C ASN A 115 -11.50 -1.80 -6.27
N LYS A 116 -11.95 -0.88 -7.14
CA LYS A 116 -13.19 -1.05 -7.89
C LYS A 116 -14.38 -1.17 -6.95
N MET A 117 -14.30 -0.46 -5.83
CA MET A 117 -15.36 -0.49 -4.84
C MET A 117 -16.40 0.59 -5.17
N ASP A 118 -16.13 1.32 -6.25
CA ASP A 118 -17.02 2.38 -6.74
C ASP A 118 -18.46 1.88 -6.87
N LYS A 119 -18.63 0.62 -7.22
CA LYS A 119 -19.94 0.02 -7.31
C LYS A 119 -20.06 -1.17 -6.34
N PRO A 120 -21.31 -1.52 -5.97
CA PRO A 120 -21.67 -2.53 -4.93
C PRO A 120 -20.95 -3.89 -4.99
N GLU A 121 -20.14 -4.10 -6.01
CA GLU A 121 -19.40 -5.34 -6.16
C GLU A 121 -18.42 -5.51 -5.01
N ALA A 122 -18.10 -4.40 -4.37
CA ALA A 122 -17.30 -4.43 -3.18
C ALA A 122 -18.18 -4.34 -1.94
N ASN A 123 -18.01 -5.27 -1.01
CA ASN A 123 -18.80 -5.27 0.22
C ASN A 123 -17.91 -5.27 1.44
N PRO A 124 -17.58 -4.04 1.87
CA PRO A 124 -16.86 -3.72 3.09
C PRO A 124 -16.78 -4.84 4.14
N ASP A 125 -17.84 -4.97 4.95
CA ASP A 125 -17.83 -5.83 6.14
C ASP A 125 -17.18 -7.18 5.89
N ARG A 126 -17.68 -7.88 4.89
CA ARG A 126 -17.21 -9.23 4.61
C ARG A 126 -15.71 -9.23 4.38
N VAL A 127 -15.31 -8.51 3.35
CA VAL A 127 -13.90 -8.35 2.99
C VAL A 127 -13.09 -7.88 4.20
N MET A 128 -13.59 -6.85 4.86
CA MET A 128 -12.87 -6.23 5.97
C MET A 128 -12.75 -7.16 7.18
N GLN A 129 -13.75 -8.01 7.38
CA GLN A 129 -13.72 -8.93 8.51
C GLN A 129 -12.78 -10.08 8.20
N GLU A 130 -12.61 -10.35 6.92
CA GLU A 130 -11.65 -11.37 6.50
C GLU A 130 -10.23 -10.85 6.74
N LEU A 131 -10.04 -9.54 6.63
CA LEU A 131 -8.74 -8.95 6.91
C LEU A 131 -8.44 -9.06 8.37
N MET A 132 -9.42 -8.71 9.18
CA MET A 132 -9.25 -8.79 10.61
C MET A 132 -9.28 -10.25 11.04
N GLU A 133 -9.53 -11.14 10.10
CA GLU A 133 -9.41 -12.56 10.35
C GLU A 133 -7.95 -12.97 10.24
N TYR A 134 -7.17 -12.20 9.47
CA TYR A 134 -5.72 -12.35 9.51
C TYR A 134 -5.18 -11.53 10.68
N ASN A 135 -6.13 -10.88 11.37
CA ASN A 135 -5.89 -10.15 12.62
C ASN A 135 -5.16 -8.86 12.32
N LEU A 136 -5.65 -8.19 11.30
CA LEU A 136 -5.24 -6.84 11.00
C LEU A 136 -6.50 -5.99 10.91
N VAL A 137 -6.92 -5.57 12.09
CA VAL A 137 -8.18 -4.87 12.27
C VAL A 137 -8.15 -3.52 11.59
N PRO A 138 -9.20 -3.21 10.81
CA PRO A 138 -9.39 -1.91 10.19
C PRO A 138 -9.25 -0.75 11.15
N GLU A 139 -8.92 0.40 10.59
CA GLU A 139 -8.78 1.63 11.35
C GLU A 139 -10.16 2.22 11.58
N GLU A 140 -11.11 1.79 10.78
CA GLU A 140 -12.52 2.06 11.04
C GLU A 140 -12.88 1.48 12.40
N TRP A 141 -12.32 0.30 12.66
CA TRP A 141 -12.69 -0.48 13.82
C TRP A 141 -11.72 -0.24 14.97
N GLY A 142 -10.51 0.22 14.64
CA GLY A 142 -9.60 0.67 15.68
C GLY A 142 -8.43 -0.28 15.86
N GLY A 143 -8.12 -1.02 14.81
CA GLY A 143 -7.02 -1.94 14.87
C GLY A 143 -5.71 -1.32 14.44
N ASP A 144 -5.32 -1.61 13.20
CA ASP A 144 -4.08 -1.07 12.66
C ASP A 144 -4.03 -1.23 11.15
N THR A 145 -5.19 -1.26 10.52
CA THR A 145 -5.24 -1.49 9.08
C THR A 145 -6.10 -0.47 8.35
N ILE A 146 -5.46 0.30 7.48
CA ILE A 146 -6.13 1.38 6.76
C ILE A 146 -6.88 0.83 5.54
N PHE A 147 -8.21 0.82 5.61
CA PHE A 147 -9.02 0.32 4.51
C PHE A 147 -9.36 1.43 3.52
N CYS A 148 -8.57 1.52 2.46
CA CYS A 148 -8.78 2.52 1.45
C CYS A 148 -9.81 2.02 0.46
N LYS A 149 -11.02 2.48 0.62
CA LYS A 149 -12.08 2.13 -0.31
C LYS A 149 -12.00 3.06 -1.50
N LEU A 150 -11.15 2.70 -2.45
CA LEU A 150 -10.78 3.59 -3.53
C LEU A 150 -11.28 3.11 -4.89
N SER A 151 -10.94 3.89 -5.91
CA SER A 151 -11.34 3.59 -7.26
C SER A 151 -10.34 4.20 -8.24
N ALA A 152 -9.58 3.34 -8.92
CA ALA A 152 -8.58 3.80 -9.89
C ALA A 152 -9.25 4.32 -11.16
N LYS A 153 -10.39 3.73 -11.52
CA LYS A 153 -11.09 4.09 -12.73
C LYS A 153 -11.79 5.43 -12.56
N THR A 154 -12.47 5.54 -11.44
CA THR A 154 -13.19 6.74 -11.09
C THR A 154 -12.21 7.84 -10.69
N LYS A 155 -10.97 7.43 -10.44
CA LYS A 155 -9.87 8.32 -10.11
C LYS A 155 -10.17 9.12 -8.84
N GLU A 156 -11.00 8.57 -7.97
CA GLU A 156 -11.35 9.22 -6.72
C GLU A 156 -10.42 8.77 -5.60
N GLY A 157 -10.52 7.49 -5.25
CA GLY A 157 -9.75 6.95 -4.17
C GLY A 157 -8.28 6.82 -4.50
N LEU A 158 -7.91 6.95 -5.77
CA LEU A 158 -6.52 6.87 -6.18
C LEU A 158 -5.72 7.97 -5.48
N ASP A 159 -6.18 9.20 -5.64
CA ASP A 159 -5.56 10.36 -5.01
C ASP A 159 -5.70 10.25 -3.49
N HIS A 160 -6.83 9.67 -3.05
CA HIS A 160 -7.08 9.44 -1.63
C HIS A 160 -6.08 8.44 -1.04
N LEU A 161 -5.54 7.57 -1.88
CA LEU A 161 -4.55 6.61 -1.45
C LEU A 161 -3.26 7.32 -1.04
N LEU A 162 -2.72 8.11 -1.96
CA LEU A 162 -1.53 8.90 -1.71
C LEU A 162 -1.72 9.79 -0.49
N GLU A 163 -2.89 10.41 -0.36
CA GLU A 163 -3.14 11.34 0.74
C GLU A 163 -3.22 10.58 2.07
N MET A 164 -3.63 9.32 2.00
CA MET A 164 -3.77 8.50 3.20
C MET A 164 -2.40 7.95 3.60
N ILE A 165 -1.57 7.70 2.60
CA ILE A 165 -0.25 7.13 2.79
C ILE A 165 0.59 7.95 3.78
N LEU A 166 0.76 9.26 3.53
CA LEU A 166 1.54 10.09 4.43
C LEU A 166 0.73 10.54 5.65
N LEU A 167 -0.58 10.67 5.49
CA LEU A 167 -1.46 11.06 6.59
C LEU A 167 -1.35 10.04 7.71
N VAL A 168 -1.11 8.79 7.33
CA VAL A 168 -1.03 7.71 8.29
C VAL A 168 0.38 7.56 8.85
N SER A 169 1.39 7.69 7.98
CA SER A 169 2.76 7.50 8.40
C SER A 169 3.19 8.56 9.43
N GLU A 170 2.52 9.71 9.41
CA GLU A 170 2.73 10.72 10.44
C GLU A 170 1.70 10.60 11.55
N MET A 171 0.56 9.97 11.25
CA MET A 171 -0.47 9.76 12.24
C MET A 171 0.01 8.76 13.29
N GLU A 172 0.67 7.70 12.81
CA GLU A 172 1.20 6.63 13.67
C GLU A 172 2.04 7.18 14.82
N GLU A 173 2.70 8.31 14.59
CA GLU A 173 3.52 8.95 15.62
C GLU A 173 2.70 9.23 16.87
N LEU A 174 1.43 9.55 16.66
CA LEU A 174 0.51 9.80 17.76
C LEU A 174 -0.41 8.60 17.92
N LYS A 175 -0.99 8.17 16.80
CA LYS A 175 -1.90 7.03 16.72
C LYS A 175 -3.14 7.27 17.55
N ALA A 176 -3.04 6.92 18.83
CA ALA A 176 -4.11 7.14 19.78
C ALA A 176 -3.54 7.17 21.19
N ASN A 177 -4.12 7.98 22.06
CA ASN A 177 -3.64 8.09 23.42
C ASN A 177 -4.64 7.48 24.38
N PRO A 178 -4.16 6.64 25.31
CA PRO A 178 -5.01 5.99 26.31
C PRO A 178 -5.67 7.01 27.23
N GLY A 1 21.19 24.21 4.54
CA GLY A 1 21.95 23.62 5.66
C GLY A 1 21.75 22.12 5.76
N SER A 2 22.00 21.57 6.93
CA SER A 2 21.87 20.13 7.14
C SER A 2 20.41 19.70 7.27
N HIS A 3 19.66 19.83 6.19
CA HIS A 3 18.31 19.30 6.09
C HIS A 3 18.25 18.33 4.92
N MET A 4 18.88 17.18 5.09
CA MET A 4 19.05 16.25 3.99
C MET A 4 17.84 15.34 3.86
N VAL A 5 16.72 15.93 3.43
CA VAL A 5 15.47 15.18 3.26
C VAL A 5 15.45 14.43 1.92
N GLU A 6 16.62 13.95 1.51
CA GLU A 6 16.77 13.21 0.27
C GLU A 6 16.01 11.89 0.33
N ARG A 7 16.16 11.19 1.45
CA ARG A 7 15.59 9.86 1.60
C ARG A 7 14.07 9.90 1.65
N PRO A 8 13.42 9.25 0.69
CA PRO A 8 11.98 9.06 0.69
C PRO A 8 11.60 7.69 1.26
N PRO A 9 10.46 7.60 1.96
CA PRO A 9 9.99 6.34 2.52
C PRO A 9 9.62 5.34 1.43
N VAL A 10 10.16 4.13 1.55
CA VAL A 10 9.88 3.07 0.59
C VAL A 10 8.52 2.46 0.85
N VAL A 11 7.50 3.14 0.36
CA VAL A 11 6.14 2.70 0.52
C VAL A 11 5.87 1.48 -0.37
N THR A 12 5.93 0.31 0.24
CA THR A 12 5.88 -0.95 -0.49
C THR A 12 4.46 -1.33 -0.85
N ILE A 13 4.24 -1.62 -2.12
CA ILE A 13 2.93 -2.02 -2.59
C ILE A 13 2.82 -3.54 -2.62
N MET A 14 1.78 -4.07 -2.01
CA MET A 14 1.52 -5.51 -2.02
C MET A 14 0.12 -5.80 -2.54
N GLY A 15 -0.28 -7.07 -2.56
CA GLY A 15 -1.55 -7.42 -3.13
C GLY A 15 -1.37 -8.32 -4.33
N HIS A 16 -2.11 -9.42 -4.35
CA HIS A 16 -2.14 -10.33 -5.49
C HIS A 16 -2.41 -9.53 -6.78
N VAL A 17 -1.69 -9.91 -7.84
CA VAL A 17 -1.63 -9.12 -9.07
C VAL A 17 -2.98 -8.95 -9.77
N ASP A 18 -3.88 -9.91 -9.58
CA ASP A 18 -5.17 -9.90 -10.29
C ASP A 18 -6.12 -8.85 -9.71
N HIS A 19 -5.86 -8.40 -8.50
CA HIS A 19 -6.75 -7.46 -7.83
C HIS A 19 -6.67 -6.07 -8.46
N GLY A 20 -5.49 -5.69 -8.91
CA GLY A 20 -5.33 -4.40 -9.55
C GLY A 20 -4.07 -3.69 -9.14
N LYS A 21 -2.93 -4.24 -9.54
CA LYS A 21 -1.64 -3.67 -9.17
C LYS A 21 -1.19 -2.65 -10.21
N THR A 22 -1.12 -3.08 -11.46
CA THR A 22 -0.61 -2.23 -12.54
C THR A 22 -1.55 -1.06 -12.78
N THR A 23 -2.78 -1.17 -12.29
CA THR A 23 -3.75 -0.10 -12.41
C THR A 23 -3.44 1.03 -11.44
N LEU A 24 -2.66 0.73 -10.40
CA LEU A 24 -2.27 1.75 -9.44
C LEU A 24 -1.32 2.76 -10.08
N LEU A 25 -0.26 2.23 -10.69
CA LEU A 25 0.72 3.08 -11.35
C LEU A 25 0.08 3.89 -12.47
N ASP A 26 -0.91 3.31 -13.13
CA ASP A 26 -1.57 3.98 -14.25
C ASP A 26 -2.41 5.17 -13.79
N ALA A 27 -3.26 4.95 -12.79
CA ALA A 27 -4.11 6.03 -12.26
C ALA A 27 -3.28 7.05 -11.52
N ILE A 28 -2.23 6.59 -10.87
CA ILE A 28 -1.39 7.44 -10.05
C ILE A 28 -0.65 8.46 -10.92
N ARG A 29 -0.48 8.13 -12.20
CA ARG A 29 0.15 9.04 -13.17
C ARG A 29 -0.85 10.10 -13.63
N HIS A 30 -2.13 9.79 -13.48
CA HIS A 30 -3.20 10.71 -13.82
C HIS A 30 -3.25 11.83 -12.79
N SER A 31 -2.47 11.67 -11.74
CA SER A 31 -2.39 12.63 -10.67
C SER A 31 -1.06 13.38 -10.73
N LYS A 32 -0.42 13.34 -11.90
CA LYS A 32 0.92 13.90 -12.07
C LYS A 32 1.83 13.29 -11.02
N VAL A 33 2.62 14.17 -10.37
CA VAL A 33 3.36 13.83 -9.14
C VAL A 33 4.24 12.58 -9.30
N THR A 34 4.53 12.21 -10.52
CA THR A 34 5.31 11.03 -10.78
C THR A 34 6.69 11.38 -11.32
N GLU A 35 7.69 11.05 -10.53
CA GLU A 35 9.07 11.30 -10.91
C GLU A 35 9.60 10.12 -11.72
N GLN A 36 9.26 8.92 -11.27
CA GLN A 36 9.51 7.68 -12.02
C GLN A 36 10.98 7.30 -12.08
N GLU A 37 11.81 7.98 -11.30
CA GLU A 37 13.23 7.67 -11.27
C GLU A 37 13.57 6.77 -10.09
N ALA A 38 13.78 5.49 -10.37
CA ALA A 38 14.23 4.50 -9.38
C ALA A 38 13.30 4.45 -8.17
N GLY A 39 12.16 3.79 -8.32
CA GLY A 39 11.23 3.68 -7.21
C GLY A 39 11.58 2.53 -6.28
N GLY A 40 12.79 2.55 -5.76
CA GLY A 40 13.21 1.51 -4.85
C GLY A 40 14.65 1.68 -4.39
N ILE A 41 15.10 0.78 -3.52
CA ILE A 41 16.46 0.82 -3.01
C ILE A 41 17.45 0.35 -4.08
N THR A 42 17.09 -0.72 -4.76
CA THR A 42 17.90 -1.23 -5.86
C THR A 42 17.60 -0.41 -7.11
N GLN A 43 18.60 0.32 -7.59
CA GLN A 43 18.43 1.23 -8.72
C GLN A 43 18.06 0.47 -10.00
N HIS A 44 16.75 0.37 -10.23
CA HIS A 44 16.20 -0.24 -11.43
C HIS A 44 14.98 0.54 -11.88
N ILE A 45 14.69 0.53 -13.17
CA ILE A 45 13.53 1.24 -13.67
C ILE A 45 12.29 0.37 -13.61
N GLY A 46 11.15 0.96 -13.93
CA GLY A 46 9.89 0.28 -13.79
C GLY A 46 9.15 0.74 -12.56
N ALA A 47 9.88 0.79 -11.45
CA ALA A 47 9.36 1.37 -10.21
C ALA A 47 9.52 2.88 -10.30
N TYR A 48 8.91 3.63 -9.37
CA TYR A 48 8.83 5.06 -9.54
C TYR A 48 8.72 5.75 -8.19
N GLN A 49 9.22 6.96 -8.15
CA GLN A 49 9.08 7.79 -6.97
C GLN A 49 8.08 8.87 -7.25
N VAL A 50 7.45 9.35 -6.21
CA VAL A 50 6.47 10.41 -6.30
C VAL A 50 7.16 11.76 -6.10
N THR A 51 6.44 12.85 -6.32
CA THR A 51 7.03 14.19 -6.41
C THR A 51 7.94 14.55 -5.23
N VAL A 52 8.77 15.54 -5.45
CA VAL A 52 9.91 15.79 -4.60
C VAL A 52 9.65 16.92 -3.65
N ASN A 53 9.87 16.66 -2.37
CA ASN A 53 9.65 17.64 -1.32
C ASN A 53 8.17 17.91 -1.13
N ASP A 54 7.40 17.81 -2.21
CA ASP A 54 5.95 17.96 -2.13
C ASP A 54 5.29 16.64 -1.76
N LYS A 55 5.69 15.56 -2.41
CA LYS A 55 5.09 14.26 -2.11
C LYS A 55 6.16 13.18 -1.96
N LYS A 56 6.89 13.22 -0.85
CA LYS A 56 7.97 12.27 -0.59
C LYS A 56 7.46 10.85 -0.40
N ILE A 57 7.26 10.15 -1.52
CA ILE A 57 6.81 8.76 -1.50
C ILE A 57 7.54 7.95 -2.56
N THR A 58 8.12 6.84 -2.15
CA THR A 58 8.72 5.90 -3.10
C THR A 58 7.82 4.68 -3.23
N PHE A 59 7.52 4.26 -4.45
CA PHE A 59 6.63 3.12 -4.63
C PHE A 59 7.34 1.97 -5.30
N LEU A 60 7.57 0.91 -4.52
CA LEU A 60 8.17 -0.29 -5.05
C LEU A 60 7.20 -1.46 -4.94
N ASP A 61 6.78 -1.96 -6.09
CA ASP A 61 6.00 -3.17 -6.15
C ASP A 61 6.87 -4.28 -6.70
N THR A 62 6.86 -5.41 -6.03
CA THR A 62 7.74 -6.50 -6.39
C THR A 62 6.94 -7.74 -6.76
N PRO A 63 6.72 -7.96 -8.08
CA PRO A 63 6.04 -9.15 -8.59
C PRO A 63 6.94 -10.38 -8.56
N GLY A 64 7.64 -10.54 -7.44
CA GLY A 64 8.54 -11.65 -7.26
C GLY A 64 8.24 -12.39 -5.97
N HIS A 65 7.09 -13.07 -5.96
CA HIS A 65 6.62 -13.82 -4.79
C HIS A 65 6.19 -12.87 -3.67
N GLU A 66 7.15 -12.23 -3.04
CA GLU A 66 6.89 -11.35 -1.92
C GLU A 66 7.64 -10.03 -2.10
N ALA A 67 6.91 -8.92 -1.95
CA ALA A 67 7.47 -7.59 -2.17
C ALA A 67 8.50 -7.21 -1.10
N PHE A 68 8.37 -7.77 0.08
CA PHE A 68 9.31 -7.51 1.16
C PHE A 68 10.53 -8.41 1.04
N THR A 69 11.32 -8.18 0.01
CA THR A 69 12.52 -8.99 -0.21
C THR A 69 13.75 -8.10 -0.37
N THR A 70 14.75 -8.34 0.48
CA THR A 70 16.03 -7.62 0.46
C THR A 70 15.84 -6.09 0.45
N MET A 71 14.84 -5.61 1.17
CA MET A 71 14.59 -4.19 1.26
C MET A 71 14.28 -3.76 2.69
N ARG A 72 15.21 -3.03 3.27
CA ARG A 72 14.99 -2.40 4.57
C ARG A 72 15.58 -1.00 4.57
N ALA A 73 15.79 -0.47 3.37
CA ALA A 73 16.40 0.84 3.18
C ALA A 73 17.79 0.87 3.81
N ARG A 74 18.32 2.06 3.99
CA ARG A 74 19.62 2.22 4.61
C ARG A 74 19.51 3.19 5.78
N GLY A 75 18.33 3.23 6.38
CA GLY A 75 18.07 4.11 7.50
C GLY A 75 17.26 5.33 7.12
N ALA A 76 17.10 6.25 8.07
CA ALA A 76 16.40 7.53 7.84
C ALA A 76 14.89 7.37 7.78
N GLN A 77 14.40 6.59 6.82
CA GLN A 77 12.96 6.47 6.60
C GLN A 77 12.46 5.08 6.97
N VAL A 78 11.19 5.01 7.35
CA VAL A 78 10.58 3.75 7.75
C VAL A 78 10.28 2.86 6.54
N THR A 79 10.37 1.56 6.75
CA THR A 79 10.09 0.60 5.70
C THR A 79 8.82 -0.17 5.99
N ASP A 80 8.19 0.16 7.11
CA ASP A 80 7.04 -0.58 7.60
C ASP A 80 5.75 -0.04 6.99
N ILE A 81 5.65 -0.14 5.67
CA ILE A 81 4.45 0.28 4.96
C ILE A 81 4.04 -0.78 3.95
N VAL A 82 2.93 -1.45 4.22
CA VAL A 82 2.42 -2.45 3.32
C VAL A 82 1.06 -2.06 2.77
N ILE A 83 1.02 -1.67 1.51
CA ILE A 83 -0.25 -1.36 0.89
C ILE A 83 -0.81 -2.60 0.24
N LEU A 84 -1.80 -3.17 0.87
CA LEU A 84 -2.37 -4.41 0.37
C LEU A 84 -3.52 -4.14 -0.59
N VAL A 85 -3.30 -4.42 -1.87
CA VAL A 85 -4.35 -4.26 -2.86
C VAL A 85 -5.31 -5.44 -2.86
N VAL A 86 -6.59 -5.14 -2.82
CA VAL A 86 -7.64 -6.15 -2.90
C VAL A 86 -8.65 -5.70 -3.93
N ALA A 87 -9.75 -6.43 -4.07
CA ALA A 87 -10.74 -6.06 -5.06
C ALA A 87 -12.15 -6.42 -4.63
N ALA A 88 -13.04 -5.41 -4.75
CA ALA A 88 -14.50 -5.55 -4.60
C ALA A 88 -14.97 -6.78 -3.82
N ASP A 89 -15.18 -7.88 -4.57
CA ASP A 89 -15.80 -9.08 -4.01
C ASP A 89 -14.78 -10.20 -3.80
N ASP A 90 -13.55 -9.95 -4.19
CA ASP A 90 -12.53 -10.99 -4.13
C ASP A 90 -11.93 -11.09 -2.75
N GLY A 91 -11.84 -9.94 -2.09
CA GLY A 91 -11.25 -9.89 -0.77
C GLY A 91 -9.75 -10.11 -0.83
N VAL A 92 -9.28 -11.14 -0.15
CA VAL A 92 -7.87 -11.40 -0.01
C VAL A 92 -7.52 -12.81 -0.48
N MET A 93 -6.82 -12.89 -1.62
CA MET A 93 -6.36 -14.16 -2.16
C MET A 93 -5.14 -14.67 -1.40
N PRO A 94 -4.72 -15.92 -1.61
CA PRO A 94 -3.53 -16.49 -0.96
C PRO A 94 -2.32 -15.55 -0.97
N GLN A 95 -1.98 -15.02 -2.14
CA GLN A 95 -0.87 -14.08 -2.25
C GLN A 95 -1.17 -12.77 -1.52
N THR A 96 -2.44 -12.40 -1.46
CA THR A 96 -2.85 -11.24 -0.71
C THR A 96 -2.69 -11.52 0.80
N VAL A 97 -2.80 -12.80 1.15
CA VAL A 97 -2.64 -13.26 2.52
C VAL A 97 -1.16 -13.31 2.91
N GLU A 98 -0.35 -13.97 2.10
CA GLU A 98 1.07 -14.17 2.40
C GLU A 98 1.85 -12.87 2.43
N ALA A 99 1.29 -11.84 1.82
CA ALA A 99 1.92 -10.53 1.80
C ALA A 99 1.78 -9.92 3.18
N ILE A 100 0.63 -10.17 3.77
CA ILE A 100 0.31 -9.73 5.10
C ILE A 100 1.01 -10.61 6.13
N ASN A 101 1.02 -11.91 5.88
CA ASN A 101 1.76 -12.84 6.74
C ASN A 101 3.22 -12.41 6.86
N HIS A 102 3.76 -11.90 5.76
CA HIS A 102 5.11 -11.39 5.72
C HIS A 102 5.19 -10.03 6.43
N ALA A 103 4.11 -9.27 6.35
CA ALA A 103 4.10 -7.91 6.89
C ALA A 103 3.82 -7.90 8.39
N LYS A 104 2.79 -8.62 8.78
CA LYS A 104 2.25 -8.59 10.13
C LYS A 104 3.31 -8.91 11.18
N ALA A 105 4.24 -9.81 10.84
CA ALA A 105 5.19 -10.30 11.82
C ALA A 105 6.50 -9.54 11.78
N ALA A 106 6.52 -8.45 11.04
CA ALA A 106 7.64 -7.53 11.10
C ALA A 106 7.21 -6.32 11.91
N ASN A 107 5.99 -6.42 12.47
CA ASN A 107 5.39 -5.38 13.29
C ASN A 107 5.12 -4.14 12.45
N VAL A 108 4.71 -4.36 11.22
CA VAL A 108 4.39 -3.26 10.33
C VAL A 108 2.89 -3.11 10.16
N PRO A 109 2.42 -1.87 9.95
CA PRO A 109 1.04 -1.58 9.59
C PRO A 109 0.69 -2.00 8.18
N ILE A 110 -0.57 -2.25 7.96
CA ILE A 110 -1.05 -2.78 6.69
C ILE A 110 -2.14 -1.88 6.13
N ILE A 111 -2.19 -1.77 4.80
CA ILE A 111 -3.17 -0.93 4.15
C ILE A 111 -4.01 -1.78 3.23
N VAL A 112 -5.20 -1.33 2.93
CA VAL A 112 -6.03 -2.00 1.98
C VAL A 112 -6.37 -1.08 0.84
N ALA A 113 -6.30 -1.61 -0.34
CA ALA A 113 -6.71 -0.91 -1.52
C ALA A 113 -7.76 -1.71 -2.22
N ILE A 114 -9.00 -1.49 -1.83
CA ILE A 114 -10.13 -2.16 -2.42
C ILE A 114 -10.39 -1.63 -3.83
N ASN A 115 -9.89 -2.34 -4.83
CA ASN A 115 -10.04 -1.92 -6.22
C ASN A 115 -11.35 -2.46 -6.78
N LYS A 116 -11.78 -1.94 -7.92
CA LYS A 116 -13.01 -2.39 -8.59
C LYS A 116 -14.24 -2.10 -7.72
N MET A 117 -14.07 -1.19 -6.78
CA MET A 117 -15.11 -0.87 -5.81
C MET A 117 -16.05 0.22 -6.36
N ASP A 118 -15.71 0.74 -7.53
CA ASP A 118 -16.52 1.76 -8.22
C ASP A 118 -17.96 1.29 -8.52
N LYS A 119 -18.26 0.06 -8.11
CA LYS A 119 -19.63 -0.43 -8.07
C LYS A 119 -20.33 0.22 -6.88
N PRO A 120 -21.59 -0.13 -6.57
CA PRO A 120 -22.21 0.30 -5.31
C PRO A 120 -21.37 -0.17 -4.13
N GLU A 121 -21.06 -1.47 -4.18
CA GLU A 121 -20.23 -2.15 -3.18
C GLU A 121 -20.52 -3.64 -3.32
N ALA A 122 -19.47 -4.41 -3.41
CA ALA A 122 -19.60 -5.84 -3.25
C ALA A 122 -20.00 -6.12 -1.82
N ASN A 123 -19.13 -5.71 -0.90
CA ASN A 123 -19.43 -5.60 0.53
C ASN A 123 -18.14 -5.38 1.31
N PRO A 124 -17.79 -4.10 1.53
CA PRO A 124 -16.67 -3.72 2.39
C PRO A 124 -16.57 -4.56 3.66
N ASP A 125 -17.62 -4.56 4.48
CA ASP A 125 -17.64 -5.28 5.77
C ASP A 125 -17.08 -6.69 5.62
N ARG A 126 -17.62 -7.44 4.66
CA ARG A 126 -17.17 -8.80 4.42
C ARG A 126 -15.67 -8.81 4.18
N VAL A 127 -15.26 -8.09 3.14
CA VAL A 127 -13.86 -8.00 2.76
C VAL A 127 -12.99 -7.55 3.94
N MET A 128 -13.48 -6.56 4.65
CA MET A 128 -12.77 -5.96 5.77
C MET A 128 -12.66 -6.94 6.94
N GLN A 129 -13.68 -7.79 7.08
CA GLN A 129 -13.68 -8.79 8.14
C GLN A 129 -12.71 -9.91 7.83
N GLU A 130 -12.46 -10.13 6.54
CA GLU A 130 -11.42 -11.07 6.13
C GLU A 130 -10.09 -10.57 6.63
N LEU A 131 -9.90 -9.25 6.55
CA LEU A 131 -8.63 -8.66 6.94
C LEU A 131 -8.44 -8.78 8.43
N MET A 132 -9.50 -8.51 9.16
CA MET A 132 -9.44 -8.62 10.58
C MET A 132 -9.47 -10.08 11.01
N GLU A 133 -9.66 -10.97 10.04
CA GLU A 133 -9.54 -12.40 10.30
C GLU A 133 -8.08 -12.78 10.24
N TYR A 134 -7.28 -12.00 9.49
CA TYR A 134 -5.84 -12.15 9.57
C TYR A 134 -5.33 -11.31 10.74
N ASN A 135 -6.30 -10.66 11.39
CA ASN A 135 -6.13 -9.96 12.65
C ASN A 135 -5.33 -8.69 12.45
N LEU A 136 -5.69 -8.02 11.40
CA LEU A 136 -5.24 -6.68 11.14
C LEU A 136 -6.48 -5.82 11.02
N VAL A 137 -6.98 -5.44 12.18
CA VAL A 137 -8.25 -4.75 12.28
C VAL A 137 -8.20 -3.42 11.56
N PRO A 138 -9.20 -3.16 10.73
CA PRO A 138 -9.38 -1.86 10.09
C PRO A 138 -9.22 -0.70 11.05
N GLU A 139 -8.80 0.40 10.48
CA GLU A 139 -8.55 1.62 11.25
C GLU A 139 -9.90 2.26 11.55
N GLU A 140 -10.86 1.96 10.68
CA GLU A 140 -12.26 2.25 10.94
C GLU A 140 -12.66 1.69 12.29
N TRP A 141 -12.20 0.46 12.54
CA TRP A 141 -12.65 -0.30 13.70
C TRP A 141 -11.70 -0.12 14.88
N GLY A 142 -10.44 0.20 14.61
CA GLY A 142 -9.53 0.56 15.68
C GLY A 142 -8.36 -0.40 15.80
N GLY A 143 -8.03 -1.03 14.68
CA GLY A 143 -6.88 -1.91 14.65
C GLY A 143 -5.63 -1.22 14.16
N ASP A 144 -5.17 -1.62 12.99
CA ASP A 144 -3.94 -1.06 12.43
C ASP A 144 -3.97 -1.08 10.90
N THR A 145 -5.15 -1.14 10.31
CA THR A 145 -5.23 -1.34 8.86
C THR A 145 -6.08 -0.27 8.17
N ILE A 146 -5.45 0.48 7.28
CA ILE A 146 -6.12 1.58 6.59
C ILE A 146 -6.87 1.06 5.36
N PHE A 147 -8.20 1.05 5.44
CA PHE A 147 -9.03 0.58 4.34
C PHE A 147 -9.36 1.71 3.36
N CYS A 148 -8.93 1.54 2.13
CA CYS A 148 -9.27 2.47 1.08
C CYS A 148 -10.14 1.77 0.04
N LYS A 149 -11.34 2.29 -0.19
CA LYS A 149 -12.18 1.77 -1.25
C LYS A 149 -12.02 2.62 -2.49
N LEU A 150 -11.30 2.10 -3.47
CA LEU A 150 -10.92 2.91 -4.63
C LEU A 150 -11.32 2.27 -5.95
N SER A 151 -10.82 2.89 -7.00
CA SER A 151 -10.97 2.43 -8.35
C SER A 151 -10.06 3.24 -9.24
N ALA A 152 -9.22 2.57 -10.01
CA ALA A 152 -8.35 3.25 -10.98
C ALA A 152 -9.16 3.90 -12.09
N LYS A 153 -10.44 3.54 -12.17
CA LYS A 153 -11.33 4.03 -13.20
C LYS A 153 -11.92 5.36 -12.78
N THR A 154 -12.57 5.36 -11.62
CA THR A 154 -13.21 6.56 -11.11
C THR A 154 -12.19 7.45 -10.43
N LYS A 155 -11.04 6.87 -10.09
CA LYS A 155 -9.90 7.59 -9.53
C LYS A 155 -10.13 8.00 -8.05
N GLU A 156 -11.37 7.87 -7.60
CA GLU A 156 -11.79 8.30 -6.27
C GLU A 156 -10.80 7.93 -5.17
N GLY A 157 -10.73 6.64 -4.89
CA GLY A 157 -9.91 6.16 -3.81
C GLY A 157 -8.41 6.20 -4.10
N LEU A 158 -8.05 6.55 -5.33
CA LEU A 158 -6.64 6.59 -5.71
C LEU A 158 -5.99 7.81 -5.07
N ASP A 159 -6.67 8.95 -5.14
CA ASP A 159 -6.22 10.16 -4.49
C ASP A 159 -6.34 10.00 -2.97
N HIS A 160 -7.40 9.32 -2.54
CA HIS A 160 -7.64 9.07 -1.12
C HIS A 160 -6.63 8.07 -0.57
N LEU A 161 -6.02 7.30 -1.44
CA LEU A 161 -5.00 6.34 -1.03
C LEU A 161 -3.74 7.08 -0.61
N LEU A 162 -3.30 7.99 -1.46
CA LEU A 162 -2.08 8.75 -1.23
C LEU A 162 -2.16 9.53 0.09
N GLU A 163 -3.34 10.05 0.40
CA GLU A 163 -3.51 10.84 1.62
C GLU A 163 -3.42 9.93 2.86
N MET A 164 -3.95 8.72 2.74
CA MET A 164 -3.87 7.75 3.83
C MET A 164 -2.44 7.30 4.02
N ILE A 165 -1.74 7.13 2.91
CA ILE A 165 -0.34 6.78 2.91
C ILE A 165 0.47 7.85 3.64
N LEU A 166 0.28 9.11 3.24
CA LEU A 166 0.98 10.24 3.85
C LEU A 166 0.65 10.37 5.33
N LEU A 167 -0.63 10.20 5.64
CA LEU A 167 -1.11 10.31 7.02
C LEU A 167 -0.28 9.42 7.93
N VAL A 168 -0.05 8.19 7.49
CA VAL A 168 0.69 7.22 8.29
C VAL A 168 2.19 7.43 8.15
N SER A 169 2.62 7.99 7.03
CA SER A 169 4.03 8.30 6.83
C SER A 169 4.52 9.31 7.88
N GLU A 170 3.59 10.12 8.38
CA GLU A 170 3.90 11.07 9.44
C GLU A 170 3.49 10.52 10.81
N MET A 171 2.38 9.79 10.84
CA MET A 171 1.81 9.27 12.10
C MET A 171 2.45 7.94 12.50
N GLU A 172 3.46 7.53 11.73
CA GLU A 172 4.25 6.32 11.99
C GLU A 172 4.42 5.96 13.48
N GLU A 173 4.66 6.98 14.30
CA GLU A 173 4.94 6.78 15.72
C GLU A 173 3.68 6.44 16.54
N LEU A 174 2.55 6.26 15.84
CA LEU A 174 1.24 5.97 16.46
C LEU A 174 1.37 5.07 17.70
N LYS A 175 1.49 3.75 17.46
CA LYS A 175 1.65 2.76 18.53
C LYS A 175 0.56 2.87 19.61
N ALA A 176 0.72 2.08 20.67
CA ALA A 176 -0.12 2.18 21.86
C ALA A 176 -1.59 1.94 21.57
N ASN A 177 -1.96 0.68 21.34
CA ASN A 177 -3.36 0.33 21.17
C ASN A 177 -3.78 -0.65 22.27
N PRO A 178 -4.67 -0.20 23.17
CA PRO A 178 -5.17 -1.03 24.28
C PRO A 178 -5.81 -2.33 23.79
N GLY A 1 14.40 12.96 14.31
CA GLY A 1 15.14 11.80 13.76
C GLY A 1 16.00 12.18 12.58
N SER A 2 17.30 12.00 12.71
CA SER A 2 18.23 12.33 11.65
C SER A 2 18.43 11.12 10.73
N HIS A 3 18.34 11.35 9.42
CA HIS A 3 18.58 10.30 8.45
C HIS A 3 20.07 10.03 8.30
N MET A 4 20.62 9.29 9.25
CA MET A 4 22.01 8.88 9.22
C MET A 4 22.28 8.01 7.99
N VAL A 5 21.30 7.17 7.67
CA VAL A 5 21.37 6.33 6.49
C VAL A 5 20.57 6.95 5.37
N GLU A 6 21.11 6.93 4.16
CA GLU A 6 20.43 7.48 3.00
C GLU A 6 19.51 6.44 2.39
N ARG A 7 18.58 5.97 3.20
CA ARG A 7 17.64 4.92 2.80
C ARG A 7 16.21 5.46 2.83
N PRO A 8 15.70 5.93 1.69
CA PRO A 8 14.31 6.38 1.59
C PRO A 8 13.34 5.24 1.86
N PRO A 9 12.36 5.48 2.76
CA PRO A 9 11.37 4.47 3.13
C PRO A 9 10.58 3.96 1.93
N VAL A 10 10.69 2.67 1.67
CA VAL A 10 10.00 2.07 0.55
C VAL A 10 8.58 1.69 0.93
N VAL A 11 7.66 1.91 0.01
CA VAL A 11 6.28 1.54 0.20
C VAL A 11 5.91 0.47 -0.84
N THR A 12 5.89 -0.78 -0.40
CA THR A 12 5.60 -1.88 -1.30
C THR A 12 4.09 -2.06 -1.49
N ILE A 13 3.65 -1.96 -2.72
CA ILE A 13 2.25 -2.24 -3.05
C ILE A 13 2.05 -3.75 -3.13
N MET A 14 1.15 -4.24 -2.29
CA MET A 14 0.87 -5.66 -2.20
C MET A 14 -0.54 -5.94 -2.74
N GLY A 15 -0.94 -7.20 -2.80
CA GLY A 15 -2.24 -7.53 -3.28
C GLY A 15 -2.16 -8.49 -4.43
N HIS A 16 -3.03 -9.47 -4.39
CA HIS A 16 -3.19 -10.43 -5.49
C HIS A 16 -3.25 -9.69 -6.83
N VAL A 17 -2.53 -10.26 -7.80
CA VAL A 17 -2.29 -9.63 -9.09
C VAL A 17 -3.58 -9.22 -9.82
N ASP A 18 -4.65 -9.99 -9.66
CA ASP A 18 -5.89 -9.74 -10.39
C ASP A 18 -6.63 -8.53 -9.81
N HIS A 19 -6.29 -8.16 -8.58
CA HIS A 19 -6.93 -7.03 -7.93
C HIS A 19 -6.50 -5.71 -8.57
N GLY A 20 -5.46 -5.79 -9.39
CA GLY A 20 -5.05 -4.66 -10.20
C GLY A 20 -4.17 -3.68 -9.45
N LYS A 21 -3.18 -4.19 -8.72
CA LYS A 21 -2.29 -3.32 -7.95
C LYS A 21 -1.42 -2.49 -8.88
N THR A 22 -1.19 -3.00 -10.08
CA THR A 22 -0.42 -2.29 -11.09
C THR A 22 -1.18 -1.05 -11.57
N THR A 23 -2.51 -1.13 -11.50
CA THR A 23 -3.37 -0.04 -11.94
C THR A 23 -3.23 1.17 -11.01
N LEU A 24 -2.89 0.92 -9.75
CA LEU A 24 -2.65 1.99 -8.79
C LEU A 24 -1.47 2.84 -9.24
N LEU A 25 -0.35 2.20 -9.53
CA LEU A 25 0.85 2.91 -9.95
C LEU A 25 0.69 3.48 -11.36
N ASP A 26 -0.15 2.85 -12.15
CA ASP A 26 -0.49 3.40 -13.47
C ASP A 26 -1.29 4.69 -13.36
N ALA A 27 -2.33 4.67 -12.54
CA ALA A 27 -3.16 5.85 -12.33
C ALA A 27 -2.37 6.94 -11.62
N ILE A 28 -1.44 6.53 -10.77
CA ILE A 28 -0.66 7.45 -9.97
C ILE A 28 0.43 8.12 -10.82
N ARG A 29 0.95 7.38 -11.80
CA ARG A 29 1.99 7.91 -12.69
C ARG A 29 1.37 8.86 -13.69
N HIS A 30 0.14 8.57 -14.03
CA HIS A 30 -0.65 9.40 -14.94
C HIS A 30 -1.28 10.58 -14.20
N SER A 31 -0.81 10.86 -13.00
CA SER A 31 -1.43 11.88 -12.15
C SER A 31 -0.39 12.78 -11.51
N LYS A 32 0.44 12.21 -10.65
CA LYS A 32 1.37 12.97 -9.85
C LYS A 32 2.72 13.07 -10.54
N VAL A 33 3.60 13.92 -10.00
CA VAL A 33 4.94 14.07 -10.54
C VAL A 33 5.81 12.89 -10.15
N THR A 34 6.04 11.99 -11.09
CA THR A 34 6.79 10.79 -10.77
C THR A 34 8.20 10.82 -11.31
N GLU A 35 9.06 10.07 -10.64
CA GLU A 35 10.46 9.95 -11.02
C GLU A 35 10.55 9.30 -12.39
N GLN A 36 10.03 8.09 -12.46
CA GLN A 36 10.06 7.30 -13.67
C GLN A 36 8.66 6.85 -14.04
N GLU A 37 8.46 6.52 -15.29
CA GLU A 37 7.23 5.85 -15.71
C GLU A 37 7.59 4.61 -16.49
N ALA A 38 6.68 3.63 -16.48
CA ALA A 38 6.92 2.33 -17.11
C ALA A 38 7.97 1.57 -16.33
N GLY A 39 8.48 0.49 -16.93
CA GLY A 39 9.48 -0.32 -16.26
C GLY A 39 10.85 -0.16 -16.88
N GLY A 40 10.88 -0.02 -18.20
CA GLY A 40 12.14 0.12 -18.90
C GLY A 40 12.89 -1.18 -19.02
N ILE A 41 13.74 -1.46 -18.04
CA ILE A 41 14.56 -2.66 -18.03
C ILE A 41 13.75 -3.86 -17.57
N THR A 42 12.59 -3.60 -16.97
CA THR A 42 11.72 -4.68 -16.53
C THR A 42 10.31 -4.46 -17.05
N GLN A 43 9.78 -5.47 -17.72
CA GLN A 43 8.45 -5.39 -18.31
C GLN A 43 7.38 -5.68 -17.25
N HIS A 44 7.47 -4.99 -16.13
CA HIS A 44 6.49 -5.16 -15.06
C HIS A 44 6.04 -3.80 -14.54
N ILE A 45 6.73 -2.75 -14.96
CA ILE A 45 6.54 -1.37 -14.48
C ILE A 45 6.48 -1.31 -12.95
N GLY A 46 6.00 -0.19 -12.44
CA GLY A 46 5.76 -0.08 -11.01
C GLY A 46 7.03 0.07 -10.20
N ALA A 47 7.72 1.19 -10.38
CA ALA A 47 8.92 1.48 -9.62
C ALA A 47 9.29 2.95 -9.71
N TYR A 48 8.73 3.76 -8.83
CA TYR A 48 8.94 5.20 -8.88
C TYR A 48 8.50 5.88 -7.58
N GLN A 49 9.01 7.09 -7.38
CA GLN A 49 8.66 7.90 -6.23
C GLN A 49 7.76 9.03 -6.71
N VAL A 50 6.50 8.98 -6.35
CA VAL A 50 5.53 9.91 -6.91
C VAL A 50 5.32 11.11 -6.02
N THR A 51 5.37 12.28 -6.64
CA THR A 51 5.16 13.54 -5.96
C THR A 51 3.70 13.71 -5.55
N VAL A 52 3.42 13.34 -4.32
CA VAL A 52 2.13 13.63 -3.71
C VAL A 52 2.37 14.40 -2.42
N ASN A 53 1.84 15.63 -2.38
CA ASN A 53 2.14 16.59 -1.30
C ASN A 53 3.56 17.10 -1.45
N ASP A 54 4.44 16.18 -1.78
CA ASP A 54 5.85 16.46 -1.97
C ASP A 54 6.48 15.38 -2.84
N LYS A 55 6.47 14.16 -2.30
CA LYS A 55 7.00 12.98 -2.96
C LYS A 55 7.07 11.87 -1.92
N LYS A 56 8.23 11.75 -1.27
CA LYS A 56 8.44 10.88 -0.11
C LYS A 56 8.32 9.39 -0.44
N ILE A 57 7.13 8.97 -0.87
CA ILE A 57 6.83 7.56 -1.06
C ILE A 57 7.66 6.94 -2.18
N THR A 58 8.43 5.93 -1.82
CA THR A 58 9.21 5.17 -2.79
C THR A 58 8.50 3.86 -3.12
N PHE A 59 7.75 3.83 -4.22
CA PHE A 59 7.03 2.63 -4.61
C PHE A 59 7.95 1.65 -5.31
N LEU A 60 8.41 0.65 -4.56
CA LEU A 60 9.29 -0.41 -5.06
C LEU A 60 10.67 0.14 -5.42
N ASP A 61 11.67 -0.29 -4.63
CA ASP A 61 13.05 0.13 -4.88
C ASP A 61 13.64 -0.69 -6.02
N THR A 62 13.37 -1.98 -6.01
CA THR A 62 13.81 -2.87 -7.07
C THR A 62 12.62 -3.61 -7.68
N PRO A 63 12.24 -3.26 -8.91
CA PRO A 63 11.12 -3.88 -9.61
C PRO A 63 11.46 -5.30 -10.12
N GLY A 64 11.79 -6.18 -9.18
CA GLY A 64 12.13 -7.54 -9.53
C GLY A 64 11.34 -8.55 -8.72
N HIS A 65 11.85 -8.89 -7.55
CA HIS A 65 11.20 -9.87 -6.68
C HIS A 65 11.18 -9.41 -5.23
N GLU A 66 11.83 -8.30 -4.94
CA GLU A 66 11.85 -7.77 -3.58
C GLU A 66 10.54 -7.08 -3.24
N ALA A 67 9.67 -7.80 -2.55
CA ALA A 67 8.41 -7.26 -2.09
C ALA A 67 8.37 -7.23 -0.58
N PHE A 68 8.42 -6.02 -0.01
CA PHE A 68 8.54 -5.82 1.43
C PHE A 68 9.91 -6.26 1.92
N THR A 69 10.64 -5.33 2.52
CA THR A 69 11.98 -5.60 3.02
C THR A 69 12.02 -6.88 3.86
N THR A 70 12.85 -7.83 3.44
CA THR A 70 12.99 -9.10 4.14
C THR A 70 13.46 -8.86 5.57
N MET A 71 12.66 -9.31 6.53
CA MET A 71 12.92 -9.06 7.93
C MET A 71 14.12 -9.87 8.44
N ARG A 72 15.18 -9.15 8.78
CA ARG A 72 16.36 -9.76 9.39
C ARG A 72 16.57 -9.17 10.78
N ALA A 73 16.26 -7.89 10.89
CA ALA A 73 16.45 -7.16 12.13
C ALA A 73 15.23 -6.27 12.40
N ARG A 74 14.88 -6.14 13.67
CA ARG A 74 13.71 -5.39 14.08
C ARG A 74 14.00 -3.89 14.09
N GLY A 75 15.26 -3.54 14.36
CA GLY A 75 15.65 -2.15 14.38
C GLY A 75 15.97 -1.60 13.00
N ALA A 76 14.97 -1.63 12.12
CA ALA A 76 15.14 -1.15 10.76
C ALA A 76 14.83 0.33 10.65
N GLN A 77 13.88 0.80 11.47
CA GLN A 77 13.45 2.20 11.50
C GLN A 77 12.67 2.58 10.22
N VAL A 78 13.27 2.35 9.07
CA VAL A 78 12.62 2.61 7.80
C VAL A 78 11.65 1.48 7.45
N THR A 79 10.47 1.54 8.04
CA THR A 79 9.45 0.51 7.85
C THR A 79 8.88 0.59 6.43
N ASP A 80 8.58 -0.57 5.87
CA ASP A 80 7.94 -0.66 4.58
C ASP A 80 6.45 -0.47 4.74
N ILE A 81 5.86 0.40 3.95
CA ILE A 81 4.44 0.68 4.04
C ILE A 81 3.67 -0.27 3.15
N VAL A 82 2.97 -1.23 3.76
CA VAL A 82 2.38 -2.30 3.03
C VAL A 82 1.00 -1.92 2.49
N ILE A 83 0.96 -1.50 1.24
CA ILE A 83 -0.29 -1.16 0.60
C ILE A 83 -0.92 -2.42 0.05
N LEU A 84 -1.78 -3.01 0.84
CA LEU A 84 -2.38 -4.28 0.48
C LEU A 84 -3.63 -4.04 -0.37
N VAL A 85 -3.52 -4.25 -1.67
CA VAL A 85 -4.65 -4.03 -2.56
C VAL A 85 -5.65 -5.17 -2.46
N VAL A 86 -6.91 -4.82 -2.58
CA VAL A 86 -8.02 -5.73 -2.48
C VAL A 86 -9.00 -5.39 -3.59
N ALA A 87 -10.04 -6.17 -3.75
CA ALA A 87 -11.08 -5.85 -4.71
C ALA A 87 -12.44 -6.12 -4.11
N ALA A 88 -13.34 -5.15 -4.25
CA ALA A 88 -14.66 -5.22 -3.64
C ALA A 88 -15.60 -6.13 -4.40
N ASP A 89 -15.06 -7.11 -5.07
CA ASP A 89 -15.87 -8.12 -5.71
C ASP A 89 -15.28 -9.51 -5.45
N ASP A 90 -14.30 -9.56 -4.54
CA ASP A 90 -13.73 -10.83 -4.12
C ASP A 90 -13.38 -10.79 -2.65
N GLY A 91 -12.53 -9.85 -2.29
CA GLY A 91 -12.04 -9.75 -0.93
C GLY A 91 -10.54 -9.93 -0.88
N VAL A 92 -10.11 -11.00 -0.24
CA VAL A 92 -8.70 -11.24 -0.02
C VAL A 92 -8.31 -12.60 -0.60
N MET A 93 -7.54 -12.56 -1.68
CA MET A 93 -7.08 -13.79 -2.33
C MET A 93 -5.75 -14.22 -1.70
N PRO A 94 -5.19 -15.40 -2.07
CA PRO A 94 -3.96 -15.92 -1.48
C PRO A 94 -2.83 -14.89 -1.44
N GLN A 95 -2.52 -14.30 -2.58
CA GLN A 95 -1.47 -13.29 -2.64
C GLN A 95 -1.81 -12.08 -1.76
N THR A 96 -3.09 -11.77 -1.62
CA THR A 96 -3.53 -10.71 -0.72
C THR A 96 -3.19 -11.08 0.73
N VAL A 97 -3.20 -12.37 0.98
CA VAL A 97 -2.92 -12.94 2.28
C VAL A 97 -1.41 -13.05 2.53
N GLU A 98 -0.72 -13.70 1.58
CA GLU A 98 0.71 -13.96 1.68
C GLU A 98 1.52 -12.68 1.90
N ALA A 99 1.04 -11.60 1.32
CA ALA A 99 1.79 -10.35 1.35
C ALA A 99 1.75 -9.78 2.75
N ILE A 100 0.60 -9.92 3.37
CA ILE A 100 0.38 -9.55 4.74
C ILE A 100 1.11 -10.50 5.67
N ASN A 101 1.03 -11.79 5.36
CA ASN A 101 1.77 -12.82 6.08
C ASN A 101 3.25 -12.49 6.11
N HIS A 102 3.74 -11.93 5.01
CA HIS A 102 5.13 -11.54 4.88
C HIS A 102 5.38 -10.20 5.56
N ALA A 103 4.34 -9.37 5.66
CA ALA A 103 4.54 -7.99 6.09
C ALA A 103 4.24 -7.77 7.57
N LYS A 104 3.25 -8.49 8.08
CA LYS A 104 2.69 -8.22 9.40
C LYS A 104 3.73 -8.36 10.52
N ALA A 105 4.74 -9.19 10.32
CA ALA A 105 5.60 -9.59 11.42
C ALA A 105 6.79 -8.67 11.61
N ALA A 106 6.77 -7.53 10.96
CA ALA A 106 7.76 -6.51 11.19
C ALA A 106 7.07 -5.34 11.86
N ASN A 107 5.91 -5.66 12.44
CA ASN A 107 5.06 -4.73 13.18
C ASN A 107 4.80 -3.47 12.39
N VAL A 108 4.64 -3.65 11.09
CA VAL A 108 4.34 -2.53 10.21
C VAL A 108 2.83 -2.40 10.02
N PRO A 109 2.38 -1.20 9.67
CA PRO A 109 1.00 -0.97 9.26
C PRO A 109 0.70 -1.47 7.85
N ILE A 110 -0.55 -1.85 7.68
CA ILE A 110 -1.02 -2.39 6.42
C ILE A 110 -2.16 -1.52 5.88
N ILE A 111 -2.19 -1.34 4.57
CA ILE A 111 -3.22 -0.54 3.93
C ILE A 111 -4.05 -1.44 3.09
N VAL A 112 -5.30 -1.15 2.99
CA VAL A 112 -6.16 -1.88 2.12
C VAL A 112 -6.63 -0.97 1.01
N ALA A 113 -6.54 -1.44 -0.20
CA ALA A 113 -7.05 -0.71 -1.31
C ALA A 113 -8.11 -1.56 -1.96
N ILE A 114 -9.31 -1.41 -1.45
CA ILE A 114 -10.47 -2.12 -1.95
C ILE A 114 -10.84 -1.60 -3.33
N ASN A 115 -10.30 -2.22 -4.37
CA ASN A 115 -10.39 -1.70 -5.72
C ASN A 115 -11.59 -2.30 -6.42
N LYS A 116 -11.95 -1.75 -7.57
CA LYS A 116 -13.11 -2.20 -8.35
C LYS A 116 -14.40 -1.92 -7.58
N MET A 117 -14.29 -1.20 -6.48
CA MET A 117 -15.44 -0.94 -5.62
C MET A 117 -16.35 0.14 -6.24
N ASP A 118 -15.91 0.66 -7.37
CA ASP A 118 -16.71 1.58 -8.16
C ASP A 118 -17.90 0.85 -8.79
N LYS A 119 -17.84 -0.48 -8.76
CA LYS A 119 -18.95 -1.30 -9.24
C LYS A 119 -20.02 -1.40 -8.14
N PRO A 120 -21.10 -2.19 -8.31
CA PRO A 120 -22.14 -2.39 -7.27
C PRO A 120 -21.58 -2.63 -5.86
N GLU A 121 -20.33 -3.10 -5.78
CA GLU A 121 -19.57 -3.31 -4.55
C GLU A 121 -20.17 -4.46 -3.74
N ALA A 122 -19.33 -5.44 -3.50
CA ALA A 122 -19.74 -6.61 -2.74
C ALA A 122 -20.11 -6.23 -1.31
N ASN A 123 -19.08 -5.97 -0.51
CA ASN A 123 -19.28 -5.62 0.90
C ASN A 123 -17.93 -5.37 1.57
N PRO A 124 -17.61 -4.08 1.82
CA PRO A 124 -16.42 -3.68 2.57
C PRO A 124 -16.22 -4.49 3.85
N ASP A 125 -17.14 -4.36 4.82
CA ASP A 125 -17.07 -5.07 6.12
C ASP A 125 -16.69 -6.54 5.97
N ARG A 126 -17.36 -7.23 5.06
CA ARG A 126 -17.06 -8.63 4.80
C ARG A 126 -15.58 -8.79 4.50
N VAL A 127 -15.14 -8.05 3.50
CA VAL A 127 -13.75 -8.03 3.09
C VAL A 127 -12.85 -7.61 4.26
N MET A 128 -13.31 -6.61 4.99
CA MET A 128 -12.56 -6.04 6.10
C MET A 128 -12.36 -7.08 7.22
N GLN A 129 -13.32 -7.98 7.36
CA GLN A 129 -13.23 -9.00 8.39
C GLN A 129 -12.28 -10.11 7.97
N GLU A 130 -12.00 -10.19 6.68
CA GLU A 130 -10.97 -11.11 6.18
C GLU A 130 -9.61 -10.59 6.61
N LEU A 131 -9.46 -9.28 6.64
CA LEU A 131 -8.18 -8.69 7.02
C LEU A 131 -7.96 -8.88 8.49
N MET A 132 -8.99 -8.62 9.25
CA MET A 132 -8.94 -8.83 10.67
C MET A 132 -9.04 -10.31 10.98
N GLU A 133 -9.21 -11.13 9.93
CA GLU A 133 -9.17 -12.56 10.07
C GLU A 133 -7.72 -12.98 10.19
N TYR A 134 -6.85 -12.19 9.56
CA TYR A 134 -5.43 -12.37 9.76
C TYR A 134 -4.95 -11.50 10.92
N ASN A 135 -5.94 -10.94 11.64
CA ASN A 135 -5.73 -10.12 12.83
C ASN A 135 -5.16 -8.77 12.47
N LEU A 136 -5.38 -8.38 11.24
CA LEU A 136 -5.06 -7.05 10.80
C LEU A 136 -6.33 -6.23 10.87
N VAL A 137 -6.65 -5.87 12.09
CA VAL A 137 -7.86 -5.14 12.39
C VAL A 137 -7.81 -3.75 11.80
N PRO A 138 -8.84 -3.40 11.06
CA PRO A 138 -9.04 -2.04 10.54
C PRO A 138 -8.83 -0.98 11.60
N GLU A 139 -8.49 0.19 11.14
CA GLU A 139 -8.25 1.32 12.02
C GLU A 139 -9.59 1.87 12.47
N GLU A 140 -10.58 1.65 11.62
CA GLU A 140 -11.97 1.89 11.96
C GLU A 140 -12.31 1.18 13.26
N TRP A 141 -11.81 -0.05 13.37
CA TRP A 141 -12.18 -0.94 14.47
C TRP A 141 -11.17 -0.87 15.59
N GLY A 142 -9.98 -0.37 15.30
CA GLY A 142 -9.03 -0.08 16.36
C GLY A 142 -7.83 -0.98 16.33
N GLY A 143 -7.52 -1.48 15.14
CA GLY A 143 -6.34 -2.30 14.97
C GLY A 143 -5.17 -1.52 14.44
N ASP A 144 -4.83 -1.76 13.19
CA ASP A 144 -3.72 -1.08 12.54
C ASP A 144 -3.79 -1.22 11.02
N THR A 145 -5.01 -1.33 10.50
CA THR A 145 -5.17 -1.53 9.07
C THR A 145 -6.04 -0.44 8.45
N ILE A 146 -5.48 0.24 7.44
CA ILE A 146 -6.13 1.38 6.80
C ILE A 146 -6.96 0.94 5.60
N PHE A 147 -8.27 0.99 5.74
CA PHE A 147 -9.16 0.53 4.67
C PHE A 147 -9.58 1.66 3.74
N CYS A 148 -9.23 1.54 2.48
CA CYS A 148 -9.63 2.48 1.46
C CYS A 148 -10.49 1.78 0.42
N LYS A 149 -11.77 2.11 0.36
CA LYS A 149 -12.63 1.61 -0.70
C LYS A 149 -12.56 2.59 -1.88
N LEU A 150 -11.61 2.34 -2.75
CA LEU A 150 -11.21 3.30 -3.76
C LEU A 150 -11.45 2.81 -5.18
N SER A 151 -11.10 3.66 -6.12
CA SER A 151 -11.27 3.39 -7.53
C SER A 151 -10.13 4.02 -8.32
N ALA A 152 -9.25 3.18 -8.86
CA ALA A 152 -8.10 3.66 -9.63
C ALA A 152 -8.50 3.96 -11.08
N LYS A 153 -9.61 3.39 -11.52
CA LYS A 153 -10.04 3.55 -12.90
C LYS A 153 -10.73 4.89 -13.09
N THR A 154 -11.71 5.14 -12.24
CA THR A 154 -12.44 6.39 -12.27
C THR A 154 -11.66 7.52 -11.61
N LYS A 155 -10.47 7.15 -11.09
CA LYS A 155 -9.49 8.09 -10.57
C LYS A 155 -10.05 8.88 -9.39
N GLU A 156 -10.68 8.18 -8.46
CA GLU A 156 -11.20 8.80 -7.26
C GLU A 156 -10.35 8.41 -6.05
N GLY A 157 -10.52 7.15 -5.65
CA GLY A 157 -9.87 6.66 -4.46
C GLY A 157 -8.37 6.59 -4.57
N LEU A 158 -7.85 6.62 -5.78
CA LEU A 158 -6.40 6.65 -6.02
C LEU A 158 -5.78 7.83 -5.25
N ASP A 159 -6.42 8.99 -5.38
CA ASP A 159 -5.96 10.19 -4.71
C ASP A 159 -6.25 10.12 -3.21
N HIS A 160 -7.37 9.50 -2.86
CA HIS A 160 -7.74 9.32 -1.45
C HIS A 160 -6.77 8.38 -0.76
N LEU A 161 -6.29 7.39 -1.50
CA LEU A 161 -5.36 6.40 -0.98
C LEU A 161 -4.09 7.07 -0.47
N LEU A 162 -3.47 7.87 -1.33
CA LEU A 162 -2.24 8.58 -0.98
C LEU A 162 -2.43 9.43 0.27
N GLU A 163 -3.61 10.03 0.40
CA GLU A 163 -3.91 10.87 1.56
C GLU A 163 -3.86 10.05 2.84
N MET A 164 -4.35 8.82 2.78
CA MET A 164 -4.36 7.94 3.95
C MET A 164 -2.96 7.44 4.24
N ILE A 165 -2.25 7.03 3.19
CA ILE A 165 -0.87 6.60 3.27
C ILE A 165 -0.02 7.66 3.99
N LEU A 166 -0.06 8.88 3.46
CA LEU A 166 0.72 9.98 4.00
C LEU A 166 0.27 10.36 5.40
N LEU A 167 -1.04 10.41 5.60
CA LEU A 167 -1.61 10.78 6.89
C LEU A 167 -1.00 9.96 8.01
N VAL A 168 -0.88 8.65 7.78
CA VAL A 168 -0.37 7.75 8.79
C VAL A 168 1.15 7.80 8.86
N SER A 169 1.80 7.86 7.70
CA SER A 169 3.26 7.90 7.66
C SER A 169 3.79 9.12 8.42
N GLU A 170 3.00 10.19 8.44
CA GLU A 170 3.39 11.39 9.16
C GLU A 170 2.85 11.35 10.60
N MET A 171 1.67 10.76 10.77
CA MET A 171 1.04 10.66 12.09
C MET A 171 1.90 9.88 13.07
N GLU A 172 2.48 8.78 12.59
CA GLU A 172 3.28 7.88 13.43
C GLU A 172 4.46 8.58 14.09
N GLU A 173 4.82 9.76 13.61
CA GLU A 173 5.84 10.57 14.26
C GLU A 173 5.42 10.84 15.70
N LEU A 174 4.11 11.00 15.89
CA LEU A 174 3.53 11.23 17.20
C LEU A 174 2.77 9.98 17.64
N LYS A 175 2.17 9.31 16.66
CA LYS A 175 1.33 8.14 16.88
C LYS A 175 0.11 8.49 17.72
N ALA A 176 -1.00 8.75 17.04
CA ALA A 176 -2.18 9.31 17.67
C ALA A 176 -3.12 8.21 18.19
N ASN A 177 -2.57 7.28 18.96
CA ASN A 177 -3.38 6.27 19.62
C ASN A 177 -4.09 6.86 20.85
N PRO A 178 -3.37 7.56 21.75
CA PRO A 178 -3.98 8.31 22.82
C PRO A 178 -4.45 9.68 22.35
N GLY A 1 23.20 20.23 -9.40
CA GLY A 1 22.27 20.44 -8.28
C GLY A 1 21.73 19.12 -7.75
N SER A 2 21.10 19.16 -6.58
CA SER A 2 20.65 17.95 -5.90
C SER A 2 19.62 17.17 -6.72
N HIS A 3 20.03 16.01 -7.22
CA HIS A 3 19.12 15.09 -7.86
C HIS A 3 18.73 14.00 -6.87
N MET A 4 17.45 13.96 -6.50
CA MET A 4 17.01 13.03 -5.48
C MET A 4 16.68 11.65 -6.06
N VAL A 5 17.72 10.89 -6.33
CA VAL A 5 17.56 9.51 -6.76
C VAL A 5 17.57 8.59 -5.54
N GLU A 6 16.61 8.81 -4.65
CA GLU A 6 16.57 8.12 -3.36
C GLU A 6 16.31 6.63 -3.53
N ARG A 7 17.23 5.84 -2.99
CA ARG A 7 17.11 4.39 -3.00
C ARG A 7 16.22 3.85 -1.86
N PRO A 8 16.35 4.37 -0.61
CA PRO A 8 15.51 3.95 0.52
C PRO A 8 14.02 3.84 0.17
N PRO A 9 13.41 2.68 0.47
CA PRO A 9 11.99 2.42 0.20
C PRO A 9 11.08 3.12 1.20
N VAL A 10 9.84 3.37 0.78
CA VAL A 10 8.87 4.02 1.64
C VAL A 10 7.53 3.30 1.59
N VAL A 11 6.89 3.31 0.43
CA VAL A 11 5.56 2.71 0.31
C VAL A 11 5.57 1.56 -0.71
N THR A 12 5.39 0.34 -0.22
CA THR A 12 5.40 -0.84 -1.07
C THR A 12 3.96 -1.27 -1.42
N ILE A 13 3.77 -1.72 -2.65
CA ILE A 13 2.46 -2.17 -3.09
C ILE A 13 2.34 -3.69 -2.97
N MET A 14 1.29 -4.14 -2.29
CA MET A 14 1.06 -5.57 -2.08
C MET A 14 -0.39 -5.94 -2.36
N GLY A 15 -0.67 -7.23 -2.23
CA GLY A 15 -2.03 -7.72 -2.35
C GLY A 15 -2.06 -8.99 -3.17
N HIS A 16 -2.28 -8.81 -4.44
CA HIS A 16 -2.25 -9.91 -5.39
C HIS A 16 -2.15 -9.33 -6.80
N VAL A 17 -1.51 -10.08 -7.69
CA VAL A 17 -1.12 -9.58 -9.00
C VAL A 17 -2.30 -9.25 -9.90
N ASP A 18 -3.48 -9.77 -9.58
CA ASP A 18 -4.66 -9.57 -10.42
C ASP A 18 -5.58 -8.49 -9.86
N HIS A 19 -5.36 -8.10 -8.61
CA HIS A 19 -6.21 -7.11 -7.95
C HIS A 19 -6.12 -5.75 -8.63
N GLY A 20 -4.95 -5.43 -9.15
CA GLY A 20 -4.83 -4.23 -9.95
C GLY A 20 -3.76 -3.28 -9.47
N LYS A 21 -2.51 -3.73 -9.47
CA LYS A 21 -1.40 -2.85 -9.16
C LYS A 21 -0.93 -2.15 -10.42
N THR A 22 -1.22 -2.75 -11.56
CA THR A 22 -0.88 -2.19 -12.85
C THR A 22 -1.75 -0.96 -13.15
N THR A 23 -3.01 -1.03 -12.78
CA THR A 23 -3.93 0.08 -12.97
C THR A 23 -3.71 1.13 -11.89
N LEU A 24 -3.16 0.68 -10.75
CA LEU A 24 -2.79 1.59 -9.67
C LEU A 24 -1.70 2.52 -10.17
N LEU A 25 -0.68 1.95 -10.80
CA LEU A 25 0.37 2.74 -11.41
C LEU A 25 -0.18 3.55 -12.58
N ASP A 26 -1.11 2.97 -13.33
CA ASP A 26 -1.70 3.65 -14.49
C ASP A 26 -2.28 5.01 -14.11
N ALA A 27 -3.23 5.01 -13.18
CA ALA A 27 -3.87 6.24 -12.74
C ALA A 27 -2.91 7.13 -11.98
N ILE A 28 -1.89 6.52 -11.39
CA ILE A 28 -0.91 7.26 -10.63
C ILE A 28 0.09 7.95 -11.57
N ARG A 29 0.23 7.40 -12.78
CA ARG A 29 0.97 8.08 -13.85
C ARG A 29 0.13 9.20 -14.41
N HIS A 30 -1.18 9.04 -14.31
CA HIS A 30 -2.14 10.05 -14.74
C HIS A 30 -2.16 11.18 -13.71
N SER A 31 -1.25 11.10 -12.74
CA SER A 31 -1.09 12.12 -11.74
C SER A 31 0.38 12.25 -11.36
N LYS A 32 1.23 12.16 -12.38
CA LYS A 32 2.68 12.20 -12.20
C LYS A 32 3.15 13.57 -11.73
N VAL A 33 4.34 13.61 -11.13
CA VAL A 33 4.87 14.81 -10.48
C VAL A 33 6.37 14.74 -10.23
N THR A 34 6.84 13.63 -9.67
CA THR A 34 8.21 13.56 -9.13
C THR A 34 8.93 12.28 -9.55
N GLU A 35 8.24 11.44 -10.29
CA GLU A 35 8.77 10.14 -10.73
C GLU A 35 10.16 10.24 -11.34
N GLN A 36 10.86 9.14 -11.24
CA GLN A 36 12.26 9.08 -11.67
C GLN A 36 12.49 7.82 -12.48
N GLU A 37 13.68 7.24 -12.38
CA GLU A 37 13.95 5.94 -12.97
C GLU A 37 12.94 4.94 -12.44
N ALA A 38 12.51 5.18 -11.19
CA ALA A 38 11.34 4.52 -10.66
C ALA A 38 10.09 5.04 -11.38
N GLY A 39 9.90 4.55 -12.58
CA GLY A 39 8.72 4.87 -13.36
C GLY A 39 8.44 3.82 -14.39
N GLY A 40 8.94 2.63 -14.11
CA GLY A 40 8.81 1.53 -15.05
C GLY A 40 9.77 1.64 -16.21
N ILE A 41 10.86 2.36 -16.00
CA ILE A 41 11.86 2.55 -17.05
C ILE A 41 12.74 1.31 -17.16
N THR A 42 13.49 1.04 -16.11
CA THR A 42 14.35 -0.13 -16.06
C THR A 42 14.22 -0.82 -14.71
N GLN A 43 14.32 -2.14 -14.69
CA GLN A 43 14.13 -2.91 -13.48
C GLN A 43 15.38 -2.86 -12.59
N HIS A 44 15.62 -1.70 -12.00
CA HIS A 44 16.69 -1.50 -11.02
C HIS A 44 16.20 -0.58 -9.91
N ILE A 45 14.90 -0.62 -9.68
CA ILE A 45 14.25 0.32 -8.78
C ILE A 45 12.80 -0.12 -8.55
N GLY A 46 11.98 0.74 -8.00
CA GLY A 46 10.61 0.39 -7.71
C GLY A 46 9.68 0.67 -8.86
N ALA A 47 8.74 1.56 -8.65
CA ALA A 47 7.72 1.87 -9.65
C ALA A 47 7.52 3.38 -9.81
N TYR A 48 7.66 4.12 -8.72
CA TYR A 48 7.37 5.55 -8.73
C TYR A 48 7.94 6.22 -7.50
N GLN A 49 8.06 7.52 -7.57
CA GLN A 49 8.39 8.34 -6.42
C GLN A 49 7.49 9.56 -6.41
N VAL A 50 6.44 9.48 -5.62
CA VAL A 50 5.40 10.51 -5.62
C VAL A 50 5.64 11.50 -4.50
N THR A 51 5.07 12.67 -4.67
CA THR A 51 5.25 13.76 -3.74
C THR A 51 3.90 14.33 -3.29
N VAL A 52 3.44 13.88 -2.13
CA VAL A 52 2.25 14.42 -1.50
C VAL A 52 2.65 15.00 -0.16
N ASN A 53 2.28 16.27 0.09
CA ASN A 53 2.65 16.98 1.32
C ASN A 53 4.15 17.20 1.32
N ASP A 54 4.69 16.87 0.16
CA ASP A 54 6.12 16.91 -0.15
C ASP A 54 6.94 16.22 0.93
N LYS A 55 6.47 15.05 1.33
CA LYS A 55 7.23 14.20 2.24
C LYS A 55 8.16 13.31 1.42
N LYS A 56 7.65 12.13 1.05
CA LYS A 56 8.34 11.21 0.15
C LYS A 56 7.54 9.92 0.00
N ILE A 57 7.32 9.48 -1.23
CA ILE A 57 6.66 8.21 -1.47
C ILE A 57 7.41 7.38 -2.50
N THR A 58 8.32 6.55 -2.04
CA THR A 58 9.01 5.61 -2.92
C THR A 58 8.15 4.36 -3.11
N PHE A 59 7.43 4.31 -4.22
CA PHE A 59 6.54 3.19 -4.50
C PHE A 59 7.31 1.99 -5.02
N LEU A 60 7.06 0.84 -4.42
CA LEU A 60 7.65 -0.41 -4.86
C LEU A 60 6.56 -1.35 -5.37
N ASP A 61 6.46 -1.49 -6.69
CA ASP A 61 5.54 -2.45 -7.29
C ASP A 61 6.09 -3.86 -7.09
N THR A 62 7.32 -4.05 -7.54
CA THR A 62 8.05 -5.28 -7.28
C THR A 62 8.99 -5.08 -6.09
N PRO A 63 8.65 -5.67 -4.92
CA PRO A 63 9.41 -5.48 -3.69
C PRO A 63 10.70 -6.30 -3.65
N GLY A 64 11.49 -6.21 -4.72
CA GLY A 64 12.75 -6.93 -4.79
C GLY A 64 12.57 -8.42 -4.94
N HIS A 65 12.32 -9.10 -3.84
CA HIS A 65 12.16 -10.56 -3.82
C HIS A 65 11.42 -11.01 -2.58
N GLU A 66 10.71 -12.11 -2.70
CA GLU A 66 10.05 -12.76 -1.56
C GLU A 66 9.00 -11.87 -0.90
N ALA A 67 8.39 -11.01 -1.71
CA ALA A 67 7.28 -10.16 -1.27
C ALA A 67 7.62 -9.32 -0.05
N PHE A 68 8.80 -8.69 -0.06
CA PHE A 68 9.19 -7.76 1.01
C PHE A 68 10.57 -7.21 0.73
N THR A 69 10.80 -5.96 1.08
CA THR A 69 12.13 -5.40 1.05
C THR A 69 12.94 -5.98 2.21
N THR A 70 13.38 -7.22 2.05
CA THR A 70 14.12 -7.92 3.09
C THR A 70 15.38 -7.16 3.47
N MET A 71 15.30 -6.43 4.57
CA MET A 71 16.40 -5.56 5.00
C MET A 71 17.00 -6.08 6.29
N ARG A 72 16.90 -7.40 6.48
CA ARG A 72 17.43 -8.08 7.67
C ARG A 72 16.65 -7.64 8.91
N ALA A 73 17.09 -8.13 10.07
CA ALA A 73 16.50 -7.79 11.36
C ALA A 73 15.10 -8.37 11.52
N ARG A 74 14.57 -8.31 12.73
CA ARG A 74 13.25 -8.84 13.02
C ARG A 74 12.48 -7.86 13.91
N GLY A 75 12.01 -6.78 13.31
CA GLY A 75 11.24 -5.81 14.05
C GLY A 75 12.11 -4.70 14.63
N ALA A 76 11.75 -3.46 14.33
CA ALA A 76 12.46 -2.29 14.84
C ALA A 76 11.71 -1.02 14.47
N GLN A 77 11.94 -0.55 13.25
CA GLN A 77 11.25 0.61 12.72
C GLN A 77 11.12 0.48 11.21
N VAL A 78 10.59 -0.66 10.77
CA VAL A 78 10.49 -0.95 9.36
C VAL A 78 9.37 -0.15 8.71
N THR A 79 9.70 1.03 8.21
CA THR A 79 8.75 1.85 7.48
C THR A 79 8.67 1.39 6.03
N ASP A 80 8.17 0.17 5.85
CA ASP A 80 7.93 -0.39 4.54
C ASP A 80 6.42 -0.51 4.38
N ILE A 81 5.80 0.61 3.99
CA ILE A 81 4.35 0.72 3.94
C ILE A 81 3.72 -0.44 3.18
N VAL A 82 2.91 -1.23 3.87
CA VAL A 82 2.26 -2.35 3.26
C VAL A 82 0.92 -1.95 2.67
N ILE A 83 0.93 -1.50 1.43
CA ILE A 83 -0.32 -1.22 0.75
C ILE A 83 -0.95 -2.51 0.33
N LEU A 84 -1.96 -2.90 1.05
CA LEU A 84 -2.62 -4.17 0.81
C LEU A 84 -3.77 -4.00 -0.17
N VAL A 85 -3.49 -4.20 -1.44
CA VAL A 85 -4.50 -4.05 -2.48
C VAL A 85 -5.39 -5.29 -2.57
N VAL A 86 -6.69 -5.05 -2.54
CA VAL A 86 -7.70 -6.09 -2.73
C VAL A 86 -8.69 -5.61 -3.76
N ALA A 87 -9.83 -6.27 -3.87
CA ALA A 87 -10.85 -5.82 -4.80
C ALA A 87 -12.25 -5.93 -4.20
N ALA A 88 -13.09 -4.95 -4.54
CA ALA A 88 -14.47 -4.85 -4.06
C ALA A 88 -15.15 -6.21 -3.92
N ASP A 89 -15.22 -6.93 -5.02
CA ASP A 89 -15.96 -8.19 -5.06
C ASP A 89 -15.03 -9.40 -5.02
N ASP A 90 -13.80 -9.19 -4.56
CA ASP A 90 -12.84 -10.29 -4.48
C ASP A 90 -12.51 -10.60 -3.04
N GLY A 91 -12.13 -9.57 -2.30
CA GLY A 91 -11.66 -9.75 -0.96
C GLY A 91 -10.19 -10.10 -0.94
N VAL A 92 -9.82 -11.03 -0.09
CA VAL A 92 -8.46 -11.44 0.08
C VAL A 92 -8.14 -12.70 -0.74
N MET A 93 -7.26 -12.56 -1.72
CA MET A 93 -6.73 -13.72 -2.45
C MET A 93 -5.64 -14.39 -1.62
N PRO A 94 -5.22 -15.61 -2.00
CA PRO A 94 -4.13 -16.32 -1.31
C PRO A 94 -2.91 -15.43 -1.04
N GLN A 95 -2.50 -14.68 -2.05
CA GLN A 95 -1.32 -13.86 -1.94
C GLN A 95 -1.57 -12.65 -1.04
N THR A 96 -2.84 -12.28 -0.89
CA THR A 96 -3.21 -11.17 -0.04
C THR A 96 -2.85 -11.47 1.42
N VAL A 97 -2.87 -12.74 1.79
CA VAL A 97 -2.52 -13.17 3.13
C VAL A 97 -1.01 -13.31 3.28
N GLU A 98 -0.39 -13.97 2.31
CA GLU A 98 1.03 -14.29 2.37
C GLU A 98 1.88 -13.05 2.11
N ALA A 99 1.21 -11.93 1.92
CA ALA A 99 1.87 -10.64 1.84
C ALA A 99 1.76 -9.97 3.19
N ILE A 100 0.59 -10.10 3.80
CA ILE A 100 0.31 -9.50 5.09
C ILE A 100 1.03 -10.24 6.22
N ASN A 101 0.79 -11.54 6.31
CA ASN A 101 1.49 -12.42 7.23
C ASN A 101 2.99 -12.26 7.10
N HIS A 102 3.44 -11.92 5.90
CA HIS A 102 4.84 -11.70 5.64
C HIS A 102 5.26 -10.30 6.04
N ALA A 103 4.32 -9.37 5.98
CA ALA A 103 4.62 -7.96 6.18
C ALA A 103 4.47 -7.53 7.63
N LYS A 104 3.27 -7.73 8.17
CA LYS A 104 2.86 -7.07 9.40
C LYS A 104 3.71 -7.49 10.61
N ALA A 105 4.35 -8.64 10.50
CA ALA A 105 5.13 -9.18 11.62
C ALA A 105 6.47 -8.46 11.74
N ALA A 106 6.69 -7.45 10.92
CA ALA A 106 7.91 -6.68 10.97
C ALA A 106 7.67 -5.39 11.74
N ASN A 107 6.44 -5.27 12.25
CA ASN A 107 6.02 -4.15 13.09
C ASN A 107 5.68 -2.97 12.22
N VAL A 108 4.87 -3.26 11.22
CA VAL A 108 4.50 -2.28 10.20
C VAL A 108 3.00 -2.34 9.93
N PRO A 109 2.39 -1.17 9.69
CA PRO A 109 0.98 -1.07 9.31
C PRO A 109 0.66 -1.54 7.89
N ILE A 110 -0.61 -1.84 7.70
CA ILE A 110 -1.11 -2.38 6.43
C ILE A 110 -2.26 -1.50 5.92
N ILE A 111 -2.39 -1.36 4.59
CA ILE A 111 -3.39 -0.45 4.03
C ILE A 111 -4.19 -1.12 2.94
N VAL A 112 -5.43 -1.41 3.24
CA VAL A 112 -6.28 -2.04 2.27
C VAL A 112 -6.65 -1.07 1.18
N ALA A 113 -6.55 -1.54 -0.03
CA ALA A 113 -6.97 -0.81 -1.17
C ALA A 113 -7.97 -1.65 -1.92
N ILE A 114 -9.22 -1.50 -1.55
CA ILE A 114 -10.30 -2.23 -2.16
C ILE A 114 -10.55 -1.71 -3.56
N ASN A 115 -9.90 -2.33 -4.54
CA ASN A 115 -9.89 -1.81 -5.91
C ASN A 115 -11.08 -2.38 -6.68
N LYS A 116 -11.32 -1.83 -7.86
CA LYS A 116 -12.45 -2.23 -8.69
C LYS A 116 -13.75 -1.92 -7.97
N MET A 117 -13.66 -1.02 -7.00
CA MET A 117 -14.80 -0.54 -6.31
C MET A 117 -15.29 0.76 -6.97
N ASP A 118 -15.72 0.59 -8.19
CA ASP A 118 -16.39 1.65 -8.94
C ASP A 118 -17.88 1.51 -8.75
N LYS A 119 -18.27 0.39 -8.15
CA LYS A 119 -19.64 0.16 -7.75
C LYS A 119 -19.86 0.80 -6.40
N PRO A 120 -21.10 0.86 -5.89
CA PRO A 120 -21.36 1.38 -4.55
C PRO A 120 -20.49 0.69 -3.50
N GLU A 121 -20.52 -0.66 -3.53
CA GLU A 121 -19.82 -1.50 -2.58
C GLU A 121 -20.38 -2.91 -2.64
N ALA A 122 -19.54 -3.85 -3.04
CA ALA A 122 -19.90 -5.26 -3.05
C ALA A 122 -20.29 -5.70 -1.64
N ASN A 123 -19.35 -5.54 -0.71
CA ASN A 123 -19.61 -5.72 0.72
C ASN A 123 -18.30 -5.60 1.50
N PRO A 124 -17.82 -4.36 1.73
CA PRO A 124 -16.71 -4.04 2.61
C PRO A 124 -16.59 -4.97 3.83
N ASP A 125 -17.60 -4.97 4.71
CA ASP A 125 -17.59 -5.76 5.95
C ASP A 125 -17.05 -7.17 5.73
N ARG A 126 -17.63 -7.89 4.79
CA ARG A 126 -17.19 -9.24 4.45
C ARG A 126 -15.68 -9.27 4.22
N VAL A 127 -15.27 -8.48 3.25
CA VAL A 127 -13.85 -8.33 2.90
C VAL A 127 -13.04 -7.92 4.12
N MET A 128 -13.52 -6.91 4.83
CA MET A 128 -12.82 -6.35 5.98
C MET A 128 -12.67 -7.39 7.09
N GLN A 129 -13.64 -8.30 7.19
CA GLN A 129 -13.61 -9.31 8.21
C GLN A 129 -12.61 -10.41 7.86
N GLU A 130 -12.21 -10.48 6.60
CA GLU A 130 -11.13 -11.38 6.22
C GLU A 130 -9.83 -10.79 6.70
N LEU A 131 -9.72 -9.48 6.65
CA LEU A 131 -8.48 -8.83 7.05
C LEU A 131 -8.31 -8.97 8.54
N MET A 132 -9.40 -8.76 9.26
CA MET A 132 -9.35 -8.93 10.69
C MET A 132 -9.31 -10.40 11.04
N GLU A 133 -9.51 -11.26 10.03
CA GLU A 133 -9.33 -12.68 10.20
C GLU A 133 -7.84 -12.98 10.26
N TYR A 134 -7.03 -12.19 9.55
CA TYR A 134 -5.60 -12.33 9.65
C TYR A 134 -5.10 -11.42 10.77
N ASN A 135 -6.07 -10.78 11.41
CA ASN A 135 -5.90 -10.04 12.66
C ASN A 135 -5.21 -8.72 12.42
N LEU A 136 -5.43 -8.19 11.23
CA LEU A 136 -5.05 -6.84 10.94
C LEU A 136 -6.33 -6.01 10.93
N VAL A 137 -6.79 -5.78 12.14
CA VAL A 137 -8.08 -5.15 12.36
C VAL A 137 -8.09 -3.77 11.75
N PRO A 138 -9.13 -3.46 10.99
CA PRO A 138 -9.35 -2.13 10.45
C PRO A 138 -9.19 -1.05 11.50
N GLU A 139 -8.86 0.13 11.03
CA GLU A 139 -8.65 1.28 11.88
C GLU A 139 -10.01 1.82 12.28
N GLU A 140 -10.99 1.51 11.45
CA GLU A 140 -12.40 1.70 11.77
C GLU A 140 -12.71 0.98 13.06
N TRP A 141 -12.15 -0.22 13.19
CA TRP A 141 -12.48 -1.12 14.28
C TRP A 141 -11.46 -0.98 15.41
N GLY A 142 -10.28 -0.46 15.10
CA GLY A 142 -9.33 -0.12 16.14
C GLY A 142 -8.16 -1.07 16.18
N GLY A 143 -7.82 -1.61 15.02
CA GLY A 143 -6.69 -2.49 14.91
C GLY A 143 -5.45 -1.80 14.40
N ASP A 144 -5.01 -2.18 13.21
CA ASP A 144 -3.78 -1.66 12.65
C ASP A 144 -3.86 -1.55 11.12
N THR A 145 -5.07 -1.42 10.57
CA THR A 145 -5.19 -1.45 9.12
C THR A 145 -6.13 -0.38 8.57
N ILE A 146 -5.61 0.39 7.61
CA ILE A 146 -6.37 1.45 6.96
C ILE A 146 -7.15 0.88 5.78
N PHE A 147 -8.48 0.93 5.86
CA PHE A 147 -9.34 0.43 4.80
C PHE A 147 -9.78 1.53 3.85
N CYS A 148 -9.49 1.36 2.58
CA CYS A 148 -9.95 2.27 1.55
C CYS A 148 -10.68 1.52 0.47
N LYS A 149 -11.84 2.02 0.06
CA LYS A 149 -12.51 1.47 -1.10
C LYS A 149 -12.25 2.39 -2.29
N LEU A 150 -11.70 1.84 -3.35
CA LEU A 150 -11.29 2.66 -4.47
C LEU A 150 -11.45 1.99 -5.82
N SER A 151 -11.18 2.78 -6.84
CA SER A 151 -11.05 2.31 -8.19
C SER A 151 -9.99 3.13 -8.91
N ALA A 152 -8.89 2.49 -9.29
CA ALA A 152 -7.82 3.17 -10.00
C ALA A 152 -8.28 3.61 -11.39
N LYS A 153 -9.36 3.01 -11.85
CA LYS A 153 -9.92 3.31 -13.15
C LYS A 153 -10.57 4.68 -13.13
N THR A 154 -11.43 4.87 -12.15
CA THR A 154 -12.15 6.12 -11.99
C THR A 154 -11.30 7.18 -11.28
N LYS A 155 -10.11 6.77 -10.82
CA LYS A 155 -9.12 7.67 -10.21
C LYS A 155 -9.49 8.02 -8.75
N GLU A 156 -10.79 8.04 -8.47
CA GLU A 156 -11.34 8.49 -7.19
C GLU A 156 -10.53 8.03 -5.98
N GLY A 157 -10.58 6.73 -5.74
CA GLY A 157 -10.00 6.17 -4.54
C GLY A 157 -8.48 6.28 -4.48
N LEU A 158 -7.83 6.43 -5.62
CA LEU A 158 -6.37 6.52 -5.65
C LEU A 158 -5.92 7.81 -4.98
N ASP A 159 -6.65 8.89 -5.23
CA ASP A 159 -6.35 10.16 -4.59
C ASP A 159 -6.57 10.05 -3.09
N HIS A 160 -7.62 9.35 -2.68
CA HIS A 160 -7.88 9.11 -1.27
C HIS A 160 -6.82 8.18 -0.66
N LEU A 161 -6.29 7.29 -1.50
CA LEU A 161 -5.27 6.35 -1.06
C LEU A 161 -4.01 7.08 -0.60
N LEU A 162 -3.50 7.96 -1.45
CA LEU A 162 -2.34 8.77 -1.14
C LEU A 162 -2.52 9.50 0.19
N GLU A 163 -3.74 10.03 0.39
CA GLU A 163 -4.06 10.75 1.63
C GLU A 163 -3.80 9.88 2.85
N MET A 164 -4.24 8.63 2.77
CA MET A 164 -4.13 7.70 3.88
C MET A 164 -2.70 7.20 4.03
N ILE A 165 -2.01 7.09 2.91
CA ILE A 165 -0.62 6.66 2.89
C ILE A 165 0.25 7.59 3.75
N LEU A 166 0.23 8.89 3.43
CA LEU A 166 0.95 9.89 4.20
C LEU A 166 0.50 9.90 5.64
N LEU A 167 -0.82 9.79 5.84
CA LEU A 167 -1.40 9.76 7.17
C LEU A 167 -0.75 8.67 8.02
N VAL A 168 -0.52 7.52 7.40
CA VAL A 168 0.07 6.39 8.09
C VAL A 168 1.55 6.61 8.33
N SER A 169 2.25 7.15 7.34
CA SER A 169 3.68 7.37 7.45
C SER A 169 3.98 8.34 8.60
N GLU A 170 3.09 9.29 8.84
CA GLU A 170 3.24 10.21 9.95
C GLU A 170 2.61 9.62 11.22
N MET A 171 1.62 8.74 11.02
CA MET A 171 0.96 8.05 12.13
C MET A 171 1.96 7.19 12.88
N GLU A 172 2.81 6.50 12.12
CA GLU A 172 3.90 5.70 12.68
C GLU A 172 4.63 6.45 13.79
N GLU A 173 4.94 7.72 13.54
CA GLU A 173 5.63 8.54 14.52
C GLU A 173 4.65 9.12 15.52
N LEU A 174 3.50 9.57 15.02
CA LEU A 174 2.47 10.22 15.83
C LEU A 174 1.98 9.31 16.96
N LYS A 175 1.25 8.28 16.59
CA LYS A 175 0.70 7.35 17.58
C LYS A 175 0.43 6.00 16.95
N ALA A 176 1.37 5.08 17.11
CA ALA A 176 1.22 3.73 16.63
C ALA A 176 0.97 2.79 17.80
N ASN A 177 -0.01 1.92 17.68
CA ASN A 177 -0.39 1.05 18.78
C ASN A 177 0.49 -0.21 18.83
N PRO A 178 1.25 -0.36 19.92
CA PRO A 178 2.11 -1.53 20.14
C PRO A 178 1.32 -2.73 20.65
N GLY A 1 24.36 10.53 2.59
CA GLY A 1 24.18 11.99 2.52
C GLY A 1 23.44 12.54 3.72
N SER A 2 22.13 12.66 3.60
CA SER A 2 21.30 13.21 4.67
C SER A 2 21.15 12.20 5.80
N HIS A 3 21.36 12.67 7.03
CA HIS A 3 21.28 11.80 8.20
C HIS A 3 19.90 11.89 8.86
N MET A 4 19.03 12.71 8.29
CA MET A 4 17.67 12.86 8.80
C MET A 4 16.79 11.73 8.26
N VAL A 5 16.82 10.60 8.96
CA VAL A 5 16.09 9.40 8.56
C VAL A 5 16.58 8.90 7.20
N GLU A 6 17.65 8.12 7.22
CA GLU A 6 18.26 7.63 6.00
C GLU A 6 17.72 6.24 5.64
N ARG A 7 16.51 5.96 6.10
CA ARG A 7 15.79 4.76 5.71
C ARG A 7 14.40 5.13 5.25
N PRO A 8 14.20 5.21 3.92
CA PRO A 8 12.89 5.50 3.34
C PRO A 8 11.92 4.34 3.54
N PRO A 9 10.81 4.58 4.23
CA PRO A 9 9.77 3.58 4.44
C PRO A 9 9.11 3.21 3.11
N VAL A 10 9.61 2.17 2.48
CA VAL A 10 9.13 1.77 1.17
C VAL A 10 7.66 1.38 1.21
N VAL A 11 6.82 2.24 0.67
CA VAL A 11 5.41 1.98 0.58
C VAL A 11 5.17 0.91 -0.47
N THR A 12 5.19 -0.33 -0.02
CA THR A 12 5.17 -1.49 -0.87
C THR A 12 3.75 -1.82 -1.33
N ILE A 13 3.53 -1.84 -2.63
CA ILE A 13 2.22 -2.19 -3.16
C ILE A 13 2.15 -3.69 -3.38
N MET A 14 1.28 -4.33 -2.62
CA MET A 14 1.18 -5.78 -2.67
C MET A 14 -0.27 -6.26 -2.61
N GLY A 15 -0.46 -7.53 -2.89
CA GLY A 15 -1.77 -8.14 -2.82
C GLY A 15 -1.89 -9.24 -3.85
N HIS A 16 -2.46 -8.89 -4.99
CA HIS A 16 -2.59 -9.80 -6.11
C HIS A 16 -2.87 -8.97 -7.37
N VAL A 17 -2.41 -9.49 -8.51
CA VAL A 17 -2.36 -8.73 -9.76
C VAL A 17 -3.74 -8.34 -10.28
N ASP A 18 -4.76 -9.12 -9.95
CA ASP A 18 -6.12 -8.86 -10.46
C ASP A 18 -6.82 -7.78 -9.66
N HIS A 19 -6.37 -7.57 -8.43
CA HIS A 19 -6.99 -6.60 -7.56
C HIS A 19 -6.70 -5.18 -8.03
N GLY A 20 -5.43 -4.83 -8.07
CA GLY A 20 -5.03 -3.52 -8.54
C GLY A 20 -3.59 -3.20 -8.23
N LYS A 21 -2.69 -4.04 -8.72
CA LYS A 21 -1.26 -3.84 -8.47
C LYS A 21 -0.68 -2.92 -9.53
N THR A 22 -0.52 -3.46 -10.72
CA THR A 22 0.10 -2.76 -11.83
C THR A 22 -0.82 -1.66 -12.36
N THR A 23 -2.12 -1.83 -12.19
CA THR A 23 -3.08 -0.83 -12.64
C THR A 23 -3.10 0.35 -11.67
N LEU A 24 -2.59 0.13 -10.46
CA LEU A 24 -2.46 1.22 -9.49
C LEU A 24 -1.35 2.14 -9.98
N LEU A 25 -0.25 1.52 -10.41
CA LEU A 25 0.89 2.25 -10.95
C LEU A 25 0.48 3.00 -12.22
N ASP A 26 -0.32 2.35 -13.06
CA ASP A 26 -0.82 2.97 -14.30
C ASP A 26 -1.71 4.18 -13.99
N ALA A 27 -2.71 3.99 -13.15
CA ALA A 27 -3.63 5.08 -12.79
C ALA A 27 -2.89 6.22 -12.10
N ILE A 28 -1.98 5.85 -11.22
CA ILE A 28 -1.15 6.80 -10.50
C ILE A 28 -0.22 7.51 -11.48
N ARG A 29 0.15 6.81 -12.54
CA ARG A 29 0.97 7.35 -13.61
C ARG A 29 0.18 8.37 -14.41
N HIS A 30 -1.12 8.14 -14.53
CA HIS A 30 -2.02 9.08 -15.17
C HIS A 30 -2.05 10.38 -14.37
N SER A 31 -1.82 10.24 -13.08
CA SER A 31 -1.77 11.37 -12.17
C SER A 31 -0.36 11.96 -12.11
N LYS A 32 0.49 11.53 -13.05
CA LYS A 32 1.83 12.06 -13.22
C LYS A 32 2.66 11.92 -11.94
N VAL A 33 3.31 13.02 -11.55
CA VAL A 33 4.07 13.14 -10.28
C VAL A 33 5.06 12.00 -10.05
N THR A 34 5.42 11.30 -11.10
CA THR A 34 6.24 10.11 -10.95
C THR A 34 7.70 10.39 -11.32
N GLU A 35 8.58 10.10 -10.36
CA GLU A 35 10.02 10.20 -10.58
C GLU A 35 10.49 9.04 -11.44
N GLN A 36 10.06 7.85 -11.06
CA GLN A 36 10.37 6.66 -11.83
C GLN A 36 9.18 6.35 -12.73
N GLU A 37 9.45 6.21 -14.03
CA GLU A 37 8.38 6.13 -15.03
C GLU A 37 7.33 5.07 -14.68
N ALA A 38 7.75 3.82 -14.68
CA ALA A 38 6.84 2.71 -14.42
C ALA A 38 7.58 1.53 -13.81
N GLY A 39 6.83 0.52 -13.41
CA GLY A 39 7.43 -0.67 -12.81
C GLY A 39 7.04 -1.92 -13.55
N GLY A 40 8.04 -2.70 -13.96
CA GLY A 40 7.78 -3.89 -14.72
C GLY A 40 8.75 -5.01 -14.40
N ILE A 41 8.92 -5.93 -15.34
CA ILE A 41 9.80 -7.08 -15.15
C ILE A 41 11.22 -6.75 -15.63
N THR A 42 11.33 -5.83 -16.56
CA THR A 42 12.60 -5.40 -17.09
C THR A 42 13.42 -4.69 -16.01
N GLN A 43 14.74 -4.76 -16.13
CA GLN A 43 15.63 -4.13 -15.16
C GLN A 43 15.61 -2.61 -15.28
N HIS A 44 16.38 -1.95 -14.43
CA HIS A 44 16.49 -0.47 -14.38
C HIS A 44 15.29 0.13 -13.67
N ILE A 45 14.12 -0.44 -13.89
CA ILE A 45 12.91 0.02 -13.23
C ILE A 45 12.24 -1.12 -12.46
N GLY A 46 11.09 -0.83 -11.87
CA GLY A 46 10.38 -1.82 -11.08
C GLY A 46 9.50 -1.16 -10.05
N ALA A 47 10.08 -0.26 -9.28
CA ALA A 47 9.32 0.54 -8.34
C ALA A 47 9.43 2.01 -8.73
N TYR A 48 8.66 2.86 -8.09
CA TYR A 48 8.59 4.26 -8.48
C TYR A 48 8.34 5.17 -7.30
N GLN A 49 8.96 6.33 -7.35
CA GLN A 49 8.77 7.35 -6.31
C GLN A 49 7.88 8.46 -6.85
N VAL A 50 6.90 8.88 -6.06
CA VAL A 50 5.97 9.89 -6.49
C VAL A 50 6.16 11.19 -5.72
N THR A 51 5.81 12.29 -6.35
CA THR A 51 5.82 13.57 -5.70
C THR A 51 4.41 14.06 -5.46
N VAL A 52 3.81 13.54 -4.41
CA VAL A 52 2.49 13.97 -3.96
C VAL A 52 2.63 14.49 -2.55
N ASN A 53 2.21 15.75 -2.33
CA ASN A 53 2.38 16.42 -1.02
C ASN A 53 3.85 16.73 -0.80
N ASP A 54 4.64 16.17 -1.69
CA ASP A 54 6.11 16.19 -1.65
C ASP A 54 6.59 15.35 -0.48
N LYS A 55 5.86 14.27 -0.23
CA LYS A 55 6.23 13.35 0.83
C LYS A 55 7.26 12.36 0.28
N LYS A 56 7.44 12.42 -1.04
CA LYS A 56 8.44 11.63 -1.76
C LYS A 56 8.22 10.14 -1.53
N ILE A 57 6.96 9.72 -1.62
CA ILE A 57 6.58 8.35 -1.34
C ILE A 57 7.24 7.38 -2.33
N THR A 58 8.03 6.47 -1.78
CA THR A 58 8.63 5.42 -2.58
C THR A 58 7.70 4.22 -2.67
N PHE A 59 7.07 4.04 -3.83
CA PHE A 59 6.15 2.94 -4.02
C PHE A 59 6.89 1.71 -4.50
N LEU A 60 7.00 0.72 -3.64
CA LEU A 60 7.68 -0.51 -3.98
C LEU A 60 6.68 -1.50 -4.56
N ASP A 61 6.39 -1.34 -5.85
CA ASP A 61 5.49 -2.25 -6.56
C ASP A 61 6.22 -3.55 -6.86
N THR A 62 5.50 -4.66 -6.75
CA THR A 62 6.09 -5.99 -6.96
C THR A 62 6.57 -6.16 -8.40
N PRO A 63 7.91 -6.19 -8.60
CA PRO A 63 8.50 -6.27 -9.93
C PRO A 63 8.87 -7.70 -10.33
N GLY A 64 8.55 -8.67 -9.47
CA GLY A 64 8.88 -10.04 -9.76
C GLY A 64 8.57 -10.97 -8.61
N HIS A 65 9.60 -11.34 -7.86
CA HIS A 65 9.45 -12.25 -6.72
C HIS A 65 9.71 -11.53 -5.41
N GLU A 66 10.66 -10.60 -5.43
CA GLU A 66 10.94 -9.79 -4.25
C GLU A 66 9.97 -8.63 -4.20
N ALA A 67 9.03 -8.69 -3.26
CA ALA A 67 7.99 -7.69 -3.15
C ALA A 67 8.24 -6.78 -1.95
N PHE A 68 8.21 -7.37 -0.76
CA PHE A 68 8.40 -6.63 0.47
C PHE A 68 9.84 -6.77 0.95
N THR A 69 10.26 -5.86 1.83
CA THR A 69 11.59 -5.92 2.43
C THR A 69 11.88 -7.30 3.02
N THR A 70 13.12 -7.73 2.94
CA THR A 70 13.53 -9.02 3.49
C THR A 70 13.96 -8.86 4.95
N MET A 71 13.44 -7.81 5.59
CA MET A 71 13.73 -7.49 6.99
C MET A 71 15.22 -7.22 7.21
N ARG A 72 15.59 -5.95 7.11
CA ARG A 72 16.97 -5.54 7.33
C ARG A 72 17.17 -5.15 8.79
N ALA A 73 16.14 -4.60 9.40
CA ALA A 73 16.21 -4.20 10.79
C ALA A 73 16.00 -5.39 11.71
N ARG A 74 17.01 -5.67 12.54
CA ARG A 74 17.06 -6.89 13.35
C ARG A 74 15.76 -7.18 14.08
N GLY A 75 15.32 -6.23 14.88
CA GLY A 75 14.13 -6.44 15.70
C GLY A 75 12.91 -5.77 15.13
N ALA A 76 12.87 -5.64 13.80
CA ALA A 76 11.75 -5.03 13.10
C ALA A 76 11.47 -3.62 13.62
N GLN A 77 12.43 -2.73 13.37
CA GLN A 77 12.35 -1.36 13.86
C GLN A 77 11.89 -0.40 12.75
N VAL A 78 11.78 -0.93 11.53
CA VAL A 78 11.47 -0.10 10.38
C VAL A 78 10.04 -0.36 9.89
N THR A 79 9.21 0.66 9.99
CA THR A 79 7.86 0.59 9.46
C THR A 79 7.86 0.77 7.94
N ASP A 80 7.97 -0.33 7.22
CA ASP A 80 7.85 -0.29 5.78
C ASP A 80 6.38 -0.39 5.40
N ILE A 81 5.82 0.74 4.98
CA ILE A 81 4.40 0.86 4.66
C ILE A 81 3.94 -0.23 3.70
N VAL A 82 2.97 -1.05 4.13
CA VAL A 82 2.48 -2.10 3.28
C VAL A 82 1.11 -1.77 2.71
N ILE A 83 1.08 -1.55 1.42
CA ILE A 83 -0.19 -1.35 0.75
C ILE A 83 -0.73 -2.70 0.33
N LEU A 84 -1.75 -3.12 1.01
CA LEU A 84 -2.40 -4.36 0.73
C LEU A 84 -3.63 -4.11 -0.14
N VAL A 85 -3.47 -4.33 -1.44
CA VAL A 85 -4.56 -4.08 -2.39
C VAL A 85 -5.45 -5.30 -2.52
N VAL A 86 -6.75 -5.07 -2.46
CA VAL A 86 -7.75 -6.10 -2.66
C VAL A 86 -8.78 -5.61 -3.66
N ALA A 87 -9.82 -6.38 -3.87
CA ALA A 87 -10.89 -5.95 -4.76
C ALA A 87 -12.25 -6.26 -4.15
N ALA A 88 -13.18 -5.35 -4.41
CA ALA A 88 -14.55 -5.42 -3.88
C ALA A 88 -15.10 -6.84 -3.81
N ASP A 89 -15.21 -7.49 -4.96
CA ASP A 89 -15.89 -8.77 -5.04
C ASP A 89 -14.94 -9.96 -4.89
N ASP A 90 -13.69 -9.70 -4.54
CA ASP A 90 -12.75 -10.80 -4.33
C ASP A 90 -12.29 -10.88 -2.89
N GLY A 91 -11.97 -9.72 -2.32
CA GLY A 91 -11.43 -9.69 -0.99
C GLY A 91 -9.94 -9.97 -0.97
N VAL A 92 -9.49 -10.66 0.06
CA VAL A 92 -8.10 -11.04 0.19
C VAL A 92 -7.89 -12.45 -0.37
N MET A 93 -7.27 -12.54 -1.54
CA MET A 93 -7.00 -13.83 -2.16
C MET A 93 -5.71 -14.41 -1.58
N PRO A 94 -5.39 -15.69 -1.86
CA PRO A 94 -4.17 -16.36 -1.38
C PRO A 94 -2.93 -15.46 -1.31
N GLN A 95 -2.61 -14.77 -2.39
CA GLN A 95 -1.39 -13.99 -2.45
C GLN A 95 -1.53 -12.71 -1.66
N THR A 96 -2.76 -12.25 -1.48
CA THR A 96 -3.04 -11.08 -0.68
C THR A 96 -2.67 -11.35 0.79
N VAL A 97 -2.68 -12.64 1.16
CA VAL A 97 -2.33 -13.06 2.49
C VAL A 97 -0.82 -13.28 2.62
N GLU A 98 -0.23 -13.91 1.61
CA GLU A 98 1.21 -14.21 1.63
C GLU A 98 2.03 -12.94 1.81
N ALA A 99 1.55 -11.84 1.26
CA ALA A 99 2.26 -10.57 1.34
C ALA A 99 2.06 -9.93 2.70
N ILE A 100 0.89 -10.15 3.27
CA ILE A 100 0.56 -9.64 4.59
C ILE A 100 1.26 -10.45 5.67
N ASN A 101 1.20 -11.76 5.56
CA ASN A 101 1.93 -12.66 6.43
C ASN A 101 3.40 -12.27 6.49
N HIS A 102 3.92 -11.86 5.34
CA HIS A 102 5.30 -11.42 5.23
C HIS A 102 5.48 -10.01 5.77
N ALA A 103 4.42 -9.21 5.69
CA ALA A 103 4.53 -7.79 6.00
C ALA A 103 4.21 -7.51 7.47
N LYS A 104 3.14 -8.11 7.95
CA LYS A 104 2.59 -7.80 9.25
C LYS A 104 3.56 -8.19 10.37
N ALA A 105 4.44 -9.13 10.09
CA ALA A 105 5.34 -9.65 11.10
C ALA A 105 6.64 -8.87 11.15
N ALA A 106 6.69 -7.77 10.41
CA ALA A 106 7.82 -6.87 10.45
C ALA A 106 7.46 -5.67 11.31
N ASN A 107 6.32 -5.79 11.97
CA ASN A 107 5.83 -4.77 12.91
C ASN A 107 5.42 -3.51 12.17
N VAL A 108 4.81 -3.69 11.01
CA VAL A 108 4.33 -2.59 10.23
C VAL A 108 2.82 -2.66 10.04
N PRO A 109 2.17 -1.51 9.91
CA PRO A 109 0.76 -1.41 9.55
C PRO A 109 0.48 -1.74 8.08
N ILE A 110 -0.76 -2.17 7.85
CA ILE A 110 -1.18 -2.61 6.53
C ILE A 110 -2.26 -1.67 6.00
N ILE A 111 -2.23 -1.40 4.71
CA ILE A 111 -3.23 -0.53 4.09
C ILE A 111 -4.06 -1.36 3.17
N VAL A 112 -5.34 -1.12 3.13
CA VAL A 112 -6.17 -1.83 2.21
C VAL A 112 -6.61 -0.92 1.10
N ALA A 113 -6.57 -1.45 -0.09
CA ALA A 113 -7.10 -0.77 -1.23
C ALA A 113 -8.10 -1.69 -1.88
N ILE A 114 -9.33 -1.60 -1.41
CA ILE A 114 -10.42 -2.39 -1.94
C ILE A 114 -10.85 -1.81 -3.27
N ASN A 115 -10.29 -2.31 -4.36
CA ASN A 115 -10.49 -1.70 -5.66
C ASN A 115 -11.78 -2.22 -6.29
N LYS A 116 -12.26 -1.50 -7.31
CA LYS A 116 -13.43 -1.90 -8.09
C LYS A 116 -14.73 -1.72 -7.33
N MET A 117 -14.85 -0.61 -6.61
CA MET A 117 -16.13 -0.25 -6.00
C MET A 117 -16.84 0.71 -6.92
N ASP A 118 -16.24 0.89 -8.09
CA ASP A 118 -16.92 1.54 -9.21
C ASP A 118 -18.03 0.62 -9.70
N LYS A 119 -17.97 -0.62 -9.22
CA LYS A 119 -19.12 -1.51 -9.21
C LYS A 119 -20.11 -0.97 -8.15
N PRO A 120 -21.03 -1.75 -7.55
CA PRO A 120 -21.72 -1.29 -6.35
C PRO A 120 -20.72 -0.93 -5.24
N GLU A 121 -19.95 -1.94 -4.84
CA GLU A 121 -18.92 -1.85 -3.79
C GLU A 121 -18.71 -3.25 -3.22
N ALA A 122 -19.59 -4.14 -3.65
CA ALA A 122 -19.70 -5.50 -3.13
C ALA A 122 -20.01 -5.48 -1.64
N ASN A 123 -18.98 -5.44 -0.81
CA ASN A 123 -19.16 -5.36 0.63
C ASN A 123 -17.81 -5.25 1.34
N PRO A 124 -17.33 -4.02 1.54
CA PRO A 124 -16.13 -3.72 2.33
C PRO A 124 -16.00 -4.58 3.59
N ASP A 125 -17.00 -4.52 4.47
CA ASP A 125 -17.03 -5.27 5.75
C ASP A 125 -16.58 -6.71 5.58
N ARG A 126 -17.14 -7.39 4.58
CA ARG A 126 -16.76 -8.77 4.31
C ARG A 126 -15.25 -8.87 4.14
N VAL A 127 -14.74 -8.06 3.24
CA VAL A 127 -13.31 -8.02 2.98
C VAL A 127 -12.55 -7.61 4.24
N MET A 128 -13.09 -6.61 4.93
CA MET A 128 -12.48 -6.07 6.14
C MET A 128 -12.39 -7.14 7.23
N GLN A 129 -13.36 -8.05 7.24
CA GLN A 129 -13.42 -9.09 8.26
C GLN A 129 -12.38 -10.16 7.97
N GLU A 130 -12.01 -10.29 6.70
CA GLU A 130 -10.94 -11.20 6.33
C GLU A 130 -9.60 -10.60 6.74
N LEU A 131 -9.52 -9.29 6.72
CA LEU A 131 -8.29 -8.63 7.11
C LEU A 131 -8.10 -8.78 8.60
N MET A 132 -9.17 -8.58 9.33
CA MET A 132 -9.13 -8.75 10.76
C MET A 132 -9.11 -10.24 11.10
N GLU A 133 -9.24 -11.09 10.08
CA GLU A 133 -9.01 -12.51 10.24
C GLU A 133 -7.53 -12.72 10.44
N TYR A 134 -6.71 -11.90 9.77
CA TYR A 134 -5.29 -11.91 10.03
C TYR A 134 -4.96 -10.90 11.11
N ASN A 135 -5.99 -10.57 11.90
CA ASN A 135 -5.89 -9.70 13.08
C ASN A 135 -5.45 -8.32 12.64
N LEU A 136 -5.83 -7.99 11.43
CA LEU A 136 -5.58 -6.70 10.89
C LEU A 136 -6.84 -5.87 10.96
N VAL A 137 -7.19 -5.52 12.18
CA VAL A 137 -8.40 -4.76 12.43
C VAL A 137 -8.30 -3.39 11.80
N PRO A 138 -9.27 -3.07 10.94
CA PRO A 138 -9.41 -1.75 10.34
C PRO A 138 -9.29 -0.61 11.34
N GLU A 139 -8.96 0.54 10.83
CA GLU A 139 -8.87 1.76 11.62
C GLU A 139 -10.28 2.24 11.92
N GLU A 140 -11.19 1.87 11.03
CA GLU A 140 -12.61 1.87 11.31
C GLU A 140 -12.88 1.26 12.66
N TRP A 141 -12.32 0.09 12.84
CA TRP A 141 -12.71 -0.77 13.93
C TRP A 141 -11.80 -0.59 15.13
N GLY A 142 -10.58 -0.11 14.90
CA GLY A 142 -9.73 0.28 16.00
C GLY A 142 -8.50 -0.57 16.10
N GLY A 143 -8.07 -1.10 14.98
CA GLY A 143 -6.86 -1.89 14.96
C GLY A 143 -5.68 -1.14 14.38
N ASP A 144 -5.18 -1.63 13.27
CA ASP A 144 -4.01 -1.04 12.62
C ASP A 144 -4.03 -1.27 11.11
N THR A 145 -5.22 -1.27 10.54
CA THR A 145 -5.34 -1.47 9.10
C THR A 145 -6.23 -0.41 8.46
N ILE A 146 -5.62 0.41 7.61
CA ILE A 146 -6.32 1.52 6.97
C ILE A 146 -7.04 1.04 5.72
N PHE A 147 -8.37 1.03 5.78
CA PHE A 147 -9.17 0.54 4.67
C PHE A 147 -9.56 1.67 3.73
N CYS A 148 -9.43 1.40 2.45
CA CYS A 148 -9.84 2.32 1.41
C CYS A 148 -10.64 1.58 0.36
N LYS A 149 -11.83 2.07 0.05
CA LYS A 149 -12.58 1.52 -1.06
C LYS A 149 -12.27 2.31 -2.32
N LEU A 150 -11.58 1.65 -3.23
CA LEU A 150 -10.94 2.27 -4.37
C LEU A 150 -11.82 2.52 -5.56
N SER A 151 -11.17 3.21 -6.48
CA SER A 151 -11.56 3.31 -7.84
C SER A 151 -10.49 4.10 -8.62
N ALA A 152 -9.62 3.36 -9.31
CA ALA A 152 -8.47 3.96 -9.97
C ALA A 152 -8.85 4.64 -11.28
N LYS A 153 -10.01 4.30 -11.79
CA LYS A 153 -10.48 4.85 -13.05
C LYS A 153 -11.07 6.24 -12.83
N THR A 154 -11.95 6.30 -11.86
CA THR A 154 -12.60 7.55 -11.48
C THR A 154 -11.72 8.36 -10.54
N LYS A 155 -10.56 7.79 -10.19
CA LYS A 155 -9.51 8.48 -9.42
C LYS A 155 -9.85 8.59 -7.93
N GLU A 156 -11.05 8.20 -7.54
CA GLU A 156 -11.48 8.33 -6.14
C GLU A 156 -10.62 7.41 -5.25
N GLY A 157 -10.30 6.24 -5.78
CA GLY A 157 -9.45 5.31 -5.08
C GLY A 157 -8.08 5.89 -4.78
N LEU A 158 -7.51 6.55 -5.77
CA LEU A 158 -6.14 7.03 -5.70
C LEU A 158 -5.97 8.13 -4.66
N ASP A 159 -6.82 9.14 -4.73
CA ASP A 159 -6.72 10.30 -3.85
C ASP A 159 -6.81 9.86 -2.38
N HIS A 160 -7.86 9.13 -2.06
CA HIS A 160 -8.08 8.70 -0.67
C HIS A 160 -6.93 7.83 -0.19
N LEU A 161 -6.37 7.03 -1.10
CA LEU A 161 -5.28 6.13 -0.76
C LEU A 161 -4.03 6.92 -0.36
N LEU A 162 -3.57 7.79 -1.25
CA LEU A 162 -2.38 8.60 -1.02
C LEU A 162 -2.49 9.37 0.29
N GLU A 163 -3.69 9.89 0.56
CA GLU A 163 -3.93 10.66 1.77
C GLU A 163 -3.73 9.80 3.02
N MET A 164 -4.20 8.56 2.96
CA MET A 164 -4.08 7.65 4.10
C MET A 164 -2.63 7.21 4.26
N ILE A 165 -1.97 6.99 3.13
CA ILE A 165 -0.57 6.59 3.10
C ILE A 165 0.32 7.59 3.85
N LEU A 166 0.21 8.86 3.49
CA LEU A 166 1.04 9.88 4.12
C LEU A 166 0.61 10.17 5.55
N LEU A 167 -0.69 10.01 5.81
CA LEU A 167 -1.23 10.15 7.15
C LEU A 167 -0.49 9.23 8.12
N VAL A 168 -0.08 8.07 7.62
CA VAL A 168 0.57 7.07 8.44
C VAL A 168 2.02 7.45 8.70
N SER A 169 2.61 8.17 7.75
CA SER A 169 3.99 8.65 7.87
C SER A 169 4.17 9.47 9.16
N GLU A 170 3.11 10.15 9.59
CA GLU A 170 3.13 10.88 10.84
C GLU A 170 2.55 10.03 11.97
N MET A 171 1.52 9.24 11.64
CA MET A 171 0.78 8.44 12.63
C MET A 171 1.72 7.58 13.47
N GLU A 172 2.65 6.92 12.81
CA GLU A 172 3.63 6.05 13.48
C GLU A 172 4.36 6.80 14.60
N GLU A 173 4.78 8.02 14.30
CA GLU A 173 5.57 8.80 15.24
C GLU A 173 4.68 9.53 16.24
N LEU A 174 3.38 9.47 16.03
CA LEU A 174 2.42 10.05 16.96
C LEU A 174 2.00 9.00 17.97
N LYS A 175 1.42 7.93 17.44
CA LYS A 175 0.97 6.81 18.26
C LYS A 175 0.59 5.63 17.38
N ALA A 176 1.44 4.63 17.34
CA ALA A 176 1.18 3.43 16.57
C ALA A 176 0.59 2.34 17.46
N ASN A 177 -0.51 2.67 18.11
CA ASN A 177 -1.16 1.76 19.05
C ASN A 177 -2.52 2.30 19.48
N PRO A 178 -3.57 1.48 19.43
CA PRO A 178 -4.93 1.87 19.85
C PRO A 178 -5.00 2.24 21.33
N GLY A 1 2.13 -16.72 -7.63
CA GLY A 1 3.48 -17.13 -7.17
C GLY A 1 4.17 -16.03 -6.39
N SER A 2 5.28 -16.35 -5.75
CA SER A 2 5.98 -15.38 -4.92
C SER A 2 7.05 -14.66 -5.73
N HIS A 3 6.72 -13.45 -6.18
CA HIS A 3 7.67 -12.58 -6.88
C HIS A 3 7.03 -11.21 -7.09
N MET A 4 6.64 -10.60 -5.97
CA MET A 4 5.92 -9.33 -5.99
C MET A 4 6.82 -8.18 -6.44
N VAL A 5 7.79 -7.82 -5.59
CA VAL A 5 8.64 -6.68 -5.86
C VAL A 5 10.08 -6.97 -5.45
N GLU A 6 11.02 -6.19 -5.97
CA GLU A 6 12.42 -6.34 -5.62
C GLU A 6 13.03 -5.00 -5.24
N ARG A 7 13.58 -4.93 -4.04
CA ARG A 7 14.22 -3.74 -3.50
C ARG A 7 13.26 -2.54 -3.44
N PRO A 8 12.31 -2.58 -2.49
CA PRO A 8 11.42 -1.45 -2.20
C PRO A 8 12.11 -0.41 -1.31
N PRO A 9 12.39 0.79 -1.84
CA PRO A 9 13.10 1.83 -1.10
C PRO A 9 12.25 2.50 -0.02
N VAL A 10 10.96 2.69 -0.28
CA VAL A 10 10.08 3.31 0.70
C VAL A 10 8.86 2.44 0.97
N VAL A 11 7.82 2.56 0.15
CA VAL A 11 6.64 1.76 0.35
C VAL A 11 6.63 0.54 -0.55
N THR A 12 6.06 -0.55 -0.05
CA THR A 12 6.01 -1.81 -0.78
C THR A 12 4.58 -2.09 -1.22
N ILE A 13 4.40 -2.32 -2.52
CA ILE A 13 3.07 -2.61 -3.03
C ILE A 13 2.80 -4.11 -2.99
N MET A 14 1.80 -4.48 -2.20
CA MET A 14 1.43 -5.87 -1.99
C MET A 14 -0.01 -6.09 -2.44
N GLY A 15 -0.50 -7.32 -2.30
CA GLY A 15 -1.82 -7.63 -2.78
C GLY A 15 -1.71 -8.45 -4.03
N HIS A 16 -2.46 -9.54 -4.07
CA HIS A 16 -2.50 -10.40 -5.24
C HIS A 16 -2.62 -9.59 -6.53
N VAL A 17 -1.81 -10.00 -7.51
CA VAL A 17 -1.56 -9.22 -8.71
C VAL A 17 -2.83 -8.86 -9.47
N ASP A 18 -3.77 -9.80 -9.52
CA ASP A 18 -4.96 -9.65 -10.36
C ASP A 18 -5.99 -8.73 -9.70
N HIS A 19 -5.87 -8.51 -8.39
CA HIS A 19 -6.78 -7.62 -7.69
C HIS A 19 -6.62 -6.20 -8.20
N GLY A 20 -5.40 -5.86 -8.61
CA GLY A 20 -5.17 -4.60 -9.26
C GLY A 20 -4.23 -3.68 -8.51
N LYS A 21 -3.04 -4.16 -8.19
CA LYS A 21 -2.04 -3.29 -7.62
C LYS A 21 -1.26 -2.64 -8.75
N THR A 22 -1.30 -3.29 -9.91
CA THR A 22 -0.69 -2.79 -11.12
C THR A 22 -1.42 -1.54 -11.59
N THR A 23 -2.73 -1.52 -11.39
CA THR A 23 -3.56 -0.39 -11.75
C THR A 23 -3.30 0.80 -10.82
N LEU A 24 -2.83 0.53 -9.61
CA LEU A 24 -2.37 1.59 -8.71
C LEU A 24 -1.18 2.28 -9.33
N LEU A 25 -0.16 1.50 -9.67
CA LEU A 25 1.04 2.03 -10.29
C LEU A 25 0.68 2.89 -11.50
N ASP A 26 -0.22 2.37 -12.32
CA ASP A 26 -0.64 3.06 -13.53
C ASP A 26 -1.53 4.28 -13.24
N ALA A 27 -2.58 4.09 -12.46
CA ALA A 27 -3.53 5.17 -12.17
C ALA A 27 -2.88 6.26 -11.34
N ILE A 28 -2.04 5.85 -10.40
CA ILE A 28 -1.30 6.80 -9.59
C ILE A 28 -0.28 7.54 -10.45
N ARG A 29 0.30 6.82 -11.40
CA ARG A 29 1.14 7.45 -12.42
C ARG A 29 0.32 8.48 -13.20
N HIS A 30 -0.94 8.14 -13.47
CA HIS A 30 -1.85 9.02 -14.16
C HIS A 30 -2.53 9.99 -13.20
N SER A 31 -1.97 10.13 -12.00
CA SER A 31 -2.52 11.03 -11.01
C SER A 31 -1.67 12.31 -10.91
N LYS A 32 -0.99 12.63 -12.02
CA LYS A 32 -0.29 13.91 -12.20
C LYS A 32 1.00 14.02 -11.39
N VAL A 33 0.91 13.78 -10.10
CA VAL A 33 1.99 14.08 -9.15
C VAL A 33 3.19 13.13 -9.22
N THR A 34 3.44 12.55 -10.37
CA THR A 34 4.53 11.61 -10.48
C THR A 34 5.83 12.29 -10.90
N GLU A 35 6.86 12.05 -10.10
CA GLU A 35 8.18 12.67 -10.28
C GLU A 35 8.96 12.08 -11.45
N GLN A 36 9.18 10.79 -11.43
CA GLN A 36 10.10 10.19 -12.40
C GLN A 36 9.67 8.79 -12.79
N GLU A 37 10.47 8.18 -13.65
CA GLU A 37 10.31 6.79 -14.03
C GLU A 37 11.31 5.96 -13.22
N ALA A 38 11.01 4.68 -13.03
CA ALA A 38 11.80 3.80 -12.14
C ALA A 38 11.50 4.15 -10.67
N GLY A 39 11.23 3.12 -9.88
CA GLY A 39 10.75 3.33 -8.52
C GLY A 39 11.86 3.50 -7.52
N GLY A 40 12.72 4.48 -7.75
CA GLY A 40 13.74 4.83 -6.78
C GLY A 40 15.10 4.23 -7.07
N ILE A 41 15.64 3.49 -6.11
CA ILE A 41 17.02 3.00 -6.16
C ILE A 41 17.14 1.67 -6.90
N THR A 42 16.21 1.42 -7.80
CA THR A 42 16.29 0.24 -8.64
C THR A 42 16.06 0.63 -10.10
N GLN A 43 16.90 0.11 -10.98
CA GLN A 43 16.84 0.47 -12.39
C GLN A 43 15.89 -0.45 -13.16
N HIS A 44 14.60 -0.28 -12.90
CA HIS A 44 13.55 -0.94 -13.65
C HIS A 44 12.49 0.07 -14.03
N ILE A 45 12.16 0.15 -15.31
CA ILE A 45 11.09 1.04 -15.74
C ILE A 45 9.73 0.44 -15.38
N GLY A 46 8.74 1.30 -15.23
CA GLY A 46 7.44 0.84 -14.79
C GLY A 46 7.28 1.07 -13.30
N ALA A 47 7.78 2.20 -12.84
CA ALA A 47 7.70 2.59 -11.44
C ALA A 47 7.97 4.09 -11.31
N TYR A 48 7.87 4.65 -10.10
CA TYR A 48 7.77 6.09 -9.96
C TYR A 48 7.90 6.53 -8.52
N GLN A 49 8.06 7.83 -8.35
CA GLN A 49 7.98 8.46 -7.05
C GLN A 49 6.95 9.57 -7.13
N VAL A 50 6.25 9.81 -6.06
CA VAL A 50 5.26 10.88 -6.02
C VAL A 50 5.96 12.21 -5.74
N THR A 51 5.20 13.30 -5.75
CA THR A 51 5.74 14.64 -5.59
C THR A 51 6.59 14.76 -4.32
N VAL A 52 7.34 15.83 -4.22
CA VAL A 52 8.40 15.92 -3.23
C VAL A 52 8.14 17.12 -2.34
N ASN A 53 8.47 17.00 -1.06
CA ASN A 53 8.03 17.94 -0.03
C ASN A 53 6.54 17.79 0.21
N ASP A 54 5.83 17.59 -0.89
CA ASP A 54 4.40 17.34 -0.86
C ASP A 54 4.10 15.93 -0.40
N LYS A 55 4.48 14.93 -1.21
CA LYS A 55 4.17 13.52 -0.88
C LYS A 55 5.23 12.58 -1.44
N LYS A 56 6.43 12.59 -0.88
CA LYS A 56 7.57 11.89 -1.51
C LYS A 56 7.51 10.37 -1.31
N ILE A 57 6.44 9.77 -1.77
CA ILE A 57 6.27 8.33 -1.67
C ILE A 57 6.89 7.62 -2.86
N THR A 58 7.78 6.69 -2.61
CA THR A 58 8.37 5.89 -3.66
C THR A 58 7.60 4.58 -3.82
N PHE A 59 7.03 4.35 -5.00
CA PHE A 59 6.19 3.19 -5.21
C PHE A 59 6.93 2.14 -6.02
N LEU A 60 7.26 1.04 -5.37
CA LEU A 60 7.97 -0.03 -6.03
C LEU A 60 7.04 -1.22 -6.24
N ASP A 61 6.70 -1.48 -7.49
CA ASP A 61 5.93 -2.66 -7.85
C ASP A 61 6.47 -3.26 -9.13
N THR A 62 7.65 -3.84 -9.03
CA THR A 62 8.29 -4.47 -10.16
C THR A 62 8.31 -5.99 -9.96
N PRO A 63 7.44 -6.71 -10.72
CA PRO A 63 7.31 -8.16 -10.61
C PRO A 63 8.54 -8.91 -11.13
N GLY A 64 9.59 -8.90 -10.35
CA GLY A 64 10.79 -9.64 -10.70
C GLY A 64 11.18 -10.60 -9.60
N HIS A 65 12.06 -10.15 -8.72
CA HIS A 65 12.46 -10.95 -7.56
C HIS A 65 11.41 -10.82 -6.44
N GLU A 66 11.66 -11.52 -5.34
CA GLU A 66 10.79 -11.41 -4.18
C GLU A 66 11.58 -10.87 -2.98
N ALA A 67 11.45 -9.57 -2.74
CA ALA A 67 12.16 -8.92 -1.65
C ALA A 67 11.29 -7.83 -1.00
N PHE A 68 10.89 -8.07 0.24
CA PHE A 68 10.11 -7.10 1.00
C PHE A 68 11.02 -6.10 1.71
N THR A 69 11.56 -6.48 2.87
CA THR A 69 12.43 -5.57 3.61
C THR A 69 13.55 -6.33 4.33
N THR A 70 13.73 -7.59 3.92
CA THR A 70 14.70 -8.47 4.57
C THR A 70 14.37 -8.58 6.06
N MET A 71 13.26 -9.23 6.36
CA MET A 71 12.72 -9.29 7.72
C MET A 71 13.57 -10.23 8.58
N ARG A 72 14.51 -9.65 9.31
CA ARG A 72 15.32 -10.42 10.25
C ARG A 72 15.11 -9.90 11.66
N ALA A 73 14.50 -8.73 11.77
CA ALA A 73 14.21 -8.12 13.06
C ALA A 73 12.88 -7.39 13.00
N ARG A 74 12.38 -6.96 14.15
CA ARG A 74 11.12 -6.25 14.20
C ARG A 74 11.39 -4.74 14.24
N GLY A 75 10.82 -4.02 13.30
CA GLY A 75 11.11 -2.61 13.19
C GLY A 75 10.27 -1.76 14.13
N ALA A 76 10.92 -1.19 15.13
CA ALA A 76 10.26 -0.23 16.00
C ALA A 76 10.15 1.11 15.29
N GLN A 77 11.16 1.41 14.47
CA GLN A 77 11.15 2.58 13.62
C GLN A 77 11.01 2.13 12.16
N VAL A 78 9.78 2.03 11.70
CA VAL A 78 9.51 1.54 10.36
C VAL A 78 9.44 2.67 9.35
N THR A 79 10.04 2.46 8.19
CA THR A 79 9.91 3.36 7.06
C THR A 79 9.17 2.62 5.94
N ASP A 80 8.82 1.38 6.27
CA ASP A 80 8.20 0.47 5.33
C ASP A 80 6.70 0.62 5.38
N ILE A 81 6.08 0.77 4.22
CA ILE A 81 4.64 0.91 4.12
C ILE A 81 4.06 -0.20 3.26
N VAL A 82 3.21 -1.03 3.85
CA VAL A 82 2.64 -2.14 3.12
C VAL A 82 1.32 -1.76 2.50
N ILE A 83 1.32 -1.49 1.21
CA ILE A 83 0.10 -1.22 0.49
C ILE A 83 -0.51 -2.54 0.06
N LEU A 84 -1.55 -2.94 0.75
CA LEU A 84 -2.15 -4.24 0.51
C LEU A 84 -3.40 -4.12 -0.37
N VAL A 85 -3.29 -4.50 -1.63
CA VAL A 85 -4.43 -4.36 -2.55
C VAL A 85 -5.39 -5.55 -2.43
N VAL A 86 -6.68 -5.26 -2.57
CA VAL A 86 -7.73 -6.26 -2.61
C VAL A 86 -8.76 -5.84 -3.65
N ALA A 87 -9.92 -6.47 -3.65
CA ALA A 87 -10.96 -6.10 -4.59
C ALA A 87 -12.35 -6.14 -3.97
N ALA A 88 -13.19 -5.20 -4.39
CA ALA A 88 -14.56 -5.01 -3.87
C ALA A 88 -15.26 -6.34 -3.57
N ASP A 89 -15.32 -7.21 -4.56
CA ASP A 89 -16.10 -8.44 -4.46
C ASP A 89 -15.24 -9.65 -4.07
N ASP A 90 -14.03 -9.72 -4.58
CA ASP A 90 -13.18 -10.88 -4.31
C ASP A 90 -12.74 -10.93 -2.86
N GLY A 91 -12.33 -9.77 -2.35
CA GLY A 91 -11.79 -9.73 -1.01
C GLY A 91 -10.32 -10.07 -1.00
N VAL A 92 -9.98 -11.12 -0.27
CA VAL A 92 -8.62 -11.56 -0.12
C VAL A 92 -8.38 -12.92 -0.78
N MET A 93 -7.54 -12.94 -1.80
CA MET A 93 -7.05 -14.21 -2.36
C MET A 93 -5.90 -14.72 -1.52
N PRO A 94 -5.49 -15.98 -1.69
CA PRO A 94 -4.35 -16.55 -0.96
C PRO A 94 -3.15 -15.61 -0.89
N GLN A 95 -2.74 -15.09 -2.05
CA GLN A 95 -1.59 -14.21 -2.14
C GLN A 95 -1.83 -12.87 -1.43
N THR A 96 -3.09 -12.49 -1.28
CA THR A 96 -3.43 -11.25 -0.58
C THR A 96 -2.99 -11.33 0.89
N VAL A 97 -3.14 -12.50 1.51
CA VAL A 97 -2.64 -12.68 2.87
C VAL A 97 -1.18 -13.14 2.85
N GLU A 98 -0.76 -13.84 1.81
CA GLU A 98 0.66 -14.20 1.65
C GLU A 98 1.53 -12.97 1.79
N ALA A 99 1.13 -11.90 1.12
CA ALA A 99 1.86 -10.65 1.16
C ALA A 99 1.80 -10.02 2.55
N ILE A 100 0.66 -10.20 3.22
CA ILE A 100 0.42 -9.60 4.51
C ILE A 100 1.14 -10.37 5.63
N ASN A 101 1.03 -11.70 5.61
CA ASN A 101 1.77 -12.56 6.51
C ASN A 101 3.26 -12.28 6.38
N HIS A 102 3.67 -12.00 5.15
CA HIS A 102 5.05 -11.70 4.83
C HIS A 102 5.40 -10.28 5.27
N ALA A 103 4.40 -9.40 5.28
CA ALA A 103 4.65 -8.00 5.57
C ALA A 103 4.52 -7.69 7.06
N LYS A 104 3.46 -8.20 7.68
CA LYS A 104 3.08 -7.84 9.04
C LYS A 104 4.21 -8.09 10.04
N ALA A 105 5.10 -9.03 9.73
CA ALA A 105 6.09 -9.47 10.70
C ALA A 105 7.29 -8.55 10.75
N ALA A 106 7.23 -7.43 10.05
CA ALA A 106 8.29 -6.45 10.15
C ALA A 106 7.89 -5.40 11.17
N ASN A 107 6.66 -5.55 11.67
CA ASN A 107 6.09 -4.68 12.69
C ASN A 107 5.63 -3.40 12.02
N VAL A 108 4.93 -3.61 10.92
CA VAL A 108 4.55 -2.54 10.02
C VAL A 108 3.06 -2.60 9.70
N PRO A 109 2.42 -1.42 9.59
CA PRO A 109 1.02 -1.30 9.18
C PRO A 109 0.74 -1.65 7.73
N ILE A 110 -0.52 -1.95 7.46
CA ILE A 110 -0.96 -2.40 6.14
C ILE A 110 -2.09 -1.50 5.62
N ILE A 111 -2.12 -1.28 4.30
CA ILE A 111 -3.15 -0.43 3.69
C ILE A 111 -3.90 -1.17 2.63
N VAL A 112 -5.14 -1.47 2.93
CA VAL A 112 -5.96 -2.17 1.99
C VAL A 112 -6.40 -1.24 0.89
N ALA A 113 -6.34 -1.74 -0.32
CA ALA A 113 -6.82 -1.02 -1.47
C ALA A 113 -7.87 -1.86 -2.13
N ILE A 114 -9.09 -1.67 -1.67
CA ILE A 114 -10.25 -2.34 -2.22
C ILE A 114 -10.55 -1.85 -3.64
N ASN A 115 -10.03 -2.55 -4.63
CA ASN A 115 -10.11 -2.08 -6.02
C ASN A 115 -11.36 -2.66 -6.68
N LYS A 116 -11.68 -2.15 -7.87
CA LYS A 116 -12.92 -2.52 -8.57
C LYS A 116 -14.13 -2.14 -7.73
N MET A 117 -13.91 -1.19 -6.83
CA MET A 117 -14.94 -0.66 -5.97
C MET A 117 -15.56 0.57 -6.63
N ASP A 118 -15.07 0.86 -7.83
CA ASP A 118 -15.63 1.90 -8.70
C ASP A 118 -17.13 1.72 -8.95
N LYS A 119 -17.64 0.51 -8.71
CA LYS A 119 -19.06 0.26 -8.77
C LYS A 119 -19.68 0.66 -7.43
N PRO A 120 -21.00 0.46 -7.20
CA PRO A 120 -21.63 0.77 -5.91
C PRO A 120 -20.77 0.33 -4.71
N GLU A 121 -20.54 -0.99 -4.61
CA GLU A 121 -19.83 -1.63 -3.50
C GLU A 121 -20.39 -3.03 -3.34
N ALA A 122 -19.51 -4.02 -3.33
CA ALA A 122 -19.91 -5.38 -3.01
C ALA A 122 -20.28 -5.49 -1.54
N ASN A 123 -19.28 -5.41 -0.68
CA ASN A 123 -19.47 -5.35 0.76
C ASN A 123 -18.14 -5.20 1.47
N PRO A 124 -17.69 -3.94 1.66
CA PRO A 124 -16.48 -3.60 2.41
C PRO A 124 -16.28 -4.45 3.67
N ASP A 125 -17.22 -4.38 4.60
CA ASP A 125 -17.13 -5.09 5.90
C ASP A 125 -16.77 -6.55 5.72
N ARG A 126 -17.40 -7.21 4.75
CA ARG A 126 -17.07 -8.60 4.46
C ARG A 126 -15.59 -8.74 4.21
N VAL A 127 -15.11 -7.95 3.27
CA VAL A 127 -13.71 -7.93 2.89
C VAL A 127 -12.85 -7.52 4.09
N MET A 128 -13.31 -6.50 4.78
CA MET A 128 -12.60 -5.93 5.91
C MET A 128 -12.47 -6.95 7.04
N GLN A 129 -13.42 -7.87 7.13
CA GLN A 129 -13.41 -8.87 8.18
C GLN A 129 -12.43 -9.98 7.84
N GLU A 130 -12.14 -10.15 6.54
CA GLU A 130 -11.16 -11.13 6.12
C GLU A 130 -9.78 -10.65 6.49
N LEU A 131 -9.57 -9.34 6.44
CA LEU A 131 -8.26 -8.78 6.75
C LEU A 131 -8.01 -8.87 8.22
N MET A 132 -9.04 -8.58 8.98
CA MET A 132 -8.96 -8.71 10.42
C MET A 132 -9.03 -10.17 10.81
N GLU A 133 -9.26 -11.03 9.81
CA GLU A 133 -9.23 -12.45 10.02
C GLU A 133 -7.79 -12.94 9.93
N TYR A 134 -6.94 -12.14 9.28
CA TYR A 134 -5.51 -12.36 9.40
C TYR A 134 -4.98 -11.45 10.51
N ASN A 135 -5.94 -10.87 11.24
CA ASN A 135 -5.71 -10.05 12.42
C ASN A 135 -5.11 -8.72 12.07
N LEU A 136 -5.51 -8.20 10.92
CA LEU A 136 -5.18 -6.86 10.54
C LEU A 136 -6.45 -6.03 10.56
N VAL A 137 -6.83 -5.66 11.76
CA VAL A 137 -8.06 -4.92 12.02
C VAL A 137 -8.01 -3.57 11.33
N PRO A 138 -9.06 -3.24 10.58
CA PRO A 138 -9.22 -1.92 9.97
C PRO A 138 -9.03 -0.78 10.95
N GLU A 139 -8.63 0.33 10.40
CA GLU A 139 -8.44 1.55 11.18
C GLU A 139 -9.79 2.20 11.41
N GLU A 140 -10.71 1.88 10.50
CA GLU A 140 -12.13 2.03 10.76
C GLU A 140 -12.46 1.55 12.15
N TRP A 141 -12.04 0.33 12.41
CA TRP A 141 -12.49 -0.40 13.57
C TRP A 141 -11.54 -0.22 14.75
N GLY A 142 -10.29 0.15 14.46
CA GLY A 142 -9.37 0.50 15.53
C GLY A 142 -8.21 -0.46 15.63
N GLY A 143 -7.90 -1.10 14.52
CA GLY A 143 -6.80 -2.03 14.49
C GLY A 143 -5.50 -1.41 14.01
N ASP A 144 -5.10 -1.74 12.79
CA ASP A 144 -3.85 -1.27 12.24
C ASP A 144 -3.86 -1.32 10.72
N THR A 145 -5.05 -1.30 10.13
CA THR A 145 -5.16 -1.50 8.69
C THR A 145 -6.13 -0.52 8.03
N ILE A 146 -5.60 0.38 7.22
CA ILE A 146 -6.43 1.37 6.52
C ILE A 146 -7.13 0.74 5.34
N PHE A 147 -8.45 0.73 5.35
CA PHE A 147 -9.23 0.16 4.26
C PHE A 147 -9.66 1.23 3.26
N CYS A 148 -8.95 1.27 2.15
CA CYS A 148 -9.25 2.21 1.10
C CYS A 148 -10.10 1.54 0.04
N LYS A 149 -11.39 1.76 0.10
CA LYS A 149 -12.28 1.29 -0.96
C LYS A 149 -12.20 2.25 -2.14
N LEU A 150 -11.20 2.01 -2.98
CA LEU A 150 -10.84 2.95 -4.03
C LEU A 150 -11.20 2.45 -5.42
N SER A 151 -10.91 3.27 -6.40
CA SER A 151 -11.28 2.98 -7.77
C SER A 151 -10.23 3.52 -8.73
N ALA A 152 -9.41 2.63 -9.28
CA ALA A 152 -8.35 3.02 -10.21
C ALA A 152 -8.92 3.57 -11.50
N LYS A 153 -10.19 3.27 -11.75
CA LYS A 153 -10.85 3.71 -12.97
C LYS A 153 -11.26 5.16 -12.85
N THR A 154 -12.09 5.43 -11.88
CA THR A 154 -12.64 6.76 -11.71
C THR A 154 -11.71 7.66 -10.89
N LYS A 155 -10.63 7.08 -10.38
CA LYS A 155 -9.56 7.84 -9.72
C LYS A 155 -9.97 8.36 -8.33
N GLU A 156 -11.24 8.18 -7.98
CA GLU A 156 -11.80 8.73 -6.75
C GLU A 156 -11.02 8.24 -5.53
N GLY A 157 -10.92 6.93 -5.42
CA GLY A 157 -10.27 6.33 -4.29
C GLY A 157 -8.77 6.60 -4.25
N LEU A 158 -8.18 6.96 -5.37
CA LEU A 158 -6.73 7.22 -5.43
C LEU A 158 -6.39 8.45 -4.61
N ASP A 159 -7.22 9.47 -4.74
CA ASP A 159 -7.07 10.69 -3.94
C ASP A 159 -7.19 10.35 -2.46
N HIS A 160 -8.18 9.53 -2.13
CA HIS A 160 -8.38 9.09 -0.75
C HIS A 160 -7.22 8.23 -0.27
N LEU A 161 -6.70 7.39 -1.17
CA LEU A 161 -5.63 6.45 -0.84
C LEU A 161 -4.37 7.15 -0.36
N LEU A 162 -3.83 8.03 -1.20
CA LEU A 162 -2.60 8.74 -0.89
C LEU A 162 -2.73 9.50 0.42
N GLU A 163 -3.89 10.12 0.64
CA GLU A 163 -4.10 10.89 1.85
C GLU A 163 -4.13 10.00 3.09
N MET A 164 -4.58 8.76 2.92
CA MET A 164 -4.56 7.78 4.01
C MET A 164 -3.13 7.37 4.31
N ILE A 165 -2.35 7.21 3.24
CA ILE A 165 -0.95 6.88 3.33
C ILE A 165 -0.20 7.95 4.16
N LEU A 166 -0.31 9.21 3.74
CA LEU A 166 0.28 10.33 4.45
C LEU A 166 -0.24 10.45 5.89
N LEU A 167 -1.52 10.15 6.08
CA LEU A 167 -2.13 10.26 7.40
C LEU A 167 -1.42 9.35 8.40
N VAL A 168 -1.00 8.19 7.93
CA VAL A 168 -0.28 7.25 8.77
C VAL A 168 1.17 7.67 8.92
N SER A 169 1.74 8.22 7.86
CA SER A 169 3.10 8.72 7.92
C SER A 169 3.19 9.91 8.88
N GLU A 170 2.06 10.58 9.08
CA GLU A 170 1.97 11.67 10.03
C GLU A 170 1.77 11.13 11.43
N MET A 171 1.20 9.93 11.52
CA MET A 171 0.86 9.34 12.79
C MET A 171 1.99 8.42 13.30
N GLU A 172 2.94 8.10 12.41
CA GLU A 172 4.11 7.27 12.74
C GLU A 172 4.69 7.61 14.12
N GLU A 173 4.84 8.90 14.39
CA GLU A 173 5.47 9.38 15.61
C GLU A 173 4.73 8.92 16.88
N LEU A 174 3.42 8.74 16.77
CA LEU A 174 2.63 8.34 17.93
C LEU A 174 2.18 6.88 17.81
N LYS A 175 1.79 6.51 16.60
CA LYS A 175 1.25 5.19 16.27
C LYS A 175 -0.10 4.94 16.96
N ALA A 176 -0.13 5.04 18.27
CA ALA A 176 -1.34 4.80 19.04
C ALA A 176 -1.62 6.01 19.93
N ASN A 177 -2.68 5.92 20.73
CA ASN A 177 -3.09 7.02 21.61
C ASN A 177 -3.45 8.27 20.79
N PRO A 178 -4.47 8.16 19.92
CA PRO A 178 -4.91 9.28 19.08
C PRO A 178 -5.93 10.15 19.79
N GLY A 1 20.70 16.99 -8.61
CA GLY A 1 20.18 18.29 -8.10
C GLY A 1 20.08 18.29 -6.58
N SER A 2 18.85 18.31 -6.08
CA SER A 2 18.61 18.30 -4.66
C SER A 2 19.02 16.97 -4.03
N HIS A 3 20.00 17.02 -3.13
CA HIS A 3 20.44 15.84 -2.40
C HIS A 3 20.31 16.08 -0.90
N MET A 4 19.09 16.23 -0.45
CA MET A 4 18.80 16.46 0.96
C MET A 4 17.67 15.54 1.41
N VAL A 5 17.57 14.39 0.76
CA VAL A 5 16.48 13.45 1.01
C VAL A 5 16.99 12.01 1.06
N GLU A 6 17.88 11.74 2.01
CA GLU A 6 18.38 10.39 2.20
C GLU A 6 17.25 9.44 2.58
N ARG A 7 17.04 8.44 1.72
CA ARG A 7 16.03 7.41 1.95
C ARG A 7 14.63 7.99 2.04
N PRO A 8 14.03 8.30 0.89
CA PRO A 8 12.60 8.61 0.82
C PRO A 8 11.80 7.35 1.06
N PRO A 9 10.82 7.41 2.00
CA PRO A 9 10.01 6.25 2.36
C PRO A 9 9.42 5.54 1.16
N VAL A 10 10.02 4.42 0.79
CA VAL A 10 9.51 3.60 -0.29
C VAL A 10 8.24 2.91 0.18
N VAL A 11 7.13 3.24 -0.45
CA VAL A 11 5.85 2.73 -0.04
C VAL A 11 5.59 1.38 -0.70
N THR A 12 5.93 0.32 0.04
CA THR A 12 5.85 -1.05 -0.47
C THR A 12 4.41 -1.46 -0.77
N ILE A 13 4.13 -1.73 -2.03
CA ILE A 13 2.79 -2.15 -2.44
C ILE A 13 2.75 -3.65 -2.73
N MET A 14 1.80 -4.33 -2.11
CA MET A 14 1.62 -5.76 -2.33
C MET A 14 0.15 -6.12 -2.42
N GLY A 15 -0.13 -7.33 -2.90
CA GLY A 15 -1.47 -7.85 -2.94
C GLY A 15 -1.55 -9.08 -3.81
N HIS A 16 -2.15 -8.92 -4.97
CA HIS A 16 -2.29 -10.02 -5.93
C HIS A 16 -2.47 -9.45 -7.34
N VAL A 17 -2.21 -10.26 -8.36
CA VAL A 17 -2.29 -9.82 -9.74
C VAL A 17 -3.70 -9.38 -10.12
N ASP A 18 -4.67 -10.29 -9.93
CA ASP A 18 -6.06 -10.07 -10.38
C ASP A 18 -6.74 -8.94 -9.62
N HIS A 19 -6.17 -8.53 -8.50
CA HIS A 19 -6.71 -7.43 -7.73
C HIS A 19 -6.36 -6.10 -8.39
N GLY A 20 -5.59 -6.20 -9.47
CA GLY A 20 -5.31 -5.06 -10.29
C GLY A 20 -4.40 -4.04 -9.63
N LYS A 21 -3.30 -4.49 -9.03
CA LYS A 21 -2.35 -3.57 -8.43
C LYS A 21 -1.62 -2.81 -9.52
N THR A 22 -1.81 -3.27 -10.74
CA THR A 22 -1.23 -2.63 -11.90
C THR A 22 -2.09 -1.43 -12.34
N THR A 23 -3.24 -1.24 -11.68
CA THR A 23 -4.12 -0.13 -12.03
C THR A 23 -3.69 1.14 -11.31
N LEU A 24 -3.14 1.00 -10.10
CA LEU A 24 -2.57 2.15 -9.40
C LEU A 24 -1.31 2.57 -10.13
N LEU A 25 -0.58 1.60 -10.66
CA LEU A 25 0.60 1.90 -11.46
C LEU A 25 0.19 2.81 -12.61
N ASP A 26 -0.98 2.55 -13.18
CA ASP A 26 -1.50 3.36 -14.27
C ASP A 26 -2.13 4.67 -13.77
N ALA A 27 -3.05 4.55 -12.83
CA ALA A 27 -3.86 5.69 -12.39
C ALA A 27 -3.02 6.72 -11.68
N ILE A 28 -2.01 6.26 -10.97
CA ILE A 28 -1.12 7.15 -10.25
C ILE A 28 -0.22 7.89 -11.24
N ARG A 29 0.08 7.28 -12.38
CA ARG A 29 0.80 7.97 -13.44
C ARG A 29 -0.08 9.08 -13.99
N HIS A 30 -1.35 8.75 -14.16
CA HIS A 30 -2.35 9.72 -14.62
C HIS A 30 -2.54 10.84 -13.61
N SER A 31 -2.02 10.62 -12.41
CA SER A 31 -2.15 11.58 -11.34
C SER A 31 -1.06 12.64 -11.43
N LYS A 32 -0.17 12.47 -12.42
CA LYS A 32 0.85 13.46 -12.76
C LYS A 32 1.85 13.65 -11.62
N VAL A 33 2.58 14.78 -11.66
CA VAL A 33 3.50 15.20 -10.58
C VAL A 33 4.59 14.14 -10.30
N THR A 34 4.77 13.23 -11.24
CA THR A 34 5.69 12.12 -11.06
C THR A 34 7.12 12.49 -11.43
N GLU A 35 8.06 12.09 -10.56
CA GLU A 35 9.48 12.30 -10.79
C GLU A 35 9.99 11.34 -11.87
N GLN A 36 9.53 10.11 -11.80
CA GLN A 36 9.86 9.10 -12.79
C GLN A 36 8.65 8.82 -13.65
N GLU A 37 8.39 9.71 -14.58
CA GLU A 37 7.18 9.68 -15.40
C GLU A 37 7.28 8.70 -16.56
N ALA A 38 7.71 7.48 -16.28
CA ALA A 38 7.79 6.46 -17.31
C ALA A 38 7.59 5.07 -16.71
N GLY A 39 6.70 5.01 -15.74
CA GLY A 39 6.47 3.77 -15.03
C GLY A 39 5.87 2.69 -15.92
N GLY A 40 6.73 1.81 -16.42
CA GLY A 40 6.26 0.67 -17.18
C GLY A 40 6.06 0.97 -18.66
N ILE A 41 6.62 2.08 -19.11
CA ILE A 41 6.51 2.45 -20.51
C ILE A 41 7.67 1.89 -21.32
N THR A 42 8.86 2.43 -21.07
CA THR A 42 10.07 1.94 -21.69
C THR A 42 10.74 0.92 -20.78
N GLN A 43 11.35 -0.12 -21.35
CA GLN A 43 11.90 -1.21 -20.56
C GLN A 43 13.27 -0.84 -19.99
N HIS A 44 13.27 0.14 -19.11
CA HIS A 44 14.46 0.58 -18.38
C HIS A 44 14.02 1.10 -17.02
N ILE A 45 12.95 1.87 -17.03
CA ILE A 45 12.30 2.34 -15.82
C ILE A 45 11.04 1.53 -15.59
N GLY A 46 10.21 1.99 -14.67
CA GLY A 46 9.05 1.21 -14.29
C GLY A 46 8.48 1.65 -12.96
N ALA A 47 9.36 1.89 -12.00
CA ALA A 47 8.95 2.44 -10.73
C ALA A 47 8.88 3.95 -10.85
N TYR A 48 8.37 4.62 -9.83
CA TYR A 48 8.18 6.05 -9.91
C TYR A 48 7.95 6.67 -8.54
N GLN A 49 8.56 7.82 -8.34
CA GLN A 49 8.37 8.59 -7.13
C GLN A 49 7.40 9.74 -7.41
N VAL A 50 6.33 9.80 -6.66
CA VAL A 50 5.29 10.78 -6.90
C VAL A 50 5.43 11.99 -6.00
N THR A 51 5.11 13.15 -6.54
CA THR A 51 5.14 14.37 -5.76
C THR A 51 3.81 14.58 -5.07
N VAL A 52 3.64 13.94 -3.94
CA VAL A 52 2.49 14.18 -3.12
C VAL A 52 2.92 14.97 -1.91
N ASN A 53 2.46 16.22 -1.84
CA ASN A 53 2.92 17.19 -0.85
C ASN A 53 4.35 17.63 -1.11
N ASP A 54 5.23 16.65 -1.26
CA ASP A 54 6.67 16.90 -1.43
C ASP A 54 7.21 16.20 -2.66
N LYS A 55 7.28 14.86 -2.56
CA LYS A 55 7.69 13.92 -3.64
C LYS A 55 8.40 12.74 -3.01
N LYS A 56 7.99 12.44 -1.77
CA LYS A 56 8.72 11.53 -0.93
C LYS A 56 8.11 10.12 -0.94
N ILE A 57 7.17 9.90 -1.85
CA ILE A 57 6.51 8.60 -1.96
C ILE A 57 7.08 7.82 -3.13
N THR A 58 8.01 6.92 -2.83
CA THR A 58 8.60 6.07 -3.84
C THR A 58 7.74 4.83 -4.05
N PHE A 59 7.09 4.73 -5.22
CA PHE A 59 6.28 3.56 -5.52
C PHE A 59 7.10 2.53 -6.29
N LEU A 60 7.05 1.29 -5.83
CA LEU A 60 7.80 0.21 -6.44
C LEU A 60 7.07 -1.12 -6.25
N ASP A 61 7.48 -2.11 -7.03
CA ASP A 61 6.91 -3.44 -6.97
C ASP A 61 8.05 -4.47 -7.04
N THR A 62 8.32 -4.95 -8.25
CA THR A 62 9.50 -5.78 -8.51
C THR A 62 9.62 -6.97 -7.56
N PRO A 63 8.87 -8.05 -7.81
CA PRO A 63 8.94 -9.28 -7.01
C PRO A 63 10.22 -10.06 -7.26
N GLY A 64 11.35 -9.46 -6.90
CA GLY A 64 12.64 -10.10 -7.10
C GLY A 64 13.13 -10.81 -5.86
N HIS A 65 14.22 -10.31 -5.29
CA HIS A 65 14.80 -10.90 -4.09
C HIS A 65 14.04 -10.45 -2.86
N GLU A 66 13.16 -11.31 -2.36
CA GLU A 66 12.35 -11.04 -1.19
C GLU A 66 11.34 -9.93 -1.49
N ALA A 67 10.12 -10.33 -1.79
CA ALA A 67 9.06 -9.39 -2.13
C ALA A 67 8.50 -8.71 -0.88
N PHE A 68 9.39 -8.02 -0.15
CA PHE A 68 9.05 -7.26 1.04
C PHE A 68 10.35 -6.78 1.69
N THR A 69 10.27 -5.71 2.45
CA THR A 69 11.42 -5.20 3.18
C THR A 69 11.93 -6.25 4.16
N THR A 70 13.11 -6.79 3.87
CA THR A 70 13.70 -7.86 4.66
C THR A 70 13.90 -7.42 6.11
N MET A 71 13.45 -8.27 7.04
CA MET A 71 13.42 -7.93 8.47
C MET A 71 14.77 -8.15 9.14
N ARG A 72 15.85 -8.11 8.37
CA ARG A 72 17.18 -8.31 8.91
C ARG A 72 18.24 -7.80 7.94
N ALA A 73 18.17 -6.52 7.63
CA ALA A 73 19.13 -5.89 6.76
C ALA A 73 19.80 -4.73 7.48
N ARG A 74 19.80 -4.81 8.82
CA ARG A 74 20.34 -3.75 9.70
C ARG A 74 19.48 -2.50 9.65
N GLY A 75 19.32 -1.94 8.47
CA GLY A 75 18.46 -0.79 8.28
C GLY A 75 17.41 -1.06 7.24
N ALA A 76 17.49 -0.35 6.12
CA ALA A 76 16.58 -0.53 5.00
C ALA A 76 15.15 -0.18 5.40
N GLN A 77 15.02 0.87 6.20
CA GLN A 77 13.73 1.34 6.72
C GLN A 77 13.15 0.38 7.75
N VAL A 78 13.44 0.64 9.02
CA VAL A 78 12.77 -0.07 10.10
C VAL A 78 11.32 0.41 10.20
N THR A 79 11.07 1.56 9.60
CA THR A 79 9.75 2.14 9.51
C THR A 79 9.27 2.05 8.05
N ASP A 80 8.49 1.01 7.75
CA ASP A 80 8.08 0.75 6.38
C ASP A 80 6.55 0.84 6.26
N ILE A 81 6.03 0.53 5.09
CA ILE A 81 4.62 0.67 4.78
C ILE A 81 4.12 -0.51 3.94
N VAL A 82 3.16 -1.27 4.45
CA VAL A 82 2.62 -2.36 3.68
C VAL A 82 1.32 -1.97 3.02
N ILE A 83 1.39 -1.57 1.77
CA ILE A 83 0.17 -1.36 1.00
C ILE A 83 -0.38 -2.72 0.63
N LEU A 84 -1.56 -3.00 1.11
CA LEU A 84 -2.17 -4.29 0.87
C LEU A 84 -3.37 -4.13 -0.07
N VAL A 85 -3.16 -4.35 -1.36
CA VAL A 85 -4.22 -4.16 -2.35
C VAL A 85 -5.11 -5.41 -2.45
N VAL A 86 -6.40 -5.18 -2.39
CA VAL A 86 -7.40 -6.23 -2.55
C VAL A 86 -8.41 -5.77 -3.59
N ALA A 87 -9.55 -6.44 -3.66
CA ALA A 87 -10.57 -6.01 -4.60
C ALA A 87 -11.96 -6.15 -4.00
N ALA A 88 -12.85 -5.26 -4.46
CA ALA A 88 -14.25 -5.20 -4.05
C ALA A 88 -14.87 -6.55 -3.71
N ASP A 89 -14.95 -7.42 -4.71
CA ASP A 89 -15.71 -8.65 -4.60
C ASP A 89 -14.83 -9.84 -4.22
N ASP A 90 -13.53 -9.73 -4.44
CA ASP A 90 -12.65 -10.87 -4.22
C ASP A 90 -12.13 -10.90 -2.78
N GLY A 91 -11.86 -9.74 -2.23
CA GLY A 91 -11.31 -9.66 -0.90
C GLY A 91 -9.81 -9.86 -0.90
N VAL A 92 -9.30 -10.50 0.12
CA VAL A 92 -7.89 -10.80 0.23
C VAL A 92 -7.66 -12.27 -0.16
N MET A 93 -7.16 -12.47 -1.38
CA MET A 93 -6.98 -13.82 -1.90
C MET A 93 -5.65 -14.39 -1.41
N PRO A 94 -5.39 -15.70 -1.61
CA PRO A 94 -4.14 -16.37 -1.23
C PRO A 94 -2.89 -15.47 -1.27
N GLN A 95 -2.61 -14.86 -2.40
CA GLN A 95 -1.40 -14.07 -2.55
C GLN A 95 -1.47 -12.79 -1.72
N THR A 96 -2.66 -12.23 -1.61
CA THR A 96 -2.88 -11.06 -0.79
C THR A 96 -2.61 -11.39 0.69
N VAL A 97 -2.87 -12.64 1.04
CA VAL A 97 -2.66 -13.13 2.38
C VAL A 97 -1.19 -13.45 2.62
N GLU A 98 -0.57 -14.14 1.66
CA GLU A 98 0.83 -14.55 1.79
C GLU A 98 1.74 -13.33 1.86
N ALA A 99 1.24 -12.19 1.41
CA ALA A 99 1.98 -10.96 1.48
C ALA A 99 1.83 -10.34 2.87
N ILE A 100 0.62 -10.41 3.41
CA ILE A 100 0.34 -9.93 4.76
C ILE A 100 0.97 -10.85 5.80
N ASN A 101 0.78 -12.16 5.63
CA ASN A 101 1.44 -13.16 6.44
C ASN A 101 2.93 -12.90 6.53
N HIS A 102 3.49 -12.40 5.43
CA HIS A 102 4.91 -12.06 5.37
C HIS A 102 5.16 -10.67 5.91
N ALA A 103 4.20 -9.77 5.72
CA ALA A 103 4.40 -8.37 6.07
C ALA A 103 4.17 -8.10 7.55
N LYS A 104 3.09 -8.67 8.07
CA LYS A 104 2.58 -8.34 9.40
C LYS A 104 3.64 -8.49 10.49
N ALA A 105 4.56 -9.42 10.29
CA ALA A 105 5.45 -9.86 11.36
C ALA A 105 6.59 -8.88 11.62
N ALA A 106 6.61 -7.75 10.91
CA ALA A 106 7.57 -6.71 11.19
C ALA A 106 6.97 -5.74 12.20
N ASN A 107 5.72 -6.03 12.54
CA ASN A 107 4.96 -5.26 13.53
C ASN A 107 4.61 -3.95 12.89
N VAL A 108 4.15 -4.06 11.67
CA VAL A 108 3.94 -2.95 10.78
C VAL A 108 2.48 -2.88 10.34
N PRO A 109 1.94 -1.65 10.17
CA PRO A 109 0.60 -1.45 9.66
C PRO A 109 0.42 -1.85 8.20
N ILE A 110 -0.83 -2.18 7.88
CA ILE A 110 -1.20 -2.67 6.56
C ILE A 110 -2.27 -1.75 5.96
N ILE A 111 -2.20 -1.51 4.65
CA ILE A 111 -3.12 -0.59 4.01
C ILE A 111 -3.89 -1.28 2.92
N VAL A 112 -5.10 -1.65 3.24
CA VAL A 112 -5.95 -2.29 2.28
C VAL A 112 -6.36 -1.32 1.20
N ALA A 113 -6.34 -1.81 -0.01
CA ALA A 113 -6.83 -1.06 -1.12
C ALA A 113 -7.91 -1.86 -1.79
N ILE A 114 -9.11 -1.66 -1.32
CA ILE A 114 -10.29 -2.28 -1.90
C ILE A 114 -10.50 -1.76 -3.32
N ASN A 115 -9.85 -2.38 -4.29
CA ASN A 115 -9.81 -1.86 -5.65
C ASN A 115 -10.89 -2.51 -6.50
N LYS A 116 -11.12 -1.95 -7.68
CA LYS A 116 -12.03 -2.54 -8.66
C LYS A 116 -13.48 -2.43 -8.16
N MET A 117 -13.68 -1.63 -7.12
CA MET A 117 -15.02 -1.41 -6.58
C MET A 117 -15.65 -0.16 -7.17
N ASP A 118 -15.43 0.01 -8.47
CA ASP A 118 -16.10 1.02 -9.29
C ASP A 118 -17.63 0.80 -9.30
N LYS A 119 -18.17 0.80 -8.11
CA LYS A 119 -19.58 0.61 -7.82
C LYS A 119 -19.82 1.31 -6.49
N PRO A 120 -21.01 1.19 -5.87
CA PRO A 120 -21.17 1.65 -4.49
C PRO A 120 -20.15 0.98 -3.57
N GLU A 121 -20.14 -0.36 -3.62
CA GLU A 121 -19.25 -1.21 -2.84
C GLU A 121 -19.79 -2.63 -2.87
N ALA A 122 -18.97 -3.54 -3.38
CA ALA A 122 -19.32 -4.95 -3.40
C ALA A 122 -19.70 -5.43 -2.00
N ASN A 123 -18.71 -5.49 -1.13
CA ASN A 123 -18.95 -5.83 0.27
C ASN A 123 -17.67 -5.68 1.09
N PRO A 124 -17.27 -4.43 1.40
CA PRO A 124 -16.17 -4.11 2.32
C PRO A 124 -16.12 -5.03 3.54
N ASP A 125 -17.12 -4.96 4.42
CA ASP A 125 -17.13 -5.69 5.71
C ASP A 125 -16.69 -7.14 5.56
N ARG A 126 -17.26 -7.86 4.60
CA ARG A 126 -16.84 -9.23 4.32
C ARG A 126 -15.33 -9.28 4.17
N VAL A 127 -14.85 -8.49 3.23
CA VAL A 127 -13.42 -8.41 2.93
C VAL A 127 -12.65 -7.99 4.17
N MET A 128 -13.16 -6.97 4.85
CA MET A 128 -12.51 -6.40 6.01
C MET A 128 -12.38 -7.41 7.14
N GLN A 129 -13.31 -8.36 7.20
CA GLN A 129 -13.28 -9.39 8.23
C GLN A 129 -12.25 -10.45 7.89
N GLU A 130 -11.95 -10.60 6.61
CA GLU A 130 -10.87 -11.49 6.20
C GLU A 130 -9.55 -10.86 6.59
N LEU A 131 -9.49 -9.55 6.54
CA LEU A 131 -8.26 -8.86 6.90
C LEU A 131 -8.03 -8.99 8.37
N MET A 132 -9.08 -8.77 9.12
CA MET A 132 -9.01 -8.90 10.56
C MET A 132 -9.01 -10.38 10.95
N GLU A 133 -9.10 -11.25 9.94
CA GLU A 133 -8.93 -12.67 10.14
C GLU A 133 -7.44 -12.93 10.28
N TYR A 134 -6.66 -12.11 9.58
CA TYR A 134 -5.21 -12.14 9.75
C TYR A 134 -4.78 -11.08 10.76
N ASN A 135 -5.78 -10.63 11.53
CA ASN A 135 -5.61 -9.67 12.63
C ASN A 135 -5.22 -8.32 12.08
N LEU A 136 -5.75 -8.00 10.91
CA LEU A 136 -5.59 -6.70 10.35
C LEU A 136 -6.88 -5.96 10.45
N VAL A 137 -6.98 -5.35 11.58
CA VAL A 137 -8.17 -4.66 11.98
C VAL A 137 -8.23 -3.26 11.42
N PRO A 138 -9.27 -3.00 10.63
CA PRO A 138 -9.54 -1.68 10.05
C PRO A 138 -9.45 -0.54 11.05
N GLU A 139 -9.23 0.63 10.50
CA GLU A 139 -9.19 1.86 11.28
C GLU A 139 -10.61 2.23 11.69
N GLU A 140 -11.56 1.77 10.89
CA GLU A 140 -12.97 1.86 11.25
C GLU A 140 -13.20 1.17 12.58
N TRP A 141 -12.51 0.03 12.75
CA TRP A 141 -12.76 -0.86 13.86
C TRP A 141 -11.78 -0.60 15.00
N GLY A 142 -10.65 0.01 14.69
CA GLY A 142 -9.77 0.47 15.75
C GLY A 142 -8.55 -0.40 15.87
N GLY A 143 -8.14 -0.96 14.74
CA GLY A 143 -6.94 -1.77 14.73
C GLY A 143 -5.75 -0.97 14.26
N ASP A 144 -5.29 -1.29 13.08
CA ASP A 144 -4.24 -0.53 12.42
C ASP A 144 -4.16 -0.92 10.97
N THR A 145 -5.33 -0.98 10.35
CA THR A 145 -5.42 -1.36 8.96
C THR A 145 -6.30 -0.39 8.18
N ILE A 146 -5.66 0.38 7.31
CA ILE A 146 -6.32 1.43 6.55
C ILE A 146 -7.03 0.84 5.34
N PHE A 147 -8.36 0.77 5.38
CA PHE A 147 -9.15 0.22 4.29
C PHE A 147 -9.52 1.29 3.29
N CYS A 148 -8.75 1.39 2.23
CA CYS A 148 -9.02 2.33 1.17
C CYS A 148 -9.95 1.71 0.14
N LYS A 149 -11.22 2.04 0.22
CA LYS A 149 -12.16 1.63 -0.80
C LYS A 149 -11.98 2.53 -2.02
N LEU A 150 -11.02 2.18 -2.86
CA LEU A 150 -10.60 3.04 -3.95
C LEU A 150 -10.94 2.46 -5.31
N SER A 151 -10.57 3.19 -6.34
CA SER A 151 -10.86 2.81 -7.70
C SER A 151 -10.02 3.63 -8.68
N ALA A 152 -9.37 2.95 -9.61
CA ALA A 152 -8.54 3.61 -10.61
C ALA A 152 -9.40 4.06 -11.78
N LYS A 153 -10.65 3.61 -11.78
CA LYS A 153 -11.60 3.98 -12.80
C LYS A 153 -12.13 5.37 -12.53
N THR A 154 -12.72 5.52 -11.36
CA THR A 154 -13.29 6.77 -10.94
C THR A 154 -12.19 7.76 -10.55
N LYS A 155 -11.02 7.21 -10.23
CA LYS A 155 -9.86 8.00 -9.80
C LYS A 155 -10.05 8.56 -8.39
N GLU A 156 -11.23 8.31 -7.82
CA GLU A 156 -11.62 8.84 -6.51
C GLU A 156 -10.65 8.40 -5.41
N GLY A 157 -10.75 7.13 -5.05
CA GLY A 157 -9.98 6.60 -3.96
C GLY A 157 -8.49 6.54 -4.25
N LEU A 158 -8.11 6.80 -5.49
CA LEU A 158 -6.71 6.77 -5.89
C LEU A 158 -5.96 7.87 -5.16
N ASP A 159 -6.49 9.08 -5.22
CA ASP A 159 -5.90 10.22 -4.53
C ASP A 159 -6.12 10.08 -3.03
N HIS A 160 -7.29 9.54 -2.68
CA HIS A 160 -7.64 9.28 -1.29
C HIS A 160 -6.62 8.34 -0.64
N LEU A 161 -6.15 7.37 -1.42
CA LEU A 161 -5.16 6.41 -0.95
C LEU A 161 -3.87 7.13 -0.57
N LEU A 162 -3.40 8.00 -1.46
CA LEU A 162 -2.17 8.76 -1.24
C LEU A 162 -2.27 9.60 0.03
N GLU A 163 -3.46 10.15 0.26
CA GLU A 163 -3.70 10.97 1.44
C GLU A 163 -3.61 10.12 2.71
N MET A 164 -4.18 8.93 2.66
CA MET A 164 -4.11 8.00 3.79
C MET A 164 -2.66 7.57 4.03
N ILE A 165 -1.93 7.35 2.94
CA ILE A 165 -0.52 7.02 3.01
C ILE A 165 0.23 8.11 3.78
N LEU A 166 -0.02 9.37 3.41
CA LEU A 166 0.58 10.51 4.08
C LEU A 166 0.13 10.58 5.53
N LEU A 167 -1.17 10.43 5.74
CA LEU A 167 -1.77 10.49 7.06
C LEU A 167 -1.02 9.62 8.05
N VAL A 168 -0.77 8.38 7.66
CA VAL A 168 -0.06 7.45 8.51
C VAL A 168 1.40 7.84 8.68
N SER A 169 2.04 8.21 7.57
CA SER A 169 3.45 8.60 7.60
C SER A 169 3.67 9.78 8.55
N GLU A 170 2.70 10.68 8.62
CA GLU A 170 2.77 11.83 9.50
C GLU A 170 2.30 11.46 10.91
N MET A 171 1.37 10.52 10.97
CA MET A 171 0.79 10.09 12.25
C MET A 171 1.78 9.28 13.07
N GLU A 172 2.49 8.37 12.41
CA GLU A 172 3.44 7.47 13.07
C GLU A 172 4.49 8.20 13.90
N GLU A 173 4.77 9.47 13.58
CA GLU A 173 5.70 10.26 14.38
C GLU A 173 5.16 10.41 15.79
N LEU A 174 3.85 10.42 15.90
CA LEU A 174 3.18 10.53 17.19
C LEU A 174 2.60 9.20 17.59
N LYS A 175 1.56 8.80 16.87
CA LYS A 175 0.89 7.51 17.03
C LYS A 175 0.25 7.36 18.42
N ALA A 176 -1.06 7.49 18.46
CA ALA A 176 -1.80 7.36 19.71
C ALA A 176 -3.01 6.46 19.49
N ASN A 177 -3.87 6.86 18.57
CA ASN A 177 -5.08 6.10 18.26
C ASN A 177 -5.61 6.53 16.90
N PRO A 178 -6.05 5.56 16.08
CA PRO A 178 -6.68 5.82 14.78
C PRO A 178 -7.78 6.89 14.87
N GLY A 1 29.66 8.77 7.94
CA GLY A 1 28.76 9.80 7.37
C GLY A 1 27.34 9.28 7.21
N SER A 2 26.44 10.15 6.81
CA SER A 2 25.03 9.80 6.67
C SER A 2 24.72 9.35 5.25
N HIS A 3 25.72 9.45 4.38
CA HIS A 3 25.54 9.09 2.98
C HIS A 3 25.54 7.57 2.80
N MET A 4 24.43 6.95 3.14
CA MET A 4 24.28 5.51 2.99
C MET A 4 23.34 5.21 1.82
N VAL A 5 23.84 4.44 0.86
CA VAL A 5 23.07 4.12 -0.34
C VAL A 5 22.18 2.89 -0.12
N GLU A 6 21.70 2.75 1.11
CA GLU A 6 20.88 1.60 1.50
C GLU A 6 19.50 1.68 0.84
N ARG A 7 18.92 2.88 0.84
CA ARG A 7 17.56 3.09 0.34
C ARG A 7 16.52 2.42 1.24
N PRO A 8 15.81 3.21 2.04
CA PRO A 8 14.77 2.72 2.91
C PRO A 8 13.42 2.66 2.20
N PRO A 9 12.87 1.44 2.05
CA PRO A 9 11.55 1.23 1.45
C PRO A 9 10.49 2.13 2.06
N VAL A 10 9.84 2.91 1.22
CA VAL A 10 8.84 3.86 1.70
C VAL A 10 7.45 3.25 1.65
N VAL A 11 6.90 3.10 0.45
CA VAL A 11 5.60 2.51 0.27
C VAL A 11 5.67 1.33 -0.71
N THR A 12 5.55 0.12 -0.18
CA THR A 12 5.52 -1.07 -1.00
C THR A 12 4.08 -1.52 -1.23
N ILE A 13 3.75 -1.82 -2.48
CA ILE A 13 2.40 -2.22 -2.84
C ILE A 13 2.29 -3.74 -2.87
N MET A 14 1.32 -4.27 -2.15
CA MET A 14 1.07 -5.70 -2.10
C MET A 14 -0.38 -6.02 -2.43
N GLY A 15 -0.69 -7.30 -2.55
CA GLY A 15 -2.06 -7.74 -2.69
C GLY A 15 -2.12 -9.04 -3.46
N HIS A 16 -2.53 -8.94 -4.70
CA HIS A 16 -2.65 -10.08 -5.59
C HIS A 16 -2.83 -9.58 -7.02
N VAL A 17 -2.23 -10.31 -7.96
CA VAL A 17 -2.11 -9.88 -9.35
C VAL A 17 -3.45 -9.64 -10.05
N ASP A 18 -4.52 -10.27 -9.57
CA ASP A 18 -5.81 -10.21 -10.26
C ASP A 18 -6.66 -9.02 -9.82
N HIS A 19 -6.25 -8.35 -8.75
CA HIS A 19 -7.05 -7.28 -8.17
C HIS A 19 -6.92 -5.98 -8.98
N GLY A 20 -6.07 -6.00 -9.98
CA GLY A 20 -5.93 -4.84 -10.85
C GLY A 20 -4.76 -3.97 -10.48
N LYS A 21 -3.55 -4.51 -10.61
CA LYS A 21 -2.35 -3.77 -10.23
C LYS A 21 -1.85 -2.92 -11.38
N THR A 22 -2.00 -3.42 -12.61
CA THR A 22 -1.55 -2.70 -13.78
C THR A 22 -2.43 -1.47 -14.02
N THR A 23 -3.68 -1.53 -13.57
CA THR A 23 -4.58 -0.40 -13.67
C THR A 23 -4.29 0.62 -12.57
N LEU A 24 -3.84 0.12 -11.43
CA LEU A 24 -3.47 0.96 -10.30
C LEU A 24 -2.19 1.72 -10.66
N LEU A 25 -1.18 0.96 -11.04
CA LEU A 25 0.14 1.50 -11.40
C LEU A 25 0.02 2.49 -12.57
N ASP A 26 -0.91 2.23 -13.48
CA ASP A 26 -1.08 3.09 -14.64
C ASP A 26 -1.69 4.43 -14.27
N ALA A 27 -2.85 4.39 -13.62
CA ALA A 27 -3.55 5.60 -13.21
C ALA A 27 -2.70 6.43 -12.27
N ILE A 28 -2.00 5.74 -11.39
CA ILE A 28 -1.20 6.38 -10.37
C ILE A 28 -0.02 7.15 -10.99
N ARG A 29 0.45 6.68 -12.14
CA ARG A 29 1.49 7.39 -12.88
C ARG A 29 0.89 8.57 -13.60
N HIS A 30 -0.39 8.44 -13.89
CA HIS A 30 -1.16 9.49 -14.55
C HIS A 30 -1.70 10.47 -13.52
N SER A 31 -1.14 10.39 -12.32
CA SER A 31 -1.54 11.28 -11.24
C SER A 31 -0.56 12.44 -11.05
N LYS A 32 0.19 12.75 -12.12
CA LYS A 32 1.02 13.96 -12.22
C LYS A 32 2.27 13.93 -11.34
N VAL A 33 2.09 13.57 -10.07
CA VAL A 33 3.14 13.69 -9.05
C VAL A 33 4.28 12.68 -9.22
N THR A 34 4.25 11.93 -10.31
CA THR A 34 5.26 10.91 -10.57
C THR A 34 6.53 11.53 -11.17
N GLU A 35 7.65 11.27 -10.51
CA GLU A 35 8.94 11.73 -10.99
C GLU A 35 9.41 10.96 -12.22
N GLN A 36 9.83 9.74 -11.99
CA GLN A 36 10.43 8.91 -13.02
C GLN A 36 10.03 7.46 -12.82
N GLU A 37 10.46 6.60 -13.73
CA GLU A 37 10.07 5.20 -13.70
C GLU A 37 11.29 4.27 -13.69
N ALA A 38 11.62 3.76 -12.50
CA ALA A 38 12.73 2.82 -12.35
C ALA A 38 12.51 1.91 -11.14
N GLY A 39 12.64 0.59 -11.35
CA GLY A 39 12.44 -0.37 -10.26
C GLY A 39 11.12 -1.11 -10.41
N GLY A 40 10.33 -1.14 -9.34
CA GLY A 40 8.97 -1.66 -9.41
C GLY A 40 8.86 -3.17 -9.57
N ILE A 41 7.66 -3.69 -9.34
CA ILE A 41 7.38 -5.11 -9.50
C ILE A 41 6.73 -5.37 -10.85
N THR A 42 6.06 -4.35 -11.39
CA THR A 42 5.37 -4.48 -12.66
C THR A 42 6.36 -4.40 -13.82
N GLN A 43 6.48 -5.49 -14.56
CA GLN A 43 7.47 -5.60 -15.62
C GLN A 43 7.03 -4.87 -16.89
N HIS A 44 6.15 -3.89 -16.71
CA HIS A 44 5.76 -3.00 -17.80
C HIS A 44 6.68 -1.79 -17.82
N ILE A 45 7.32 -1.55 -16.69
CA ILE A 45 8.16 -0.39 -16.49
C ILE A 45 8.83 -0.51 -15.13
N GLY A 46 9.35 0.56 -14.60
CA GLY A 46 9.97 0.52 -13.32
C GLY A 46 9.01 0.82 -12.19
N ALA A 47 9.32 1.86 -11.46
CA ALA A 47 8.53 2.29 -10.32
C ALA A 47 8.37 3.79 -10.39
N TYR A 48 7.88 4.40 -9.33
CA TYR A 48 7.59 5.83 -9.37
C TYR A 48 7.67 6.43 -7.98
N GLN A 49 8.27 7.61 -7.90
CA GLN A 49 8.38 8.33 -6.66
C GLN A 49 7.48 9.57 -6.72
N VAL A 50 6.72 9.79 -5.66
CA VAL A 50 5.79 10.91 -5.61
C VAL A 50 6.46 12.14 -5.08
N THR A 51 5.98 13.27 -5.54
CA THR A 51 6.57 14.55 -5.19
C THR A 51 5.88 15.13 -3.97
N VAL A 52 6.32 14.70 -2.81
CA VAL A 52 5.90 15.27 -1.55
C VAL A 52 7.15 15.69 -0.80
N ASN A 53 7.24 16.98 -0.50
CA ASN A 53 8.50 17.60 -0.05
C ASN A 53 9.44 17.74 -1.23
N ASP A 54 9.48 16.67 -2.00
CA ASP A 54 10.31 16.55 -3.18
C ASP A 54 10.11 15.16 -3.78
N LYS A 55 10.22 14.15 -2.92
CA LYS A 55 10.05 12.75 -3.30
C LYS A 55 10.17 11.84 -2.08
N LYS A 56 9.33 12.08 -1.08
CA LYS A 56 9.36 11.28 0.14
C LYS A 56 8.76 9.89 -0.09
N ILE A 57 7.64 9.83 -0.80
CA ILE A 57 6.99 8.54 -1.03
C ILE A 57 7.56 7.86 -2.28
N THR A 58 8.25 6.76 -2.06
CA THR A 58 8.70 5.91 -3.14
C THR A 58 7.81 4.67 -3.18
N PHE A 59 7.25 4.37 -4.35
CA PHE A 59 6.39 3.22 -4.49
C PHE A 59 7.16 2.02 -5.05
N LEU A 60 7.07 0.90 -4.35
CA LEU A 60 7.68 -0.36 -4.78
C LEU A 60 9.21 -0.27 -4.75
N ASP A 61 9.74 -0.01 -3.56
CA ASP A 61 11.20 0.03 -3.36
C ASP A 61 11.79 -1.36 -3.56
N THR A 62 10.98 -2.38 -3.34
CA THR A 62 11.41 -3.75 -3.52
C THR A 62 10.56 -4.46 -4.56
N PRO A 63 11.20 -5.24 -5.45
CA PRO A 63 10.49 -6.05 -6.44
C PRO A 63 9.87 -7.29 -5.81
N GLY A 64 9.06 -7.07 -4.78
CA GLY A 64 8.49 -8.16 -4.02
C GLY A 64 7.32 -8.83 -4.70
N HIS A 65 7.60 -9.82 -5.54
CA HIS A 65 6.56 -10.65 -6.10
C HIS A 65 6.17 -11.68 -5.05
N GLU A 66 7.16 -12.09 -4.28
CA GLU A 66 6.97 -13.01 -3.17
C GLU A 66 6.78 -12.20 -1.88
N ALA A 67 5.93 -11.16 -1.98
CA ALA A 67 5.65 -10.24 -0.89
C ALA A 67 6.82 -9.27 -0.67
N PHE A 68 7.89 -9.76 -0.05
CA PHE A 68 9.03 -8.90 0.25
C PHE A 68 10.33 -9.56 -0.21
N THR A 69 11.11 -8.81 -0.98
CA THR A 69 12.43 -9.26 -1.39
C THR A 69 13.41 -9.15 -0.23
N THR A 70 13.17 -8.17 0.64
CA THR A 70 14.01 -7.93 1.79
C THR A 70 13.20 -8.18 3.07
N MET A 71 13.82 -7.97 4.23
CA MET A 71 13.17 -8.20 5.53
C MET A 71 12.72 -9.65 5.67
N ARG A 72 13.66 -10.55 5.48
CA ARG A 72 13.44 -11.97 5.68
C ARG A 72 14.07 -12.39 6.99
N ALA A 73 15.26 -11.87 7.22
CA ALA A 73 16.01 -12.10 8.46
C ALA A 73 17.01 -10.96 8.66
N ARG A 74 16.59 -9.77 8.23
CA ARG A 74 17.47 -8.61 8.21
C ARG A 74 16.65 -7.35 8.02
N GLY A 75 16.95 -6.34 8.82
CA GLY A 75 16.16 -5.12 8.81
C GLY A 75 15.45 -4.90 10.12
N ALA A 76 15.39 -3.65 10.57
CA ALA A 76 14.76 -3.32 11.84
C ALA A 76 14.09 -1.95 11.78
N GLN A 77 14.89 -0.90 11.62
CA GLN A 77 14.36 0.45 11.56
C GLN A 77 14.01 0.80 10.12
N VAL A 78 12.89 0.27 9.66
CA VAL A 78 12.37 0.56 8.34
C VAL A 78 10.84 0.49 8.36
N THR A 79 10.21 1.64 8.41
CA THR A 79 8.76 1.71 8.45
C THR A 79 8.18 1.71 7.05
N ASP A 80 8.24 0.57 6.39
CA ASP A 80 7.66 0.42 5.05
C ASP A 80 6.14 0.48 5.14
N ILE A 81 5.54 1.24 4.26
CA ILE A 81 4.10 1.37 4.22
C ILE A 81 3.51 0.22 3.42
N VAL A 82 2.95 -0.76 4.11
CA VAL A 82 2.47 -1.95 3.44
C VAL A 82 1.10 -1.71 2.86
N ILE A 83 1.06 -1.34 1.59
CA ILE A 83 -0.21 -1.16 0.92
C ILE A 83 -0.75 -2.49 0.49
N LEU A 84 -1.63 -3.03 1.28
CA LEU A 84 -2.23 -4.29 0.97
C LEU A 84 -3.47 -4.06 0.10
N VAL A 85 -3.28 -4.17 -1.21
CA VAL A 85 -4.36 -3.91 -2.16
C VAL A 85 -5.28 -5.11 -2.29
N VAL A 86 -6.58 -4.82 -2.33
CA VAL A 86 -7.60 -5.82 -2.56
C VAL A 86 -8.55 -5.29 -3.61
N ALA A 87 -9.68 -5.96 -3.77
CA ALA A 87 -10.71 -5.46 -4.64
C ALA A 87 -12.06 -5.82 -4.06
N ALA A 88 -12.95 -4.84 -4.03
CA ALA A 88 -14.24 -4.97 -3.37
C ALA A 88 -15.06 -6.12 -3.92
N ASP A 89 -14.75 -6.56 -5.12
CA ASP A 89 -15.54 -7.58 -5.78
C ASP A 89 -15.00 -8.98 -5.50
N ASP A 90 -13.79 -9.06 -4.93
CA ASP A 90 -13.19 -10.35 -4.60
C ASP A 90 -12.92 -10.45 -3.11
N GLY A 91 -12.28 -9.43 -2.58
CA GLY A 91 -11.86 -9.45 -1.20
C GLY A 91 -10.39 -9.76 -1.10
N VAL A 92 -10.08 -10.79 -0.33
CA VAL A 92 -8.71 -11.19 -0.10
C VAL A 92 -8.42 -12.54 -0.76
N MET A 93 -7.56 -12.54 -1.76
CA MET A 93 -7.07 -13.77 -2.38
C MET A 93 -5.96 -14.35 -1.52
N PRO A 94 -5.53 -15.61 -1.76
CA PRO A 94 -4.45 -16.23 -0.99
C PRO A 94 -3.21 -15.36 -0.87
N GLN A 95 -2.83 -14.71 -1.96
CA GLN A 95 -1.63 -13.89 -1.97
C GLN A 95 -1.86 -12.62 -1.17
N THR A 96 -3.12 -12.18 -1.10
CA THR A 96 -3.49 -11.01 -0.34
C THR A 96 -3.13 -11.21 1.15
N VAL A 97 -3.29 -12.43 1.64
CA VAL A 97 -2.94 -12.74 3.01
C VAL A 97 -1.45 -13.05 3.14
N GLU A 98 -0.89 -13.69 2.13
CA GLU A 98 0.52 -14.07 2.14
C GLU A 98 1.43 -12.86 2.27
N ALA A 99 1.07 -11.80 1.58
CA ALA A 99 1.85 -10.58 1.60
C ALA A 99 1.78 -9.95 2.98
N ILE A 100 0.59 -9.90 3.54
CA ILE A 100 0.35 -9.38 4.89
C ILE A 100 1.05 -10.24 5.94
N ASN A 101 0.95 -11.54 5.78
CA ASN A 101 1.55 -12.50 6.67
C ASN A 101 3.07 -12.34 6.66
N HIS A 102 3.59 -11.92 5.51
CA HIS A 102 5.00 -11.65 5.37
C HIS A 102 5.33 -10.25 5.85
N ALA A 103 4.39 -9.32 5.69
CA ALA A 103 4.68 -7.92 5.98
C ALA A 103 4.43 -7.57 7.44
N LYS A 104 3.27 -7.96 7.94
CA LYS A 104 2.77 -7.50 9.22
C LYS A 104 3.66 -7.91 10.39
N ALA A 105 4.54 -8.88 10.16
CA ALA A 105 5.39 -9.40 11.21
C ALA A 105 6.65 -8.55 11.38
N ALA A 106 6.72 -7.42 10.67
CA ALA A 106 7.83 -6.50 10.81
C ALA A 106 7.46 -5.37 11.75
N ASN A 107 6.23 -5.47 12.28
CA ASN A 107 5.72 -4.52 13.28
C ASN A 107 5.29 -3.26 12.57
N VAL A 108 4.85 -3.46 11.35
CA VAL A 108 4.50 -2.40 10.44
C VAL A 108 2.99 -2.35 10.23
N PRO A 109 2.44 -1.14 10.02
CA PRO A 109 1.04 -0.97 9.66
C PRO A 109 0.73 -1.38 8.21
N ILE A 110 -0.51 -1.80 8.03
CA ILE A 110 -0.96 -2.29 6.74
C ILE A 110 -2.10 -1.42 6.21
N ILE A 111 -2.11 -1.20 4.91
CA ILE A 111 -3.15 -0.43 4.27
C ILE A 111 -3.95 -1.35 3.41
N VAL A 112 -5.20 -1.08 3.27
CA VAL A 112 -6.00 -1.81 2.35
C VAL A 112 -6.42 -0.91 1.24
N ALA A 113 -6.37 -1.43 0.04
CA ALA A 113 -6.83 -0.71 -1.09
C ALA A 113 -7.96 -1.49 -1.70
N ILE A 114 -9.15 -1.21 -1.21
CA ILE A 114 -10.34 -1.84 -1.71
C ILE A 114 -10.69 -1.26 -3.06
N ASN A 115 -10.07 -1.79 -4.10
CA ASN A 115 -10.22 -1.24 -5.44
C ASN A 115 -11.40 -1.88 -6.14
N LYS A 116 -11.83 -1.25 -7.23
CA LYS A 116 -12.82 -1.83 -8.13
C LYS A 116 -14.20 -1.96 -7.47
N MET A 117 -14.54 -1.02 -6.60
CA MET A 117 -15.92 -0.95 -6.11
C MET A 117 -16.76 -0.09 -7.03
N ASP A 118 -16.20 0.18 -8.20
CA ASP A 118 -16.94 0.71 -9.33
C ASP A 118 -17.95 -0.34 -9.78
N LYS A 119 -17.64 -1.60 -9.48
CA LYS A 119 -18.54 -2.71 -9.71
C LYS A 119 -19.61 -2.73 -8.61
N PRO A 120 -20.56 -3.70 -8.60
CA PRO A 120 -21.59 -3.80 -7.55
C PRO A 120 -21.01 -3.80 -6.12
N GLU A 121 -19.72 -4.17 -6.00
CA GLU A 121 -18.95 -4.19 -4.76
C GLU A 121 -19.52 -5.21 -3.80
N ALA A 122 -18.67 -6.11 -3.40
CA ALA A 122 -19.06 -7.18 -2.50
C ALA A 122 -19.11 -6.69 -1.07
N ASN A 123 -19.03 -5.36 -0.92
CA ASN A 123 -19.26 -4.66 0.35
C ASN A 123 -18.04 -4.75 1.27
N PRO A 124 -17.34 -3.61 1.44
CA PRO A 124 -16.10 -3.52 2.22
C PRO A 124 -16.04 -4.39 3.47
N ASP A 125 -16.96 -4.16 4.42
CA ASP A 125 -16.99 -4.88 5.72
C ASP A 125 -16.72 -6.37 5.58
N ARG A 126 -17.31 -6.99 4.56
CA ARG A 126 -17.06 -8.40 4.30
C ARG A 126 -15.58 -8.62 4.05
N VAL A 127 -15.07 -7.85 3.12
CA VAL A 127 -13.65 -7.87 2.77
C VAL A 127 -12.81 -7.51 3.99
N MET A 128 -13.29 -6.54 4.74
CA MET A 128 -12.61 -6.03 5.91
C MET A 128 -12.50 -7.10 7.00
N GLN A 129 -13.48 -8.00 7.06
CA GLN A 129 -13.44 -9.07 8.04
C GLN A 129 -12.51 -10.18 7.59
N GLU A 130 -12.16 -10.18 6.31
CA GLU A 130 -11.12 -11.08 5.83
C GLU A 130 -9.78 -10.59 6.34
N LEU A 131 -9.61 -9.28 6.38
CA LEU A 131 -8.34 -8.71 6.82
C LEU A 131 -8.15 -8.94 8.30
N MET A 132 -9.20 -8.70 9.04
CA MET A 132 -9.17 -8.92 10.46
C MET A 132 -9.28 -10.42 10.73
N GLU A 133 -9.49 -11.20 9.68
CA GLU A 133 -9.44 -12.64 9.79
C GLU A 133 -7.98 -13.05 9.92
N TYR A 134 -7.11 -12.28 9.27
CA TYR A 134 -5.69 -12.50 9.44
C TYR A 134 -5.19 -11.65 10.61
N ASN A 135 -6.17 -11.09 11.33
CA ASN A 135 -5.96 -10.33 12.56
C ASN A 135 -5.33 -8.99 12.25
N LEU A 136 -5.77 -8.38 11.16
CA LEU A 136 -5.40 -7.05 10.83
C LEU A 136 -6.64 -6.19 10.82
N VAL A 137 -6.97 -5.75 12.01
CA VAL A 137 -8.16 -4.99 12.25
C VAL A 137 -8.08 -3.59 11.66
N PRO A 138 -9.09 -3.24 10.87
CA PRO A 138 -9.28 -1.89 10.33
C PRO A 138 -9.12 -0.78 11.36
N GLU A 139 -8.88 0.40 10.83
CA GLU A 139 -8.78 1.61 11.65
C GLU A 139 -10.16 2.20 11.88
N GLU A 140 -11.15 1.61 11.24
CA GLU A 140 -12.54 1.89 11.56
C GLU A 140 -12.85 1.19 12.87
N TRP A 141 -12.19 0.05 13.05
CA TRP A 141 -12.52 -0.86 14.12
C TRP A 141 -11.56 -0.72 15.29
N GLY A 142 -10.34 -0.28 15.01
CA GLY A 142 -9.41 0.03 16.08
C GLY A 142 -8.27 -0.95 16.16
N GLY A 143 -7.89 -1.49 15.01
CA GLY A 143 -6.78 -2.41 14.95
C GLY A 143 -5.50 -1.71 14.58
N ASP A 144 -5.11 -1.87 13.33
CA ASP A 144 -3.98 -1.12 12.79
C ASP A 144 -3.91 -1.29 11.27
N THR A 145 -5.07 -1.33 10.66
CA THR A 145 -5.16 -1.53 9.22
C THR A 145 -6.02 -0.44 8.56
N ILE A 146 -5.37 0.37 7.75
CA ILE A 146 -6.02 1.52 7.11
C ILE A 146 -6.77 1.07 5.86
N PHE A 147 -8.08 1.07 5.92
CA PHE A 147 -8.91 0.61 4.79
C PHE A 147 -9.28 1.76 3.87
N CYS A 148 -8.74 1.74 2.66
CA CYS A 148 -9.12 2.70 1.65
C CYS A 148 -10.07 2.05 0.68
N LYS A 149 -11.28 2.55 0.60
CA LYS A 149 -12.24 2.05 -0.38
C LYS A 149 -12.16 2.93 -1.63
N LEU A 150 -11.49 2.42 -2.65
CA LEU A 150 -11.15 3.25 -3.80
C LEU A 150 -11.51 2.62 -5.13
N SER A 151 -11.26 3.41 -6.17
CA SER A 151 -11.37 2.97 -7.55
C SER A 151 -10.31 3.69 -8.38
N ALA A 152 -9.40 2.93 -8.97
CA ALA A 152 -8.27 3.50 -9.70
C ALA A 152 -8.69 4.24 -10.95
N LYS A 153 -9.84 3.88 -11.50
CA LYS A 153 -10.33 4.50 -12.72
C LYS A 153 -10.83 5.90 -12.44
N THR A 154 -11.75 5.97 -11.51
CA THR A 154 -12.38 7.23 -11.14
C THR A 154 -11.43 8.13 -10.33
N LYS A 155 -10.32 7.55 -9.88
CA LYS A 155 -9.24 8.31 -9.22
C LYS A 155 -9.65 8.76 -7.81
N GLU A 156 -10.85 8.37 -7.40
CA GLU A 156 -11.42 8.80 -6.13
C GLU A 156 -10.53 8.42 -4.95
N GLY A 157 -10.52 7.13 -4.66
CA GLY A 157 -9.78 6.63 -3.53
C GLY A 157 -8.28 6.70 -3.70
N LEU A 158 -7.82 7.03 -4.91
CA LEU A 158 -6.40 7.17 -5.16
C LEU A 158 -5.86 8.41 -4.47
N ASP A 159 -6.62 9.49 -4.55
CA ASP A 159 -6.28 10.70 -3.84
C ASP A 159 -6.33 10.45 -2.34
N HIS A 160 -7.38 9.77 -1.91
CA HIS A 160 -7.54 9.46 -0.49
C HIS A 160 -6.47 8.48 0.00
N LEU A 161 -5.92 7.69 -0.92
CA LEU A 161 -4.89 6.73 -0.58
C LEU A 161 -3.63 7.44 -0.14
N LEU A 162 -3.19 8.42 -0.94
CA LEU A 162 -2.03 9.24 -0.62
C LEU A 162 -2.22 9.91 0.75
N GLU A 163 -3.46 10.30 1.04
CA GLU A 163 -3.78 10.93 2.32
C GLU A 163 -3.44 9.98 3.47
N MET A 164 -3.95 8.75 3.37
CA MET A 164 -3.78 7.76 4.42
C MET A 164 -2.31 7.37 4.55
N ILE A 165 -1.64 7.23 3.41
CA ILE A 165 -0.23 6.94 3.37
C ILE A 165 0.57 8.02 4.09
N LEU A 166 0.33 9.28 3.70
CA LEU A 166 1.00 10.43 4.31
C LEU A 166 0.69 10.53 5.79
N LEU A 167 -0.58 10.34 6.14
CA LEU A 167 -1.01 10.38 7.52
C LEU A 167 -0.17 9.43 8.37
N VAL A 168 -0.01 8.20 7.87
CA VAL A 168 0.72 7.18 8.58
C VAL A 168 2.23 7.45 8.56
N SER A 169 2.68 8.19 7.56
CA SER A 169 4.09 8.56 7.47
C SER A 169 4.51 9.37 8.70
N GLU A 170 3.57 10.14 9.26
CA GLU A 170 3.81 10.83 10.51
C GLU A 170 3.18 10.06 11.68
N MET A 171 2.13 9.31 11.38
CA MET A 171 1.38 8.57 12.40
C MET A 171 2.06 7.25 12.74
N GLU A 172 3.24 7.02 12.17
CA GLU A 172 4.08 5.86 12.52
C GLU A 172 4.08 5.62 14.04
N GLU A 173 3.95 6.70 14.79
CA GLU A 173 3.89 6.67 16.25
C GLU A 173 2.74 5.79 16.77
N LEU A 174 1.86 5.35 15.86
CA LEU A 174 0.79 4.42 16.19
C LEU A 174 1.31 3.26 17.03
N LYS A 175 2.38 2.65 16.56
CA LYS A 175 3.00 1.53 17.28
C LYS A 175 4.51 1.52 17.11
N ALA A 176 5.05 2.49 16.38
CA ALA A 176 6.49 2.60 16.20
C ALA A 176 7.08 3.60 17.20
N ASN A 177 6.24 4.00 18.15
CA ASN A 177 6.68 4.87 19.24
C ASN A 177 7.23 4.03 20.38
N PRO A 178 8.41 4.39 20.90
CA PRO A 178 9.04 3.66 22.00
C PRO A 178 8.27 3.79 23.31
#